data_7QPR
#
_entry.id   7QPR
#
_cell.length_a   128.791
_cell.length_b   133.761
_cell.length_c   211.328
_cell.angle_alpha   90.00
_cell.angle_beta   90.00
_cell.angle_gamma   90.00
#
_symmetry.space_group_name_H-M   'P 21 21 21'
#
loop_
_entity.id
_entity.type
_entity.pdbx_description
1 polymer 'ACT domain protein'
2 non-polymer 'MANGANESE (II) ION'
3 non-polymer 'ZINC ION'
4 non-polymer "GUANOSINE-5',3'-TETRAPHOSPHATE"
5 non-polymer 'CITRATE ANION'
6 non-polymer GLYCEROL
7 non-polymer 'CHLORIDE ION'
8 non-polymer 'MAGNESIUM ION'
9 water water
#
_entity_poly.entity_id   1
_entity_poly.type   'polypeptide(L)'
_entity_poly.pdbx_seq_one_letter_code
;MPGEEVSQAKQQLKLIIDPYLSVSEVEKVLAACDFGDLAHTGITRKSGEPYILHPIAVSCILANMRLDPETLMAALLHDV
IEDTQYTKDDIIERFGQTVAELVDGVTKLSQSSDKEYNKAASFRKILQATLQDPRVIIIKLADRYHNMTTLGALRPDKRA
RIAQETFDIFVPMARLVGMNEMADNLENLCYQNLDLDMFDNVQNALLQTKPERCKYQSIWEQNLAELLHNYHIQGRIKKK
NNNIELLRHFVKNEMDLQELTHSHAFEIVLQSIADCDRLVAALKENFQVIQYQDHIRRPLPGGNQSLMIKLKGEKTTLSL
TIQTELMRKAARFGVVLGENAPQTCRSAIQASMQNLNTLIDGECAKTTFNDLLDYLHQEKIWVYTPHGQLHELPQGATVV
DFAYSASLFLGNHAVGAKVDGEIKPLSTPLVSGQVIEIITDVLATPNPDWLSFINTQKARRALQHVLKDQDIEEQRLVGA
QALSRALKLFNRSINDLSDADWLDLLQWRHIDNKDALFEQIAVGDLLPQLVANHLFANDKHPRAENSDRLIQGTEGIDVK
YAHCCNPILGDPIQGHLTRRGLIVHRIRCHNLLHEQHLHPENIMPLQWKADDVDDVRFTAYLAIYMAMNDEQVSDLIYQC
RKNNAGVEMVHSNEQRTFVNIVVNNRKHIAKVIRDLRMHYGFPRIERLDAPAPQMEISKVS
;
_entity_poly.pdbx_strand_id   A,B,C,D
#
loop_
_chem_comp.id
_chem_comp.type
_chem_comp.name
_chem_comp.formula
CL non-polymer 'CHLORIDE ION' 'Cl -1'
FLC non-polymer 'CITRATE ANION' 'C6 H5 O7 -3'
G4P RNA linking GUANOSINE-5',3'-TETRAPHOSPHATE 'C10 H17 N5 O17 P4'
GOL non-polymer GLYCEROL 'C3 H8 O3'
MG non-polymer 'MAGNESIUM ION' 'Mg 2'
MN non-polymer 'MANGANESE (II) ION' 'Mn 2'
ZN non-polymer 'ZINC ION' 'Zn 2'
#
# COMPACT_ATOMS: atom_id res chain seq x y z
N MET A 1 -51.64 35.36 -3.06
CA MET A 1 -51.00 35.99 -1.91
C MET A 1 -49.54 35.47 -1.64
N PRO A 2 -49.22 34.15 -1.57
CA PRO A 2 -47.80 33.78 -1.37
C PRO A 2 -46.97 33.99 -2.64
N GLY A 3 -47.49 33.56 -3.78
CA GLY A 3 -46.83 33.75 -5.07
C GLY A 3 -46.94 35.19 -5.56
N GLU A 4 -47.98 35.93 -5.12
CA GLU A 4 -48.19 37.33 -5.47
C GLU A 4 -47.17 38.24 -4.77
N GLU A 5 -46.67 37.84 -3.58
CA GLU A 5 -45.64 38.56 -2.81
C GLU A 5 -44.30 38.48 -3.54
N VAL A 6 -43.99 37.29 -4.10
CA VAL A 6 -42.79 37.02 -4.87
C VAL A 6 -42.83 37.83 -6.17
N SER A 7 -43.98 37.83 -6.85
CA SER A 7 -44.14 38.54 -8.10
C SER A 7 -44.00 40.04 -7.96
N GLN A 8 -44.56 40.64 -6.90
CA GLN A 8 -44.44 42.09 -6.70
C GLN A 8 -43.02 42.49 -6.24
N ALA A 9 -42.25 41.56 -5.68
CA ALA A 9 -40.86 41.80 -5.30
C ALA A 9 -39.96 41.67 -6.54
N LYS A 10 -40.25 40.69 -7.41
CA LYS A 10 -39.56 40.46 -8.68
C LYS A 10 -39.80 41.65 -9.61
N GLN A 11 -41.03 42.20 -9.62
CA GLN A 11 -41.39 43.36 -10.43
C GLN A 11 -40.65 44.62 -9.97
N GLN A 12 -40.40 44.72 -8.66
CA GLN A 12 -39.66 45.85 -8.11
C GLN A 12 -38.18 45.82 -8.51
N LEU A 13 -37.63 44.62 -8.70
CA LEU A 13 -36.26 44.42 -9.18
C LEU A 13 -36.19 44.77 -10.67
N LYS A 14 -37.23 44.38 -11.45
CA LYS A 14 -37.29 44.66 -12.87
C LYS A 14 -37.26 46.16 -13.13
N LEU A 15 -37.96 46.96 -12.31
CA LEU A 15 -37.94 48.42 -12.47
C LEU A 15 -36.53 48.99 -12.32
N ILE A 16 -35.71 48.40 -11.45
CA ILE A 16 -34.36 48.86 -11.20
C ILE A 16 -33.40 48.47 -12.31
N ILE A 17 -33.53 47.24 -12.87
CA ILE A 17 -32.59 46.78 -13.89
C ILE A 17 -32.97 47.22 -15.31
N ASP A 18 -34.26 47.42 -15.60
CA ASP A 18 -34.72 47.88 -16.93
C ASP A 18 -33.93 49.08 -17.50
N PRO A 19 -33.68 50.15 -16.72
CA PRO A 19 -32.92 51.29 -17.27
C PRO A 19 -31.47 51.04 -17.68
N TYR A 20 -30.68 50.30 -16.88
CA TYR A 20 -29.26 50.14 -17.18
C TYR A 20 -28.84 48.79 -17.79
N LEU A 21 -29.69 47.76 -17.71
CA LEU A 21 -29.33 46.46 -18.29
C LEU A 21 -30.02 46.25 -19.65
N SER A 22 -29.33 45.54 -20.56
CA SER A 22 -29.88 45.23 -21.88
C SER A 22 -31.10 44.29 -21.78
N VAL A 23 -31.90 44.20 -22.81
CA VAL A 23 -33.10 43.36 -22.81
C VAL A 23 -32.77 41.88 -22.48
N SER A 24 -31.68 41.35 -23.06
CA SER A 24 -31.23 39.98 -22.83
C SER A 24 -30.69 39.80 -21.41
N GLU A 25 -29.97 40.83 -20.88
CA GLU A 25 -29.41 40.82 -19.54
C GLU A 25 -30.51 40.86 -18.49
N VAL A 26 -31.59 41.63 -18.72
CA VAL A 26 -32.72 41.70 -17.81
C VAL A 26 -33.44 40.33 -17.78
N GLU A 27 -33.55 39.66 -18.95
CA GLU A 27 -34.18 38.35 -19.02
C GLU A 27 -33.40 37.30 -18.27
N LYS A 28 -32.05 37.36 -18.32
CA LYS A 28 -31.18 36.43 -17.61
C LYS A 28 -31.32 36.64 -16.10
N VAL A 29 -31.36 37.89 -15.64
CA VAL A 29 -31.50 38.21 -14.21
C VAL A 29 -32.88 37.75 -13.73
N LEU A 30 -33.93 37.99 -14.53
CA LEU A 30 -35.26 37.57 -14.14
C LEU A 30 -35.45 36.05 -14.19
N ALA A 31 -34.68 35.36 -15.04
CA ALA A 31 -34.68 33.89 -15.13
C ALA A 31 -34.05 33.30 -13.87
N ALA A 32 -33.00 33.95 -13.33
CA ALA A 32 -32.36 33.56 -12.07
C ALA A 32 -33.32 33.75 -10.90
N CYS A 33 -34.19 34.75 -10.97
CA CYS A 33 -35.19 34.99 -9.94
C CYS A 33 -36.24 33.87 -9.95
N ASP A 34 -36.62 33.40 -11.14
CA ASP A 34 -37.60 32.31 -11.30
C ASP A 34 -37.02 30.98 -10.83
N PHE A 35 -35.73 30.75 -11.10
CA PHE A 35 -35.08 29.53 -10.67
C PHE A 35 -34.85 29.50 -9.16
N GLY A 36 -34.54 30.66 -8.58
CA GLY A 36 -34.37 30.80 -7.14
C GLY A 36 -35.70 30.61 -6.43
N ASP A 37 -36.79 31.07 -7.06
CA ASP A 37 -38.15 30.92 -6.57
C ASP A 37 -38.52 29.44 -6.57
N LEU A 38 -38.10 28.69 -7.61
CA LEU A 38 -38.35 27.27 -7.78
C LEU A 38 -37.56 26.45 -6.75
N ALA A 39 -36.27 26.75 -6.55
CA ALA A 39 -35.45 26.03 -5.58
C ALA A 39 -35.98 26.19 -4.14
N HIS A 40 -36.46 27.39 -3.79
CA HIS A 40 -36.96 27.67 -2.45
C HIS A 40 -38.48 27.60 -2.35
N THR A 41 -39.14 26.76 -3.18
CA THR A 41 -40.60 26.65 -3.20
C THR A 41 -41.04 26.08 -1.88
N GLY A 42 -41.88 26.82 -1.19
CA GLY A 42 -42.42 26.36 0.08
C GLY A 42 -41.61 26.79 1.29
N ILE A 43 -40.29 26.96 1.14
CA ILE A 43 -39.45 27.36 2.26
C ILE A 43 -39.79 28.79 2.68
N THR A 44 -40.00 29.00 3.97
CA THR A 44 -40.30 30.33 4.50
C THR A 44 -39.29 30.72 5.59
N ARG A 45 -38.98 32.01 5.68
CA ARG A 45 -38.07 32.57 6.68
C ARG A 45 -38.65 32.46 8.13
N LYS A 46 -37.88 32.88 9.16
CA LYS A 46 -38.37 32.86 10.54
C LYS A 46 -39.58 33.82 10.70
N SER A 47 -39.63 34.92 9.93
CA SER A 47 -40.76 35.85 10.00
C SER A 47 -42.03 35.33 9.25
N GLY A 48 -41.87 34.32 8.39
CA GLY A 48 -42.99 33.70 7.69
C GLY A 48 -43.10 33.91 6.20
N GLU A 49 -42.50 34.99 5.67
CA GLU A 49 -42.56 35.29 4.23
C GLU A 49 -41.75 34.24 3.40
N PRO A 50 -42.04 34.06 2.09
CA PRO A 50 -41.28 33.06 1.31
C PRO A 50 -39.78 33.36 1.29
N TYR A 51 -38.94 32.32 1.29
CA TYR A 51 -37.50 32.50 1.34
C TYR A 51 -36.92 33.37 0.24
N ILE A 52 -37.36 33.19 -1.01
CA ILE A 52 -36.87 33.94 -2.16
C ILE A 52 -36.98 35.47 -2.00
N LEU A 53 -37.85 35.95 -1.09
CA LEU A 53 -37.96 37.39 -0.84
C LEU A 53 -36.64 37.98 -0.32
N HIS A 54 -35.84 37.17 0.41
CA HIS A 54 -34.53 37.59 0.89
C HIS A 54 -33.55 37.77 -0.28
N PRO A 55 -33.15 36.75 -1.10
CA PRO A 55 -32.24 37.04 -2.21
C PRO A 55 -32.77 38.07 -3.19
N ILE A 56 -34.11 38.23 -3.32
CA ILE A 56 -34.67 39.27 -4.18
C ILE A 56 -34.32 40.64 -3.59
N ALA A 57 -34.56 40.82 -2.29
CA ALA A 57 -34.25 42.08 -1.62
C ALA A 57 -32.76 42.40 -1.70
N VAL A 58 -31.91 41.37 -1.62
CA VAL A 58 -30.46 41.50 -1.71
C VAL A 58 -30.09 41.93 -3.11
N SER A 59 -30.64 41.28 -4.13
CA SER A 59 -30.38 41.62 -5.52
C SER A 59 -30.86 43.06 -5.83
N CYS A 60 -31.91 43.57 -5.13
CA CYS A 60 -32.41 44.95 -5.30
C CYS A 60 -31.42 45.96 -4.76
N ILE A 61 -30.76 45.64 -3.63
CA ILE A 61 -29.73 46.50 -3.04
C ILE A 61 -28.59 46.66 -4.04
N LEU A 62 -28.16 45.55 -4.66
CA LEU A 62 -27.08 45.51 -5.64
C LEU A 62 -27.47 46.17 -6.96
N ALA A 63 -28.72 45.98 -7.40
CA ALA A 63 -29.20 46.60 -8.64
C ALA A 63 -29.27 48.13 -8.50
N ASN A 64 -29.56 48.62 -7.26
CA ASN A 64 -29.55 50.05 -6.95
C ASN A 64 -28.13 50.63 -6.97
N MET A 65 -27.10 49.78 -6.84
CA MET A 65 -25.71 50.21 -6.97
C MET A 65 -25.21 50.07 -8.43
N ARG A 66 -26.11 49.75 -9.40
CA ARG A 66 -25.88 49.52 -10.80
C ARG A 66 -24.80 48.47 -11.04
N LEU A 67 -24.89 47.33 -10.34
CA LEU A 67 -23.95 46.24 -10.50
C LEU A 67 -24.30 45.32 -11.69
N ASP A 68 -23.31 44.61 -12.25
CA ASP A 68 -23.45 43.76 -13.44
C ASP A 68 -24.46 42.59 -13.29
N PRO A 69 -24.95 42.01 -14.42
CA PRO A 69 -25.94 40.93 -14.31
C PRO A 69 -25.46 39.69 -13.56
N GLU A 70 -24.16 39.34 -13.64
CA GLU A 70 -23.65 38.18 -12.92
C GLU A 70 -23.78 38.37 -11.43
N THR A 71 -23.51 39.58 -10.93
CA THR A 71 -23.63 39.91 -9.51
C THR A 71 -25.09 39.75 -9.03
N LEU A 72 -26.04 40.22 -9.85
CA LEU A 72 -27.45 40.13 -9.52
C LEU A 72 -27.95 38.70 -9.54
N MET A 73 -27.47 37.90 -10.51
CA MET A 73 -27.86 36.50 -10.63
C MET A 73 -27.31 35.70 -9.46
N ALA A 74 -26.04 35.92 -9.11
CA ALA A 74 -25.41 35.23 -7.99
C ALA A 74 -26.07 35.55 -6.66
N ALA A 75 -26.57 36.77 -6.47
CA ALA A 75 -27.25 37.15 -5.24
C ALA A 75 -28.61 36.47 -5.13
N LEU A 76 -29.30 36.31 -6.26
CA LEU A 76 -30.61 35.65 -6.33
C LEU A 76 -30.51 34.13 -6.09
N LEU A 77 -29.32 33.54 -6.29
CA LEU A 77 -29.10 32.11 -6.14
C LEU A 77 -28.04 31.73 -5.10
N HIS A 78 -27.57 32.67 -4.26
CA HIS A 78 -26.49 32.36 -3.31
C HIS A 78 -26.89 31.33 -2.22
N ASP A 79 -28.20 31.12 -2.00
CA ASP A 79 -28.65 30.16 -1.00
C ASP A 79 -29.22 28.87 -1.59
N VAL A 80 -29.12 28.65 -2.91
CA VAL A 80 -29.68 27.44 -3.52
C VAL A 80 -28.70 26.27 -3.50
N ILE A 81 -27.39 26.53 -3.32
CA ILE A 81 -26.40 25.47 -3.31
C ILE A 81 -26.41 24.69 -1.97
N GLU A 82 -26.43 25.40 -0.85
CA GLU A 82 -26.40 24.77 0.46
C GLU A 82 -27.80 24.48 1.03
N ASP A 83 -28.74 25.45 0.96
CA ASP A 83 -30.09 25.24 1.52
C ASP A 83 -31.02 24.39 0.66
N THR A 84 -30.61 24.06 -0.57
CA THR A 84 -31.48 23.30 -1.48
C THR A 84 -30.78 22.07 -2.11
N GLN A 85 -31.58 21.15 -2.66
CA GLN A 85 -31.13 19.95 -3.37
C GLN A 85 -30.32 20.29 -4.65
N TYR A 86 -30.39 21.55 -5.13
CA TYR A 86 -29.64 21.95 -6.32
C TYR A 86 -28.15 22.08 -6.03
N THR A 87 -27.31 21.83 -7.05
CA THR A 87 -25.86 21.83 -6.90
C THR A 87 -25.14 22.95 -7.72
N LYS A 88 -23.79 23.05 -7.62
CA LYS A 88 -23.00 24.01 -8.37
C LYS A 88 -23.10 23.72 -9.85
N ASP A 89 -23.11 22.42 -10.23
CA ASP A 89 -23.26 22.03 -11.63
C ASP A 89 -24.59 22.47 -12.24
N ASP A 90 -25.69 22.54 -11.45
CA ASP A 90 -27.00 23.01 -11.93
C ASP A 90 -26.90 24.49 -12.29
N ILE A 91 -26.18 25.26 -11.47
CA ILE A 91 -25.96 26.66 -11.69
C ILE A 91 -25.05 26.89 -12.90
N ILE A 92 -23.98 26.09 -13.08
CA ILE A 92 -23.07 26.19 -14.24
C ILE A 92 -23.86 25.98 -15.54
N GLU A 93 -24.82 25.02 -15.49
CA GLU A 93 -25.70 24.68 -16.59
C GLU A 93 -26.59 25.87 -16.97
N ARG A 94 -27.53 26.25 -16.09
CA ARG A 94 -28.49 27.29 -16.40
C ARG A 94 -27.94 28.72 -16.49
N PHE A 95 -26.80 29.05 -15.83
CA PHE A 95 -26.37 30.46 -15.80
C PHE A 95 -24.89 30.73 -16.09
N GLY A 96 -24.10 29.70 -16.34
CA GLY A 96 -22.70 29.89 -16.64
C GLY A 96 -21.70 29.73 -15.51
N GLN A 97 -20.43 29.66 -15.86
CA GLN A 97 -19.34 29.48 -14.93
C GLN A 97 -19.13 30.68 -14.01
N THR A 98 -19.22 31.91 -14.54
CA THR A 98 -18.99 33.11 -13.73
C THR A 98 -19.96 33.21 -12.55
N VAL A 99 -21.29 33.05 -12.76
CA VAL A 99 -22.26 33.12 -11.65
C VAL A 99 -22.05 31.98 -10.67
N ALA A 100 -21.64 30.81 -11.15
CA ALA A 100 -21.38 29.68 -10.26
C ALA A 100 -20.23 29.97 -9.33
N GLU A 101 -19.14 30.58 -9.82
CA GLU A 101 -17.99 30.93 -9.01
C GLU A 101 -18.37 32.00 -7.98
N LEU A 102 -19.21 32.97 -8.38
CA LEU A 102 -19.69 34.01 -7.48
C LEU A 102 -20.57 33.38 -6.38
N VAL A 103 -21.51 32.49 -6.73
CA VAL A 103 -22.36 31.82 -5.73
C VAL A 103 -21.50 31.00 -4.77
N ASP A 104 -20.51 30.29 -5.32
CA ASP A 104 -19.57 29.47 -4.57
C ASP A 104 -18.80 30.34 -3.58
N GLY A 105 -18.22 31.43 -4.07
CA GLY A 105 -17.47 32.38 -3.25
C GLY A 105 -18.25 32.95 -2.09
N VAL A 106 -19.48 33.40 -2.34
CA VAL A 106 -20.35 33.96 -1.30
C VAL A 106 -20.69 32.91 -0.25
N THR A 107 -20.94 31.67 -0.70
CA THR A 107 -21.26 30.53 0.16
C THR A 107 -20.11 30.24 1.11
N LYS A 108 -18.86 30.31 0.60
CA LYS A 108 -17.67 30.07 1.40
C LYS A 108 -17.48 31.08 2.53
N LEU A 109 -18.03 32.28 2.43
CA LEU A 109 -17.90 33.26 3.52
C LEU A 109 -18.92 33.08 4.65
N SER A 110 -19.79 32.05 4.55
CA SER A 110 -20.78 31.79 5.57
C SER A 110 -20.13 31.17 6.81
N GLN A 111 -20.58 31.57 7.98
CA GLN A 111 -20.06 31.07 9.24
C GLN A 111 -21.12 30.16 9.83
N SER A 112 -20.77 28.89 10.09
CA SER A 112 -21.70 27.94 10.74
C SER A 112 -21.78 28.30 12.23
N SER A 113 -22.98 28.32 12.81
CA SER A 113 -23.12 28.69 14.24
C SER A 113 -22.56 27.61 15.18
N ASP A 114 -22.40 26.36 14.68
CA ASP A 114 -21.86 25.26 15.46
C ASP A 114 -20.32 25.09 15.30
N LYS A 115 -19.69 25.94 14.47
CA LYS A 115 -18.25 25.95 14.25
C LYS A 115 -17.58 27.16 14.91
N GLU A 116 -16.27 27.08 15.16
CA GLU A 116 -15.54 28.14 15.85
C GLU A 116 -15.58 29.46 15.10
N TYR A 117 -15.75 30.57 15.82
CA TYR A 117 -15.66 31.87 15.19
C TYR A 117 -14.28 32.43 15.53
N ASN A 118 -13.37 32.38 14.56
CA ASN A 118 -12.03 32.91 14.72
C ASN A 118 -11.98 34.19 13.90
N LYS A 119 -11.86 35.34 14.57
CA LYS A 119 -11.86 36.62 13.88
C LYS A 119 -10.75 36.75 12.87
N ALA A 120 -9.52 36.37 13.25
CA ALA A 120 -8.38 36.51 12.35
C ALA A 120 -8.49 35.59 11.13
N ALA A 121 -8.97 34.36 11.32
CA ALA A 121 -9.12 33.43 10.22
C ALA A 121 -10.19 33.89 9.26
N SER A 122 -11.33 34.37 9.78
CA SER A 122 -12.44 34.89 8.96
C SER A 122 -11.98 36.13 8.18
N PHE A 123 -11.23 37.05 8.83
CA PHE A 123 -10.69 38.24 8.16
C PHE A 123 -9.83 37.85 6.98
N ARG A 124 -8.93 36.89 7.16
CA ARG A 124 -8.04 36.41 6.13
C ARG A 124 -8.83 35.80 4.97
N LYS A 125 -9.81 34.92 5.28
CA LYS A 125 -10.64 34.24 4.31
C LYS A 125 -11.48 35.23 3.47
N ILE A 126 -12.04 36.25 4.13
CA ILE A 126 -12.85 37.28 3.48
C ILE A 126 -11.98 38.19 2.63
N LEU A 127 -10.80 38.56 3.12
CA LEU A 127 -9.87 39.37 2.35
C LEU A 127 -9.40 38.63 1.11
N GLN A 128 -9.15 37.34 1.24
CA GLN A 128 -8.74 36.51 0.12
C GLN A 128 -9.87 36.44 -0.94
N ALA A 129 -11.10 36.21 -0.49
CA ALA A 129 -12.23 36.11 -1.40
C ALA A 129 -12.50 37.43 -2.09
N THR A 130 -12.31 38.54 -1.37
CA THR A 130 -12.47 39.87 -1.90
C THR A 130 -11.45 40.10 -3.02
N LEU A 131 -10.17 39.85 -2.75
CA LEU A 131 -9.13 40.08 -3.75
C LEU A 131 -9.22 39.09 -4.92
N GLN A 132 -9.84 37.93 -4.73
CA GLN A 132 -10.03 36.96 -5.81
C GLN A 132 -11.12 37.50 -6.75
N ASP A 133 -12.20 38.09 -6.21
CA ASP A 133 -13.29 38.72 -6.97
C ASP A 133 -14.05 39.64 -6.03
N PRO A 134 -13.84 40.97 -6.13
CA PRO A 134 -14.51 41.89 -5.23
C PRO A 134 -16.04 41.81 -5.26
N ARG A 135 -16.65 41.29 -6.32
CA ARG A 135 -18.11 41.16 -6.38
C ARG A 135 -18.66 40.26 -5.30
N VAL A 136 -17.87 39.25 -4.88
CA VAL A 136 -18.24 38.30 -3.83
C VAL A 136 -18.49 39.02 -2.50
N ILE A 137 -17.59 39.95 -2.11
CA ILE A 137 -17.76 40.66 -0.86
C ILE A 137 -18.91 41.65 -0.96
N ILE A 138 -19.19 42.23 -2.13
CA ILE A 138 -20.32 43.15 -2.28
C ILE A 138 -21.64 42.40 -2.10
N ILE A 139 -21.76 41.18 -2.68
CA ILE A 139 -22.97 40.36 -2.51
C ILE A 139 -23.12 39.97 -1.05
N LYS A 140 -22.02 39.56 -0.40
CA LYS A 140 -22.03 39.16 1.00
C LYS A 140 -22.39 40.31 1.94
N LEU A 141 -21.94 41.52 1.63
CA LEU A 141 -22.25 42.69 2.45
C LEU A 141 -23.74 43.03 2.32
N ALA A 142 -24.30 42.95 1.10
CA ALA A 142 -25.72 43.21 0.85
C ALA A 142 -26.57 42.13 1.53
N ASP A 143 -26.12 40.87 1.50
CA ASP A 143 -26.78 39.75 2.14
C ASP A 143 -26.80 39.98 3.65
N ARG A 144 -25.63 40.29 4.24
CA ARG A 144 -25.54 40.53 5.68
C ARG A 144 -26.37 41.72 6.08
N TYR A 145 -26.41 42.77 5.24
CA TYR A 145 -27.23 43.94 5.51
C TYR A 145 -28.70 43.59 5.61
N HIS A 146 -29.23 42.83 4.65
CA HIS A 146 -30.64 42.45 4.67
C HIS A 146 -30.97 41.60 5.91
N ASN A 147 -30.04 40.70 6.28
CA ASN A 147 -30.18 39.87 7.46
C ASN A 147 -30.23 40.73 8.72
N MET A 148 -29.37 41.76 8.83
CA MET A 148 -29.32 42.64 9.99
C MET A 148 -30.63 43.39 10.19
N THR A 149 -31.32 43.78 9.11
CA THR A 149 -32.59 44.50 9.20
C THR A 149 -33.73 43.61 9.70
N THR A 150 -33.67 42.30 9.40
CA THR A 150 -34.66 41.33 9.82
C THR A 150 -34.11 40.46 10.98
N LEU A 151 -33.20 41.00 11.82
CA LEU A 151 -32.65 40.22 12.94
C LEU A 151 -33.68 39.97 14.06
N GLY A 152 -34.77 40.76 14.08
CA GLY A 152 -35.85 40.65 15.05
C GLY A 152 -36.52 39.28 15.09
N ALA A 153 -36.57 38.60 13.92
CA ALA A 153 -37.16 37.27 13.82
C ALA A 153 -36.28 36.17 14.44
N LEU A 154 -34.96 36.40 14.52
CA LEU A 154 -34.03 35.47 15.13
C LEU A 154 -34.05 35.64 16.67
N ARG A 155 -33.69 34.59 17.41
CA ARG A 155 -33.68 34.60 18.86
C ARG A 155 -32.63 35.59 19.37
N PRO A 156 -32.90 36.31 20.49
CA PRO A 156 -31.89 37.25 21.02
C PRO A 156 -30.51 36.62 21.33
N ASP A 157 -30.47 35.28 21.41
CA ASP A 157 -29.23 34.56 21.63
C ASP A 157 -28.41 34.67 20.35
N LYS A 158 -29.04 34.36 19.19
CA LYS A 158 -28.41 34.39 17.86
C LYS A 158 -27.98 35.80 17.44
N ARG A 159 -28.84 36.80 17.72
CA ARG A 159 -28.66 38.23 17.40
C ARG A 159 -27.33 38.84 17.83
N ALA A 160 -26.63 38.24 18.80
CA ALA A 160 -25.38 38.81 19.29
C ALA A 160 -24.13 38.40 18.51
N ARG A 161 -24.03 37.10 18.20
CA ARG A 161 -22.86 36.54 17.50
C ARG A 161 -22.76 37.03 16.07
N ILE A 162 -23.91 37.30 15.41
CA ILE A 162 -23.95 37.79 14.04
C ILE A 162 -23.63 39.28 13.99
N ALA A 163 -24.20 40.07 14.93
CA ALA A 163 -23.91 41.50 15.08
C ALA A 163 -22.41 41.68 15.40
N GLN A 164 -21.82 40.75 16.19
CA GLN A 164 -20.39 40.81 16.50
C GLN A 164 -19.52 40.51 15.27
N GLU A 165 -19.88 39.48 14.47
CA GLU A 165 -19.11 39.17 13.28
C GLU A 165 -19.21 40.31 12.26
N THR A 166 -20.42 40.90 12.14
CA THR A 166 -20.66 42.02 11.22
C THR A 166 -19.82 43.20 11.66
N PHE A 167 -19.84 43.51 12.95
CA PHE A 167 -19.09 44.64 13.47
C PHE A 167 -17.57 44.45 13.37
N ASP A 168 -17.08 43.25 13.65
CA ASP A 168 -15.65 42.96 13.64
C ASP A 168 -15.05 42.91 12.24
N ILE A 169 -15.76 42.32 11.25
CA ILE A 169 -15.20 42.15 9.91
C ILE A 169 -15.99 42.83 8.78
N PHE A 170 -17.32 42.74 8.78
CA PHE A 170 -18.11 43.31 7.70
C PHE A 170 -18.08 44.83 7.66
N VAL A 171 -18.18 45.49 8.82
CA VAL A 171 -18.07 46.94 8.88
C VAL A 171 -16.68 47.42 8.37
N PRO A 172 -15.53 46.92 8.89
CA PRO A 172 -14.23 47.31 8.31
C PRO A 172 -14.07 46.98 6.82
N MET A 173 -14.62 45.82 6.38
CA MET A 173 -14.54 45.37 5.00
C MET A 173 -15.30 46.27 4.05
N ALA A 174 -16.48 46.76 4.45
CA ALA A 174 -17.26 47.64 3.58
C ALA A 174 -16.52 48.98 3.43
N ARG A 175 -15.88 49.50 4.51
CA ARG A 175 -15.12 50.74 4.40
C ARG A 175 -13.94 50.55 3.47
N LEU A 176 -13.28 49.39 3.54
CA LEU A 176 -12.13 49.04 2.71
C LEU A 176 -12.47 49.10 1.24
N VAL A 177 -13.66 48.58 0.86
CA VAL A 177 -14.07 48.59 -0.54
C VAL A 177 -14.87 49.86 -0.95
N GLY A 178 -14.77 50.93 -0.16
CA GLY A 178 -15.43 52.20 -0.45
C GLY A 178 -16.93 52.26 -0.27
N MET A 179 -17.55 51.23 0.36
CA MET A 179 -18.99 51.20 0.61
C MET A 179 -19.25 51.75 2.00
N ASN A 180 -18.91 53.04 2.20
CA ASN A 180 -19.04 53.72 3.48
C ASN A 180 -20.49 53.94 3.93
N GLU A 181 -21.44 54.09 3.01
CA GLU A 181 -22.84 54.24 3.41
C GLU A 181 -23.33 52.92 4.00
N MET A 182 -23.02 51.80 3.29
CA MET A 182 -23.32 50.44 3.69
C MET A 182 -22.69 50.14 5.04
N ALA A 183 -21.40 50.51 5.21
CA ALA A 183 -20.68 50.27 6.47
C ALA A 183 -21.35 51.01 7.63
N ASP A 184 -21.79 52.26 7.40
CA ASP A 184 -22.46 53.05 8.43
C ASP A 184 -23.78 52.39 8.81
N ASN A 185 -24.55 51.93 7.80
CA ASN A 185 -25.85 51.27 8.02
C ASN A 185 -25.69 49.97 8.78
N LEU A 186 -24.64 49.21 8.48
CA LEU A 186 -24.33 47.96 9.14
C LEU A 186 -23.93 48.22 10.60
N GLU A 187 -23.05 49.23 10.83
CA GLU A 187 -22.58 49.60 12.18
C GLU A 187 -23.74 50.05 13.06
N ASN A 188 -24.70 50.77 12.48
CA ASN A 188 -25.90 51.24 13.17
C ASN A 188 -26.70 50.01 13.65
N LEU A 189 -26.95 49.04 12.75
CA LEU A 189 -27.67 47.81 13.07
C LEU A 189 -26.91 46.93 14.06
N CYS A 190 -25.57 47.03 14.09
CA CYS A 190 -24.74 46.30 15.04
C CYS A 190 -24.94 46.86 16.44
N TYR A 191 -25.01 48.20 16.58
CA TYR A 191 -25.25 48.83 17.88
C TYR A 191 -26.66 48.49 18.40
N GLN A 192 -27.65 48.39 17.48
CA GLN A 192 -29.03 48.04 17.79
C GLN A 192 -29.15 46.65 18.40
N ASN A 193 -28.26 45.72 18.01
CA ASN A 193 -28.31 44.35 18.52
C ASN A 193 -27.22 44.02 19.56
N LEU A 194 -26.22 44.89 19.74
CA LEU A 194 -25.17 44.65 20.74
C LEU A 194 -25.40 45.42 22.05
N ASP A 195 -26.25 46.46 22.03
CA ASP A 195 -26.61 47.27 23.20
C ASP A 195 -27.92 48.00 22.91
N LEU A 196 -29.02 47.24 22.82
CA LEU A 196 -30.34 47.75 22.48
C LEU A 196 -30.80 48.95 23.34
N ASP A 197 -30.59 48.88 24.67
CA ASP A 197 -30.99 49.95 25.58
C ASP A 197 -30.25 51.26 25.34
N MET A 198 -28.91 51.22 25.24
CA MET A 198 -28.10 52.40 24.96
C MET A 198 -28.36 52.93 23.56
N PHE A 199 -28.62 52.04 22.60
CA PHE A 199 -28.92 52.42 21.23
C PHE A 199 -30.21 53.21 21.16
N ASP A 200 -31.27 52.73 21.84
CA ASP A 200 -32.57 53.40 21.84
C ASP A 200 -32.50 54.77 22.52
N ASN A 201 -31.64 54.92 23.53
CA ASN A 201 -31.51 56.20 24.23
C ASN A 201 -30.83 57.23 23.35
N VAL A 202 -29.78 56.83 22.64
CA VAL A 202 -29.04 57.74 21.76
C VAL A 202 -29.83 58.08 20.50
N GLN A 203 -30.51 57.08 19.93
CA GLN A 203 -31.30 57.30 18.72
C GLN A 203 -32.47 58.24 18.94
N ASN A 204 -33.07 58.20 20.13
CA ASN A 204 -34.19 59.09 20.44
C ASN A 204 -33.74 60.51 20.62
N ALA A 205 -32.55 60.70 21.21
CA ALA A 205 -31.97 62.02 21.37
C ALA A 205 -31.57 62.58 20.01
N LEU A 206 -31.02 61.74 19.12
CA LEU A 206 -30.64 62.13 17.78
C LEU A 206 -31.88 62.58 16.99
N LEU A 207 -33.00 61.85 17.16
CA LEU A 207 -34.26 62.15 16.50
C LEU A 207 -34.91 63.42 17.03
N GLN A 208 -34.91 63.62 18.36
CA GLN A 208 -35.53 64.81 18.94
C GLN A 208 -34.75 66.08 18.63
N THR A 209 -33.41 65.97 18.62
CA THR A 209 -32.56 67.12 18.32
C THR A 209 -32.24 67.28 16.82
N LYS A 210 -32.80 66.40 15.95
CA LYS A 210 -32.55 66.44 14.51
C LYS A 210 -32.90 67.80 13.86
N PRO A 211 -34.13 68.36 14.00
CA PRO A 211 -34.41 69.64 13.36
C PRO A 211 -33.55 70.80 13.87
N GLU A 212 -33.19 70.79 15.16
CA GLU A 212 -32.33 71.84 15.70
C GLU A 212 -30.89 71.71 15.15
N ARG A 213 -30.43 70.45 14.98
CA ARG A 213 -29.11 70.17 14.42
C ARG A 213 -29.05 70.58 12.93
N CYS A 214 -30.18 70.47 12.20
CA CYS A 214 -30.25 70.88 10.79
C CYS A 214 -30.06 72.39 10.68
N LYS A 215 -30.74 73.13 11.57
CA LYS A 215 -30.70 74.57 11.66
C LYS A 215 -29.27 75.06 11.91
N TYR A 216 -28.57 74.44 12.88
CA TYR A 216 -27.22 74.86 13.21
C TYR A 216 -26.18 74.37 12.21
N GLN A 217 -26.44 73.26 11.50
CA GLN A 217 -25.53 72.83 10.44
C GLN A 217 -25.61 73.85 9.28
N SER A 218 -26.81 74.37 8.98
CA SER A 218 -27.04 75.39 7.97
C SER A 218 -26.34 76.70 8.36
N ILE A 219 -26.38 77.05 9.66
CA ILE A 219 -25.72 78.23 10.20
C ILE A 219 -24.21 78.09 10.02
N TRP A 220 -23.64 76.93 10.39
CA TRP A 220 -22.21 76.73 10.28
C TRP A 220 -21.71 76.53 8.87
N GLU A 221 -22.57 76.09 7.95
CA GLU A 221 -22.19 76.01 6.54
C GLU A 221 -21.96 77.45 6.01
N GLN A 222 -22.83 78.39 6.41
CA GLN A 222 -22.75 79.80 6.05
C GLN A 222 -21.56 80.47 6.76
N ASN A 223 -21.32 80.19 8.04
CA ASN A 223 -20.18 80.79 8.76
C ASN A 223 -18.87 80.35 8.09
N LEU A 224 -18.78 79.05 7.71
CA LEU A 224 -17.59 78.49 7.04
C LEU A 224 -17.42 79.09 5.63
N ALA A 225 -18.53 79.36 4.93
CA ALA A 225 -18.49 79.99 3.61
C ALA A 225 -17.92 81.40 3.72
N GLU A 226 -18.34 82.14 4.77
CA GLU A 226 -17.90 83.49 5.10
C GLU A 226 -16.43 83.49 5.51
N LEU A 227 -15.99 82.51 6.31
CA LEU A 227 -14.59 82.40 6.74
C LEU A 227 -13.67 82.21 5.55
N LEU A 228 -14.05 81.34 4.60
CA LEU A 228 -13.26 81.09 3.40
C LEU A 228 -13.12 82.38 2.58
N HIS A 229 -14.20 83.16 2.49
CA HIS A 229 -14.22 84.42 1.76
C HIS A 229 -13.34 85.49 2.43
N ASN A 230 -13.37 85.59 3.76
CA ASN A 230 -12.59 86.55 4.52
C ASN A 230 -11.10 86.31 4.39
N TYR A 231 -10.69 85.05 4.35
CA TYR A 231 -9.27 84.71 4.20
C TYR A 231 -8.85 84.52 2.74
N HIS A 232 -9.71 84.91 1.78
CA HIS A 232 -9.50 84.84 0.34
C HIS A 232 -9.11 83.45 -0.15
N ILE A 233 -9.81 82.43 0.34
CA ILE A 233 -9.60 81.04 -0.03
C ILE A 233 -10.78 80.57 -0.90
N GLN A 234 -10.49 80.09 -2.11
CA GLN A 234 -11.54 79.58 -2.99
C GLN A 234 -11.77 78.12 -2.63
N GLY A 235 -13.02 77.77 -2.35
CA GLY A 235 -13.36 76.39 -2.02
C GLY A 235 -14.83 76.07 -1.99
N ARG A 236 -15.14 74.76 -1.95
CA ARG A 236 -16.54 74.30 -1.89
C ARG A 236 -16.79 73.65 -0.53
N ILE A 237 -17.98 73.83 0.03
CA ILE A 237 -18.31 73.27 1.34
C ILE A 237 -19.46 72.29 1.23
N LYS A 238 -19.28 71.08 1.76
CA LYS A 238 -20.28 70.03 1.68
C LYS A 238 -20.72 69.62 3.06
N LYS A 239 -22.02 69.67 3.32
CA LYS A 239 -22.58 69.23 4.60
C LYS A 239 -22.48 67.73 4.63
N LYS A 240 -21.92 67.16 5.70
CA LYS A 240 -21.78 65.73 5.84
C LYS A 240 -22.64 65.17 6.94
N ASN A 241 -23.23 63.97 6.75
CA ASN A 241 -24.02 63.34 7.79
C ASN A 241 -23.08 62.81 8.89
N ASN A 242 -23.44 63.10 10.16
CA ASN A 242 -22.63 62.76 11.33
CA ASN A 242 -22.59 62.65 11.26
C ASN A 242 -23.29 61.75 12.27
N ASN A 243 -24.48 61.22 11.93
CA ASN A 243 -25.25 60.30 12.77
C ASN A 243 -24.48 59.08 13.32
N ILE A 244 -23.66 58.40 12.50
CA ILE A 244 -22.92 57.24 13.01
C ILE A 244 -21.81 57.67 13.96
N GLU A 245 -21.16 58.81 13.71
CA GLU A 245 -20.10 59.29 14.60
C GLU A 245 -20.65 59.70 15.96
N LEU A 246 -21.85 60.30 15.96
CA LEU A 246 -22.54 60.72 17.18
C LEU A 246 -23.04 59.49 17.95
N LEU A 247 -23.62 58.50 17.24
CA LEU A 247 -24.11 57.27 17.89
C LEU A 247 -22.94 56.50 18.49
N ARG A 248 -21.87 56.30 17.71
CA ARG A 248 -20.63 55.62 18.11
C ARG A 248 -20.06 56.24 19.41
N HIS A 249 -20.16 57.58 19.53
CA HIS A 249 -19.67 58.28 20.71
C HIS A 249 -20.60 58.19 21.92
N PHE A 250 -21.87 58.57 21.78
CA PHE A 250 -22.79 58.60 22.90
C PHE A 250 -23.27 57.23 23.38
N VAL A 251 -22.96 56.15 22.64
CA VAL A 251 -23.26 54.79 23.12
C VAL A 251 -22.30 54.41 24.29
N LYS A 252 -21.07 54.98 24.29
CA LYS A 252 -20.07 54.76 25.34
C LYS A 252 -19.81 56.00 26.21
N ASN A 253 -20.56 57.09 26.01
CA ASN A 253 -20.37 58.33 26.78
C ASN A 253 -21.68 58.86 27.36
N GLU A 254 -21.57 59.67 28.43
CA GLU A 254 -22.73 60.29 29.07
C GLU A 254 -23.39 61.28 28.10
N MET A 255 -24.73 61.32 28.10
CA MET A 255 -25.47 62.18 27.18
C MET A 255 -25.33 63.67 27.48
N ASP A 256 -24.99 64.45 26.45
CA ASP A 256 -24.86 65.90 26.47
C ASP A 256 -25.66 66.38 25.28
N LEU A 257 -26.93 66.75 25.49
CA LEU A 257 -27.82 67.19 24.41
C LEU A 257 -27.35 68.42 23.66
N GLN A 258 -26.56 69.28 24.31
CA GLN A 258 -26.03 70.46 23.64
C GLN A 258 -24.90 70.05 22.68
N GLU A 259 -24.04 69.12 23.11
CA GLU A 259 -22.95 68.61 22.29
C GLU A 259 -23.48 67.82 21.09
N LEU A 260 -24.56 67.07 21.30
CA LEU A 260 -25.22 66.28 20.26
C LEU A 260 -25.90 67.18 19.23
N THR A 261 -26.46 68.32 19.67
CA THR A 261 -27.14 69.25 18.77
C THR A 261 -26.16 70.10 18.00
N HIS A 262 -25.05 70.50 18.64
CA HIS A 262 -24.11 71.41 18.02
C HIS A 262 -22.84 70.77 17.54
N SER A 263 -22.92 69.52 17.10
CA SER A 263 -21.77 68.81 16.53
C SER A 263 -22.06 68.63 15.06
N HIS A 264 -21.19 69.15 14.18
CA HIS A 264 -21.44 69.06 12.73
C HIS A 264 -20.21 68.60 11.96
N ALA A 265 -20.42 67.97 10.80
CA ALA A 265 -19.31 67.53 9.97
C ALA A 265 -19.41 68.12 8.58
N PHE A 266 -18.27 68.52 8.02
CA PHE A 266 -18.19 69.12 6.70
C PHE A 266 -17.00 68.62 5.92
N GLU A 267 -17.10 68.68 4.59
CA GLU A 267 -16.04 68.35 3.67
C GLU A 267 -15.71 69.64 2.93
N ILE A 268 -14.44 70.06 2.94
CA ILE A 268 -14.04 71.29 2.25
C ILE A 268 -13.11 70.99 1.08
N VAL A 269 -13.57 71.27 -0.15
CA VAL A 269 -12.77 70.98 -1.33
C VAL A 269 -12.07 72.22 -1.86
N LEU A 270 -10.75 72.28 -1.66
CA LEU A 270 -9.96 73.43 -2.07
C LEU A 270 -9.24 73.20 -3.40
N GLN A 271 -8.60 74.25 -3.94
CA GLN A 271 -7.96 74.18 -5.24
C GLN A 271 -6.51 73.68 -5.19
N SER A 272 -5.78 74.00 -4.11
CA SER A 272 -4.39 73.61 -3.99
C SER A 272 -3.98 73.20 -2.55
N ILE A 273 -2.82 72.57 -2.38
CA ILE A 273 -2.34 72.17 -1.06
C ILE A 273 -2.01 73.41 -0.21
N ALA A 274 -1.51 74.49 -0.84
CA ALA A 274 -1.20 75.73 -0.13
C ALA A 274 -2.45 76.31 0.50
N ASP A 275 -3.60 76.23 -0.20
CA ASP A 275 -4.89 76.69 0.31
C ASP A 275 -5.37 75.82 1.47
N CYS A 276 -5.04 74.52 1.47
CA CYS A 276 -5.42 73.60 2.53
C CYS A 276 -4.72 74.02 3.81
N ASP A 277 -3.42 74.30 3.73
CA ASP A 277 -2.64 74.73 4.89
C ASP A 277 -3.04 76.13 5.36
N ARG A 278 -3.41 77.00 4.40
CA ARG A 278 -3.88 78.35 4.69
C ARG A 278 -5.20 78.30 5.43
N LEU A 279 -6.12 77.39 5.02
CA LEU A 279 -7.40 77.22 5.68
C LEU A 279 -7.20 76.69 7.09
N VAL A 280 -6.27 75.75 7.28
CA VAL A 280 -5.97 75.20 8.60
C VAL A 280 -5.46 76.30 9.52
N ALA A 281 -4.59 77.19 9.01
CA ALA A 281 -4.06 78.30 9.78
C ALA A 281 -5.17 79.27 10.17
N ALA A 282 -6.07 79.57 9.24
CA ALA A 282 -7.21 80.45 9.46
C ALA A 282 -8.16 79.88 10.52
N LEU A 283 -8.45 78.57 10.45
CA LEU A 283 -9.33 77.90 11.39
C LEU A 283 -8.74 77.95 12.78
N LYS A 284 -7.41 77.77 12.92
CA LYS A 284 -6.75 77.79 14.22
C LYS A 284 -6.95 79.14 14.92
N GLU A 285 -6.95 80.24 14.16
CA GLU A 285 -7.16 81.58 14.68
C GLU A 285 -8.55 81.74 15.30
N ASN A 286 -9.58 81.16 14.68
CA ASN A 286 -10.96 81.33 15.15
C ASN A 286 -11.49 80.22 16.06
N PHE A 287 -10.83 79.07 16.10
CA PHE A 287 -11.32 77.93 16.90
C PHE A 287 -10.25 77.28 17.75
N GLN A 288 -10.67 76.45 18.70
CA GLN A 288 -9.73 75.68 19.53
C GLN A 288 -9.62 74.31 18.91
N VAL A 289 -8.40 73.87 18.59
CA VAL A 289 -8.18 72.60 17.92
C VAL A 289 -8.24 71.39 18.86
N ILE A 290 -9.22 70.51 18.63
CA ILE A 290 -9.40 69.28 19.41
C ILE A 290 -8.49 68.17 18.89
N GLN A 291 -8.51 67.95 17.56
CA GLN A 291 -7.72 66.90 16.93
C GLN A 291 -7.26 67.31 15.53
N TYR A 292 -6.07 66.90 15.12
CA TYR A 292 -5.54 67.23 13.80
C TYR A 292 -4.73 66.06 13.26
N GLN A 293 -4.98 65.69 12.00
CA GLN A 293 -4.29 64.59 11.34
C GLN A 293 -3.89 65.03 9.94
N ASP A 294 -2.59 64.95 9.63
CA ASP A 294 -2.09 65.37 8.32
C ASP A 294 -1.92 64.19 7.37
N HIS A 295 -2.93 63.90 6.54
CA HIS A 295 -2.82 62.82 5.57
C HIS A 295 -2.37 63.29 4.18
N ILE A 296 -1.83 64.53 4.08
CA ILE A 296 -1.30 65.04 2.83
C ILE A 296 0.20 64.71 2.83
N ARG A 297 0.91 65.08 3.90
CA ARG A 297 2.33 64.78 4.05
C ARG A 297 2.54 63.30 4.34
N ARG A 298 1.64 62.69 5.14
CA ARG A 298 1.66 61.25 5.41
C ARG A 298 0.36 60.63 4.88
N PRO A 299 0.30 60.28 3.58
CA PRO A 299 -0.95 59.73 3.03
C PRO A 299 -1.34 58.40 3.61
N LEU A 300 -2.64 58.13 3.65
CA LEU A 300 -3.16 56.88 4.17
C LEU A 300 -2.81 55.72 3.26
N PRO A 301 -2.73 54.47 3.78
CA PRO A 301 -2.51 53.31 2.90
C PRO A 301 -3.63 53.25 1.85
N GLY A 302 -3.26 53.10 0.58
CA GLY A 302 -4.21 53.19 -0.51
C GLY A 302 -3.94 54.43 -1.35
N GLY A 303 -3.47 55.49 -0.68
CA GLY A 303 -3.09 56.76 -1.30
C GLY A 303 -3.95 57.93 -0.93
N ASN A 304 -4.98 57.74 -0.10
CA ASN A 304 -5.90 58.83 0.24
C ASN A 304 -5.26 59.98 0.97
N GLN A 305 -5.42 61.20 0.44
CA GLN A 305 -4.88 62.40 1.06
C GLN A 305 -5.99 63.30 1.53
N SER A 306 -5.78 63.94 2.67
CA SER A 306 -6.78 64.78 3.33
C SER A 306 -6.16 65.43 4.58
N LEU A 307 -6.81 66.44 5.14
CA LEU A 307 -6.38 67.08 6.38
C LEU A 307 -7.59 67.00 7.26
N MET A 308 -7.51 66.26 8.37
CA MET A 308 -8.66 66.11 9.24
C MET A 308 -8.50 66.87 10.52
N ILE A 309 -9.29 67.94 10.68
CA ILE A 309 -9.20 68.78 11.86
C ILE A 309 -10.55 68.89 12.58
N LYS A 310 -10.56 68.62 13.88
CA LYS A 310 -11.75 68.71 14.71
C LYS A 310 -11.61 69.99 15.53
N LEU A 311 -12.57 70.90 15.38
CA LEU A 311 -12.55 72.22 15.98
C LEU A 311 -13.64 72.42 17.02
N LYS A 312 -13.42 73.35 17.95
CA LYS A 312 -14.43 73.65 18.95
C LYS A 312 -14.59 75.15 19.04
N GLY A 313 -15.82 75.60 18.94
CA GLY A 313 -16.18 77.00 19.10
C GLY A 313 -17.32 77.01 20.07
N GLU A 314 -17.07 77.36 21.33
CA GLU A 314 -18.11 77.36 22.37
C GLU A 314 -18.85 75.97 22.43
N LYS A 315 -20.20 75.94 22.21
CA LYS A 315 -21.07 74.76 22.19
C LYS A 315 -20.81 73.91 20.95
N THR A 316 -20.46 74.56 19.82
CA THR A 316 -20.22 73.95 18.52
C THR A 316 -18.90 73.18 18.41
N THR A 317 -18.96 71.98 17.79
CA THR A 317 -17.83 71.12 17.48
C THR A 317 -17.94 70.87 15.97
N LEU A 318 -16.86 71.09 15.22
CA LEU A 318 -16.88 70.87 13.79
C LEU A 318 -15.84 69.82 13.38
N SER A 319 -16.24 68.82 12.58
CA SER A 319 -15.31 67.82 12.07
C SER A 319 -15.14 68.12 10.60
N LEU A 320 -13.97 68.63 10.20
CA LEU A 320 -13.74 69.00 8.82
C LEU A 320 -12.69 68.14 8.15
N THR A 321 -12.94 67.71 6.91
CA THR A 321 -11.93 67.00 6.11
C THR A 321 -11.63 67.94 4.95
N ILE A 322 -10.40 68.42 4.87
CA ILE A 322 -9.98 69.37 3.86
C ILE A 322 -9.10 68.67 2.84
N GLN A 323 -9.46 68.74 1.56
CA GLN A 323 -8.66 68.11 0.51
C GLN A 323 -8.77 68.90 -0.80
N THR A 324 -7.77 68.75 -1.67
CA THR A 324 -7.78 69.43 -2.96
C THR A 324 -8.76 68.74 -3.94
N GLU A 325 -9.09 69.43 -5.04
CA GLU A 325 -9.95 68.88 -6.06
C GLU A 325 -9.32 67.59 -6.65
N LEU A 326 -7.98 67.53 -6.75
CA LEU A 326 -7.26 66.38 -7.28
C LEU A 326 -7.30 65.20 -6.29
N MET A 327 -7.15 65.49 -4.99
CA MET A 327 -7.21 64.44 -3.96
C MET A 327 -8.57 63.77 -3.95
N ARG A 328 -9.64 64.56 -4.13
CA ARG A 328 -11.00 64.07 -4.18
C ARG A 328 -11.21 63.17 -5.39
N LYS A 329 -10.61 63.53 -6.52
CA LYS A 329 -10.71 62.74 -7.74
C LYS A 329 -9.90 61.43 -7.64
N ALA A 330 -8.69 61.49 -7.05
CA ALA A 330 -7.82 60.30 -6.87
C ALA A 330 -8.50 59.28 -5.99
N ALA A 331 -9.18 59.74 -4.92
CA ALA A 331 -9.89 58.88 -3.99
C ALA A 331 -11.02 58.06 -4.64
N ARG A 332 -11.54 58.48 -5.81
CA ARG A 332 -12.62 57.77 -6.50
C ARG A 332 -12.13 56.68 -7.46
N PHE A 333 -10.86 56.26 -7.32
CA PHE A 333 -10.27 55.19 -8.10
C PHE A 333 -9.99 54.16 -7.02
N GLY A 334 -10.69 53.02 -7.07
CA GLY A 334 -10.52 51.98 -6.06
C GLY A 334 -11.77 51.65 -5.26
N VAL A 335 -12.72 52.59 -5.24
CA VAL A 335 -14.03 52.46 -4.62
C VAL A 335 -14.81 51.46 -5.51
N VAL A 336 -15.33 50.35 -4.92
CA VAL A 336 -16.03 49.37 -5.75
C VAL A 336 -17.38 49.88 -6.28
N LEU A 337 -17.96 50.94 -5.67
CA LEU A 337 -19.20 51.49 -6.18
C LEU A 337 -19.05 52.72 -7.09
N GLY A 338 -17.81 53.07 -7.45
CA GLY A 338 -17.56 54.24 -8.29
C GLY A 338 -17.68 54.00 -9.80
N GLU A 339 -16.98 54.83 -10.60
CA GLU A 339 -17.01 54.72 -12.05
C GLU A 339 -16.29 53.44 -12.53
N ASN A 340 -15.25 53.00 -11.80
CA ASN A 340 -14.52 51.80 -12.17
C ASN A 340 -15.26 50.52 -11.81
N ALA A 341 -14.98 49.44 -12.56
CA ALA A 341 -15.55 48.12 -12.32
C ALA A 341 -15.00 47.59 -10.98
N PRO A 342 -15.79 46.88 -10.15
CA PRO A 342 -15.27 46.41 -8.86
C PRO A 342 -13.99 45.57 -8.92
N GLN A 343 -13.80 44.78 -10.00
CA GLN A 343 -12.63 43.92 -10.26
C GLN A 343 -11.33 44.70 -10.51
N THR A 344 -11.44 45.88 -11.15
CA THR A 344 -10.30 46.80 -11.39
C THR A 344 -9.82 47.45 -10.02
N CYS A 345 -10.69 47.39 -8.98
CA CYS A 345 -10.45 47.88 -7.64
C CYS A 345 -9.52 46.95 -6.84
N ARG A 346 -9.14 45.76 -7.35
CA ARG A 346 -8.29 44.81 -6.64
C ARG A 346 -7.02 45.44 -6.08
N SER A 347 -6.31 46.18 -6.93
CA SER A 347 -5.06 46.84 -6.55
C SER A 347 -5.27 47.86 -5.46
N ALA A 348 -6.37 48.62 -5.54
CA ALA A 348 -6.66 49.60 -4.52
C ALA A 348 -7.05 48.94 -3.20
N ILE A 349 -7.86 47.87 -3.24
CA ILE A 349 -8.30 47.15 -2.06
C ILE A 349 -7.11 46.57 -1.31
N GLN A 350 -6.16 45.99 -2.06
CA GLN A 350 -4.97 45.36 -1.49
C GLN A 350 -3.98 46.37 -0.96
N ALA A 351 -3.82 47.51 -1.66
CA ALA A 351 -2.91 48.55 -1.18
C ALA A 351 -3.40 49.19 0.11
N SER A 352 -4.72 49.32 0.27
CA SER A 352 -5.29 49.91 1.47
C SER A 352 -5.64 48.90 2.54
N MET A 353 -5.27 47.61 2.39
CA MET A 353 -5.57 46.63 3.45
C MET A 353 -4.71 46.85 4.72
N GLN A 354 -3.69 47.71 4.63
CA GLN A 354 -2.87 48.07 5.78
C GLN A 354 -3.68 48.93 6.80
N ASN A 355 -4.86 49.45 6.40
CA ASN A 355 -5.76 50.23 7.24
C ASN A 355 -6.52 49.40 8.27
N LEU A 356 -6.52 48.07 8.12
CA LEU A 356 -7.30 47.20 8.99
C LEU A 356 -6.54 46.60 10.16
N ASN A 357 -5.21 46.79 10.21
CA ASN A 357 -4.29 46.15 11.15
C ASN A 357 -4.69 46.12 12.63
N THR A 358 -4.89 44.88 13.16
CA THR A 358 -5.18 44.60 14.58
C THR A 358 -4.17 43.54 15.08
N LEU A 359 -3.20 43.97 15.93
CA LEU A 359 -2.15 43.13 16.49
C LEU A 359 -1.62 43.69 17.82
N THR A 367 0.38 44.18 12.46
CA THR A 367 1.33 43.61 11.51
C THR A 367 0.87 42.24 10.93
N THR A 368 -0.44 41.94 11.03
CA THR A 368 -1.03 40.69 10.53
C THR A 368 -1.31 40.79 9.01
N PHE A 369 -1.73 41.98 8.53
CA PHE A 369 -2.00 42.26 7.11
C PHE A 369 -0.74 42.85 6.44
N ASN A 370 0.44 42.34 6.83
CA ASN A 370 1.76 42.75 6.34
C ASN A 370 2.34 41.67 5.42
N ASP A 371 2.34 40.39 5.86
CA ASP A 371 2.85 39.27 5.05
C ASP A 371 1.74 38.28 4.66
N LEU A 372 0.73 38.77 3.93
CA LEU A 372 -0.45 38.00 3.52
C LEU A 372 -0.39 37.43 2.10
N LEU A 373 0.64 37.76 1.32
CA LEU A 373 0.72 37.39 -0.07
C LEU A 373 0.60 35.90 -0.32
N ASP A 374 1.28 35.07 0.47
CA ASP A 374 1.21 33.62 0.29
C ASP A 374 -0.20 33.11 0.56
N TYR A 375 -0.88 33.67 1.57
CA TYR A 375 -2.23 33.27 1.90
C TYR A 375 -3.21 33.67 0.82
N LEU A 376 -3.17 34.94 0.39
CA LEU A 376 -4.06 35.49 -0.63
C LEU A 376 -4.03 34.73 -1.93
N HIS A 377 -2.83 34.30 -2.40
CA HIS A 377 -2.75 33.62 -3.70
C HIS A 377 -2.97 32.11 -3.66
N GLN A 378 -3.09 31.55 -2.45
CA GLN A 378 -3.27 30.12 -2.23
C GLN A 378 -4.38 29.83 -1.26
N GLU A 379 -5.59 29.65 -1.80
CA GLU A 379 -6.79 29.33 -1.06
C GLU A 379 -6.58 28.09 -0.17
N LYS A 380 -6.90 28.23 1.11
CA LYS A 380 -6.73 27.12 2.05
C LYS A 380 -8.06 26.39 2.25
N ILE A 381 -8.00 25.21 2.85
CA ILE A 381 -9.19 24.45 3.18
C ILE A 381 -9.50 24.64 4.67
N TRP A 382 -10.78 24.74 5.00
CA TRP A 382 -11.22 24.95 6.37
C TRP A 382 -11.89 23.72 6.92
N VAL A 383 -11.12 22.86 7.61
CA VAL A 383 -11.62 21.64 8.22
C VAL A 383 -11.72 21.82 9.73
N TYR A 384 -12.60 21.04 10.37
CA TYR A 384 -12.85 21.22 11.80
C TYR A 384 -12.67 19.98 12.67
N THR A 385 -12.32 20.21 13.92
CA THR A 385 -12.18 19.24 15.00
C THR A 385 -13.62 18.89 15.44
N PRO A 386 -13.90 17.71 16.00
CA PRO A 386 -15.29 17.41 16.42
C PRO A 386 -15.86 18.42 17.44
N HIS A 387 -14.99 19.22 18.08
CA HIS A 387 -15.38 20.29 19.01
C HIS A 387 -15.77 21.61 18.30
N GLY A 388 -15.54 21.69 16.98
CA GLY A 388 -15.78 22.88 16.16
C GLY A 388 -14.53 23.69 15.87
N GLN A 389 -13.36 23.25 16.39
CA GLN A 389 -12.09 23.95 16.23
C GLN A 389 -11.63 23.98 14.80
N LEU A 390 -11.35 25.18 14.30
CA LEU A 390 -10.89 25.35 12.93
C LEU A 390 -9.42 24.99 12.74
N HIS A 391 -9.15 24.32 11.62
CA HIS A 391 -7.83 24.00 11.13
C HIS A 391 -7.75 24.46 9.66
N GLU A 392 -6.89 25.41 9.40
CA GLU A 392 -6.70 25.96 8.06
C GLU A 392 -5.52 25.23 7.43
N LEU A 393 -5.78 24.40 6.43
CA LEU A 393 -4.73 23.58 5.82
C LEU A 393 -4.52 23.88 4.34
N PRO A 394 -3.34 23.58 3.78
CA PRO A 394 -3.15 23.80 2.33
C PRO A 394 -4.06 22.91 1.51
N GLN A 395 -4.35 23.30 0.26
CA GLN A 395 -5.17 22.46 -0.61
C GLN A 395 -4.44 21.15 -0.88
N GLY A 396 -5.16 20.05 -0.75
CA GLY A 396 -4.57 18.74 -0.94
C GLY A 396 -4.07 18.08 0.34
N ALA A 397 -4.29 18.73 1.50
CA ALA A 397 -3.87 18.18 2.79
C ALA A 397 -4.66 16.94 3.07
N THR A 398 -3.96 15.92 3.56
CA THR A 398 -4.57 14.65 3.89
C THR A 398 -4.98 14.59 5.38
N VAL A 399 -5.58 13.49 5.84
CA VAL A 399 -5.93 13.32 7.23
C VAL A 399 -4.67 13.45 8.14
N VAL A 400 -3.50 12.98 7.65
CA VAL A 400 -2.26 13.06 8.40
C VAL A 400 -1.84 14.51 8.63
N ASP A 401 -2.03 15.37 7.61
CA ASP A 401 -1.70 16.79 7.76
C ASP A 401 -2.57 17.44 8.84
N PHE A 402 -3.86 17.06 8.90
CA PHE A 402 -4.78 17.55 9.91
C PHE A 402 -4.32 17.09 11.28
N ALA A 403 -3.99 15.79 11.42
CA ALA A 403 -3.55 15.21 12.68
C ALA A 403 -2.33 15.95 13.25
N TYR A 404 -1.31 16.22 12.41
CA TYR A 404 -0.13 16.93 12.88
C TYR A 404 -0.44 18.38 13.21
N SER A 405 -1.35 19.02 12.45
CA SER A 405 -1.78 20.39 12.69
C SER A 405 -2.43 20.50 14.08
N ALA A 406 -3.23 19.51 14.47
CA ALA A 406 -3.87 19.49 15.75
C ALA A 406 -2.82 19.33 16.85
N SER A 407 -1.88 18.37 16.71
CA SER A 407 -0.80 18.14 17.68
C SER A 407 0.18 17.07 17.19
N LEU A 408 1.43 17.07 17.72
CA LEU A 408 2.43 16.05 17.40
C LEU A 408 1.96 14.69 17.88
N PHE A 409 1.30 14.63 19.05
CA PHE A 409 0.79 13.37 19.57
C PHE A 409 -0.18 12.72 18.59
N LEU A 410 -1.19 13.49 18.12
CA LEU A 410 -2.20 12.97 17.21
C LEU A 410 -1.61 12.55 15.88
N GLY A 411 -0.59 13.25 15.41
CA GLY A 411 0.05 12.92 14.14
C GLY A 411 0.91 11.69 14.23
N ASN A 412 1.80 11.64 15.24
CA ASN A 412 2.68 10.49 15.46
C ASN A 412 1.91 9.21 15.77
N HIS A 413 0.82 9.30 16.55
CA HIS A 413 0.04 8.13 16.94
C HIS A 413 -1.22 7.90 16.11
N ALA A 414 -1.40 8.62 14.98
CA ALA A 414 -2.56 8.44 14.13
C ALA A 414 -2.55 7.08 13.48
N VAL A 415 -3.72 6.46 13.41
CA VAL A 415 -3.95 5.15 12.77
C VAL A 415 -5.05 5.23 11.68
N GLY A 416 -5.98 6.14 11.89
CA GLY A 416 -7.10 6.36 11.00
C GLY A 416 -7.80 7.65 11.35
N ALA A 417 -8.96 7.85 10.76
CA ALA A 417 -9.79 9.03 11.00
C ALA A 417 -11.25 8.78 10.64
N LYS A 418 -12.16 9.56 11.23
CA LYS A 418 -13.57 9.50 10.91
C LYS A 418 -13.94 10.85 10.35
N VAL A 419 -14.15 10.89 9.02
CA VAL A 419 -14.53 12.11 8.33
C VAL A 419 -16.03 12.20 8.24
N ASP A 420 -16.65 13.16 8.95
CA ASP A 420 -18.11 13.34 8.99
C ASP A 420 -18.85 12.08 9.47
N GLY A 421 -18.19 11.31 10.33
CA GLY A 421 -18.75 10.08 10.88
C GLY A 421 -18.32 8.82 10.16
N GLU A 422 -17.76 8.94 8.96
CA GLU A 422 -17.36 7.78 8.16
C GLU A 422 -15.87 7.48 8.26
N ILE A 423 -15.50 6.23 8.51
CA ILE A 423 -14.09 5.85 8.62
C ILE A 423 -13.39 6.02 7.27
N LYS A 424 -12.30 6.80 7.24
CA LYS A 424 -11.54 7.04 6.01
C LYS A 424 -10.05 6.83 6.32
N PRO A 425 -9.23 6.26 5.40
CA PRO A 425 -7.80 6.06 5.72
C PRO A 425 -7.02 7.36 5.91
N LEU A 426 -5.76 7.25 6.35
CA LEU A 426 -4.87 8.37 6.63
C LEU A 426 -4.44 9.21 5.42
N SER A 427 -4.45 8.64 4.22
CA SER A 427 -4.10 9.37 3.00
C SER A 427 -5.27 10.16 2.40
N THR A 428 -6.46 10.10 3.02
CA THR A 428 -7.63 10.77 2.48
C THR A 428 -7.45 12.24 2.39
N PRO A 429 -7.54 12.81 1.17
CA PRO A 429 -7.44 14.27 1.04
C PRO A 429 -8.70 14.90 1.62
N LEU A 430 -8.51 16.02 2.32
CA LEU A 430 -9.60 16.71 2.96
C LEU A 430 -10.27 17.73 2.05
N VAL A 431 -11.54 18.02 2.32
CA VAL A 431 -12.37 18.99 1.61
C VAL A 431 -12.87 19.99 2.66
N SER A 432 -12.99 21.29 2.31
CA SER A 432 -13.49 22.28 3.26
C SER A 432 -14.85 21.92 3.85
N GLY A 433 -15.02 22.18 5.13
CA GLY A 433 -16.27 21.93 5.82
C GLY A 433 -16.37 20.63 6.56
N GLN A 434 -15.41 19.71 6.30
CA GLN A 434 -15.39 18.39 6.93
C GLN A 434 -15.01 18.41 8.39
N VAL A 435 -15.66 17.56 9.17
CA VAL A 435 -15.32 17.38 10.57
C VAL A 435 -14.46 16.12 10.61
N ILE A 436 -13.24 16.24 11.17
CA ILE A 436 -12.25 15.17 11.21
C ILE A 436 -11.97 14.70 12.62
N GLU A 437 -12.17 13.40 12.90
CA GLU A 437 -11.86 12.81 14.21
C GLU A 437 -10.67 11.90 14.03
N ILE A 438 -9.47 12.28 14.52
CA ILE A 438 -8.31 11.41 14.36
C ILE A 438 -8.39 10.26 15.36
N ILE A 439 -8.20 9.03 14.88
CA ILE A 439 -8.22 7.83 15.70
C ILE A 439 -6.78 7.46 15.96
N THR A 440 -6.40 7.40 17.24
CA THR A 440 -5.02 7.13 17.60
C THR A 440 -4.86 5.82 18.38
N ASP A 441 -3.60 5.38 18.54
CA ASP A 441 -3.22 4.20 19.32
C ASP A 441 -1.90 4.60 20.00
N VAL A 442 -1.84 4.56 21.33
CA VAL A 442 -0.59 4.96 22.03
C VAL A 442 0.61 4.05 21.70
N LEU A 443 0.34 2.84 21.17
CA LEU A 443 1.39 1.90 20.76
C LEU A 443 1.82 2.10 19.29
N ALA A 444 1.11 2.97 18.53
CA ALA A 444 1.37 3.26 17.12
C ALA A 444 2.60 4.13 16.88
N THR A 445 3.24 3.88 15.75
CA THR A 445 4.43 4.59 15.29
C THR A 445 4.13 5.21 13.91
N PRO A 446 4.57 6.45 13.65
CA PRO A 446 4.29 7.05 12.33
C PRO A 446 4.97 6.26 11.21
N ASN A 447 4.27 6.02 10.11
CA ASN A 447 4.80 5.27 8.98
C ASN A 447 5.48 6.25 8.02
N PRO A 448 6.75 6.00 7.66
CA PRO A 448 7.46 6.93 6.76
C PRO A 448 6.83 7.04 5.37
N ASP A 449 6.10 5.99 4.90
CA ASP A 449 5.39 6.06 3.61
C ASP A 449 4.40 7.21 3.52
N TRP A 450 4.09 7.84 4.66
CA TRP A 450 3.21 8.99 4.71
C TRP A 450 3.78 10.15 3.90
N LEU A 451 5.13 10.26 3.79
CA LEU A 451 5.79 11.32 3.02
C LEU A 451 5.26 11.43 1.58
N SER A 452 4.76 10.33 1.03
CA SER A 452 4.23 10.28 -0.33
C SER A 452 3.04 11.19 -0.56
N PHE A 453 2.19 11.34 0.45
CA PHE A 453 0.98 12.15 0.31
C PHE A 453 0.96 13.41 1.21
N ILE A 454 1.90 13.54 2.19
CA ILE A 454 2.07 14.67 3.11
C ILE A 454 2.33 15.97 2.33
N ASN A 455 1.65 17.08 2.71
CA ASN A 455 1.92 18.35 2.05
C ASN A 455 2.23 19.49 3.04
N THR A 456 2.14 19.25 4.36
CA THR A 456 2.48 20.29 5.34
C THR A 456 3.88 20.07 5.88
N GLN A 457 4.53 21.15 6.33
CA GLN A 457 5.87 21.05 6.88
C GLN A 457 5.92 20.49 8.28
N LYS A 458 4.85 20.68 9.09
CA LYS A 458 4.84 20.14 10.45
C LYS A 458 4.84 18.60 10.40
N ALA A 459 4.05 18.04 9.48
CA ALA A 459 3.96 16.61 9.30
C ALA A 459 5.24 16.02 8.71
N ARG A 460 5.78 16.65 7.64
CA ARG A 460 6.98 16.18 6.96
C ARG A 460 8.21 16.19 7.87
N ARG A 461 8.43 17.27 8.62
CA ARG A 461 9.55 17.37 9.53
C ARG A 461 9.44 16.35 10.66
N ALA A 462 8.23 16.13 11.21
CA ALA A 462 8.00 15.15 12.29
C ALA A 462 8.26 13.72 11.82
N LEU A 463 8.02 13.44 10.53
CA LEU A 463 8.30 12.12 9.98
C LEU A 463 9.80 11.98 9.70
N GLN A 464 10.45 13.04 9.19
CA GLN A 464 11.89 13.01 8.93
C GLN A 464 12.76 12.89 10.20
N HIS A 465 12.17 13.12 11.38
CA HIS A 465 12.85 12.93 12.64
C HIS A 465 13.00 11.42 12.96
N VAL A 466 12.04 10.59 12.48
CA VAL A 466 12.01 9.15 12.59
C VAL A 466 13.07 8.55 11.64
N LEU A 467 13.22 9.10 10.43
CA LEU A 467 14.24 8.63 9.49
C LEU A 467 15.65 9.17 9.81
N LYS A 468 15.76 10.22 10.68
CA LYS A 468 17.05 10.81 11.10
C LYS A 468 17.93 9.86 11.91
N ASP A 469 17.38 8.72 12.34
CA ASP A 469 18.09 7.68 13.06
C ASP A 469 17.84 6.33 12.37
N GLN A 470 17.84 6.32 11.04
CA GLN A 470 17.60 5.11 10.27
C GLN A 470 18.79 4.77 9.36
N ASP A 471 18.79 3.53 8.82
CA ASP A 471 19.86 3.09 7.92
C ASP A 471 19.79 3.82 6.59
N ILE A 472 20.97 4.14 6.01
CA ILE A 472 21.12 4.87 4.75
C ILE A 472 20.45 4.13 3.55
N GLU A 473 20.39 2.81 3.63
CA GLU A 473 19.77 1.87 2.70
C GLU A 473 18.24 1.87 2.92
N GLU A 474 17.80 1.94 4.18
CA GLU A 474 16.37 1.99 4.48
C GLU A 474 15.79 3.34 4.02
N GLN A 475 16.57 4.44 4.14
CA GLN A 475 16.16 5.76 3.68
C GLN A 475 15.89 5.75 2.18
N ARG A 476 16.80 5.17 1.38
CA ARG A 476 16.60 5.04 -0.07
C ARG A 476 15.35 4.23 -0.41
N LEU A 477 15.00 3.27 0.45
CA LEU A 477 13.79 2.47 0.26
C LEU A 477 12.56 3.31 0.56
N VAL A 478 12.57 4.09 1.66
CA VAL A 478 11.45 4.98 2.02
C VAL A 478 11.20 6.02 0.94
N GLY A 479 12.28 6.57 0.38
CA GLY A 479 12.21 7.57 -0.68
C GLY A 479 11.57 7.03 -1.95
N ALA A 480 11.84 5.74 -2.24
CA ALA A 480 11.26 5.07 -3.41
C ALA A 480 9.80 4.74 -3.15
N GLN A 481 9.47 4.34 -1.91
CA GLN A 481 8.12 4.04 -1.44
C GLN A 481 7.25 5.30 -1.54
N ALA A 482 7.81 6.46 -1.17
CA ALA A 482 7.12 7.75 -1.21
C ALA A 482 6.94 8.24 -2.65
N LEU A 483 7.92 8.00 -3.52
CA LEU A 483 7.83 8.43 -4.93
C LEU A 483 6.85 7.53 -5.69
N SER A 484 6.84 6.22 -5.41
CA SER A 484 5.93 5.31 -6.08
C SER A 484 4.48 5.65 -5.75
N ARG A 485 4.19 6.02 -4.48
CA ARG A 485 2.82 6.39 -4.11
C ARG A 485 2.44 7.77 -4.69
N ALA A 486 3.41 8.70 -4.80
CA ALA A 486 3.13 10.01 -5.41
C ALA A 486 2.79 9.87 -6.89
N LEU A 487 3.34 8.87 -7.57
CA LEU A 487 3.05 8.64 -8.98
C LEU A 487 1.66 8.02 -9.19
N LYS A 488 1.12 7.29 -8.19
CA LYS A 488 -0.20 6.65 -8.23
C LYS A 488 -1.35 7.60 -8.46
N LEU A 489 -1.15 8.90 -8.16
CA LEU A 489 -2.16 9.91 -8.40
C LEU A 489 -2.41 10.11 -9.91
N PHE A 490 -1.40 9.84 -10.76
CA PHE A 490 -1.54 9.97 -12.20
C PHE A 490 -1.71 8.63 -12.93
N ASN A 491 -2.00 7.54 -12.19
CA ASN A 491 -2.15 6.18 -12.71
C ASN A 491 -0.81 5.58 -13.17
N ARG A 492 0.32 6.05 -12.61
CA ARG A 492 1.65 5.57 -12.96
C ARG A 492 2.42 5.02 -11.72
N SER A 493 3.67 4.53 -11.91
CA SER A 493 4.53 3.98 -10.86
C SER A 493 6.02 4.01 -11.28
N ILE A 494 6.95 3.59 -10.39
CA ILE A 494 8.39 3.57 -10.72
C ILE A 494 8.68 2.60 -11.86
N ASN A 495 7.96 1.47 -11.91
CA ASN A 495 8.13 0.50 -12.99
C ASN A 495 7.64 1.03 -14.35
N ASP A 496 6.82 2.11 -14.34
CA ASP A 496 6.35 2.80 -15.55
C ASP A 496 7.36 3.87 -16.03
N LEU A 497 8.43 4.15 -15.26
CA LEU A 497 9.43 5.14 -15.62
C LEU A 497 10.42 4.56 -16.60
N SER A 498 10.53 5.17 -17.78
CA SER A 498 11.49 4.73 -18.78
C SER A 498 12.91 5.20 -18.41
N ASP A 499 13.93 4.75 -19.16
CA ASP A 499 15.30 5.21 -18.91
C ASP A 499 15.41 6.71 -19.22
N ALA A 500 14.68 7.21 -20.23
CA ALA A 500 14.65 8.62 -20.61
C ALA A 500 14.05 9.48 -19.51
N ASP A 501 13.02 8.97 -18.81
CA ASP A 501 12.37 9.67 -17.69
C ASP A 501 13.35 9.82 -16.53
N TRP A 502 14.13 8.76 -16.25
CA TRP A 502 15.13 8.78 -15.18
C TRP A 502 16.28 9.72 -15.51
N LEU A 503 16.71 9.74 -16.79
CA LEU A 503 17.79 10.61 -17.23
C LEU A 503 17.42 12.09 -17.12
N ASP A 504 16.13 12.42 -17.27
CA ASP A 504 15.64 13.78 -17.13
C ASP A 504 15.68 14.17 -15.64
N LEU A 505 15.23 13.26 -14.75
CA LEU A 505 15.20 13.49 -13.31
C LEU A 505 16.59 13.72 -12.74
N LEU A 506 17.59 12.92 -13.14
CA LEU A 506 18.94 13.08 -12.62
C LEU A 506 19.62 14.36 -13.12
N GLN A 507 19.30 14.79 -14.34
CA GLN A 507 19.88 16.01 -14.89
C GLN A 507 19.20 17.21 -14.24
N TRP A 508 17.86 17.15 -14.09
CA TRP A 508 17.01 18.17 -13.49
C TRP A 508 17.31 18.38 -12.01
N ARG A 509 17.80 17.34 -11.31
CA ARG A 509 18.11 17.47 -9.89
C ARG A 509 19.60 17.52 -9.58
N HIS A 510 20.46 17.73 -10.60
CA HIS A 510 21.92 17.84 -10.48
C HIS A 510 22.50 16.69 -9.65
N ILE A 511 22.03 15.48 -9.96
CA ILE A 511 22.43 14.31 -9.21
C ILE A 511 22.87 13.16 -10.15
N ASP A 512 23.62 12.18 -9.62
CA ASP A 512 24.17 11.09 -10.45
C ASP A 512 23.43 9.75 -10.41
N ASN A 513 22.92 9.35 -9.25
CA ASN A 513 22.26 8.05 -9.12
C ASN A 513 20.79 8.14 -8.65
N LYS A 514 20.02 7.06 -8.92
CA LYS A 514 18.62 6.92 -8.53
C LYS A 514 18.50 6.99 -7.02
N ASP A 515 19.43 6.33 -6.29
CA ASP A 515 19.43 6.31 -4.82
C ASP A 515 19.56 7.70 -4.23
N ALA A 516 20.30 8.59 -4.89
CA ALA A 516 20.47 9.95 -4.40
C ALA A 516 19.20 10.80 -4.56
N LEU A 517 18.35 10.47 -5.55
CA LEU A 517 17.06 11.14 -5.73
C LEU A 517 16.12 10.70 -4.60
N PHE A 518 16.16 9.41 -4.23
CA PHE A 518 15.38 8.86 -3.13
C PHE A 518 15.83 9.45 -1.80
N GLU A 519 17.12 9.74 -1.63
CA GLU A 519 17.64 10.36 -0.42
C GLU A 519 17.11 11.78 -0.29
N GLN A 520 16.95 12.50 -1.42
CA GLN A 520 16.41 13.85 -1.41
C GLN A 520 14.92 13.85 -1.06
N ILE A 521 14.19 12.79 -1.42
CA ILE A 521 12.77 12.68 -1.10
C ILE A 521 12.61 12.30 0.38
N ALA A 522 13.36 11.30 0.84
CA ALA A 522 13.25 10.81 2.20
C ALA A 522 13.88 11.69 3.27
N VAL A 523 15.09 12.19 3.05
CA VAL A 523 15.80 12.97 4.08
C VAL A 523 16.01 14.44 3.67
N GLY A 524 16.10 14.71 2.38
CA GLY A 524 16.25 16.07 1.87
C GLY A 524 14.93 16.83 1.85
N ASP A 525 14.89 17.94 1.14
CA ASP A 525 13.68 18.75 1.08
C ASP A 525 12.96 18.67 -0.28
N LEU A 526 13.22 17.61 -1.05
CA LEU A 526 12.54 17.39 -2.32
C LEU A 526 11.21 16.66 -2.05
N LEU A 527 10.07 17.29 -2.34
CA LEU A 527 8.77 16.67 -2.11
C LEU A 527 8.39 15.73 -3.26
N PRO A 528 7.96 14.48 -2.94
CA PRO A 528 7.63 13.52 -4.01
C PRO A 528 6.56 13.98 -5.00
N GLN A 529 5.77 15.00 -4.60
CA GLN A 529 4.71 15.63 -5.41
C GLN A 529 5.32 16.49 -6.53
N LEU A 530 6.45 17.17 -6.26
CA LEU A 530 7.10 18.01 -7.27
C LEU A 530 7.76 17.16 -8.36
N VAL A 531 8.24 15.95 -8.01
CA VAL A 531 8.86 15.00 -8.93
C VAL A 531 7.78 14.45 -9.87
N ALA A 532 6.62 14.08 -9.29
CA ALA A 532 5.47 13.56 -10.02
C ALA A 532 4.87 14.64 -10.93
N ASN A 533 4.80 15.89 -10.44
CA ASN A 533 4.25 16.98 -11.25
C ASN A 533 5.17 17.43 -12.38
N HIS A 534 6.46 17.07 -12.33
CA HIS A 534 7.40 17.43 -13.38
C HIS A 534 7.32 16.39 -14.52
N LEU A 535 7.27 15.10 -14.14
CA LEU A 535 7.17 14.01 -15.12
C LEU A 535 5.83 14.04 -15.85
N PHE A 536 4.73 14.35 -15.12
CA PHE A 536 3.40 14.38 -15.74
C PHE A 536 2.82 15.79 -15.62
N ALA A 537 3.22 16.69 -16.53
CA ALA A 537 2.87 18.11 -16.51
C ALA A 537 1.55 18.53 -17.20
N ASN A 538 0.62 19.13 -16.40
CA ASN A 538 -0.71 19.69 -16.76
C ASN A 538 -1.74 18.69 -17.29
N ASP A 539 -1.48 17.37 -17.13
CA ASP A 539 -2.36 16.30 -17.62
C ASP A 539 -3.09 15.54 -16.50
N LYS A 540 -4.44 15.69 -16.42
CA LYS A 540 -5.33 15.02 -15.48
C LYS A 540 -4.87 15.01 -14.00
N HIS A 541 -4.35 16.16 -13.50
CA HIS A 541 -3.94 16.22 -12.09
C HIS A 541 -5.19 16.37 -11.24
N PRO A 542 -5.44 15.43 -10.31
CA PRO A 542 -6.63 15.53 -9.45
C PRO A 542 -6.58 16.68 -8.42
N ASN A 546 -8.44 23.30 -6.91
CA ASN A 546 -9.24 24.20 -7.76
C ASN A 546 -8.37 25.00 -8.74
N SER A 547 -7.18 24.45 -9.11
CA SER A 547 -6.18 25.08 -9.99
C SER A 547 -5.76 26.45 -9.45
N ASP A 548 -5.82 26.67 -8.11
CA ASP A 548 -5.43 27.94 -7.50
C ASP A 548 -4.00 28.38 -7.89
N ARG A 549 -3.16 27.38 -8.29
CA ARG A 549 -1.75 27.42 -8.62
C ARG A 549 -1.36 28.43 -9.69
N LEU A 550 -0.52 29.40 -9.28
CA LEU A 550 0.05 30.41 -10.16
C LEU A 550 1.38 29.94 -10.73
N ILE A 551 2.11 29.02 -10.03
CA ILE A 551 3.40 28.49 -10.44
C ILE A 551 3.20 27.06 -10.95
N GLN A 552 3.68 26.75 -12.18
CA GLN A 552 3.54 25.45 -12.84
C GLN A 552 4.14 24.31 -12.03
N GLY A 553 3.41 23.20 -11.95
CA GLY A 553 3.90 22.02 -11.25
C GLY A 553 3.91 22.07 -9.73
N THR A 554 3.28 23.09 -9.13
CA THR A 554 3.21 23.18 -7.67
C THR A 554 1.85 22.72 -7.14
N GLU A 555 1.16 21.85 -7.87
CA GLU A 555 -0.15 21.37 -7.47
C GLU A 555 -0.05 20.46 -6.25
N GLY A 556 -0.92 20.70 -5.28
CA GLY A 556 -0.96 19.91 -4.07
C GLY A 556 -0.02 20.36 -2.98
N ILE A 557 0.91 21.28 -3.28
CA ILE A 557 1.84 21.79 -2.29
C ILE A 557 1.71 23.32 -2.16
N ASP A 558 2.01 23.86 -0.98
CA ASP A 558 1.96 25.31 -0.78
C ASP A 558 3.37 25.87 -0.97
N VAL A 559 3.46 27.03 -1.62
CA VAL A 559 4.75 27.71 -1.84
C VAL A 559 4.81 29.07 -1.11
N LYS A 560 6.03 29.63 -0.95
CA LYS A 560 6.20 30.91 -0.28
C LYS A 560 6.97 31.89 -1.16
N TYR A 561 6.71 33.21 -1.07
CA TYR A 561 7.48 34.19 -1.85
C TYR A 561 8.60 34.70 -0.94
N ALA A 562 9.84 34.78 -1.46
CA ALA A 562 10.97 35.28 -0.68
C ALA A 562 10.81 36.78 -0.42
N HIS A 563 11.13 37.22 0.80
CA HIS A 563 11.06 38.64 1.15
C HIS A 563 12.30 39.46 0.76
N CYS A 564 13.36 38.78 0.32
CA CYS A 564 14.61 39.40 -0.09
C CYS A 564 14.51 40.05 -1.47
N CYS A 565 13.75 39.40 -2.38
CA CYS A 565 13.60 39.82 -3.77
C CYS A 565 12.16 40.12 -4.17
N ASN A 566 11.18 39.58 -3.43
CA ASN A 566 9.74 39.76 -3.66
C ASN A 566 9.33 39.54 -5.11
N PRO A 567 9.33 38.27 -5.57
CA PRO A 567 8.94 38.00 -6.96
C PRO A 567 7.48 38.32 -7.25
N ILE A 568 7.24 38.92 -8.43
CA ILE A 568 5.95 39.35 -8.96
C ILE A 568 5.57 38.45 -10.14
N LEU A 569 4.27 38.26 -10.43
CA LEU A 569 3.81 37.44 -11.56
C LEU A 569 4.42 37.97 -12.87
N GLY A 570 5.05 37.09 -13.65
CA GLY A 570 5.71 37.54 -14.87
C GLY A 570 7.22 37.59 -14.75
N ASP A 571 7.73 37.79 -13.52
CA ASP A 571 9.18 37.80 -13.30
C ASP A 571 9.78 36.42 -13.53
N PRO A 572 10.98 36.31 -14.14
CA PRO A 572 11.65 35.00 -14.20
C PRO A 572 11.99 34.60 -12.76
N ILE A 573 11.54 33.43 -12.34
CA ILE A 573 11.72 32.93 -10.99
C ILE A 573 12.42 31.56 -10.91
N GLN A 574 12.91 31.26 -9.72
CA GLN A 574 13.55 30.02 -9.42
C GLN A 574 13.24 29.67 -7.96
N GLY A 575 12.92 28.41 -7.70
CA GLY A 575 12.58 27.95 -6.36
C GLY A 575 13.73 27.38 -5.58
N HIS A 576 13.63 27.41 -4.25
CA HIS A 576 14.66 26.91 -3.37
C HIS A 576 14.01 25.99 -2.34
N LEU A 577 14.34 24.70 -2.42
CA LEU A 577 13.79 23.67 -1.53
C LEU A 577 14.40 23.75 -0.12
N THR A 578 13.61 24.21 0.87
CA THR A 578 14.08 24.35 2.25
C THR A 578 13.24 23.52 3.24
N ARG A 579 13.66 23.47 4.52
CA ARG A 579 12.90 22.77 5.55
C ARG A 579 11.59 23.50 5.91
N ARG A 580 11.34 24.71 5.34
CA ARG A 580 10.11 25.46 5.51
C ARG A 580 9.16 25.34 4.26
N GLY A 581 9.57 24.55 3.27
CA GLY A 581 8.86 24.36 2.01
C GLY A 581 9.64 24.92 0.83
N LEU A 582 8.95 25.15 -0.29
CA LEU A 582 9.56 25.73 -1.50
C LEU A 582 9.47 27.25 -1.47
N ILE A 583 10.62 27.93 -1.56
CA ILE A 583 10.67 29.39 -1.52
C ILE A 583 10.94 29.91 -2.90
N VAL A 584 10.01 30.67 -3.46
CA VAL A 584 10.13 31.29 -4.78
C VAL A 584 10.94 32.57 -4.72
N HIS A 585 12.00 32.65 -5.51
CA HIS A 585 12.88 33.81 -5.57
C HIS A 585 13.00 34.30 -7.00
N ARG A 586 13.37 35.57 -7.19
CA ARG A 586 13.65 36.07 -8.54
C ARG A 586 14.97 35.46 -8.98
N ILE A 587 15.06 35.08 -10.26
CA ILE A 587 16.18 34.34 -10.81
C ILE A 587 17.57 34.92 -10.50
N ARG A 588 17.67 36.24 -10.31
CA ARG A 588 18.96 36.87 -9.99
C ARG A 588 19.05 37.50 -8.57
N CYS A 589 18.33 36.89 -7.60
CA CYS A 589 18.37 37.33 -6.21
C CYS A 589 19.69 36.88 -5.64
N HIS A 590 20.39 37.76 -4.93
CA HIS A 590 21.69 37.41 -4.37
C HIS A 590 21.61 36.30 -3.34
N ASN A 591 20.46 36.18 -2.63
CA ASN A 591 20.30 35.09 -1.68
C ASN A 591 20.16 33.77 -2.42
N LEU A 592 19.41 33.77 -3.52
CA LEU A 592 19.17 32.58 -4.33
C LEU A 592 20.48 32.10 -4.97
N LEU A 593 21.23 33.01 -5.60
CA LEU A 593 22.47 32.65 -6.26
C LEU A 593 23.55 32.15 -5.29
N HIS A 594 23.49 32.58 -4.03
CA HIS A 594 24.42 32.15 -3.00
C HIS A 594 24.14 30.68 -2.66
N GLU A 595 22.85 30.33 -2.49
CA GLU A 595 22.44 28.96 -2.19
C GLU A 595 22.53 28.05 -3.41
N GLN A 596 22.47 28.61 -4.63
CA GLN A 596 22.61 27.83 -5.86
C GLN A 596 24.07 27.43 -6.06
N HIS A 597 25.00 28.32 -5.69
CA HIS A 597 26.41 28.04 -5.80
C HIS A 597 26.78 26.91 -4.81
N LEU A 598 26.34 27.03 -3.53
CA LEU A 598 26.63 26.03 -2.50
C LEU A 598 25.92 24.70 -2.73
N HIS A 599 24.63 24.75 -3.06
CA HIS A 599 23.84 23.53 -3.24
C HIS A 599 22.93 23.65 -4.45
N PRO A 600 23.45 23.37 -5.66
CA PRO A 600 22.60 23.47 -6.86
C PRO A 600 21.47 22.44 -6.90
N GLU A 601 21.60 21.35 -6.12
CA GLU A 601 20.59 20.31 -6.04
C GLU A 601 19.31 20.79 -5.34
N ASN A 602 19.41 21.82 -4.47
CA ASN A 602 18.26 22.39 -3.78
C ASN A 602 17.58 23.54 -4.55
N ILE A 603 17.97 23.76 -5.81
CA ILE A 603 17.41 24.83 -6.62
C ILE A 603 16.60 24.25 -7.77
N MET A 604 15.33 24.60 -7.83
CA MET A 604 14.44 24.08 -8.85
C MET A 604 13.99 25.20 -9.77
N PRO A 605 14.17 25.08 -11.09
CA PRO A 605 13.69 26.14 -11.99
C PRO A 605 12.17 26.19 -11.99
N LEU A 606 11.58 27.40 -11.98
CA LEU A 606 10.13 27.58 -11.91
C LEU A 606 9.56 28.45 -13.03
N GLN A 607 8.33 28.19 -13.44
CA GLN A 607 7.65 28.99 -14.46
C GLN A 607 6.26 29.37 -13.96
N TRP A 608 5.79 30.59 -14.30
CA TRP A 608 4.46 31.00 -13.91
C TRP A 608 3.49 30.36 -14.91
N LYS A 609 2.44 29.71 -14.42
CA LYS A 609 1.41 29.02 -15.19
C LYS A 609 0.88 29.91 -16.31
N ALA A 610 0.45 31.13 -15.99
CA ALA A 610 0.03 32.08 -17.01
C ALA A 610 0.73 33.42 -16.80
N ASP A 611 1.15 34.05 -17.89
CA ASP A 611 1.84 35.33 -17.84
C ASP A 611 0.92 36.48 -17.36
N ASP A 612 -0.41 36.32 -17.46
CA ASP A 612 -1.33 37.36 -17.01
C ASP A 612 -2.64 36.80 -16.40
N VAL A 613 -2.61 36.50 -15.10
CA VAL A 613 -3.77 36.03 -14.34
C VAL A 613 -4.36 37.29 -13.69
N ASP A 614 -5.65 37.56 -13.90
CA ASP A 614 -6.26 38.79 -13.41
C ASP A 614 -6.69 38.80 -11.93
N ASP A 615 -6.87 37.63 -11.27
CA ASP A 615 -7.34 37.61 -9.87
C ASP A 615 -6.24 37.75 -8.79
N VAL A 616 -4.99 38.04 -9.19
CA VAL A 616 -3.90 38.21 -8.21
C VAL A 616 -3.26 39.58 -8.29
N ARG A 617 -2.67 40.06 -7.18
CA ARG A 617 -1.98 41.35 -7.10
C ARG A 617 -0.77 41.20 -6.20
N PHE A 618 0.33 41.87 -6.57
CA PHE A 618 1.59 41.84 -5.85
C PHE A 618 2.06 43.26 -5.55
N THR A 619 3.08 43.44 -4.70
CA THR A 619 3.61 44.77 -4.43
C THR A 619 4.98 44.96 -5.08
N ALA A 620 5.13 46.04 -5.85
CA ALA A 620 6.37 46.41 -6.51
C ALA A 620 6.99 47.58 -5.74
N TYR A 621 8.32 47.63 -5.67
CA TYR A 621 9.02 48.66 -4.91
C TYR A 621 9.80 49.57 -5.86
N LEU A 622 9.46 50.86 -5.89
CA LEU A 622 10.09 51.77 -6.83
C LEU A 622 10.88 52.87 -6.16
N ALA A 623 11.98 53.27 -6.80
CA ALA A 623 12.81 54.39 -6.37
C ALA A 623 12.87 55.36 -7.56
N ILE A 624 12.14 56.48 -7.47
CA ILE A 624 12.13 57.48 -8.53
C ILE A 624 13.25 58.47 -8.21
N TYR A 625 14.23 58.64 -9.11
CA TYR A 625 15.42 59.49 -8.88
C TYR A 625 15.12 60.96 -9.11
N MET A 626 14.27 61.52 -8.24
CA MET A 626 13.89 62.92 -8.30
C MET A 626 13.19 63.33 -7.00
N ALA A 627 13.34 64.60 -6.63
CA ALA A 627 12.69 65.11 -5.45
C ALA A 627 11.31 65.58 -5.86
N MET A 628 10.28 65.24 -5.08
CA MET A 628 8.92 65.67 -5.39
C MET A 628 8.32 66.51 -4.26
N ASN A 629 7.72 67.65 -4.62
CA ASN A 629 7.08 68.51 -3.63
C ASN A 629 5.67 67.98 -3.29
N ASP A 630 4.92 68.65 -2.38
CA ASP A 630 3.58 68.20 -2.01
C ASP A 630 2.65 67.95 -3.20
N GLU A 631 2.57 68.89 -4.15
CA GLU A 631 1.72 68.73 -5.32
C GLU A 631 2.21 67.62 -6.26
N GLN A 632 3.54 67.42 -6.37
CA GLN A 632 4.09 66.38 -7.24
C GLN A 632 3.85 64.99 -6.68
N VAL A 633 3.88 64.84 -5.36
CA VAL A 633 3.59 63.57 -4.71
C VAL A 633 2.10 63.26 -4.87
N SER A 634 1.23 64.27 -4.69
CA SER A 634 -0.23 64.16 -4.85
C SER A 634 -0.60 63.75 -6.28
N ASP A 635 0.12 64.30 -7.27
CA ASP A 635 -0.08 63.97 -8.67
C ASP A 635 0.43 62.55 -8.96
N LEU A 636 1.54 62.11 -8.31
CA LEU A 636 2.09 60.77 -8.46
C LEU A 636 1.12 59.72 -7.97
N ILE A 637 0.44 60.00 -6.84
CA ILE A 637 -0.56 59.07 -6.30
C ILE A 637 -1.72 58.95 -7.29
N TYR A 638 -2.18 60.08 -7.82
CA TYR A 638 -3.25 60.17 -8.81
C TYR A 638 -2.89 59.38 -10.08
N GLN A 639 -1.68 59.57 -10.62
CA GLN A 639 -1.26 58.88 -11.83
C GLN A 639 -1.20 57.37 -11.63
N CYS A 640 -0.74 56.92 -10.44
CA CYS A 640 -0.67 55.50 -10.11
C CYS A 640 -2.08 54.90 -10.04
N ARG A 641 -2.95 55.52 -9.24
CA ARG A 641 -4.33 55.07 -9.06
C ARG A 641 -5.14 55.09 -10.35
N LYS A 642 -4.92 56.09 -11.21
CA LYS A 642 -5.58 56.18 -12.53
C LYS A 642 -5.19 55.02 -13.46
N ASN A 643 -4.04 54.39 -13.21
CA ASN A 643 -3.55 53.28 -13.97
C ASN A 643 -3.77 51.93 -13.27
N ASN A 644 -4.82 51.84 -12.41
CA ASN A 644 -5.25 50.65 -11.68
C ASN A 644 -4.14 50.02 -10.84
N ALA A 645 -3.30 50.85 -10.24
CA ALA A 645 -2.21 50.39 -9.38
C ALA A 645 -2.39 51.11 -8.06
N GLY A 646 -2.58 50.35 -6.98
CA GLY A 646 -2.82 50.93 -5.68
C GLY A 646 -1.55 51.47 -5.05
N VAL A 647 -1.67 52.57 -4.33
CA VAL A 647 -0.53 53.19 -3.70
C VAL A 647 -0.46 52.77 -2.27
N GLU A 648 0.36 51.78 -2.00
CA GLU A 648 0.54 51.24 -0.66
C GLU A 648 1.24 52.26 0.24
N MET A 649 2.27 52.94 -0.29
CA MET A 649 3.01 53.92 0.47
C MET A 649 3.83 54.82 -0.43
N VAL A 650 3.98 56.11 -0.07
CA VAL A 650 4.82 57.07 -0.80
C VAL A 650 5.62 57.89 0.23
N HIS A 651 6.90 58.19 -0.07
CA HIS A 651 7.73 59.03 0.77
C HIS A 651 8.78 59.68 -0.11
N SER A 652 9.04 60.99 0.08
CA SER A 652 10.02 61.67 -0.75
C SER A 652 11.06 62.44 0.06
N ASN A 653 12.34 62.09 -0.11
CA ASN A 653 13.41 62.88 0.50
C ASN A 653 13.86 63.98 -0.51
N GLU A 654 15.02 64.64 -0.29
CA GLU A 654 15.45 65.69 -1.22
C GLU A 654 16.21 65.14 -2.45
N GLN A 655 16.49 63.84 -2.49
CA GLN A 655 17.21 63.24 -3.62
C GLN A 655 16.35 62.21 -4.37
N ARG A 656 15.43 61.53 -3.68
CA ARG A 656 14.61 60.49 -4.29
C ARG A 656 13.17 60.40 -3.74
N THR A 657 12.29 59.68 -4.46
CA THR A 657 10.90 59.48 -4.07
C THR A 657 10.61 58.00 -4.16
N PHE A 658 10.23 57.38 -3.07
CA PHE A 658 9.95 55.95 -3.03
C PHE A 658 8.47 55.70 -3.05
N VAL A 659 8.04 54.70 -3.82
CA VAL A 659 6.63 54.37 -3.92
C VAL A 659 6.44 52.84 -3.94
N ASN A 660 5.67 52.32 -2.99
CA ASN A 660 5.33 50.89 -2.91
C ASN A 660 3.99 50.82 -3.60
N ILE A 661 3.92 50.11 -4.72
CA ILE A 661 2.73 50.07 -5.54
C ILE A 661 2.20 48.66 -5.79
N VAL A 662 0.87 48.46 -5.66
CA VAL A 662 0.24 47.16 -5.87
C VAL A 662 -0.17 47.01 -7.33
N VAL A 663 0.58 46.18 -8.06
CA VAL A 663 0.36 45.94 -9.47
C VAL A 663 -0.09 44.49 -9.72
N ASN A 664 -0.60 44.18 -10.92
CA ASN A 664 -1.04 42.83 -11.26
C ASN A 664 0.13 41.92 -11.64
N ASN A 665 1.06 42.41 -12.46
CA ASN A 665 2.19 41.62 -12.92
C ASN A 665 3.36 42.52 -13.39
N ARG A 666 4.44 41.92 -13.91
CA ARG A 666 5.61 42.62 -14.44
C ARG A 666 5.27 43.50 -15.66
N LYS A 667 4.24 43.12 -16.43
CA LYS A 667 3.80 43.91 -17.58
C LYS A 667 3.12 45.19 -17.10
N HIS A 668 2.33 45.09 -16.01
CA HIS A 668 1.62 46.22 -15.41
C HIS A 668 2.62 47.20 -14.80
N ILE A 669 3.64 46.72 -14.06
CA ILE A 669 4.62 47.63 -13.48
C ILE A 669 5.45 48.33 -14.59
N ALA A 670 5.71 47.64 -15.72
CA ALA A 670 6.40 48.23 -16.86
C ALA A 670 5.58 49.39 -17.43
N LYS A 671 4.25 49.22 -17.54
CA LYS A 671 3.36 50.26 -18.03
C LYS A 671 3.31 51.44 -17.07
N VAL A 672 3.25 51.18 -15.76
CA VAL A 672 3.22 52.23 -14.77
C VAL A 672 4.51 53.05 -14.82
N ILE A 673 5.66 52.39 -14.87
CA ILE A 673 6.97 53.06 -14.93
C ILE A 673 7.07 53.92 -16.20
N ARG A 674 6.67 53.37 -17.35
CA ARG A 674 6.70 54.05 -18.64
C ARG A 674 5.80 55.28 -18.65
N ASP A 675 4.59 55.18 -18.07
CA ASP A 675 3.65 56.28 -18.00
C ASP A 675 4.11 57.33 -17.00
N LEU A 676 4.74 56.93 -15.90
CA LEU A 676 5.24 57.87 -14.89
C LEU A 676 6.46 58.62 -15.42
N ARG A 677 7.31 57.94 -16.20
CA ARG A 677 8.50 58.55 -16.78
C ARG A 677 8.15 59.64 -17.76
N MET A 678 7.29 59.37 -18.77
CA MET A 678 6.93 60.45 -19.72
C MET A 678 6.11 61.56 -19.06
N HIS A 679 5.43 61.28 -17.95
CA HIS A 679 4.68 62.29 -17.22
C HIS A 679 5.61 63.23 -16.43
N TYR A 680 6.72 62.70 -15.92
CA TYR A 680 7.62 63.47 -15.05
C TYR A 680 8.88 64.01 -15.73
N GLY A 681 8.98 63.89 -17.05
CA GLY A 681 10.12 64.43 -17.78
C GLY A 681 11.30 63.49 -17.78
N PHE A 682 10.99 62.21 -17.95
CA PHE A 682 11.87 61.06 -17.99
C PHE A 682 12.94 60.98 -16.89
N PRO A 683 12.53 60.96 -15.59
CA PRO A 683 13.51 60.73 -14.53
C PRO A 683 13.89 59.25 -14.47
N ARG A 684 15.01 58.93 -13.83
CA ARG A 684 15.46 57.54 -13.71
C ARG A 684 14.58 56.84 -12.68
N ILE A 685 13.96 55.72 -13.05
CA ILE A 685 13.12 54.97 -12.12
C ILE A 685 13.71 53.58 -12.01
N GLU A 686 14.10 53.17 -10.80
CA GLU A 686 14.64 51.83 -10.60
C GLU A 686 13.70 50.99 -9.76
N ARG A 687 13.57 49.69 -10.08
CA ARG A 687 12.72 48.80 -9.32
C ARG A 687 13.58 48.03 -8.30
N LEU A 688 13.28 48.18 -7.02
CA LEU A 688 14.02 47.55 -5.91
C LEU A 688 13.59 46.10 -5.67
N ASP A 689 14.47 45.31 -5.03
CA ASP A 689 14.14 43.91 -4.71
C ASP A 689 13.23 43.84 -3.48
N ALA A 690 13.45 44.73 -2.52
CA ALA A 690 12.67 44.83 -1.31
C ALA A 690 12.51 46.33 -0.95
N PRO A 691 11.56 46.71 -0.10
CA PRO A 691 11.42 48.13 0.27
C PRO A 691 12.70 48.73 0.85
N ALA A 692 13.01 49.98 0.48
CA ALA A 692 14.22 50.68 0.90
C ALA A 692 14.27 50.85 2.42
N PRO A 693 15.45 50.92 3.06
CA PRO A 693 15.47 51.13 4.53
C PRO A 693 14.94 52.53 4.94
N GLN A 694 15.02 53.54 4.02
CA GLN A 694 14.52 54.92 4.23
C GLN A 694 13.01 54.92 4.55
N MET A 695 12.26 54.00 3.92
CA MET A 695 10.84 53.74 4.15
C MET A 695 10.76 52.34 4.76
N GLU A 696 10.30 52.17 6.01
CA GLU A 696 10.23 50.86 6.65
C GLU A 696 11.62 50.15 6.64
N ILE A 697 11.72 48.82 6.28
CA ILE A 697 12.93 47.98 6.21
C ILE A 697 14.18 48.55 6.92
N MET B 1 -8.78 -77.42 11.16
CA MET B 1 -8.02 -77.16 9.94
C MET B 1 -8.08 -75.70 9.47
N PRO B 2 -9.24 -75.01 9.40
CA PRO B 2 -9.20 -73.59 9.00
C PRO B 2 -8.63 -72.69 10.09
N GLY B 3 -9.07 -72.89 11.34
CA GLY B 3 -8.58 -72.15 12.49
C GLY B 3 -7.19 -72.61 12.92
N GLU B 4 -6.83 -73.87 12.60
CA GLU B 4 -5.53 -74.45 12.91
C GLU B 4 -4.43 -73.85 12.01
N GLU B 5 -4.77 -73.43 10.78
CA GLU B 5 -3.88 -72.78 9.82
C GLU B 5 -3.51 -71.38 10.32
N VAL B 6 -4.50 -70.66 10.87
CA VAL B 6 -4.34 -69.32 11.45
C VAL B 6 -3.47 -69.41 12.70
N SER B 7 -3.73 -70.42 13.54
CA SER B 7 -3.01 -70.65 14.79
C SER B 7 -1.56 -71.00 14.60
N GLN B 8 -1.20 -71.76 13.55
CA GLN B 8 0.19 -72.09 13.29
C GLN B 8 0.94 -70.95 12.57
N ALA B 9 0.21 -70.02 11.92
CA ALA B 9 0.80 -68.84 11.29
C ALA B 9 1.03 -67.77 12.36
N LYS B 10 0.10 -67.63 13.31
CA LYS B 10 0.20 -66.71 14.45
C LYS B 10 1.38 -67.14 15.35
N GLN B 11 1.55 -68.46 15.53
CA GLN B 11 2.65 -69.00 16.32
C GLN B 11 4.00 -68.74 15.69
N GLN B 12 4.07 -68.74 14.36
CA GLN B 12 5.31 -68.45 13.65
C GLN B 12 5.71 -66.99 13.82
N LEU B 13 4.72 -66.08 13.92
CA LEU B 13 4.95 -64.66 14.17
C LEU B 13 5.44 -64.47 15.60
N LYS B 14 4.86 -65.22 16.57
CA LYS B 14 5.27 -65.16 17.97
C LYS B 14 6.74 -65.53 18.13
N LEU B 15 7.22 -66.56 17.38
CA LEU B 15 8.63 -66.94 17.46
C LEU B 15 9.55 -65.82 17.04
N ILE B 16 9.13 -65.00 16.07
CA ILE B 16 9.92 -63.88 15.56
C ILE B 16 9.92 -62.70 16.52
N ILE B 17 8.79 -62.48 17.18
CA ILE B 17 8.60 -61.31 18.03
C ILE B 17 9.10 -61.52 19.49
N ASP B 18 9.05 -62.77 19.97
CA ASP B 18 9.51 -63.11 21.31
C ASP B 18 10.93 -62.62 21.66
N PRO B 19 11.94 -62.78 20.76
CA PRO B 19 13.30 -62.32 21.11
C PRO B 19 13.50 -60.82 21.29
N TYR B 20 12.91 -59.97 20.42
CA TYR B 20 13.21 -58.55 20.47
C TYR B 20 12.12 -57.67 21.10
N LEU B 21 10.93 -58.23 21.31
CA LEU B 21 9.87 -57.42 21.92
C LEU B 21 9.61 -57.81 23.36
N SER B 22 9.20 -56.82 24.14
CA SER B 22 8.85 -57.03 25.54
C SER B 22 7.60 -57.93 25.65
N VAL B 23 7.36 -58.50 26.83
CA VAL B 23 6.22 -59.39 27.03
C VAL B 23 4.90 -58.68 26.74
N SER B 24 4.76 -57.41 27.17
CA SER B 24 3.55 -56.61 26.94
C SER B 24 3.38 -56.24 25.47
N GLU B 25 4.51 -55.98 24.78
CA GLU B 25 4.56 -55.64 23.37
C GLU B 25 4.14 -56.84 22.52
N VAL B 26 4.62 -58.03 22.86
CA VAL B 26 4.25 -59.24 22.14
C VAL B 26 2.75 -59.53 22.33
N GLU B 27 2.21 -59.27 23.54
CA GLU B 27 0.78 -59.47 23.80
C GLU B 27 -0.10 -58.52 22.98
N LYS B 28 0.35 -57.26 22.81
CA LYS B 28 -0.37 -56.27 22.02
C LYS B 28 -0.39 -56.68 20.55
N VAL B 29 0.75 -57.16 20.02
CA VAL B 29 0.84 -57.59 18.64
C VAL B 29 -0.02 -58.83 18.41
N LEU B 30 0.01 -59.78 19.36
CA LEU B 30 -0.81 -60.99 19.25
C LEU B 30 -2.30 -60.72 19.42
N ALA B 31 -2.66 -59.65 20.16
CA ALA B 31 -4.05 -59.20 20.34
C ALA B 31 -4.57 -58.64 19.02
N ALA B 32 -3.72 -57.91 18.28
CA ALA B 32 -4.06 -57.38 16.95
C ALA B 32 -4.26 -58.53 15.96
N CYS B 33 -3.53 -59.63 16.12
CA CYS B 33 -3.68 -60.80 15.26
C CYS B 33 -5.03 -61.48 15.53
N ASP B 34 -5.46 -61.52 16.79
CA ASP B 34 -6.75 -62.10 17.17
C ASP B 34 -7.91 -61.25 16.68
N PHE B 35 -7.75 -59.91 16.74
CA PHE B 35 -8.78 -59.00 16.27
C PHE B 35 -8.89 -59.01 14.74
N GLY B 36 -7.75 -59.14 14.06
CA GLY B 36 -7.72 -59.24 12.60
C GLY B 36 -8.33 -60.55 12.14
N ASP B 37 -8.12 -61.62 12.92
CA ASP B 37 -8.70 -62.93 12.68
C ASP B 37 -10.23 -62.85 12.82
N LEU B 38 -10.72 -62.08 13.81
CA LEU B 38 -12.13 -61.86 14.09
C LEU B 38 -12.80 -61.04 12.98
N ALA B 39 -12.15 -59.96 12.53
CA ALA B 39 -12.69 -59.12 11.46
C ALA B 39 -12.84 -59.89 10.13
N HIS B 40 -11.85 -60.74 9.79
CA HIS B 40 -11.91 -61.50 8.55
C HIS B 40 -12.35 -62.96 8.80
N THR B 41 -13.30 -63.19 9.73
CA THR B 41 -13.78 -64.53 10.05
C THR B 41 -14.56 -65.03 8.86
N GLY B 42 -14.12 -66.14 8.31
CA GLY B 42 -14.78 -66.74 7.17
C GLY B 42 -14.33 -66.26 5.80
N ILE B 43 -13.82 -65.03 5.71
CA ILE B 43 -13.36 -64.48 4.43
C ILE B 43 -12.13 -65.26 3.97
N THR B 44 -12.13 -65.69 2.70
CA THR B 44 -10.99 -66.41 2.14
C THR B 44 -10.46 -65.72 0.90
N ARG B 45 -9.15 -65.83 0.67
CA ARG B 45 -8.45 -65.24 -0.48
C ARG B 45 -8.85 -65.95 -1.80
N LYS B 46 -8.36 -65.44 -2.96
CA LYS B 46 -8.63 -66.06 -4.26
C LYS B 46 -8.15 -67.52 -4.29
N SER B 47 -7.05 -67.80 -3.60
CA SER B 47 -6.46 -69.13 -3.51
C SER B 47 -7.39 -70.08 -2.71
N GLY B 48 -7.96 -69.58 -1.62
CA GLY B 48 -8.86 -70.36 -0.77
C GLY B 48 -8.55 -70.35 0.72
N GLU B 49 -7.32 -69.99 1.10
CA GLU B 49 -6.91 -69.94 2.52
C GLU B 49 -7.57 -68.77 3.26
N PRO B 50 -7.68 -68.78 4.60
CA PRO B 50 -8.32 -67.66 5.31
C PRO B 50 -7.63 -66.33 5.07
N TYR B 51 -8.38 -65.24 4.99
CA TYR B 51 -7.82 -63.93 4.69
C TYR B 51 -6.70 -63.47 5.62
N ILE B 52 -6.88 -63.65 6.94
CA ILE B 52 -5.90 -63.21 7.95
C ILE B 52 -4.49 -63.78 7.72
N LEU B 53 -4.36 -64.88 6.95
CA LEU B 53 -3.05 -65.44 6.64
C LEU B 53 -2.18 -64.43 5.87
N HIS B 54 -2.79 -63.56 5.04
CA HIS B 54 -2.07 -62.52 4.32
C HIS B 54 -1.54 -61.45 5.29
N PRO B 55 -2.35 -60.70 6.09
CA PRO B 55 -1.75 -59.75 7.04
C PRO B 55 -0.76 -60.38 8.03
N ILE B 56 -0.94 -61.68 8.36
CA ILE B 56 -0.01 -62.38 9.26
C ILE B 56 1.33 -62.52 8.53
N ALA B 57 1.31 -63.00 7.28
CA ALA B 57 2.54 -63.17 6.49
C ALA B 57 3.26 -61.83 6.30
N VAL B 58 2.49 -60.73 6.15
CA VAL B 58 3.02 -59.39 5.97
C VAL B 58 3.69 -58.95 7.26
N SER B 59 3.03 -59.15 8.42
CA SER B 59 3.66 -58.77 9.69
C SER B 59 4.88 -59.64 10.02
N CYS B 60 4.96 -60.86 9.47
CA CYS B 60 6.13 -61.72 9.66
C CYS B 60 7.31 -61.15 8.90
N ILE B 61 7.09 -60.58 7.72
CA ILE B 61 8.13 -59.96 6.91
C ILE B 61 8.71 -58.77 7.68
N LEU B 62 7.83 -57.94 8.27
CA LEU B 62 8.19 -56.78 9.05
C LEU B 62 8.84 -57.16 10.37
N ALA B 63 8.35 -58.23 11.05
CA ALA B 63 8.93 -58.69 12.32
C ALA B 63 10.36 -59.20 12.10
N ASN B 64 10.63 -59.81 10.94
CA ASN B 64 11.95 -60.27 10.54
C ASN B 64 12.92 -59.09 10.28
N MET B 65 12.39 -57.89 10.04
CA MET B 65 13.20 -56.69 9.91
C MET B 65 13.33 -55.94 11.26
N ARG B 66 12.86 -56.56 12.37
CA ARG B 66 12.85 -56.05 13.73
C ARG B 66 12.17 -54.68 13.82
N LEU B 67 10.98 -54.56 13.21
CA LEU B 67 10.19 -53.32 13.24
C LEU B 67 9.35 -53.20 14.53
N ASP B 68 9.01 -51.96 14.94
CA ASP B 68 8.27 -51.65 16.18
C ASP B 68 6.87 -52.31 16.27
N PRO B 69 6.30 -52.44 17.50
CA PRO B 69 4.98 -53.09 17.62
C PRO B 69 3.83 -52.40 16.87
N GLU B 70 3.85 -51.06 16.76
CA GLU B 70 2.80 -50.36 16.02
C GLU B 70 2.80 -50.75 14.55
N THR B 71 3.99 -50.92 13.95
CA THR B 71 4.13 -51.32 12.56
C THR B 71 3.54 -52.72 12.36
N LEU B 72 3.80 -53.63 13.30
CA LEU B 72 3.30 -55.00 13.22
C LEU B 72 1.80 -55.06 13.42
N MET B 73 1.27 -54.24 14.33
CA MET B 73 -0.17 -54.18 14.59
C MET B 73 -0.90 -53.59 13.38
N ALA B 74 -0.38 -52.51 12.81
CA ALA B 74 -0.98 -51.90 11.62
C ALA B 74 -0.96 -52.83 10.42
N ALA B 75 0.05 -53.71 10.32
CA ALA B 75 0.16 -54.68 9.23
C ALA B 75 -0.89 -55.76 9.36
N LEU B 76 -1.18 -56.18 10.60
CA LEU B 76 -2.17 -57.22 10.85
C LEU B 76 -3.61 -56.71 10.65
N LEU B 77 -3.82 -55.40 10.72
CA LEU B 77 -5.14 -54.81 10.60
C LEU B 77 -5.29 -53.86 9.40
N HIS B 78 -4.32 -53.81 8.46
CA HIS B 78 -4.37 -52.84 7.38
C HIS B 78 -5.54 -52.99 6.42
N ASP B 79 -6.10 -54.20 6.33
CA ASP B 79 -7.23 -54.44 5.43
C ASP B 79 -8.59 -54.46 6.13
N VAL B 80 -8.65 -54.11 7.43
CA VAL B 80 -9.94 -54.15 8.11
C VAL B 80 -10.81 -52.94 7.80
N ILE B 81 -10.22 -51.77 7.61
CA ILE B 81 -11.00 -50.55 7.32
C ILE B 81 -11.82 -50.70 6.03
N GLU B 82 -11.17 -51.14 4.98
CA GLU B 82 -11.77 -51.30 3.67
C GLU B 82 -12.71 -52.51 3.55
N ASP B 83 -12.32 -53.64 4.15
CA ASP B 83 -13.07 -54.87 3.99
C ASP B 83 -14.06 -55.21 5.15
N THR B 84 -13.71 -54.96 6.41
CA THR B 84 -14.58 -55.25 7.56
C THR B 84 -15.67 -54.21 7.81
N GLN B 85 -15.34 -52.95 7.56
CA GLN B 85 -16.27 -51.86 7.75
C GLN B 85 -16.43 -51.41 9.19
N TYR B 86 -15.60 -51.95 10.08
CA TYR B 86 -15.47 -51.46 11.52
C TYR B 86 -14.73 -50.14 11.38
N THR B 87 -15.05 -49.29 12.31
CA THR B 87 -14.53 -47.91 12.39
C THR B 87 -13.00 -47.77 12.63
N LYS B 88 -12.39 -46.75 12.04
CA LYS B 88 -10.99 -46.41 12.35
C LYS B 88 -10.93 -45.99 13.86
N ASP B 89 -11.97 -45.28 14.32
CA ASP B 89 -12.17 -44.90 15.71
C ASP B 89 -12.25 -46.17 16.59
N ASP B 90 -12.74 -47.29 16.04
CA ASP B 90 -12.78 -48.56 16.75
C ASP B 90 -11.36 -49.02 17.07
N ILE B 91 -10.45 -49.09 16.05
CA ILE B 91 -9.03 -49.44 16.23
C ILE B 91 -8.41 -48.56 17.31
N ILE B 92 -8.60 -47.22 17.19
CA ILE B 92 -8.08 -46.26 18.17
C ILE B 92 -8.34 -46.66 19.63
N GLU B 93 -9.57 -47.09 19.92
CA GLU B 93 -10.02 -47.53 21.24
C GLU B 93 -9.21 -48.71 21.80
N ARG B 94 -8.96 -49.75 20.97
CA ARG B 94 -8.24 -50.96 21.37
C ARG B 94 -6.72 -50.94 21.18
N PHE B 95 -6.21 -50.25 20.14
CA PHE B 95 -4.80 -50.26 19.79
C PHE B 95 -4.11 -48.91 19.77
N GLY B 96 -4.86 -47.83 19.92
CA GLY B 96 -4.28 -46.48 19.95
C GLY B 96 -4.39 -45.67 18.68
N GLN B 97 -4.01 -44.39 18.77
CA GLN B 97 -4.05 -43.44 17.66
C GLN B 97 -2.97 -43.71 16.63
N THR B 98 -1.77 -44.08 17.10
CA THR B 98 -0.65 -44.35 16.20
C THR B 98 -0.95 -45.50 15.23
N VAL B 99 -1.47 -46.65 15.74
CA VAL B 99 -1.81 -47.79 14.89
C VAL B 99 -2.82 -47.39 13.84
N ALA B 100 -3.86 -46.68 14.28
CA ALA B 100 -4.94 -46.21 13.43
C ALA B 100 -4.44 -45.33 12.27
N GLU B 101 -3.53 -44.38 12.54
CA GLU B 101 -2.97 -43.52 11.49
C GLU B 101 -2.17 -44.35 10.49
N LEU B 102 -1.44 -45.37 10.98
CA LEU B 102 -0.66 -46.25 10.12
C LEU B 102 -1.59 -47.06 9.22
N VAL B 103 -2.67 -47.65 9.78
CA VAL B 103 -3.63 -48.42 8.98
C VAL B 103 -4.29 -47.52 7.93
N ASP B 104 -4.66 -46.31 8.35
CA ASP B 104 -5.29 -45.31 7.49
C ASP B 104 -4.35 -44.96 6.32
N GLY B 105 -3.10 -44.64 6.64
CA GLY B 105 -2.08 -44.28 5.65
C GLY B 105 -1.85 -45.35 4.61
N VAL B 106 -1.71 -46.62 5.04
CA VAL B 106 -1.50 -47.75 4.13
C VAL B 106 -2.69 -47.94 3.21
N THR B 107 -3.91 -47.78 3.75
CA THR B 107 -5.17 -47.90 3.02
C THR B 107 -5.24 -46.85 1.90
N LYS B 108 -4.81 -45.63 2.20
CA LYS B 108 -4.80 -44.54 1.23
C LYS B 108 -3.86 -44.79 0.06
N LEU B 109 -2.82 -45.61 0.24
CA LEU B 109 -1.89 -45.92 -0.84
C LEU B 109 -2.37 -46.98 -1.83
N SER B 110 -3.56 -47.55 -1.60
CA SER B 110 -4.09 -48.57 -2.47
C SER B 110 -4.46 -48.00 -3.85
N GLN B 111 -4.09 -48.73 -4.92
CA GLN B 111 -4.41 -48.37 -6.31
C GLN B 111 -5.54 -49.30 -6.74
N SER B 112 -6.69 -48.70 -7.07
CA SER B 112 -7.87 -49.43 -7.49
C SER B 112 -7.65 -49.89 -8.93
N SER B 113 -8.07 -51.12 -9.22
CA SER B 113 -7.93 -51.68 -10.56
C SER B 113 -8.88 -51.01 -11.57
N ASP B 114 -9.96 -50.36 -11.10
CA ASP B 114 -10.92 -49.67 -11.95
C ASP B 114 -10.60 -48.16 -12.11
N LYS B 115 -9.50 -47.68 -11.51
CA LYS B 115 -9.07 -46.29 -11.60
C LYS B 115 -7.79 -46.17 -12.46
N GLU B 116 -7.53 -44.96 -12.98
CA GLU B 116 -6.36 -44.67 -13.81
C GLU B 116 -5.08 -44.87 -13.04
N TYR B 117 -4.08 -45.46 -13.68
CA TYR B 117 -2.77 -45.58 -13.07
C TYR B 117 -1.88 -44.49 -13.68
N ASN B 118 -1.66 -43.42 -12.92
CA ASN B 118 -0.81 -42.31 -13.34
C ASN B 118 0.47 -42.43 -12.53
N LYS B 119 1.59 -42.73 -13.20
CA LYS B 119 2.86 -42.93 -12.53
C LYS B 119 3.31 -41.72 -11.75
N ALA B 120 3.25 -40.53 -12.34
CA ALA B 120 3.70 -39.31 -11.68
C ALA B 120 2.84 -38.96 -10.46
N ALA B 121 1.52 -39.15 -10.56
CA ALA B 121 0.63 -38.87 -9.45
C ALA B 121 0.86 -39.84 -8.30
N SER B 122 1.04 -41.14 -8.61
CA SER B 122 1.32 -42.17 -7.61
C SER B 122 2.64 -41.93 -6.92
N PHE B 123 3.68 -41.55 -7.68
CA PHE B 123 4.99 -41.23 -7.12
C PHE B 123 4.88 -40.10 -6.09
N ARG B 124 4.13 -39.02 -6.42
CA ARG B 124 3.89 -37.89 -5.53
C ARG B 124 3.18 -38.33 -4.26
N LYS B 125 2.09 -39.08 -4.42
CA LYS B 125 1.28 -39.55 -3.32
C LYS B 125 2.09 -40.42 -2.36
N ILE B 126 2.90 -41.33 -2.91
CA ILE B 126 3.71 -42.27 -2.13
C ILE B 126 4.85 -41.55 -1.42
N LEU B 127 5.50 -40.62 -2.11
CA LEU B 127 6.58 -39.84 -1.49
C LEU B 127 6.03 -38.98 -0.34
N GLN B 128 4.86 -38.42 -0.53
CA GLN B 128 4.18 -37.61 0.48
C GLN B 128 3.80 -38.46 1.69
N ALA B 129 3.28 -39.67 1.47
CA ALA B 129 2.91 -40.59 2.56
C ALA B 129 4.15 -41.09 3.31
N THR B 130 5.28 -41.27 2.58
CA THR B 130 6.55 -41.72 3.11
C THR B 130 7.07 -40.69 4.10
N LEU B 131 7.02 -39.39 3.75
CA LEU B 131 7.47 -38.37 4.68
C LEU B 131 6.51 -38.10 5.81
N GLN B 132 5.21 -38.37 5.62
CA GLN B 132 4.22 -38.23 6.68
C GLN B 132 4.55 -39.23 7.79
N ASP B 133 4.93 -40.48 7.41
CA ASP B 133 5.37 -41.54 8.32
C ASP B 133 6.02 -42.64 7.48
N PRO B 134 7.35 -42.76 7.52
CA PRO B 134 8.01 -43.81 6.71
C PRO B 134 7.53 -45.24 6.96
N ARG B 135 6.96 -45.52 8.14
CA ARG B 135 6.46 -46.86 8.45
C ARG B 135 5.34 -47.29 7.51
N VAL B 136 4.54 -46.33 7.01
CA VAL B 136 3.45 -46.56 6.07
C VAL B 136 3.95 -47.20 4.78
N ILE B 137 5.05 -46.69 4.21
CA ILE B 137 5.61 -47.23 2.98
C ILE B 137 6.24 -48.60 3.23
N ILE B 138 6.81 -48.83 4.44
CA ILE B 138 7.39 -50.14 4.76
C ILE B 138 6.29 -51.20 4.83
N ILE B 139 5.15 -50.89 5.45
CA ILE B 139 4.03 -51.83 5.52
C ILE B 139 3.48 -52.10 4.11
N LYS B 140 3.35 -51.04 3.31
CA LYS B 140 2.84 -51.16 1.94
C LYS B 140 3.76 -51.96 1.05
N LEU B 141 5.09 -51.85 1.24
CA LEU B 141 6.06 -52.62 0.46
C LEU B 141 5.96 -54.09 0.81
N ALA B 142 5.81 -54.41 2.11
CA ALA B 142 5.69 -55.78 2.58
C ALA B 142 4.37 -56.40 2.10
N ASP B 143 3.29 -55.59 2.11
CA ASP B 143 1.97 -55.98 1.62
C ASP B 143 2.07 -56.30 0.12
N ARG B 144 2.64 -55.38 -0.66
CA ARG B 144 2.79 -55.58 -2.09
C ARG B 144 3.66 -56.79 -2.39
N TYR B 145 4.72 -57.01 -1.59
CA TYR B 145 5.58 -58.17 -1.77
C TYR B 145 4.81 -59.48 -1.60
N HIS B 146 4.01 -59.60 -0.54
CA HIS B 146 3.24 -60.81 -0.31
C HIS B 146 2.23 -61.05 -1.43
N ASN B 147 1.62 -59.97 -1.93
CA ASN B 147 0.67 -60.03 -3.04
C ASN B 147 1.37 -60.51 -4.32
N MET B 148 2.60 -60.02 -4.60
CA MET B 148 3.36 -60.42 -5.78
C MET B 148 3.65 -61.91 -5.82
N THR B 149 3.89 -62.54 -4.67
CA THR B 149 4.17 -63.97 -4.63
C THR B 149 2.93 -64.77 -5.02
N THR B 150 1.77 -64.33 -4.50
CA THR B 150 0.50 -65.00 -4.72
C THR B 150 -0.28 -64.36 -5.89
N LEU B 151 0.44 -63.84 -6.93
CA LEU B 151 -0.18 -63.18 -8.09
C LEU B 151 -0.67 -64.17 -9.16
N GLY B 152 -1.29 -65.24 -8.69
CA GLY B 152 -1.89 -66.25 -9.55
C GLY B 152 -3.40 -66.07 -9.54
N ALA B 153 -4.08 -66.58 -10.57
CA ALA B 153 -5.54 -66.47 -10.74
C ALA B 153 -6.05 -65.01 -10.87
N LEU B 154 -5.12 -64.05 -11.11
CA LEU B 154 -5.48 -62.65 -11.34
C LEU B 154 -5.50 -62.45 -12.86
N ARG B 155 -6.50 -61.72 -13.37
CA ARG B 155 -6.67 -61.49 -14.81
C ARG B 155 -5.40 -60.91 -15.44
N PRO B 156 -4.99 -61.38 -16.63
CA PRO B 156 -3.74 -60.90 -17.23
C PRO B 156 -3.63 -59.38 -17.41
N ASP B 157 -4.75 -58.70 -17.68
CA ASP B 157 -4.75 -57.24 -17.84
C ASP B 157 -4.58 -56.50 -16.51
N LYS B 158 -5.03 -57.11 -15.40
CA LYS B 158 -4.91 -56.54 -14.07
C LYS B 158 -3.51 -56.84 -13.52
N ARG B 159 -3.06 -58.10 -13.63
CA ARG B 159 -1.73 -58.56 -13.19
C ARG B 159 -0.63 -57.70 -13.77
N ALA B 160 -0.73 -57.33 -15.05
CA ALA B 160 0.27 -56.54 -15.73
C ALA B 160 0.36 -55.14 -15.16
N ARG B 161 -0.77 -54.56 -14.71
CA ARG B 161 -0.73 -53.22 -14.14
C ARG B 161 -0.25 -53.23 -12.70
N ILE B 162 -0.48 -54.32 -11.95
CA ILE B 162 0.04 -54.43 -10.59
C ILE B 162 1.57 -54.57 -10.67
N ALA B 163 2.06 -55.39 -11.62
CA ALA B 163 3.48 -55.59 -11.82
C ALA B 163 4.17 -54.33 -12.38
N GLN B 164 3.46 -53.54 -13.20
CA GLN B 164 4.02 -52.31 -13.74
C GLN B 164 4.11 -51.25 -12.66
N GLU B 165 3.05 -51.07 -11.86
CA GLU B 165 3.05 -50.09 -10.78
C GLU B 165 4.12 -50.44 -9.73
N THR B 166 4.28 -51.74 -9.43
CA THR B 166 5.27 -52.23 -8.49
C THR B 166 6.66 -51.93 -9.02
N PHE B 167 6.90 -52.23 -10.29
CA PHE B 167 8.19 -51.99 -10.93
C PHE B 167 8.54 -50.50 -11.04
N ASP B 168 7.56 -49.67 -11.38
CA ASP B 168 7.77 -48.24 -11.59
C ASP B 168 7.97 -47.48 -10.31
N ILE B 169 7.24 -47.84 -9.24
CA ILE B 169 7.29 -47.08 -8.01
C ILE B 169 7.76 -47.86 -6.79
N PHE B 170 7.20 -49.05 -6.55
CA PHE B 170 7.57 -49.82 -5.35
C PHE B 170 9.03 -50.27 -5.33
N VAL B 171 9.56 -50.73 -6.47
CA VAL B 171 10.98 -51.11 -6.54
C VAL B 171 11.89 -49.89 -6.25
N PRO B 172 11.76 -48.72 -6.93
CA PRO B 172 12.58 -47.56 -6.56
C PRO B 172 12.38 -47.07 -5.12
N MET B 173 11.13 -47.13 -4.63
CA MET B 173 10.80 -46.71 -3.28
C MET B 173 11.47 -47.59 -2.24
N ALA B 174 11.55 -48.91 -2.50
CA ALA B 174 12.18 -49.89 -1.61
C ALA B 174 13.67 -49.64 -1.50
N ARG B 175 14.32 -49.29 -2.60
CA ARG B 175 15.75 -48.97 -2.57
C ARG B 175 15.98 -47.68 -1.81
N LEU B 176 15.08 -46.69 -1.97
CA LEU B 176 15.14 -45.39 -1.30
C LEU B 176 15.14 -45.56 0.21
N VAL B 177 14.34 -46.48 0.72
CA VAL B 177 14.20 -46.75 2.15
C VAL B 177 15.16 -47.88 2.66
N GLY B 178 16.22 -48.15 1.90
CA GLY B 178 17.24 -49.12 2.25
C GLY B 178 16.84 -50.58 2.31
N MET B 179 15.69 -50.95 1.75
CA MET B 179 15.24 -52.34 1.71
C MET B 179 15.62 -52.94 0.34
N ASN B 180 16.94 -53.05 0.08
CA ASN B 180 17.46 -53.51 -1.20
C ASN B 180 17.21 -55.00 -1.49
N GLU B 181 17.11 -55.84 -0.45
CA GLU B 181 16.80 -57.24 -0.68
C GLU B 181 15.35 -57.35 -1.17
N MET B 182 14.43 -56.65 -0.49
CA MET B 182 13.00 -56.54 -0.81
C MET B 182 12.87 -56.00 -2.23
N ALA B 183 13.61 -54.93 -2.58
CA ALA B 183 13.53 -54.33 -3.91
C ALA B 183 13.93 -55.32 -4.97
N ASP B 184 14.99 -56.10 -4.72
CA ASP B 184 15.46 -57.12 -5.68
C ASP B 184 14.38 -58.20 -5.84
N ASN B 185 13.78 -58.67 -4.74
CA ASN B 185 12.75 -59.69 -4.75
C ASN B 185 11.50 -59.22 -5.47
N LEU B 186 11.15 -57.92 -5.31
CA LEU B 186 10.00 -57.31 -5.99
C LEU B 186 10.28 -57.24 -7.48
N GLU B 187 11.46 -56.77 -7.85
CA GLU B 187 11.85 -56.63 -9.25
C GLU B 187 11.84 -57.97 -9.97
N ASN B 188 12.27 -59.03 -9.28
CA ASN B 188 12.28 -60.39 -9.82
C ASN B 188 10.83 -60.81 -10.15
N LEU B 189 9.90 -60.64 -9.20
CA LEU B 189 8.50 -60.98 -9.40
C LEU B 189 7.82 -60.09 -10.43
N CYS B 190 8.33 -58.86 -10.64
CA CYS B 190 7.82 -57.96 -11.66
C CYS B 190 8.18 -58.51 -13.03
N TYR B 191 9.42 -59.01 -13.21
CA TYR B 191 9.83 -59.59 -14.48
C TYR B 191 9.03 -60.86 -14.80
N GLN B 192 8.71 -61.65 -13.76
CA GLN B 192 7.93 -62.89 -13.85
C GLN B 192 6.50 -62.64 -14.36
N ASN B 193 5.93 -61.45 -14.06
CA ASN B 193 4.58 -61.13 -14.49
C ASN B 193 4.50 -60.14 -15.66
N LEU B 194 5.62 -59.50 -16.03
CA LEU B 194 5.62 -58.57 -17.16
C LEU B 194 6.12 -59.19 -18.47
N ASP B 195 6.89 -60.30 -18.37
CA ASP B 195 7.43 -61.00 -19.52
C ASP B 195 7.76 -62.43 -19.06
N LEU B 196 6.73 -63.23 -18.77
CA LEU B 196 6.86 -64.61 -18.29
C LEU B 196 7.78 -65.48 -19.15
N ASP B 197 7.66 -65.40 -20.49
CA ASP B 197 8.50 -66.20 -21.40
C ASP B 197 9.99 -65.85 -21.31
N MET B 198 10.34 -64.57 -21.38
CA MET B 198 11.73 -64.13 -21.27
C MET B 198 12.28 -64.37 -19.87
N PHE B 199 11.43 -64.25 -18.83
CA PHE B 199 11.83 -64.50 -17.45
C PHE B 199 12.20 -65.96 -17.27
N ASP B 200 11.38 -66.89 -17.78
CA ASP B 200 11.63 -68.32 -17.66
C ASP B 200 12.88 -68.75 -18.41
N ASN B 201 13.20 -68.09 -19.53
CA ASN B 201 14.38 -68.43 -20.31
C ASN B 201 15.65 -68.01 -19.58
N VAL B 202 15.65 -66.80 -18.99
CA VAL B 202 16.81 -66.30 -18.26
C VAL B 202 16.96 -67.02 -16.92
N GLN B 203 15.85 -67.29 -16.24
CA GLN B 203 15.86 -67.97 -14.94
C GLN B 203 16.37 -69.40 -15.02
N ASN B 204 16.13 -70.08 -16.15
CA ASN B 204 16.62 -71.45 -16.35
C ASN B 204 18.10 -71.47 -16.66
N ALA B 205 18.59 -70.46 -17.40
CA ALA B 205 20.01 -70.34 -17.69
C ALA B 205 20.76 -69.99 -16.41
N LEU B 206 20.18 -69.11 -15.57
CA LEU B 206 20.78 -68.74 -14.29
C LEU B 206 20.88 -69.96 -13.38
N LEU B 207 19.84 -70.80 -13.37
CA LEU B 207 19.79 -72.02 -12.56
C LEU B 207 20.77 -73.09 -13.06
N GLN B 208 20.85 -73.30 -14.38
CA GLN B 208 21.76 -74.32 -14.93
C GLN B 208 23.21 -73.92 -14.76
N THR B 209 23.52 -72.63 -14.93
CA THR B 209 24.88 -72.14 -14.78
C THR B 209 25.24 -71.72 -13.34
N LYS B 210 24.32 -71.89 -12.38
CA LYS B 210 24.54 -71.51 -10.97
C LYS B 210 25.76 -72.17 -10.34
N PRO B 211 25.92 -73.52 -10.36
CA PRO B 211 27.13 -74.11 -9.76
C PRO B 211 28.43 -73.70 -10.42
N GLU B 212 28.43 -73.49 -11.73
CA GLU B 212 29.64 -73.06 -12.44
C GLU B 212 29.97 -71.59 -12.07
N ARG B 213 28.95 -70.76 -11.90
CA ARG B 213 29.11 -69.37 -11.50
C ARG B 213 29.63 -69.28 -10.05
N CYS B 214 29.25 -70.22 -9.18
CA CYS B 214 29.73 -70.28 -7.79
C CYS B 214 31.23 -70.55 -7.78
N LYS B 215 31.66 -71.51 -8.62
CA LYS B 215 33.05 -71.91 -8.77
C LYS B 215 33.90 -70.73 -9.23
N TYR B 216 33.44 -69.99 -10.26
CA TYR B 216 34.22 -68.86 -10.78
C TYR B 216 34.15 -67.63 -9.89
N GLN B 217 33.07 -67.46 -9.11
CA GLN B 217 33.01 -66.36 -8.14
C GLN B 217 34.04 -66.63 -7.03
N SER B 218 34.19 -67.90 -6.61
CA SER B 218 35.18 -68.33 -5.62
C SER B 218 36.60 -68.11 -6.15
N ILE B 219 36.82 -68.39 -7.45
CA ILE B 219 38.11 -68.19 -8.11
C ILE B 219 38.45 -66.71 -8.08
N TRP B 220 37.50 -65.85 -8.47
CA TRP B 220 37.75 -64.42 -8.53
C TRP B 220 37.83 -63.75 -7.18
N GLU B 221 37.22 -64.33 -6.14
CA GLU B 221 37.35 -63.80 -4.79
C GLU B 221 38.81 -64.00 -4.34
N GLN B 222 39.41 -65.16 -4.68
CA GLN B 222 40.80 -65.49 -4.39
C GLN B 222 41.75 -64.66 -5.24
N ASN B 223 41.42 -64.44 -6.52
CA ASN B 223 42.23 -63.61 -7.44
C ASN B 223 42.30 -62.16 -6.97
N LEU B 224 41.19 -61.66 -6.42
CA LEU B 224 41.10 -60.30 -5.89
C LEU B 224 41.83 -60.21 -4.53
N ALA B 225 41.78 -61.28 -3.73
CA ALA B 225 42.47 -61.32 -2.44
C ALA B 225 43.98 -61.27 -2.63
N GLU B 226 44.50 -61.97 -3.65
CA GLU B 226 45.95 -61.94 -3.89
C GLU B 226 46.37 -60.67 -4.61
N LEU B 227 45.49 -60.02 -5.41
CA LEU B 227 45.80 -58.73 -6.02
C LEU B 227 45.98 -57.68 -4.91
N LEU B 228 45.10 -57.67 -3.90
CA LEU B 228 45.18 -56.74 -2.78
C LEU B 228 46.48 -56.93 -2.02
N HIS B 229 46.90 -58.20 -1.83
CA HIS B 229 48.13 -58.56 -1.15
C HIS B 229 49.37 -58.13 -1.94
N ASN B 230 49.38 -58.31 -3.26
CA ASN B 230 50.50 -57.94 -4.12
C ASN B 230 50.75 -56.44 -4.13
N TYR B 231 49.68 -55.65 -4.11
CA TYR B 231 49.82 -54.19 -4.09
C TYR B 231 49.85 -53.60 -2.68
N HIS B 232 50.00 -54.45 -1.65
CA HIS B 232 50.08 -54.12 -0.22
C HIS B 232 48.92 -53.24 0.25
N ILE B 233 47.70 -53.61 -0.14
CA ILE B 233 46.47 -52.93 0.23
C ILE B 233 45.72 -53.79 1.24
N GLN B 234 45.43 -53.24 2.42
CA GLN B 234 44.68 -53.95 3.43
C GLN B 234 43.20 -53.75 3.16
N GLY B 235 42.46 -54.85 3.04
CA GLY B 235 41.03 -54.77 2.79
C GLY B 235 40.27 -56.07 2.94
N ARG B 236 38.93 -55.97 2.93
CA ARG B 236 38.01 -57.09 3.04
C ARG B 236 37.28 -57.27 1.73
N ILE B 237 37.03 -58.50 1.32
CA ILE B 237 36.32 -58.78 0.07
C ILE B 237 35.03 -59.53 0.35
N LYS B 238 33.91 -59.03 -0.16
CA LYS B 238 32.61 -59.64 0.06
C LYS B 238 32.00 -60.06 -1.25
N LYS B 239 31.63 -61.34 -1.38
CA LYS B 239 30.97 -61.83 -2.57
C LYS B 239 29.55 -61.27 -2.56
N LYS B 240 29.13 -60.68 -3.66
CA LYS B 240 27.81 -60.09 -3.75
C LYS B 240 26.95 -60.88 -4.73
N ASN B 241 25.67 -61.06 -4.40
CA ASN B 241 24.77 -61.77 -5.28
C ASN B 241 24.47 -60.89 -6.49
N ASN B 242 24.51 -61.50 -7.66
CA ASN B 242 24.42 -60.89 -8.97
C ASN B 242 23.13 -61.17 -9.74
N ASN B 243 22.30 -62.10 -9.25
CA ASN B 243 21.10 -62.60 -9.91
C ASN B 243 20.15 -61.55 -10.50
N ILE B 244 19.82 -60.47 -9.76
CA ILE B 244 18.90 -59.46 -10.29
C ILE B 244 19.58 -58.64 -11.39
N GLU B 245 20.88 -58.36 -11.27
CA GLU B 245 21.60 -57.60 -12.31
C GLU B 245 21.70 -58.39 -13.60
N LEU B 246 21.89 -59.71 -13.50
CA LEU B 246 21.97 -60.61 -14.63
C LEU B 246 20.61 -60.78 -15.28
N LEU B 247 19.55 -60.95 -14.47
CA LEU B 247 18.19 -61.10 -14.98
C LEU B 247 17.77 -59.82 -15.69
N ARG B 248 17.98 -58.67 -15.05
CA ARG B 248 17.69 -57.34 -15.57
C ARG B 248 18.34 -57.11 -16.94
N HIS B 249 19.54 -57.62 -17.12
CA HIS B 249 20.27 -57.49 -18.37
C HIS B 249 19.78 -58.45 -19.46
N PHE B 250 19.77 -59.76 -19.18
CA PHE B 250 19.43 -60.75 -20.19
C PHE B 250 17.94 -60.82 -20.53
N VAL B 251 17.07 -60.12 -19.79
CA VAL B 251 15.66 -60.05 -20.17
C VAL B 251 15.49 -59.12 -21.40
N LYS B 252 16.41 -58.13 -21.58
CA LYS B 252 16.43 -57.20 -22.70
C LYS B 252 17.61 -57.42 -23.68
N ASN B 253 18.42 -58.47 -23.47
CA ASN B 253 19.59 -58.75 -24.32
C ASN B 253 19.65 -60.22 -24.76
N GLU B 254 20.37 -60.49 -25.86
CA GLU B 254 20.54 -61.84 -26.37
C GLU B 254 21.35 -62.68 -25.38
N MET B 255 20.96 -63.95 -25.16
CA MET B 255 21.63 -64.82 -24.19
C MET B 255 23.05 -65.22 -24.60
N ASP B 256 24.00 -65.02 -23.68
CA ASP B 256 25.40 -65.35 -23.81
C ASP B 256 25.72 -66.12 -22.54
N LEU B 257 25.69 -67.46 -22.60
CA LEU B 257 25.93 -68.32 -21.45
C LEU B 257 27.30 -68.15 -20.82
N GLN B 258 28.30 -67.74 -21.60
CA GLN B 258 29.64 -67.52 -21.06
C GLN B 258 29.64 -66.23 -20.23
N GLU B 259 29.00 -65.18 -20.74
CA GLU B 259 28.91 -63.90 -20.04
C GLU B 259 28.10 -64.04 -18.75
N LEU B 260 27.03 -64.86 -18.78
CA LEU B 260 26.16 -65.12 -17.64
C LEU B 260 26.90 -65.93 -16.56
N THR B 261 27.77 -66.86 -16.97
CA THR B 261 28.52 -67.70 -16.03
C THR B 261 29.69 -66.93 -15.43
N HIS B 262 30.36 -66.08 -16.24
CA HIS B 262 31.55 -65.39 -15.79
C HIS B 262 31.35 -63.92 -15.45
N SER B 263 30.17 -63.56 -14.95
CA SER B 263 29.92 -62.19 -14.51
C SER B 263 29.79 -62.25 -12.99
N HIS B 264 30.60 -61.48 -12.24
CA HIS B 264 30.55 -61.52 -10.77
C HIS B 264 30.57 -60.14 -10.13
N ALA B 265 30.00 -60.03 -8.93
CA ALA B 265 29.99 -58.75 -8.23
C ALA B 265 30.61 -58.89 -6.85
N PHE B 266 31.39 -57.88 -6.44
CA PHE B 266 32.07 -57.88 -5.16
C PHE B 266 32.02 -56.51 -4.49
N GLU B 267 32.14 -56.51 -3.16
CA GLU B 267 32.22 -55.31 -2.35
C GLU B 267 33.60 -55.33 -1.69
N ILE B 268 34.41 -54.27 -1.86
CA ILE B 268 35.74 -54.22 -1.25
C ILE B 268 35.82 -53.12 -0.19
N VAL B 269 36.02 -53.50 1.07
CA VAL B 269 36.06 -52.54 2.16
C VAL B 269 37.49 -52.23 2.57
N LEU B 270 37.96 -51.03 2.21
CA LEU B 270 39.33 -50.61 2.50
C LEU B 270 39.43 -49.72 3.76
N GLN B 271 40.67 -49.39 4.18
CA GLN B 271 40.87 -48.62 5.40
C GLN B 271 40.85 -47.11 5.18
N SER B 272 41.33 -46.64 4.01
CA SER B 272 41.40 -45.20 3.75
C SER B 272 41.05 -44.83 2.29
N ILE B 273 40.82 -43.53 2.01
CA ILE B 273 40.52 -43.09 0.66
C ILE B 273 41.74 -43.25 -0.26
N ALA B 274 42.95 -43.07 0.27
CA ALA B 274 44.17 -43.26 -0.51
C ALA B 274 44.28 -44.71 -1.00
N ASP B 275 43.86 -45.67 -0.15
CA ASP B 275 43.84 -47.10 -0.47
C ASP B 275 42.80 -47.39 -1.57
N CYS B 276 41.68 -46.66 -1.58
CA CYS B 276 40.63 -46.82 -2.58
C CYS B 276 41.14 -46.45 -3.95
N ASP B 277 41.84 -45.31 -4.03
CA ASP B 277 42.41 -44.83 -5.28
C ASP B 277 43.58 -45.70 -5.73
N ARG B 278 44.34 -46.22 -4.77
CA ARG B 278 45.46 -47.15 -5.09
C ARG B 278 44.89 -48.44 -5.68
N LEU B 279 43.82 -48.97 -5.09
CA LEU B 279 43.20 -50.19 -5.60
C LEU B 279 42.65 -49.97 -7.00
N VAL B 280 42.05 -48.79 -7.26
CA VAL B 280 41.54 -48.47 -8.59
C VAL B 280 42.69 -48.42 -9.61
N ALA B 281 43.82 -47.83 -9.22
CA ALA B 281 44.99 -47.75 -10.09
C ALA B 281 45.53 -49.15 -10.39
N ALA B 282 45.58 -50.02 -9.36
CA ALA B 282 46.06 -51.39 -9.50
C ALA B 282 45.15 -52.18 -10.42
N LEU B 283 43.83 -52.03 -10.27
CA LEU B 283 42.85 -52.73 -11.09
C LEU B 283 42.94 -52.32 -12.55
N LYS B 284 43.23 -51.04 -12.82
CA LYS B 284 43.37 -50.53 -14.18
C LYS B 284 44.55 -51.22 -14.90
N GLU B 285 45.63 -51.50 -14.16
CA GLU B 285 46.81 -52.16 -14.71
C GLU B 285 46.50 -53.58 -15.17
N ASN B 286 45.68 -54.32 -14.42
CA ASN B 286 45.40 -55.72 -14.73
C ASN B 286 44.14 -55.97 -15.53
N PHE B 287 43.23 -54.98 -15.62
CA PHE B 287 41.97 -55.18 -16.32
C PHE B 287 41.62 -54.05 -17.29
N GLN B 288 40.65 -54.30 -18.15
CA GLN B 288 40.10 -53.35 -19.09
C GLN B 288 38.93 -52.69 -18.35
N VAL B 289 38.89 -51.34 -18.28
CA VAL B 289 37.80 -50.66 -17.58
C VAL B 289 36.56 -50.42 -18.46
N ILE B 290 35.43 -51.03 -18.10
CA ILE B 290 34.17 -50.88 -18.81
C ILE B 290 33.43 -49.63 -18.34
N GLN B 291 33.32 -49.44 -17.02
CA GLN B 291 32.61 -48.30 -16.45
C GLN B 291 33.25 -47.86 -15.12
N TYR B 292 33.26 -46.56 -14.84
CA TYR B 292 33.84 -46.04 -13.61
C TYR B 292 33.03 -44.86 -13.10
N GLN B 293 32.66 -44.88 -11.82
CA GLN B 293 31.89 -43.82 -11.20
C GLN B 293 32.55 -43.44 -9.89
N ASP B 294 32.90 -42.18 -9.72
CA ASP B 294 33.54 -41.71 -8.50
C ASP B 294 32.54 -41.07 -7.56
N HIS B 295 32.00 -41.85 -6.62
CA HIS B 295 31.06 -41.31 -5.64
C HIS B 295 31.75 -40.89 -4.33
N ILE B 296 33.08 -40.76 -4.32
CA ILE B 296 33.81 -40.27 -3.16
C ILE B 296 33.96 -38.77 -3.33
N ARG B 297 34.47 -38.32 -4.48
CA ARG B 297 34.63 -36.90 -4.77
C ARG B 297 33.25 -36.27 -5.04
N ARG B 298 32.35 -37.00 -5.73
CA ARG B 298 30.97 -36.57 -6.00
C ARG B 298 30.01 -37.57 -5.33
N PRO B 299 29.73 -37.40 -4.01
CA PRO B 299 28.85 -38.33 -3.31
C PRO B 299 27.42 -38.37 -3.83
N LEU B 300 26.78 -39.51 -3.68
CA LEU B 300 25.40 -39.69 -4.10
C LEU B 300 24.45 -38.89 -3.20
N PRO B 301 23.24 -38.53 -3.69
CA PRO B 301 22.27 -37.86 -2.81
C PRO B 301 21.95 -38.78 -1.64
N GLY B 302 22.04 -38.23 -0.44
CA GLY B 302 21.93 -39.02 0.78
C GLY B 302 23.24 -39.02 1.53
N GLY B 303 24.35 -38.92 0.79
CA GLY B 303 25.69 -38.90 1.35
C GLY B 303 26.48 -40.18 1.17
N ASN B 304 25.96 -41.13 0.37
CA ASN B 304 26.66 -42.40 0.14
C ASN B 304 27.90 -42.25 -0.72
N GLN B 305 29.05 -42.70 -0.17
CA GLN B 305 30.31 -42.64 -0.90
C GLN B 305 30.80 -44.01 -1.27
N SER B 306 31.40 -44.13 -2.44
CA SER B 306 31.86 -45.41 -3.00
C SER B 306 32.57 -45.17 -4.34
N LEU B 307 33.30 -46.16 -4.83
CA LEU B 307 33.96 -46.09 -6.13
C LEU B 307 33.45 -47.29 -6.86
N MET B 308 32.71 -47.08 -7.94
CA MET B 308 32.13 -48.21 -8.67
C MET B 308 32.81 -48.42 -9.99
N ILE B 309 33.54 -49.52 -10.10
CA ILE B 309 34.27 -49.82 -11.31
C ILE B 309 33.89 -51.19 -11.87
N LYS B 310 33.56 -51.23 -13.15
CA LYS B 310 33.21 -52.46 -13.84
C LYS B 310 34.40 -52.82 -14.70
N LEU B 311 35.05 -53.95 -14.40
CA LEU B 311 36.25 -54.39 -15.11
C LEU B 311 35.95 -55.57 -16.03
N LYS B 312 36.78 -55.77 -17.06
CA LYS B 312 36.55 -56.85 -18.00
C LYS B 312 37.63 -57.90 -17.97
N GLY B 313 38.87 -57.55 -18.29
CA GLY B 313 39.93 -58.54 -18.36
C GLY B 313 39.68 -59.46 -19.55
N GLU B 314 39.86 -60.77 -19.37
CA GLU B 314 39.62 -61.71 -20.47
C GLU B 314 38.33 -62.55 -20.26
N LYS B 315 37.27 -62.15 -20.96
CA LYS B 315 35.96 -62.81 -20.96
C LYS B 315 35.39 -63.18 -19.56
N THR B 316 35.51 -62.25 -18.61
CA THR B 316 35.01 -62.37 -17.23
C THR B 316 34.80 -60.95 -16.72
N THR B 317 33.55 -60.51 -16.54
CA THR B 317 33.29 -59.14 -16.08
C THR B 317 33.05 -59.10 -14.56
N LEU B 318 33.68 -58.13 -13.88
CA LEU B 318 33.60 -57.92 -12.44
C LEU B 318 32.99 -56.55 -12.10
N SER B 319 31.99 -56.53 -11.22
CA SER B 319 31.38 -55.27 -10.78
C SER B 319 31.82 -55.07 -9.34
N LEU B 320 32.70 -54.10 -9.10
CA LEU B 320 33.24 -53.86 -7.77
C LEU B 320 32.81 -52.52 -7.19
N THR B 321 32.45 -52.51 -5.91
CA THR B 321 32.12 -51.27 -5.21
C THR B 321 33.17 -51.16 -4.12
N ILE B 322 34.03 -50.15 -4.21
CA ILE B 322 35.12 -49.95 -3.27
C ILE B 322 34.82 -48.78 -2.35
N GLN B 323 34.86 -49.00 -1.03
CA GLN B 323 34.59 -47.94 -0.08
C GLN B 323 35.36 -48.15 1.22
N THR B 324 35.59 -47.08 1.96
CA THR B 324 36.32 -47.17 3.23
C THR B 324 35.42 -47.75 4.33
N GLU B 325 36.02 -48.16 5.46
CA GLU B 325 35.28 -48.68 6.59
C GLU B 325 34.31 -47.59 7.13
N LEU B 326 34.70 -46.28 7.04
CA LEU B 326 33.88 -45.14 7.49
C LEU B 326 32.71 -44.93 6.56
N MET B 327 32.92 -45.06 5.25
CA MET B 327 31.85 -44.90 4.27
C MET B 327 30.77 -45.95 4.45
N ARG B 328 31.18 -47.17 4.71
CA ARG B 328 30.28 -48.28 4.94
C ARG B 328 29.46 -48.05 6.20
N LYS B 329 30.07 -47.48 7.26
CA LYS B 329 29.38 -47.19 8.51
C LYS B 329 28.42 -46.01 8.37
N ALA B 330 28.81 -44.97 7.62
CA ALA B 330 27.98 -43.79 7.39
C ALA B 330 26.72 -44.14 6.60
N ALA B 331 26.83 -45.09 5.66
CA ALA B 331 25.73 -45.57 4.85
C ALA B 331 24.65 -46.25 5.71
N ARG B 332 25.01 -46.84 6.86
CA ARG B 332 24.05 -47.52 7.73
C ARG B 332 23.47 -46.57 8.83
N PHE B 333 23.54 -45.23 8.62
CA PHE B 333 23.00 -44.26 9.59
C PHE B 333 21.44 -44.10 9.51
N GLY B 334 20.89 -43.49 10.56
CA GLY B 334 19.43 -43.50 10.72
C GLY B 334 19.15 -44.68 11.63
N VAL B 335 17.89 -45.00 11.95
CA VAL B 335 17.71 -46.21 12.81
C VAL B 335 17.72 -47.36 11.83
N VAL B 336 18.90 -47.67 11.29
CA VAL B 336 19.01 -48.76 10.28
C VAL B 336 19.73 -49.94 10.92
N LEU B 337 19.17 -51.14 10.81
CA LEU B 337 19.77 -52.33 11.41
C LEU B 337 20.64 -53.12 10.40
N GLY B 338 20.94 -54.39 10.69
CA GLY B 338 21.74 -55.24 9.82
C GLY B 338 20.87 -56.10 8.93
N ASN B 340 18.01 -55.89 3.70
CA ASN B 340 16.77 -55.37 4.31
C ASN B 340 16.97 -54.73 5.70
N ALA B 341 17.02 -53.41 5.73
CA ALA B 341 17.17 -52.64 6.97
C ALA B 341 16.35 -51.36 6.79
N PRO B 342 15.08 -51.41 7.22
CA PRO B 342 14.21 -50.25 7.01
C PRO B 342 14.74 -48.93 7.57
N GLN B 343 14.92 -47.96 6.66
CA GLN B 343 15.39 -46.63 7.02
C GLN B 343 14.17 -45.77 7.42
N THR B 344 14.02 -45.42 8.71
CA THR B 344 12.85 -44.65 9.15
C THR B 344 13.15 -43.18 9.48
N CYS B 345 14.28 -42.65 8.97
CA CYS B 345 14.60 -41.24 9.19
C CYS B 345 14.21 -40.42 7.98
N ARG B 346 13.29 -39.48 8.19
CA ARG B 346 12.74 -38.58 7.18
C ARG B 346 13.80 -37.69 6.53
N SER B 347 14.81 -37.26 7.30
CA SER B 347 15.87 -36.40 6.78
C SER B 347 16.72 -37.19 5.81
N ALA B 348 17.08 -38.44 6.19
CA ALA B 348 17.86 -39.34 5.33
C ALA B 348 17.07 -39.67 4.06
N ILE B 349 15.78 -39.98 4.19
CA ILE B 349 14.92 -40.29 3.06
C ILE B 349 14.82 -39.06 2.13
N GLN B 350 14.44 -37.90 2.67
CA GLN B 350 14.32 -36.68 1.89
C GLN B 350 15.62 -36.26 1.21
N ALA B 351 16.78 -36.47 1.86
CA ALA B 351 18.07 -36.14 1.26
C ALA B 351 18.34 -37.01 0.04
N SER B 352 17.99 -38.30 0.12
CA SER B 352 18.23 -39.25 -0.95
C SER B 352 17.17 -39.28 -2.04
N MET B 353 16.11 -38.45 -1.94
CA MET B 353 15.03 -38.40 -2.93
C MET B 353 15.50 -38.09 -4.33
N GLN B 354 16.58 -37.30 -4.46
CA GLN B 354 17.15 -36.97 -5.76
C GLN B 354 17.67 -38.18 -6.55
N ASN B 355 17.83 -39.34 -5.90
CA ASN B 355 18.23 -40.58 -6.55
C ASN B 355 17.09 -41.17 -7.37
N LEU B 356 15.82 -40.94 -6.98
CA LEU B 356 14.65 -41.42 -7.72
C LEU B 356 14.47 -40.67 -9.06
N ASN B 357 15.12 -39.47 -9.25
CA ASN B 357 15.04 -38.68 -10.51
C ASN B 357 15.39 -39.54 -11.76
N THR B 358 14.90 -39.12 -12.95
CA THR B 358 14.98 -39.84 -14.26
C THR B 358 14.05 -41.09 -14.31
N LEU B 359 13.14 -41.23 -13.31
CA LEU B 359 12.16 -42.30 -13.21
C LEU B 359 10.81 -41.71 -12.77
N ALA B 365 11.37 -39.23 -16.86
CA ALA B 365 12.14 -38.53 -15.84
C ALA B 365 11.26 -37.61 -14.98
N LYS B 366 11.36 -37.70 -13.64
CA LYS B 366 10.58 -36.81 -12.76
C LYS B 366 11.36 -35.52 -12.39
N THR B 367 12.34 -35.13 -13.25
CA THR B 367 13.15 -33.92 -13.09
C THR B 367 12.43 -32.75 -13.77
N THR B 368 11.20 -32.46 -13.31
CA THR B 368 10.35 -31.40 -13.82
C THR B 368 9.90 -30.47 -12.67
N PHE B 369 9.70 -31.04 -11.46
CA PHE B 369 9.30 -30.27 -10.29
C PHE B 369 10.43 -29.33 -9.87
N ASN B 370 11.64 -29.88 -9.58
CA ASN B 370 12.84 -29.14 -9.11
C ASN B 370 12.57 -28.30 -7.83
N ASP B 371 11.37 -28.43 -7.27
CA ASP B 371 10.88 -27.78 -6.07
C ASP B 371 10.29 -28.94 -5.31
N LEU B 372 11.16 -29.79 -4.79
CA LEU B 372 10.79 -30.97 -4.02
C LEU B 372 9.98 -30.57 -2.79
N LEU B 373 10.40 -29.48 -2.14
CA LEU B 373 9.78 -28.97 -0.94
C LEU B 373 8.39 -28.48 -1.16
N ASP B 374 8.12 -27.83 -2.29
CA ASP B 374 6.77 -27.35 -2.60
C ASP B 374 5.86 -28.57 -2.88
N TYR B 375 6.39 -29.50 -3.66
CA TYR B 375 5.83 -30.78 -4.04
C TYR B 375 5.38 -31.60 -2.81
N LEU B 376 6.25 -31.69 -1.77
CA LEU B 376 5.92 -32.48 -0.59
C LEU B 376 5.05 -31.74 0.40
N HIS B 377 5.40 -30.48 0.71
CA HIS B 377 4.69 -29.70 1.72
C HIS B 377 3.29 -29.29 1.28
N GLN B 378 3.04 -29.20 -0.04
CA GLN B 378 1.70 -28.88 -0.51
C GLN B 378 0.91 -30.17 -0.64
N GLU B 379 0.14 -30.51 0.41
CA GLU B 379 -0.67 -31.74 0.47
C GLU B 379 -1.76 -31.76 -0.60
N LYS B 380 -1.83 -32.88 -1.35
CA LYS B 380 -2.83 -33.05 -2.41
C LYS B 380 -3.85 -34.13 -2.08
N ILE B 381 -4.92 -34.21 -2.88
CA ILE B 381 -5.97 -35.22 -2.81
C ILE B 381 -6.14 -35.82 -4.21
N TRP B 382 -6.41 -37.12 -4.27
CA TRP B 382 -6.53 -37.81 -5.53
C TRP B 382 -7.94 -38.29 -5.76
N VAL B 383 -8.76 -37.47 -6.44
CA VAL B 383 -10.16 -37.75 -6.77
C VAL B 383 -10.29 -38.18 -8.23
N TYR B 384 -11.37 -38.87 -8.57
CA TYR B 384 -11.54 -39.42 -9.91
C TYR B 384 -12.83 -39.06 -10.64
N THR B 385 -12.77 -39.10 -11.98
CA THR B 385 -13.89 -38.89 -12.89
C THR B 385 -14.61 -40.25 -13.00
N PRO B 386 -15.90 -40.29 -13.34
CA PRO B 386 -16.59 -41.60 -13.41
C PRO B 386 -15.99 -42.59 -14.41
N HIS B 387 -15.12 -42.11 -15.32
CA HIS B 387 -14.37 -42.94 -16.27
C HIS B 387 -13.06 -43.50 -15.67
N GLY B 388 -12.69 -43.04 -14.48
CA GLY B 388 -11.49 -43.46 -13.80
C GLY B 388 -10.35 -42.46 -13.86
N GLN B 389 -10.54 -41.34 -14.54
CA GLN B 389 -9.51 -40.30 -14.71
C GLN B 389 -9.11 -39.63 -13.42
N LEU B 390 -7.80 -39.51 -13.18
CA LEU B 390 -7.27 -38.89 -11.99
C LEU B 390 -7.24 -37.36 -12.03
N HIS B 391 -7.64 -36.76 -10.93
CA HIS B 391 -7.57 -35.32 -10.72
C HIS B 391 -6.84 -35.07 -9.40
N GLU B 392 -5.66 -34.45 -9.46
CA GLU B 392 -4.86 -34.12 -8.29
C GLU B 392 -5.24 -32.68 -7.86
N LEU B 393 -5.92 -32.55 -6.71
CA LEU B 393 -6.37 -31.26 -6.25
C LEU B 393 -5.76 -30.85 -4.92
N PRO B 394 -5.67 -29.55 -4.59
CA PRO B 394 -5.14 -29.18 -3.27
C PRO B 394 -6.04 -29.68 -2.15
N GLN B 395 -5.48 -29.89 -0.94
CA GLN B 395 -6.29 -30.26 0.20
C GLN B 395 -7.36 -29.18 0.47
N GLY B 396 -8.59 -29.61 0.70
CA GLY B 396 -9.66 -28.68 0.94
C GLY B 396 -10.43 -28.29 -0.30
N ALA B 397 -10.07 -28.86 -1.47
CA ALA B 397 -10.76 -28.57 -2.72
C ALA B 397 -12.19 -29.05 -2.64
N THR B 398 -13.13 -28.26 -3.16
CA THR B 398 -14.54 -28.58 -3.17
C THR B 398 -14.96 -29.25 -4.50
N VAL B 399 -16.26 -29.60 -4.68
CA VAL B 399 -16.78 -30.17 -5.91
C VAL B 399 -16.56 -29.21 -7.08
N VAL B 400 -16.69 -27.88 -6.82
CA VAL B 400 -16.48 -26.83 -7.81
C VAL B 400 -15.03 -26.80 -8.30
N ASP B 401 -14.08 -26.99 -7.40
CA ASP B 401 -12.66 -27.04 -7.79
C ASP B 401 -12.40 -28.23 -8.70
N PHE B 402 -13.07 -29.38 -8.45
CA PHE B 402 -12.96 -30.56 -9.29
C PHE B 402 -13.52 -30.25 -10.66
N ALA B 403 -14.72 -29.66 -10.72
CA ALA B 403 -15.39 -29.34 -11.96
C ALA B 403 -14.53 -28.45 -12.86
N TYR B 404 -13.93 -27.40 -12.30
CA TYR B 404 -13.06 -26.52 -13.08
C TYR B 404 -11.78 -27.21 -13.50
N SER B 405 -11.23 -28.11 -12.67
CA SER B 405 -10.04 -28.90 -12.97
C SER B 405 -10.29 -29.79 -14.19
N ALA B 406 -11.49 -30.40 -14.26
CA ALA B 406 -11.87 -31.24 -15.38
C ALA B 406 -11.95 -30.38 -16.67
N SER B 407 -12.61 -29.21 -16.61
CA SER B 407 -12.73 -28.27 -17.73
C SER B 407 -13.51 -27.01 -17.34
N LEU B 408 -13.31 -25.91 -18.08
CA LEU B 408 -14.06 -24.67 -17.87
C LEU B 408 -15.53 -24.90 -18.11
N PHE B 409 -15.88 -25.73 -19.11
CA PHE B 409 -17.28 -26.06 -19.40
C PHE B 409 -17.96 -26.66 -18.16
N LEU B 410 -17.34 -27.70 -17.55
CA LEU B 410 -17.88 -28.39 -16.40
C LEU B 410 -18.07 -27.45 -15.24
N GLY B 411 -17.08 -26.61 -14.98
CA GLY B 411 -17.12 -25.65 -13.90
C GLY B 411 -18.20 -24.60 -14.09
N ASN B 412 -18.17 -23.88 -15.22
CA ASN B 412 -19.13 -22.82 -15.52
C ASN B 412 -20.56 -23.33 -15.58
N HIS B 413 -20.77 -24.52 -16.13
CA HIS B 413 -22.10 -25.08 -16.28
C HIS B 413 -22.51 -26.04 -15.16
N ALA B 414 -21.72 -26.17 -14.07
CA ALA B 414 -22.05 -27.07 -12.96
C ALA B 414 -23.29 -26.60 -12.23
N VAL B 415 -24.24 -27.55 -12.04
CA VAL B 415 -25.47 -27.30 -11.29
C VAL B 415 -25.65 -28.23 -10.04
N GLY B 416 -24.81 -29.25 -9.95
CA GLY B 416 -24.80 -30.21 -8.85
C GLY B 416 -23.74 -31.26 -9.10
N ALA B 417 -23.69 -32.27 -8.24
CA ALA B 417 -22.71 -33.34 -8.38
C ALA B 417 -23.12 -34.58 -7.60
N LYS B 418 -22.56 -35.74 -7.99
CA LYS B 418 -22.77 -36.98 -7.31
C LYS B 418 -21.40 -37.45 -6.89
N VAL B 419 -21.12 -37.43 -5.59
CA VAL B 419 -19.85 -37.89 -5.06
C VAL B 419 -20.09 -39.29 -4.56
N ASP B 420 -19.46 -40.28 -5.23
CA ASP B 420 -19.59 -41.71 -4.94
C ASP B 420 -21.02 -42.18 -5.08
N GLY B 421 -21.70 -41.72 -6.12
CA GLY B 421 -23.08 -42.10 -6.39
C GLY B 421 -24.12 -41.30 -5.64
N GLU B 422 -23.70 -40.56 -4.60
CA GLU B 422 -24.63 -39.80 -3.78
C GLU B 422 -24.66 -38.32 -4.12
N ILE B 423 -25.83 -37.72 -4.24
CA ILE B 423 -25.96 -36.29 -4.50
C ILE B 423 -25.32 -35.46 -3.39
N LYS B 424 -24.44 -34.54 -3.74
CA LYS B 424 -23.77 -33.66 -2.78
C LYS B 424 -23.77 -32.23 -3.32
N PRO B 425 -23.89 -31.21 -2.44
CA PRO B 425 -23.86 -29.82 -2.93
C PRO B 425 -22.49 -29.43 -3.50
N LEU B 426 -22.48 -28.41 -4.36
CA LEU B 426 -21.27 -27.93 -5.01
C LEU B 426 -20.15 -27.49 -4.04
N SER B 427 -20.51 -27.13 -2.81
CA SER B 427 -19.56 -26.69 -1.78
C SER B 427 -18.86 -27.82 -1.03
N THR B 428 -19.23 -29.08 -1.30
CA THR B 428 -18.69 -30.23 -0.60
C THR B 428 -17.20 -30.36 -0.74
N PRO B 429 -16.45 -30.36 0.37
CA PRO B 429 -15.01 -30.60 0.29
C PRO B 429 -14.74 -32.07 -0.07
N LEU B 430 -13.78 -32.32 -0.94
CA LEU B 430 -13.47 -33.65 -1.40
C LEU B 430 -12.46 -34.36 -0.53
N VAL B 431 -12.49 -35.71 -0.57
CA VAL B 431 -11.59 -36.59 0.14
C VAL B 431 -10.96 -37.53 -0.89
N SER B 432 -9.68 -37.91 -0.73
CA SER B 432 -9.02 -38.81 -1.66
C SER B 432 -9.78 -40.13 -1.89
N GLY B 433 -9.81 -40.58 -3.14
CA GLY B 433 -10.47 -41.82 -3.52
C GLY B 433 -11.90 -41.67 -4.03
N GLN B 434 -12.50 -40.49 -3.85
CA GLN B 434 -13.88 -40.25 -4.26
C GLN B 434 -14.07 -40.11 -5.77
N VAL B 435 -15.25 -40.46 -6.28
CA VAL B 435 -15.56 -40.35 -7.69
C VAL B 435 -16.60 -39.26 -7.84
N ILE B 436 -16.28 -38.20 -8.58
CA ILE B 436 -17.18 -37.07 -8.70
C ILE B 436 -17.79 -37.05 -10.06
N GLU B 437 -19.13 -36.94 -10.12
CA GLU B 437 -19.85 -36.81 -11.38
C GLU B 437 -20.46 -35.44 -11.35
N ILE B 438 -19.93 -34.50 -12.12
CA ILE B 438 -20.49 -33.15 -12.17
C ILE B 438 -21.75 -33.18 -13.05
N ILE B 439 -22.84 -32.63 -12.54
CA ILE B 439 -24.10 -32.56 -13.29
C ILE B 439 -24.17 -31.15 -13.84
N THR B 440 -24.32 -31.00 -15.17
CA THR B 440 -24.31 -29.67 -15.78
C THR B 440 -25.61 -29.31 -16.51
N ASP B 441 -25.74 -28.03 -16.94
CA ASP B 441 -26.86 -27.49 -17.70
C ASP B 441 -26.23 -26.48 -18.68
N VAL B 442 -26.42 -26.68 -20.01
CA VAL B 442 -25.83 -25.75 -20.99
C VAL B 442 -26.37 -24.32 -20.89
N LEU B 443 -27.52 -24.13 -20.23
CA LEU B 443 -28.10 -22.80 -20.04
C LEU B 443 -27.66 -22.14 -18.72
N ALA B 444 -27.01 -22.91 -17.84
CA ALA B 444 -26.57 -22.46 -16.52
C ALA B 444 -25.48 -21.40 -16.60
N THR B 445 -25.36 -20.62 -15.52
CA THR B 445 -24.37 -19.58 -15.32
C THR B 445 -23.67 -19.87 -13.98
N PRO B 446 -22.33 -19.75 -13.92
CA PRO B 446 -21.64 -19.99 -12.65
C PRO B 446 -22.12 -19.06 -11.54
N ASN B 447 -22.33 -19.62 -10.34
CA ASN B 447 -22.80 -18.87 -9.18
C ASN B 447 -21.62 -18.16 -8.53
N PRO B 448 -21.65 -16.82 -8.46
CA PRO B 448 -20.53 -16.10 -7.84
C PRO B 448 -20.30 -16.43 -6.38
N ASP B 449 -21.34 -16.92 -5.69
CA ASP B 449 -21.22 -17.34 -4.29
C ASP B 449 -20.19 -18.46 -4.10
N TRP B 450 -19.77 -19.14 -5.19
CA TRP B 450 -18.78 -20.20 -5.14
C TRP B 450 -17.40 -19.67 -4.74
N LEU B 451 -17.11 -18.40 -5.07
CA LEU B 451 -15.84 -17.72 -4.77
C LEU B 451 -15.45 -17.86 -3.29
N SER B 452 -16.44 -17.97 -2.42
CA SER B 452 -16.30 -18.09 -0.97
C SER B 452 -15.65 -19.40 -0.52
N PHE B 453 -15.90 -20.53 -1.22
CA PHE B 453 -15.38 -21.81 -0.78
C PHE B 453 -14.33 -22.44 -1.68
N ILE B 454 -14.15 -21.93 -2.90
CA ILE B 454 -13.15 -22.48 -3.80
C ILE B 454 -11.73 -22.22 -3.26
N ASN B 455 -10.74 -22.95 -3.77
CA ASN B 455 -9.34 -22.74 -3.38
C ASN B 455 -8.37 -23.20 -4.46
N THR B 456 -8.70 -22.79 -5.68
CA THR B 456 -8.00 -23.13 -6.91
C THR B 456 -7.93 -21.87 -7.79
N GLN B 457 -6.78 -21.64 -8.45
CA GLN B 457 -6.63 -20.48 -9.33
C GLN B 457 -7.60 -20.59 -10.51
N LYS B 458 -7.78 -21.80 -11.03
CA LYS B 458 -8.65 -22.03 -12.17
C LYS B 458 -10.08 -21.67 -11.85
N ALA B 459 -10.59 -22.05 -10.67
CA ALA B 459 -11.97 -21.73 -10.30
C ALA B 459 -12.17 -20.27 -9.98
N ARG B 460 -11.20 -19.66 -9.29
CA ARG B 460 -11.27 -18.26 -8.90
C ARG B 460 -11.22 -17.36 -10.09
N ARG B 461 -10.29 -17.61 -11.02
CA ARG B 461 -10.19 -16.81 -12.23
C ARG B 461 -11.45 -16.88 -13.07
N ALA B 462 -12.08 -18.06 -13.14
CA ALA B 462 -13.30 -18.21 -13.91
C ALA B 462 -14.48 -17.53 -13.26
N LEU B 463 -14.54 -17.56 -11.94
CA LEU B 463 -15.60 -16.91 -11.20
C LEU B 463 -15.47 -15.39 -11.16
N GLN B 464 -14.24 -14.85 -11.21
CA GLN B 464 -14.06 -13.39 -11.24
C GLN B 464 -14.41 -12.81 -12.62
N HIS B 465 -14.32 -13.61 -13.68
CA HIS B 465 -14.69 -13.21 -15.04
C HIS B 465 -16.21 -12.99 -15.15
N VAL B 466 -17.00 -13.75 -14.39
CA VAL B 466 -18.45 -13.59 -14.39
C VAL B 466 -18.88 -12.49 -13.41
N LEU B 467 -18.11 -12.30 -12.33
CA LEU B 467 -18.41 -11.28 -11.33
C LEU B 467 -18.08 -9.86 -11.86
N LYS B 468 -17.21 -9.74 -12.88
CA LYS B 468 -16.88 -8.45 -13.47
C LYS B 468 -18.08 -7.85 -14.18
N ASP B 469 -18.91 -8.71 -14.79
CA ASP B 469 -20.13 -8.28 -15.47
C ASP B 469 -21.35 -8.18 -14.51
N GLN B 470 -21.19 -8.61 -13.25
CA GLN B 470 -22.26 -8.56 -12.27
C GLN B 470 -22.50 -7.13 -11.77
N ASP B 471 -23.65 -6.91 -11.12
CA ASP B 471 -23.95 -5.60 -10.56
C ASP B 471 -23.01 -5.36 -9.39
N ILE B 472 -22.46 -4.14 -9.28
CA ILE B 472 -21.52 -3.76 -8.22
C ILE B 472 -22.04 -4.07 -6.82
N GLU B 473 -23.37 -4.04 -6.63
CA GLU B 473 -23.97 -4.34 -5.34
C GLU B 473 -23.77 -5.81 -4.98
N GLU B 474 -23.90 -6.70 -5.98
CA GLU B 474 -23.69 -8.13 -5.84
C GLU B 474 -22.20 -8.42 -5.67
N GLN B 475 -21.31 -7.67 -6.37
CA GLN B 475 -19.86 -7.85 -6.22
C GLN B 475 -19.44 -7.58 -4.77
N ARG B 476 -20.00 -6.53 -4.17
CA ARG B 476 -19.68 -6.16 -2.81
C ARG B 476 -20.19 -7.19 -1.80
N LEU B 477 -21.33 -7.84 -2.09
CA LEU B 477 -21.88 -8.87 -1.22
C LEU B 477 -21.00 -10.12 -1.30
N VAL B 478 -20.62 -10.55 -2.51
CA VAL B 478 -19.76 -11.73 -2.71
C VAL B 478 -18.39 -11.55 -2.05
N GLY B 479 -17.83 -10.35 -2.17
CA GLY B 479 -16.55 -10.02 -1.55
C GLY B 479 -16.59 -10.07 -0.04
N ALA B 480 -17.73 -9.67 0.57
CA ALA B 480 -17.93 -9.72 2.02
C ALA B 480 -18.15 -11.16 2.48
N GLN B 481 -18.90 -11.94 1.70
CA GLN B 481 -19.17 -13.34 2.01
C GLN B 481 -17.86 -14.16 1.95
N ALA B 482 -16.99 -13.84 0.97
CA ALA B 482 -15.70 -14.51 0.83
C ALA B 482 -14.74 -14.12 1.95
N LEU B 483 -14.81 -12.85 2.39
CA LEU B 483 -13.99 -12.31 3.48
C LEU B 483 -14.43 -12.89 4.81
N SER B 484 -15.74 -13.10 5.01
CA SER B 484 -16.26 -13.63 6.25
C SER B 484 -15.82 -15.09 6.46
N ARG B 485 -15.80 -15.88 5.38
CA ARG B 485 -15.36 -17.28 5.40
C ARG B 485 -13.84 -17.37 5.66
N ALA B 486 -13.07 -16.45 5.09
CA ALA B 486 -11.62 -16.44 5.29
C ALA B 486 -11.22 -16.06 6.71
N LEU B 487 -12.05 -15.29 7.40
CA LEU B 487 -11.77 -14.91 8.79
C LEU B 487 -12.08 -16.05 9.75
N LYS B 488 -12.95 -17.01 9.37
CA LYS B 488 -13.30 -18.16 10.22
C LYS B 488 -12.09 -19.01 10.59
N LEU B 489 -11.06 -19.03 9.72
CA LEU B 489 -9.78 -19.72 9.93
C LEU B 489 -9.05 -19.11 11.15
N PHE B 490 -9.27 -17.80 11.43
CA PHE B 490 -8.70 -17.08 12.57
C PHE B 490 -9.78 -16.79 13.64
N ASN B 491 -10.83 -17.64 13.72
CA ASN B 491 -11.94 -17.56 14.68
C ASN B 491 -12.64 -16.21 14.71
N ARG B 492 -12.80 -15.56 13.55
CA ARG B 492 -13.42 -14.25 13.50
C ARG B 492 -14.58 -14.16 12.50
N SER B 493 -15.39 -13.11 12.66
CA SER B 493 -16.46 -12.77 11.76
C SER B 493 -16.19 -11.36 11.22
N ILE B 494 -16.81 -10.97 10.10
CA ILE B 494 -16.65 -9.63 9.55
C ILE B 494 -17.06 -8.53 10.57
N ASN B 495 -17.91 -8.89 11.54
CA ASN B 495 -18.41 -8.02 12.61
C ASN B 495 -17.40 -7.88 13.76
N ASP B 496 -16.49 -8.84 13.92
CA ASP B 496 -15.45 -8.77 14.96
C ASP B 496 -14.34 -7.73 14.64
N LEU B 497 -14.39 -7.10 13.45
CA LEU B 497 -13.40 -6.12 13.04
C LEU B 497 -13.69 -4.78 13.66
N SER B 498 -12.70 -4.24 14.37
CA SER B 498 -12.82 -2.92 15.00
C SER B 498 -12.64 -1.81 13.94
N ASP B 499 -12.87 -0.55 14.32
CA ASP B 499 -12.66 0.56 13.40
C ASP B 499 -11.16 0.68 13.06
N ALA B 500 -10.28 0.39 14.03
CA ALA B 500 -8.83 0.43 13.83
C ALA B 500 -8.36 -0.62 12.84
N ASP B 501 -9.00 -1.81 12.86
CA ASP B 501 -8.71 -2.91 11.93
C ASP B 501 -9.06 -2.50 10.51
N TRP B 502 -10.22 -1.84 10.33
CA TRP B 502 -10.68 -1.37 9.04
C TRP B 502 -9.78 -0.25 8.52
N LEU B 503 -9.36 0.66 9.40
CA LEU B 503 -8.50 1.78 9.01
C LEU B 503 -7.13 1.32 8.53
N ASP B 504 -6.65 0.19 9.05
CA ASP B 504 -5.38 -0.39 8.63
C ASP B 504 -5.56 -1.02 7.24
N LEU B 505 -6.67 -1.74 7.03
CA LEU B 505 -6.98 -2.38 5.76
C LEU B 505 -7.11 -1.37 4.63
N LEU B 506 -7.81 -0.24 4.86
CA LEU B 506 -7.98 0.78 3.82
C LEU B 506 -6.67 1.49 3.46
N GLN B 507 -5.78 1.69 4.44
CA GLN B 507 -4.48 2.32 4.19
C GLN B 507 -3.58 1.34 3.44
N TRP B 508 -3.60 0.06 3.84
CA TRP B 508 -2.82 -0.98 3.20
C TRP B 508 -3.21 -1.14 1.73
N ARG B 509 -4.50 -1.35 1.44
CA ARG B 509 -4.97 -1.58 0.08
C ARG B 509 -5.22 -0.30 -0.73
N HIS B 510 -4.57 0.82 -0.34
CA HIS B 510 -4.64 2.14 -0.98
C HIS B 510 -6.06 2.52 -1.43
N ILE B 511 -7.06 2.21 -0.60
CA ILE B 511 -8.47 2.43 -0.91
C ILE B 511 -9.18 3.30 0.15
N ASP B 512 -10.42 3.78 -0.08
CA ASP B 512 -11.09 4.64 0.92
C ASP B 512 -12.47 4.19 1.36
N ASN B 513 -12.84 2.96 1.07
CA ASN B 513 -14.19 2.47 1.36
C ASN B 513 -14.18 0.97 1.67
N LYS B 514 -15.10 0.53 2.55
CA LYS B 514 -15.23 -0.89 2.86
C LYS B 514 -15.71 -1.65 1.62
N ASP B 515 -16.67 -1.09 0.88
CA ASP B 515 -17.22 -1.68 -0.33
C ASP B 515 -16.15 -1.88 -1.40
N ALA B 516 -15.17 -0.98 -1.46
CA ALA B 516 -14.10 -1.08 -2.44
C ALA B 516 -13.10 -2.19 -2.10
N LEU B 517 -12.97 -2.55 -0.80
CA LEU B 517 -12.14 -3.68 -0.36
C LEU B 517 -12.83 -4.99 -0.79
N PHE B 518 -14.16 -5.05 -0.68
CA PHE B 518 -14.96 -6.20 -1.11
C PHE B 518 -14.90 -6.34 -2.63
N GLU B 519 -14.81 -5.24 -3.38
CA GLU B 519 -14.67 -5.27 -4.84
C GLU B 519 -13.30 -5.83 -5.23
N GLN B 520 -12.25 -5.57 -4.43
CA GLN B 520 -10.93 -6.10 -4.69
C GLN B 520 -10.88 -7.61 -4.40
N ILE B 521 -11.71 -8.10 -3.46
CA ILE B 521 -11.74 -9.53 -3.16
C ILE B 521 -12.55 -10.26 -4.24
N ALA B 522 -13.70 -9.70 -4.61
CA ALA B 522 -14.60 -10.30 -5.60
C ALA B 522 -14.16 -10.20 -7.06
N VAL B 523 -13.69 -9.04 -7.50
CA VAL B 523 -13.29 -8.84 -8.90
C VAL B 523 -11.77 -8.63 -9.07
N GLY B 524 -11.16 -7.96 -8.09
CA GLY B 524 -9.74 -7.67 -8.11
C GLY B 524 -8.89 -8.88 -7.83
N ASP B 525 -7.59 -8.66 -7.62
CA ASP B 525 -6.69 -9.78 -7.36
C ASP B 525 -6.23 -9.80 -5.87
N LEU B 526 -7.11 -9.29 -4.96
CA LEU B 526 -6.87 -9.36 -3.53
C LEU B 526 -7.51 -10.65 -3.00
N LEU B 527 -6.68 -11.54 -2.44
CA LEU B 527 -7.18 -12.78 -1.90
C LEU B 527 -7.77 -12.57 -0.52
N PRO B 528 -8.94 -13.15 -0.22
CA PRO B 528 -9.51 -13.00 1.12
C PRO B 528 -8.62 -13.54 2.25
N GLN B 529 -7.69 -14.45 1.93
CA GLN B 529 -6.76 -14.98 2.92
C GLN B 529 -5.66 -13.96 3.25
N LEU B 530 -5.21 -13.18 2.25
CA LEU B 530 -4.20 -12.12 2.40
C LEU B 530 -4.66 -11.09 3.44
N VAL B 531 -5.97 -10.77 3.45
CA VAL B 531 -6.64 -9.83 4.34
C VAL B 531 -6.70 -10.39 5.75
N ALA B 532 -7.05 -11.68 5.88
CA ALA B 532 -7.10 -12.32 7.19
C ALA B 532 -5.72 -12.46 7.82
N ASN B 533 -4.68 -12.68 6.99
CA ASN B 533 -3.31 -12.78 7.50
C ASN B 533 -2.71 -11.40 7.83
N HIS B 534 -3.09 -10.37 7.07
CA HIS B 534 -2.63 -9.01 7.33
C HIS B 534 -3.10 -8.54 8.71
N LEU B 535 -4.31 -8.92 9.10
CA LEU B 535 -4.91 -8.58 10.38
C LEU B 535 -4.47 -9.48 11.54
N PHE B 536 -4.48 -10.82 11.36
CA PHE B 536 -4.21 -11.72 12.49
C PHE B 536 -3.03 -12.67 12.36
N ALA B 537 -2.21 -12.60 11.29
CA ALA B 537 -1.02 -13.49 11.21
C ALA B 537 0.21 -12.89 11.88
N ASN B 538 -0.02 -12.04 12.87
CA ASN B 538 0.99 -11.43 13.69
C ASN B 538 0.48 -11.36 15.12
N ASP B 539 1.28 -11.92 16.05
CA ASP B 539 1.13 -11.81 17.50
C ASP B 539 -0.01 -12.65 18.10
N ALA B 544 -6.43 -20.50 14.43
CA ALA B 544 -7.47 -21.31 15.06
C ALA B 544 -7.84 -22.57 14.20
N GLU B 545 -8.54 -22.46 13.02
CA GLU B 545 -8.79 -23.57 12.12
C GLU B 545 -7.54 -23.63 11.26
N ASN B 546 -6.46 -24.16 11.89
CA ASN B 546 -5.14 -24.24 11.32
C ASN B 546 -5.05 -25.11 10.11
N SER B 547 -5.90 -26.17 10.04
CA SER B 547 -5.90 -27.15 8.94
C SER B 547 -4.51 -27.78 8.74
N ASP B 548 -3.63 -27.72 9.79
CA ASP B 548 -2.25 -28.22 9.78
C ASP B 548 -1.53 -27.94 8.44
N ARG B 549 -1.65 -26.69 7.96
CA ARG B 549 -1.04 -26.20 6.75
C ARG B 549 0.20 -25.49 7.24
N LEU B 550 1.37 -25.93 6.76
CA LEU B 550 2.68 -25.46 7.22
C LEU B 550 2.78 -23.98 7.51
N ILE B 551 2.27 -23.15 6.62
CA ILE B 551 2.24 -21.73 6.80
C ILE B 551 0.77 -21.40 6.93
N GLN B 552 0.39 -20.94 8.12
CA GLN B 552 -0.98 -20.67 8.49
C GLN B 552 -1.73 -19.74 7.59
N GLY B 553 -3.01 -20.03 7.42
CA GLY B 553 -3.93 -19.22 6.62
C GLY B 553 -3.66 -19.19 5.13
N THR B 554 -2.89 -20.16 4.60
CA THR B 554 -2.60 -20.17 3.17
C THR B 554 -3.45 -21.16 2.38
N GLU B 555 -4.52 -21.70 2.98
CA GLU B 555 -5.41 -22.67 2.33
C GLU B 555 -6.01 -22.07 1.06
N GLY B 556 -5.80 -22.75 -0.06
CA GLY B 556 -6.30 -22.26 -1.33
C GLY B 556 -5.38 -21.36 -2.12
N ILE B 557 -4.16 -21.18 -1.61
CA ILE B 557 -3.13 -20.37 -2.25
C ILE B 557 -1.97 -21.29 -2.67
N ASP B 558 -1.41 -21.04 -3.86
CA ASP B 558 -0.27 -21.82 -4.30
C ASP B 558 0.97 -21.26 -3.64
N VAL B 559 1.43 -21.89 -2.54
CA VAL B 559 2.59 -21.46 -1.78
C VAL B 559 3.89 -22.03 -2.34
N LYS B 560 4.86 -21.17 -2.63
CA LYS B 560 6.17 -21.52 -3.18
C LYS B 560 7.27 -20.89 -2.31
N TYR B 561 8.32 -21.64 -1.94
CA TYR B 561 9.40 -21.09 -1.13
C TYR B 561 10.35 -20.31 -2.03
N ALA B 562 10.76 -19.11 -1.64
CA ALA B 562 11.65 -18.27 -2.47
C ALA B 562 13.04 -18.84 -2.57
N HIS B 563 13.59 -18.92 -3.78
CA HIS B 563 14.94 -19.46 -4.00
C HIS B 563 16.08 -18.53 -3.61
N CYS B 564 15.77 -17.26 -3.33
CA CYS B 564 16.75 -16.25 -2.95
C CYS B 564 17.20 -16.43 -1.50
N CYS B 565 16.26 -16.81 -0.62
CA CYS B 565 16.51 -16.93 0.82
C CYS B 565 16.26 -18.32 1.38
N ASN B 566 15.44 -19.13 0.68
CA ASN B 566 15.08 -20.50 1.08
C ASN B 566 14.66 -20.62 2.53
N PRO B 567 13.45 -20.12 2.87
CA PRO B 567 12.98 -20.19 4.26
C PRO B 567 12.76 -21.63 4.76
N ILE B 568 13.11 -21.86 6.03
CA ILE B 568 13.02 -23.14 6.77
C ILE B 568 12.04 -22.95 7.95
N LEU B 569 11.42 -24.03 8.46
CA LEU B 569 10.50 -23.95 9.60
C LEU B 569 11.17 -23.35 10.82
N GLY B 570 10.52 -22.36 11.44
CA GLY B 570 11.07 -21.67 12.58
C GLY B 570 11.62 -20.30 12.24
N ASP B 571 12.04 -20.09 10.97
CA ASP B 571 12.55 -18.81 10.49
C ASP B 571 11.43 -17.79 10.50
N PRO B 572 11.71 -16.52 10.87
CA PRO B 572 10.69 -15.47 10.71
C PRO B 572 10.47 -15.29 9.20
N ILE B 573 9.22 -15.35 8.77
CA ILE B 573 8.86 -15.30 7.34
C ILE B 573 7.78 -14.27 6.97
N GLN B 574 7.77 -13.88 5.70
CA GLN B 574 6.82 -12.95 5.13
C GLN B 574 6.54 -13.36 3.68
N GLY B 575 5.28 -13.36 3.28
CA GLY B 575 4.90 -13.74 1.94
C GLY B 575 4.74 -12.60 0.95
N HIS B 576 4.85 -12.92 -0.34
CA HIS B 576 4.70 -11.95 -1.40
C HIS B 576 3.70 -12.49 -2.42
N LEU B 577 2.49 -11.93 -2.44
CA LEU B 577 1.46 -12.40 -3.35
C LEU B 577 1.69 -11.94 -4.80
N THR B 578 2.04 -12.88 -5.66
CA THR B 578 2.28 -12.67 -7.07
C THR B 578 1.14 -13.35 -7.87
N ARG B 579 1.10 -13.15 -9.21
CA ARG B 579 0.03 -13.71 -10.04
C ARG B 579 0.02 -15.24 -9.99
N ARG B 580 1.21 -15.83 -9.98
CA ARG B 580 1.40 -17.27 -9.93
C ARG B 580 1.50 -17.85 -8.51
N GLY B 581 0.97 -17.15 -7.52
CA GLY B 581 0.91 -17.65 -6.16
C GLY B 581 1.63 -16.87 -5.08
N LEU B 582 1.62 -17.41 -3.86
CA LEU B 582 2.27 -16.78 -2.71
C LEU B 582 3.73 -17.23 -2.63
N ILE B 583 4.68 -16.30 -2.61
CA ILE B 583 6.09 -16.64 -2.50
C ILE B 583 6.58 -16.34 -1.09
N VAL B 584 6.91 -17.38 -0.33
CA VAL B 584 7.35 -17.21 1.05
C VAL B 584 8.83 -16.89 1.13
N HIS B 585 9.17 -15.77 1.78
CA HIS B 585 10.54 -15.29 1.93
C HIS B 585 10.89 -15.15 3.40
N ARG B 586 12.19 -15.18 3.73
CA ARG B 586 12.65 -14.92 5.09
C ARG B 586 12.57 -13.39 5.33
N ILE B 587 12.19 -12.98 6.55
CA ILE B 587 12.00 -11.58 7.00
C ILE B 587 13.12 -10.61 6.54
N ARG B 588 14.39 -11.00 6.59
CA ARG B 588 15.50 -10.11 6.23
C ARG B 588 16.07 -10.34 4.82
N CYS B 589 15.24 -10.81 3.88
CA CYS B 589 15.70 -11.05 2.52
C CYS B 589 15.78 -9.73 1.77
N HIS B 590 16.81 -9.58 0.95
CA HIS B 590 17.09 -8.42 0.11
C HIS B 590 15.94 -8.21 -0.88
N ASN B 591 15.46 -9.29 -1.53
CA ASN B 591 14.37 -9.25 -2.50
C ASN B 591 13.05 -8.91 -1.84
N LEU B 592 12.80 -9.46 -0.64
CA LEU B 592 11.57 -9.24 0.10
C LEU B 592 11.44 -7.79 0.56
N LEU B 593 12.52 -7.22 1.11
CA LEU B 593 12.49 -5.85 1.57
C LEU B 593 12.38 -4.83 0.42
N HIS B 594 12.80 -5.21 -0.80
CA HIS B 594 12.68 -4.35 -1.97
C HIS B 594 11.20 -4.29 -2.39
N GLU B 595 10.55 -5.46 -2.48
CA GLU B 595 9.14 -5.51 -2.85
C GLU B 595 8.23 -5.03 -1.71
N GLN B 596 8.72 -4.99 -0.46
CA GLN B 596 8.01 -4.58 0.76
C GLN B 596 7.72 -3.08 0.79
N HIS B 597 8.58 -2.28 0.15
CA HIS B 597 8.44 -0.83 0.07
C HIS B 597 7.84 -0.44 -1.29
N LEU B 598 8.27 -1.12 -2.37
CA LEU B 598 7.80 -0.88 -3.74
C LEU B 598 6.33 -1.22 -3.94
N HIS B 599 5.83 -2.25 -3.27
CA HIS B 599 4.42 -2.64 -3.26
C HIS B 599 4.04 -3.25 -1.92
N PRO B 600 3.81 -2.44 -0.87
CA PRO B 600 3.47 -3.01 0.44
C PRO B 600 2.13 -3.74 0.48
N GLU B 601 1.25 -3.46 -0.49
CA GLU B 601 -0.05 -4.10 -0.62
C GLU B 601 0.06 -5.58 -1.00
N ASN B 602 1.16 -5.96 -1.67
CA ASN B 602 1.37 -7.34 -2.08
C ASN B 602 2.18 -8.15 -1.05
N ILE B 603 2.37 -7.62 0.18
CA ILE B 603 3.13 -8.30 1.23
C ILE B 603 2.20 -8.75 2.34
N MET B 604 2.16 -10.07 2.57
CA MET B 604 1.31 -10.80 3.51
C MET B 604 2.14 -11.26 4.70
N PRO B 605 1.81 -10.85 5.95
CA PRO B 605 2.58 -11.37 7.10
C PRO B 605 2.33 -12.87 7.25
N LEU B 606 3.38 -13.66 7.53
CA LEU B 606 3.21 -15.11 7.65
C LEU B 606 3.73 -15.74 8.94
N GLN B 607 3.03 -16.80 9.41
CA GLN B 607 3.38 -17.56 10.60
C GLN B 607 3.38 -19.05 10.35
N TRP B 608 4.36 -19.77 10.90
CA TRP B 608 4.44 -21.22 10.74
C TRP B 608 3.38 -21.89 11.62
N LYS B 609 2.96 -23.08 11.23
CA LYS B 609 1.93 -23.88 11.89
C LYS B 609 2.27 -24.12 13.35
N ALA B 610 3.50 -24.53 13.62
CA ALA B 610 3.91 -24.82 14.98
C ALA B 610 5.46 -24.73 15.13
N ASP B 611 6.02 -24.73 16.34
CA ASP B 611 7.45 -24.68 16.60
C ASP B 611 8.12 -26.04 16.12
N ASP B 612 7.37 -27.16 16.37
CA ASP B 612 7.76 -28.52 16.04
C ASP B 612 6.77 -29.28 15.14
N VAL B 613 7.12 -29.50 13.84
CA VAL B 613 6.30 -30.30 12.93
C VAL B 613 7.13 -31.51 12.43
N ASP B 614 6.63 -32.73 12.61
CA ASP B 614 7.48 -33.93 12.35
C ASP B 614 7.51 -34.40 10.90
N ASP B 615 6.40 -34.25 10.19
CA ASP B 615 6.27 -34.67 8.78
C ASP B 615 7.26 -33.87 7.96
N VAL B 616 7.49 -32.60 8.30
CA VAL B 616 8.30 -31.69 7.46
C VAL B 616 9.81 -31.68 7.68
N ARG B 617 10.58 -31.68 6.60
CA ARG B 617 12.03 -31.52 6.56
C ARG B 617 12.34 -30.44 5.52
N PHE B 618 13.34 -29.62 5.80
CA PHE B 618 13.77 -28.56 4.89
C PHE B 618 15.26 -28.71 4.53
N THR B 619 15.77 -27.94 3.56
CA THR B 619 17.18 -28.03 3.19
C THR B 619 17.95 -26.79 3.60
N ALA B 620 18.91 -26.94 4.51
CA ALA B 620 19.75 -25.81 4.91
C ALA B 620 21.02 -25.86 4.09
N TYR B 621 21.56 -24.70 3.77
CA TYR B 621 22.75 -24.59 2.94
C TYR B 621 23.86 -24.04 3.80
N LEU B 622 24.85 -24.87 4.15
CA LEU B 622 25.94 -24.44 5.05
C LEU B 622 27.21 -24.03 4.32
N ALA B 623 28.04 -23.26 5.01
CA ALA B 623 29.30 -22.78 4.49
C ALA B 623 30.32 -22.84 5.61
N ILE B 624 31.20 -23.84 5.57
CA ILE B 624 32.25 -23.99 6.58
C ILE B 624 33.51 -23.34 5.98
N TYR B 625 33.98 -22.24 6.58
CA TYR B 625 35.13 -21.51 6.07
C TYR B 625 36.41 -22.17 6.50
N MET B 626 36.71 -23.28 5.80
CA MET B 626 37.83 -24.15 6.03
C MET B 626 38.04 -25.05 4.79
N ALA B 627 39.30 -25.27 4.39
CA ALA B 627 39.59 -26.17 3.28
C ALA B 627 39.66 -27.59 3.83
N MET B 628 39.08 -28.54 3.11
CA MET B 628 39.07 -29.93 3.56
C MET B 628 39.55 -30.90 2.49
N ASN B 629 40.33 -31.90 2.91
CA ASN B 629 40.75 -32.95 1.99
C ASN B 629 39.67 -34.06 1.93
N ASP B 630 39.82 -35.05 1.03
CA ASP B 630 38.85 -36.15 0.89
C ASP B 630 38.45 -36.80 2.21
N GLU B 631 39.44 -37.06 3.10
CA GLU B 631 39.18 -37.65 4.41
C GLU B 631 38.29 -36.77 5.29
N GLN B 632 38.60 -35.47 5.36
CA GLN B 632 37.85 -34.50 6.14
C GLN B 632 36.43 -34.30 5.60
N VAL B 633 36.27 -34.36 4.26
CA VAL B 633 34.98 -34.25 3.59
C VAL B 633 34.12 -35.46 3.96
N SER B 634 34.72 -36.65 3.90
CA SER B 634 34.08 -37.92 4.20
C SER B 634 33.68 -37.99 5.68
N ASP B 635 34.52 -37.44 6.58
CA ASP B 635 34.19 -37.40 8.01
C ASP B 635 33.09 -36.36 8.29
N LEU B 636 33.03 -35.27 7.50
CA LEU B 636 31.98 -34.25 7.63
C LEU B 636 30.61 -34.87 7.30
N ILE B 637 30.52 -35.62 6.17
CA ILE B 637 29.27 -36.30 5.77
C ILE B 637 28.84 -37.25 6.88
N TYR B 638 29.81 -38.01 7.43
CA TYR B 638 29.60 -38.94 8.52
C TYR B 638 29.04 -38.22 9.75
N GLN B 639 29.63 -37.07 10.15
CA GLN B 639 29.20 -36.26 11.32
C GLN B 639 27.78 -35.70 11.14
N CYS B 640 27.44 -35.29 9.92
CA CYS B 640 26.11 -34.80 9.62
C CYS B 640 25.09 -35.94 9.66
N ARG B 641 25.35 -37.07 8.96
CA ARG B 641 24.44 -38.21 8.96
C ARG B 641 24.25 -38.80 10.36
N LYS B 642 25.34 -38.79 11.19
CA LYS B 642 25.33 -39.26 12.59
C LYS B 642 24.43 -38.40 13.49
N ASN B 643 24.20 -37.14 13.08
CA ASN B 643 23.41 -36.12 13.77
C ASN B 643 21.96 -36.03 13.23
N ASN B 644 21.46 -37.09 12.55
CA ASN B 644 20.11 -37.17 11.98
C ASN B 644 19.77 -36.02 11.01
N ALA B 645 20.74 -35.66 10.18
CA ALA B 645 20.57 -34.61 9.20
C ALA B 645 21.09 -35.17 7.89
N GLY B 646 20.19 -35.43 6.95
CA GLY B 646 20.56 -35.98 5.66
C GLY B 646 21.52 -35.11 4.89
N VAL B 647 22.38 -35.70 4.06
CA VAL B 647 23.34 -34.92 3.28
C VAL B 647 22.94 -34.95 1.81
N GLU B 648 22.43 -33.84 1.29
CA GLU B 648 22.03 -33.77 -0.11
C GLU B 648 23.21 -33.65 -1.03
N MET B 649 24.20 -32.81 -0.69
CA MET B 649 25.33 -32.57 -1.57
C MET B 649 26.49 -31.90 -0.83
N VAL B 650 27.73 -32.15 -1.24
CA VAL B 650 28.94 -31.59 -0.63
C VAL B 650 29.93 -31.17 -1.72
N HIS B 651 30.67 -30.08 -1.48
CA HIS B 651 31.69 -29.61 -2.39
C HIS B 651 32.75 -28.83 -1.62
N SER B 652 34.03 -29.08 -1.91
CA SER B 652 35.13 -28.38 -1.23
C SER B 652 36.16 -27.79 -2.16
N ASN B 653 36.45 -26.51 -1.96
CA ASN B 653 37.47 -25.81 -2.74
C ASN B 653 38.69 -25.44 -1.83
N GLU B 654 39.54 -24.48 -2.24
CA GLU B 654 40.72 -24.08 -1.47
C GLU B 654 40.39 -23.17 -0.27
N GLN B 655 39.19 -22.58 -0.24
CA GLN B 655 38.82 -21.64 0.81
C GLN B 655 37.63 -22.09 1.67
N ARG B 656 36.58 -22.66 1.04
CA ARG B 656 35.36 -23.03 1.75
C ARG B 656 34.90 -24.46 1.47
N THR B 657 34.08 -25.02 2.37
CA THR B 657 33.48 -26.34 2.20
C THR B 657 31.99 -26.17 2.40
N PHE B 658 31.19 -26.47 1.37
CA PHE B 658 29.73 -26.35 1.48
C PHE B 658 29.05 -27.70 1.65
N VAL B 659 27.93 -27.70 2.36
CA VAL B 659 27.16 -28.91 2.58
C VAL B 659 25.69 -28.59 2.64
N ASN B 660 24.89 -29.32 1.86
CA ASN B 660 23.45 -29.12 1.84
C ASN B 660 22.92 -30.20 2.75
N ILE B 661 22.38 -29.81 3.88
CA ILE B 661 21.83 -30.77 4.85
C ILE B 661 20.32 -30.63 5.00
N VAL B 662 19.66 -31.77 5.04
CA VAL B 662 18.24 -31.84 5.24
C VAL B 662 17.99 -31.89 6.74
N VAL B 663 17.42 -30.81 7.30
CA VAL B 663 17.14 -30.64 8.72
C VAL B 663 15.63 -30.59 9.03
N ASN B 664 15.29 -30.64 10.32
CA ASN B 664 13.92 -30.59 10.77
C ASN B 664 13.42 -29.16 10.82
N ASN B 665 14.21 -28.22 11.40
CA ASN B 665 13.86 -26.80 11.56
C ASN B 665 15.09 -25.92 11.91
N ARG B 666 14.86 -24.60 12.19
CA ARG B 666 15.88 -23.62 12.57
C ARG B 666 16.63 -24.09 13.83
N LYS B 667 15.91 -24.67 14.81
CA LYS B 667 16.53 -25.19 16.04
C LYS B 667 17.50 -26.33 15.74
N HIS B 668 17.13 -27.22 14.79
CA HIS B 668 17.96 -28.35 14.39
C HIS B 668 19.18 -27.89 13.60
N ILE B 669 19.03 -26.89 12.69
CA ILE B 669 20.19 -26.39 11.96
C ILE B 669 21.18 -25.71 12.95
N ALA B 670 20.65 -25.05 14.00
CA ALA B 670 21.49 -24.42 15.02
C ALA B 670 22.31 -25.48 15.76
N LYS B 671 21.68 -26.61 16.13
CA LYS B 671 22.38 -27.71 16.81
C LYS B 671 23.47 -28.33 15.92
N VAL B 672 23.19 -28.57 14.63
CA VAL B 672 24.18 -29.11 13.72
C VAL B 672 25.35 -28.14 13.55
N ILE B 673 25.07 -26.82 13.54
CA ILE B 673 26.11 -25.79 13.46
C ILE B 673 27.02 -25.89 14.70
N ARG B 674 26.42 -26.00 15.89
CA ARG B 674 27.11 -26.12 17.17
C ARG B 674 27.94 -27.41 17.30
N ASP B 675 27.43 -28.52 16.75
CA ASP B 675 28.15 -29.79 16.77
C ASP B 675 29.32 -29.78 15.80
N LEU B 676 29.12 -29.19 14.62
CA LEU B 676 30.19 -29.10 13.64
C LEU B 676 31.29 -28.15 14.11
N ARG B 677 30.92 -27.07 14.81
CA ARG B 677 31.89 -26.12 15.35
C ARG B 677 32.73 -26.81 16.41
N MET B 678 32.11 -27.52 17.35
CA MET B 678 32.81 -28.20 18.44
C MET B 678 33.84 -29.23 17.98
N HIS B 679 33.49 -30.02 16.95
CA HIS B 679 34.31 -31.09 16.38
C HIS B 679 35.41 -30.56 15.43
N TYR B 680 35.23 -29.35 14.85
CA TYR B 680 36.27 -28.82 13.96
C TYR B 680 37.18 -27.73 14.58
N GLY B 681 37.01 -27.42 15.86
CA GLY B 681 37.85 -26.43 16.52
C GLY B 681 37.35 -25.02 16.33
N PHE B 682 36.02 -24.85 16.32
CA PHE B 682 35.29 -23.59 16.18
C PHE B 682 35.70 -22.74 14.95
N PRO B 683 35.66 -23.28 13.70
CA PRO B 683 35.92 -22.44 12.53
C PRO B 683 34.67 -21.64 12.16
N ARG B 684 34.77 -20.72 11.19
CA ARG B 684 33.62 -19.92 10.78
C ARG B 684 32.63 -20.82 10.06
N ILE B 685 31.46 -21.07 10.67
CA ILE B 685 30.41 -21.90 10.07
C ILE B 685 29.17 -21.02 9.99
N GLU B 686 28.78 -20.64 8.76
CA GLU B 686 27.65 -19.74 8.52
C GLU B 686 26.58 -20.39 7.66
N ARG B 687 25.33 -19.96 7.86
CA ARG B 687 24.21 -20.47 7.09
C ARG B 687 23.91 -19.54 5.92
N LEU B 688 23.95 -20.06 4.70
CA LEU B 688 23.69 -19.30 3.49
C LEU B 688 22.20 -19.11 3.25
N ASP B 689 21.83 -18.07 2.49
CA ASP B 689 20.43 -17.84 2.12
C ASP B 689 20.11 -18.73 0.92
N ALA B 690 21.02 -18.83 -0.05
CA ALA B 690 20.87 -19.70 -1.21
C ALA B 690 22.23 -20.40 -1.46
N PRO B 691 22.23 -21.57 -2.13
CA PRO B 691 23.52 -22.24 -2.39
C PRO B 691 24.33 -21.52 -3.47
N ALA B 692 25.66 -21.67 -3.43
CA ALA B 692 26.55 -21.10 -4.45
C ALA B 692 26.32 -21.88 -5.77
N PRO B 693 26.56 -21.29 -6.97
CA PRO B 693 26.28 -22.00 -8.22
C PRO B 693 26.80 -23.45 -8.34
N GLN B 694 27.91 -23.81 -7.66
CA GLN B 694 28.43 -25.17 -7.71
C GLN B 694 27.67 -26.19 -6.83
N MET B 695 26.58 -25.75 -6.17
CA MET B 695 25.74 -26.54 -5.26
C MET B 695 24.22 -26.43 -5.55
N GLU B 696 23.82 -25.51 -6.46
CA GLU B 696 22.41 -25.27 -6.77
C GLU B 696 21.69 -26.43 -7.48
N ILE B 697 22.44 -27.47 -7.94
CA ILE B 697 21.90 -28.64 -8.66
C ILE B 697 21.15 -28.25 -9.95
N MET C 1 -56.96 -20.68 -45.84
CA MET C 1 -56.35 -19.67 -44.98
C MET C 1 -54.86 -19.88 -44.77
N PRO C 2 -54.36 -21.11 -44.46
CA PRO C 2 -52.90 -21.30 -44.41
C PRO C 2 -52.25 -21.01 -45.77
N GLY C 3 -52.90 -21.46 -46.85
CA GLY C 3 -52.47 -21.21 -48.22
C GLY C 3 -52.58 -19.75 -48.61
N GLU C 4 -53.67 -19.08 -48.17
CA GLU C 4 -53.89 -17.64 -48.38
C GLU C 4 -52.84 -16.85 -47.67
N GLU C 5 -52.45 -17.28 -46.44
CA GLU C 5 -51.46 -16.61 -45.65
C GLU C 5 -50.12 -16.63 -46.34
N VAL C 6 -49.75 -17.81 -46.93
CA VAL C 6 -48.52 -18.04 -47.66
C VAL C 6 -48.53 -17.22 -48.95
N SER C 7 -49.64 -17.26 -49.70
CA SER C 7 -49.82 -16.54 -50.95
C SER C 7 -49.75 -15.03 -50.79
N GLN C 8 -50.39 -14.47 -49.73
CA GLN C 8 -50.34 -13.03 -49.53
C GLN C 8 -48.98 -12.56 -48.99
N ALA C 9 -48.18 -13.46 -48.41
CA ALA C 9 -46.82 -13.17 -47.95
C ALA C 9 -45.87 -13.24 -49.16
N LYS C 10 -46.07 -14.23 -50.05
CA LYS C 10 -45.31 -14.40 -51.30
C LYS C 10 -45.58 -13.20 -52.23
N GLN C 11 -46.84 -12.71 -52.26
CA GLN C 11 -47.23 -11.57 -53.08
C GLN C 11 -46.58 -10.28 -52.58
N GLN C 12 -46.39 -10.15 -51.25
CA GLN C 12 -45.72 -8.99 -50.69
C GLN C 12 -44.25 -8.95 -51.05
N LEU C 13 -43.62 -10.13 -51.17
CA LEU C 13 -42.22 -10.28 -51.59
C LEU C 13 -42.10 -9.91 -53.07
N LYS C 14 -43.08 -10.33 -53.90
CA LYS C 14 -43.09 -10.03 -55.32
C LYS C 14 -43.14 -8.52 -55.55
N LEU C 15 -43.92 -7.77 -54.76
CA LEU C 15 -43.98 -6.31 -54.89
C LEU C 15 -42.61 -5.68 -54.68
N ILE C 16 -41.81 -6.23 -53.77
CA ILE C 16 -40.50 -5.71 -53.44
C ILE C 16 -39.46 -6.04 -54.51
N ILE C 17 -39.54 -7.26 -55.10
CA ILE C 17 -38.54 -7.68 -56.08
C ILE C 17 -38.83 -7.23 -57.49
N ASP C 18 -40.11 -7.06 -57.84
CA ASP C 18 -40.51 -6.60 -59.18
C ASP C 18 -39.75 -5.37 -59.68
N PRO C 19 -39.57 -4.31 -58.87
CA PRO C 19 -38.85 -3.12 -59.37
C PRO C 19 -37.37 -3.29 -59.71
N TYR C 20 -36.59 -4.00 -58.86
CA TYR C 20 -35.15 -4.07 -59.09
C TYR C 20 -34.61 -5.37 -59.71
N LEU C 21 -35.39 -6.45 -59.73
CA LEU C 21 -34.91 -7.70 -60.32
C LEU C 21 -35.48 -7.94 -61.70
N SER C 22 -34.74 -8.68 -62.53
CA SER C 22 -35.25 -9.01 -63.87
C SER C 22 -36.40 -10.03 -63.77
N VAL C 23 -37.19 -10.21 -64.83
CA VAL C 23 -38.31 -11.15 -64.81
C VAL C 23 -37.86 -12.56 -64.54
N SER C 24 -36.77 -12.98 -65.19
CA SER C 24 -36.23 -14.32 -64.96
C SER C 24 -35.74 -14.48 -63.53
N GLU C 25 -35.12 -13.42 -62.96
CA GLU C 25 -34.62 -13.42 -61.57
C GLU C 25 -35.77 -13.46 -60.57
N VAL C 26 -36.87 -12.71 -60.82
CA VAL C 26 -38.09 -12.70 -60.01
C VAL C 26 -38.75 -14.10 -60.03
N GLU C 27 -38.71 -14.77 -61.19
CA GLU C 27 -39.28 -16.10 -61.32
C GLU C 27 -38.47 -17.15 -60.55
N LYS C 28 -37.12 -17.02 -60.54
CA LYS C 28 -36.25 -17.92 -59.79
C LYS C 28 -36.47 -17.74 -58.29
N VAL C 29 -36.61 -16.49 -57.82
CA VAL C 29 -36.85 -16.23 -56.40
C VAL C 29 -38.22 -16.76 -56.00
N LEU C 30 -39.24 -16.55 -56.85
CA LEU C 30 -40.59 -17.03 -56.54
C LEU C 30 -40.68 -18.56 -56.62
N ALA C 31 -39.82 -19.22 -57.43
CA ALA C 31 -39.72 -20.68 -57.55
C ALA C 31 -39.16 -21.26 -56.26
N ALA C 32 -38.15 -20.57 -55.66
CA ALA C 32 -37.58 -20.95 -54.37
C ALA C 32 -38.61 -20.81 -53.25
N CYS C 33 -39.53 -19.85 -53.36
CA CYS C 33 -40.59 -19.68 -52.38
C CYS C 33 -41.58 -20.84 -52.46
N ASP C 34 -41.88 -21.32 -53.68
CA ASP C 34 -42.79 -22.44 -53.90
C ASP C 34 -42.16 -23.76 -53.43
N PHE C 35 -40.85 -23.92 -53.61
CA PHE C 35 -40.15 -25.11 -53.16
C PHE C 35 -40.00 -25.12 -51.63
N GLY C 36 -39.79 -23.96 -51.03
CA GLY C 36 -39.72 -23.84 -49.58
C GLY C 36 -41.07 -24.11 -48.95
N ASP C 37 -42.15 -23.70 -49.63
CA ASP C 37 -43.53 -23.93 -49.21
C ASP C 37 -43.81 -25.44 -49.30
N LEU C 38 -43.28 -26.12 -50.36
CA LEU C 38 -43.40 -27.53 -50.58
C LEU C 38 -42.70 -28.29 -49.43
N ALA C 39 -41.39 -28.05 -49.20
CA ALA C 39 -40.59 -28.68 -48.14
C ALA C 39 -41.22 -28.59 -46.77
N HIS C 40 -41.75 -27.42 -46.38
CA HIS C 40 -42.41 -27.26 -45.10
C HIS C 40 -43.92 -27.18 -45.38
N THR C 41 -44.52 -28.26 -45.87
CA THR C 41 -45.95 -28.22 -46.27
C THR C 41 -46.85 -27.97 -45.04
N GLY C 42 -46.96 -28.94 -44.13
CA GLY C 42 -47.84 -28.74 -42.97
C GLY C 42 -47.15 -28.22 -41.73
N ILE C 43 -45.83 -28.03 -41.80
CA ILE C 43 -45.07 -27.59 -40.64
C ILE C 43 -45.49 -26.23 -40.16
N THR C 44 -45.77 -26.08 -38.86
CA THR C 44 -46.16 -24.79 -38.30
C THR C 44 -45.23 -24.41 -37.14
N ARG C 45 -44.98 -23.10 -36.98
CA ARG C 45 -44.16 -22.57 -35.89
C ARG C 45 -44.95 -22.60 -34.55
N LYS C 46 -44.28 -22.29 -33.42
CA LYS C 46 -44.90 -22.22 -32.11
C LYS C 46 -45.96 -21.09 -32.04
N SER C 47 -45.81 -20.04 -32.88
CA SER C 47 -46.80 -18.96 -32.97
C SER C 47 -48.10 -19.39 -33.71
N GLY C 48 -48.18 -20.65 -34.15
CA GLY C 48 -49.33 -21.20 -34.85
C GLY C 48 -49.45 -20.79 -36.31
N GLU C 49 -48.32 -20.43 -36.93
CA GLU C 49 -48.29 -19.96 -38.31
C GLU C 49 -47.58 -20.96 -39.25
N PRO C 50 -47.89 -21.01 -40.57
CA PRO C 50 -47.15 -21.93 -41.46
C PRO C 50 -45.66 -21.58 -41.45
N TYR C 51 -44.77 -22.59 -41.34
CA TYR C 51 -43.34 -22.36 -41.23
C TYR C 51 -42.76 -21.45 -42.29
N ILE C 52 -43.13 -21.65 -43.57
CA ILE C 52 -42.61 -20.87 -44.69
C ILE C 52 -42.81 -19.35 -44.51
N LEU C 53 -43.75 -18.92 -43.65
CA LEU C 53 -43.96 -17.50 -43.40
C LEU C 53 -42.71 -16.85 -42.80
N HIS C 54 -41.92 -17.60 -42.01
CA HIS C 54 -40.67 -17.11 -41.45
C HIS C 54 -39.63 -16.87 -42.56
N PRO C 55 -39.16 -17.88 -43.35
CA PRO C 55 -38.22 -17.58 -44.43
C PRO C 55 -38.71 -16.54 -45.44
N ILE C 56 -40.05 -16.42 -45.63
CA ILE C 56 -40.61 -15.40 -46.53
C ILE C 56 -40.38 -14.03 -45.90
N ALA C 57 -40.72 -13.87 -44.62
CA ALA C 57 -40.52 -12.60 -43.90
C ALA C 57 -39.04 -12.20 -43.89
N VAL C 58 -38.15 -13.17 -43.77
CA VAL C 58 -36.70 -12.97 -43.78
C VAL C 58 -36.27 -12.49 -45.17
N SER C 59 -36.76 -13.16 -46.22
CA SER C 59 -36.43 -12.74 -47.58
C SER C 59 -37.01 -11.35 -47.92
N CYS C 60 -38.10 -10.93 -47.28
CA CYS C 60 -38.67 -9.60 -47.48
C CYS C 60 -37.76 -8.54 -46.87
N ILE C 61 -37.15 -8.83 -45.72
CA ILE C 61 -36.22 -7.92 -45.05
C ILE C 61 -35.03 -7.67 -46.00
N LEU C 62 -34.50 -8.77 -46.60
CA LEU C 62 -33.37 -8.74 -47.51
C LEU C 62 -33.73 -8.10 -48.85
N ALA C 63 -34.94 -8.35 -49.38
CA ALA C 63 -35.38 -7.75 -50.63
C ALA C 63 -35.53 -6.23 -50.48
N ASN C 64 -35.92 -5.76 -49.28
CA ASN C 64 -36.01 -4.33 -48.95
C ASN C 64 -34.61 -3.67 -48.90
N MET C 65 -33.55 -4.46 -48.72
CA MET C 65 -32.18 -3.95 -48.77
C MET C 65 -31.59 -4.08 -50.20
N ARG C 66 -32.43 -4.43 -51.21
CA ARG C 66 -32.10 -4.64 -52.61
C ARG C 66 -30.94 -5.64 -52.79
N LEU C 67 -31.02 -6.80 -52.09
CA LEU C 67 -30.02 -7.86 -52.18
C LEU C 67 -30.26 -8.78 -53.40
N ASP C 68 -29.18 -9.44 -53.91
CA ASP C 68 -29.20 -10.28 -55.12
C ASP C 68 -30.16 -11.50 -55.05
N PRO C 69 -30.54 -12.09 -56.20
CA PRO C 69 -31.49 -13.22 -56.17
C PRO C 69 -31.00 -14.44 -55.38
N GLU C 70 -29.68 -14.74 -55.39
CA GLU C 70 -29.15 -15.88 -54.64
C GLU C 70 -29.37 -15.71 -53.15
N THR C 71 -29.21 -14.48 -52.64
CA THR C 71 -29.42 -14.17 -51.23
C THR C 71 -30.88 -14.42 -50.85
N LEU C 72 -31.81 -14.00 -51.71
CA LEU C 72 -33.24 -14.16 -51.45
C LEU C 72 -33.64 -15.61 -51.54
N MET C 73 -33.07 -16.38 -52.46
CA MET C 73 -33.37 -17.80 -52.61
C MET C 73 -32.83 -18.58 -51.43
N ALA C 74 -31.59 -18.29 -50.99
CA ALA C 74 -31.01 -18.95 -49.84
C ALA C 74 -31.77 -18.65 -48.54
N ALA C 75 -32.38 -17.45 -48.43
CA ALA C 75 -33.17 -17.06 -47.26
C ALA C 75 -34.45 -17.85 -47.21
N LEU C 76 -35.09 -18.07 -48.37
CA LEU C 76 -36.33 -18.83 -48.45
C LEU C 76 -36.14 -20.33 -48.18
N LEU C 77 -34.92 -20.84 -48.36
CA LEU C 77 -34.63 -22.25 -48.19
C LEU C 77 -33.63 -22.56 -47.08
N HIS C 78 -33.33 -21.60 -46.18
CA HIS C 78 -32.28 -21.84 -45.15
C HIS C 78 -32.61 -22.96 -44.14
N ASP C 79 -33.89 -23.35 -43.98
CA ASP C 79 -34.22 -24.41 -43.03
C ASP C 79 -34.63 -25.73 -43.70
N VAL C 80 -34.66 -25.80 -45.04
CA VAL C 80 -35.09 -27.03 -45.71
C VAL C 80 -34.02 -28.14 -45.69
N ILE C 81 -32.75 -27.78 -45.39
CA ILE C 81 -31.69 -28.77 -45.37
C ILE C 81 -31.73 -29.57 -44.04
N GLU C 82 -31.90 -28.88 -42.91
CA GLU C 82 -31.92 -29.52 -41.61
C GLU C 82 -33.33 -29.98 -41.17
N ASP C 83 -34.34 -29.10 -41.26
CA ASP C 83 -35.69 -29.42 -40.80
C ASP C 83 -36.50 -30.30 -41.77
N THR C 84 -35.98 -30.58 -42.96
CA THR C 84 -36.71 -31.37 -43.96
C THR C 84 -35.87 -32.50 -44.55
N GLN C 85 -36.52 -33.46 -45.21
CA GLN C 85 -35.91 -34.61 -45.87
C GLN C 85 -34.95 -34.23 -46.99
N TYR C 86 -35.12 -33.03 -47.59
CA TYR C 86 -34.27 -32.52 -48.68
C TYR C 86 -32.84 -32.27 -48.22
N THR C 87 -31.85 -32.55 -49.08
CA THR C 87 -30.43 -32.43 -48.74
C THR C 87 -29.72 -31.29 -49.51
N LYS C 88 -28.42 -31.03 -49.23
CA LYS C 88 -27.65 -30.02 -49.93
C LYS C 88 -27.51 -30.39 -51.39
N ASP C 89 -27.29 -31.68 -51.70
CA ASP C 89 -27.16 -32.14 -53.08
C ASP C 89 -28.43 -31.89 -53.89
N ASP C 90 -29.61 -31.97 -53.23
CA ASP C 90 -30.91 -31.71 -53.85
C ASP C 90 -31.03 -30.24 -54.24
N ILE C 91 -30.62 -29.31 -53.35
CA ILE C 91 -30.71 -27.89 -53.66
C ILE C 91 -29.54 -27.41 -54.55
N ILE C 92 -28.49 -28.23 -54.77
CA ILE C 92 -27.43 -27.90 -55.74
C ILE C 92 -28.03 -28.13 -57.13
N GLU C 93 -28.68 -29.30 -57.34
CA GLU C 93 -29.29 -29.58 -58.64
C GLU C 93 -30.39 -28.58 -58.94
N ARG C 94 -31.21 -28.29 -57.94
CA ARG C 94 -32.37 -27.42 -58.09
C ARG C 94 -32.07 -25.92 -58.29
N PHE C 95 -31.31 -25.30 -57.39
CA PHE C 95 -31.05 -23.87 -57.46
C PHE C 95 -29.58 -23.46 -57.68
N GLY C 96 -28.70 -24.42 -57.88
CA GLY C 96 -27.30 -24.12 -58.17
C GLY C 96 -26.34 -24.21 -56.99
N GLN C 97 -25.05 -24.17 -57.28
CA GLN C 97 -24.01 -24.27 -56.27
C GLN C 97 -23.96 -23.07 -55.35
N THR C 98 -24.12 -21.84 -55.90
CA THR C 98 -24.07 -20.63 -55.08
C THR C 98 -25.15 -20.61 -54.00
N VAL C 99 -26.44 -20.91 -54.36
CA VAL C 99 -27.56 -20.94 -53.41
C VAL C 99 -27.30 -21.96 -52.32
N ALA C 100 -26.78 -23.16 -52.71
CA ALA C 100 -26.46 -24.26 -51.79
C ALA C 100 -25.42 -23.88 -50.77
N GLU C 101 -24.34 -23.19 -51.18
CA GLU C 101 -23.30 -22.79 -50.24
C GLU C 101 -23.81 -21.72 -49.28
N LEU C 102 -24.70 -20.84 -49.76
CA LEU C 102 -25.29 -19.84 -48.91
C LEU C 102 -26.20 -20.51 -47.88
N VAL C 103 -27.05 -21.47 -48.29
CA VAL C 103 -27.94 -22.18 -47.37
C VAL C 103 -27.10 -22.96 -46.34
N ASP C 104 -26.04 -23.63 -46.81
CA ASP C 104 -25.13 -24.38 -45.98
C ASP C 104 -24.46 -23.46 -44.95
N GLY C 105 -23.90 -22.33 -45.39
CA GLY C 105 -23.26 -21.35 -44.52
C GLY C 105 -24.16 -20.83 -43.42
N VAL C 106 -25.40 -20.46 -43.76
CA VAL C 106 -26.36 -19.94 -42.78
C VAL C 106 -26.71 -21.02 -41.75
N THR C 107 -26.88 -22.26 -42.23
CA THR C 107 -27.21 -23.42 -41.40
C THR C 107 -26.10 -23.68 -40.38
N LYS C 108 -24.84 -23.54 -40.82
CA LYS C 108 -23.68 -23.74 -39.94
C LYS C 108 -23.61 -22.74 -38.79
N LEU C 109 -24.19 -21.53 -38.93
CA LEU C 109 -24.16 -20.55 -37.84
C LEU C 109 -25.25 -20.76 -36.79
N SER C 110 -26.06 -21.81 -36.94
CA SER C 110 -27.14 -22.09 -36.01
C SER C 110 -26.59 -22.58 -34.69
N GLN C 111 -27.18 -22.09 -33.59
CA GLN C 111 -26.80 -22.48 -32.24
C GLN C 111 -27.90 -23.36 -31.69
N SER C 112 -27.58 -24.62 -31.35
CA SER C 112 -28.55 -25.53 -30.75
C SER C 112 -28.75 -25.13 -29.30
N SER C 113 -30.00 -25.13 -28.82
CA SER C 113 -30.27 -24.75 -27.42
C SER C 113 -29.78 -25.80 -26.42
N ASP C 114 -29.56 -27.04 -26.87
CA ASP C 114 -29.06 -28.11 -26.02
C ASP C 114 -27.51 -28.26 -26.06
N LYS C 115 -26.82 -27.41 -26.85
CA LYS C 115 -25.37 -27.40 -26.97
C LYS C 115 -24.75 -26.17 -26.30
N GLU C 116 -23.46 -26.23 -25.98
CA GLU C 116 -22.75 -25.14 -25.30
C GLU C 116 -22.71 -23.84 -26.12
N TYR C 117 -22.92 -22.70 -25.45
CA TYR C 117 -22.76 -21.42 -26.11
C TYR C 117 -21.41 -20.86 -25.68
N ASN C 118 -20.42 -20.92 -26.58
CA ASN C 118 -19.09 -20.39 -26.33
C ASN C 118 -18.96 -19.13 -27.16
N LYS C 119 -18.88 -17.96 -26.50
CA LYS C 119 -18.82 -16.69 -27.20
C LYS C 119 -17.64 -16.58 -28.14
N ALA C 120 -16.44 -16.95 -27.68
CA ALA C 120 -15.23 -16.83 -28.50
C ALA C 120 -15.27 -17.74 -29.70
N ALA C 121 -15.76 -18.98 -29.53
CA ALA C 121 -15.84 -19.94 -30.62
C ALA C 121 -16.85 -19.48 -31.66
N SER C 122 -18.02 -18.99 -31.22
CA SER C 122 -19.07 -18.47 -32.11
C SER C 122 -18.58 -17.27 -32.87
N PHE C 123 -17.87 -16.33 -32.20
CA PHE C 123 -17.32 -15.14 -32.85
C PHE C 123 -16.39 -15.52 -33.99
N ARG C 124 -15.45 -16.43 -33.72
CA ARG C 124 -14.52 -16.93 -34.72
C ARG C 124 -15.27 -17.59 -35.90
N LYS C 125 -16.24 -18.49 -35.63
CA LYS C 125 -17.01 -19.20 -36.65
C LYS C 125 -17.84 -18.24 -37.52
N ILE C 126 -18.46 -17.24 -36.90
CA ILE C 126 -19.27 -16.25 -37.61
C ILE C 126 -18.40 -15.30 -38.43
N LEU C 127 -17.25 -14.89 -37.89
CA LEU C 127 -16.32 -14.03 -38.62
C LEU C 127 -15.77 -14.79 -39.83
N GLN C 128 -15.49 -16.09 -39.67
CA GLN C 128 -14.99 -16.92 -40.75
C GLN C 128 -16.05 -17.06 -41.85
N ALA C 129 -17.31 -17.27 -41.48
CA ALA C 129 -18.39 -17.40 -42.45
C ALA C 129 -18.65 -16.07 -43.15
N THR C 130 -18.51 -14.95 -42.43
CA THR C 130 -18.71 -13.60 -42.96
C THR C 130 -17.69 -13.31 -44.04
N LEU C 131 -16.42 -13.61 -43.79
CA LEU C 131 -15.39 -13.35 -44.78
C LEU C 131 -15.42 -14.35 -45.93
N GLN C 132 -15.91 -15.57 -45.69
CA GLN C 132 -16.05 -16.57 -46.75
C GLN C 132 -17.11 -16.08 -47.75
N ASP C 133 -18.20 -15.46 -47.28
CA ASP C 133 -19.25 -14.86 -48.10
C ASP C 133 -20.09 -13.97 -47.21
N PRO C 134 -19.93 -12.65 -47.31
CA PRO C 134 -20.70 -11.75 -46.45
C PRO C 134 -22.21 -11.91 -46.53
N ARG C 135 -22.74 -12.45 -47.63
CA ARG C 135 -24.18 -12.64 -47.77
C ARG C 135 -24.74 -13.59 -46.71
N VAL C 136 -23.93 -14.56 -46.25
CA VAL C 136 -24.31 -15.51 -45.21
C VAL C 136 -24.66 -14.80 -43.90
N ILE C 137 -23.84 -13.82 -43.48
CA ILE C 137 -24.10 -13.11 -42.24
C ILE C 137 -25.30 -12.18 -42.40
N ILE C 138 -25.54 -11.62 -43.60
CA ILE C 138 -26.70 -10.77 -43.82
C ILE C 138 -27.97 -11.58 -43.68
N ILE C 139 -28.00 -12.81 -44.25
CA ILE C 139 -29.18 -13.69 -44.15
C ILE C 139 -29.39 -14.06 -42.68
N LYS C 140 -28.32 -14.41 -41.98
CA LYS C 140 -28.38 -14.81 -40.58
C LYS C 140 -28.82 -13.68 -39.66
N LEU C 141 -28.41 -12.44 -39.96
CA LEU C 141 -28.82 -11.27 -39.17
C LEU C 141 -30.31 -11.02 -39.36
N ALA C 142 -30.80 -11.13 -40.62
CA ALA C 142 -32.20 -10.93 -40.97
C ALA C 142 -33.08 -12.05 -40.37
N ASP C 143 -32.54 -13.28 -40.28
CA ASP C 143 -33.22 -14.43 -39.67
C ASP C 143 -33.32 -14.18 -38.16
N ARG C 144 -32.19 -13.84 -37.51
CA ARG C 144 -32.16 -13.58 -36.08
C ARG C 144 -33.07 -12.42 -35.73
N TYR C 145 -33.11 -11.37 -36.57
CA TYR C 145 -33.97 -10.23 -36.34
C TYR C 145 -35.44 -10.63 -36.29
N HIS C 146 -35.90 -11.43 -37.25
CA HIS C 146 -37.27 -11.90 -37.28
C HIS C 146 -37.61 -12.81 -36.08
N ASN C 147 -36.64 -13.60 -35.62
CA ASN C 147 -36.80 -14.44 -34.44
C ASN C 147 -36.94 -13.57 -33.17
N MET C 148 -36.13 -12.48 -33.05
CA MET C 148 -36.16 -11.59 -31.90
C MET C 148 -37.52 -10.91 -31.71
N THR C 149 -38.27 -10.66 -32.80
CA THR C 149 -39.59 -10.02 -32.68
C THR C 149 -40.67 -10.96 -32.11
N THR C 150 -40.49 -12.28 -32.27
CA THR C 150 -41.44 -13.28 -31.78
C THR C 150 -40.88 -14.07 -30.57
N LEU C 151 -39.92 -13.50 -29.86
CA LEU C 151 -39.21 -14.20 -28.81
C LEU C 151 -39.93 -14.40 -27.48
N GLY C 152 -40.88 -13.54 -27.13
CA GLY C 152 -41.61 -13.68 -25.86
C GLY C 152 -42.28 -15.03 -25.68
N ALA C 153 -42.55 -15.75 -26.81
CA ALA C 153 -43.18 -17.07 -26.80
C ALA C 153 -42.14 -18.22 -26.67
N LEU C 154 -41.15 -18.04 -25.78
CA LEU C 154 -40.11 -19.04 -25.54
C LEU C 154 -39.88 -19.25 -24.03
N ARG C 155 -39.19 -20.35 -23.66
CA ARG C 155 -38.86 -20.61 -22.25
C ARG C 155 -37.88 -19.55 -21.77
N PRO C 156 -38.04 -19.03 -20.54
CA PRO C 156 -37.16 -17.96 -20.05
C PRO C 156 -35.66 -18.24 -20.09
N ASP C 157 -35.25 -19.50 -19.87
CA ASP C 157 -33.84 -19.89 -19.89
C ASP C 157 -33.24 -19.90 -21.31
N LYS C 158 -34.07 -20.21 -22.31
CA LYS C 158 -33.64 -20.26 -23.72
C LYS C 158 -33.73 -18.87 -24.36
N ARG C 159 -34.76 -18.09 -24.02
CA ARG C 159 -34.96 -16.74 -24.53
C ARG C 159 -33.79 -15.83 -24.12
N ALA C 160 -33.30 -15.97 -22.89
CA ALA C 160 -32.18 -15.19 -22.36
C ALA C 160 -30.88 -15.53 -23.08
N ARG C 161 -30.71 -16.80 -23.48
CA ARG C 161 -29.52 -17.29 -24.18
C ARG C 161 -29.49 -16.81 -25.62
N ILE C 162 -30.66 -16.70 -26.27
CA ILE C 162 -30.74 -16.20 -27.63
C ILE C 162 -30.45 -14.69 -27.64
N ALA C 163 -31.02 -13.95 -26.66
CA ALA C 163 -30.80 -12.50 -26.53
C ALA C 163 -29.36 -12.19 -26.15
N GLN C 164 -28.71 -13.08 -25.37
CA GLN C 164 -27.31 -12.87 -25.00
C GLN C 164 -26.41 -13.13 -26.20
N GLU C 165 -26.64 -14.22 -26.94
CA GLU C 165 -25.84 -14.53 -28.11
C GLU C 165 -25.97 -13.43 -29.16
N THR C 166 -27.20 -12.90 -29.34
CA THR C 166 -27.49 -11.85 -30.29
C THR C 166 -26.75 -10.58 -29.89
N PHE C 167 -26.82 -10.22 -28.62
CA PHE C 167 -26.16 -9.04 -28.11
C PHE C 167 -24.63 -9.14 -28.16
N ASP C 168 -24.08 -10.29 -27.84
CA ASP C 168 -22.64 -10.50 -27.80
C ASP C 168 -22.00 -10.56 -29.17
N ILE C 169 -22.66 -11.18 -30.15
CA ILE C 169 -22.08 -11.37 -31.47
C ILE C 169 -22.84 -10.72 -32.61
N PHE C 170 -24.15 -10.92 -32.69
CA PHE C 170 -24.93 -10.40 -33.82
C PHE C 170 -24.95 -8.88 -33.88
N VAL C 171 -25.11 -8.21 -32.75
CA VAL C 171 -25.08 -6.74 -32.72
C VAL C 171 -23.69 -6.23 -33.18
N PRO C 172 -22.53 -6.65 -32.60
CA PRO C 172 -21.23 -6.19 -33.14
C PRO C 172 -21.01 -6.55 -34.62
N MET C 173 -21.46 -7.74 -35.03
CA MET C 173 -21.33 -8.21 -36.41
C MET C 173 -22.09 -7.37 -37.41
N ALA C 174 -23.30 -6.95 -37.05
CA ALA C 174 -24.11 -6.09 -37.91
C ALA C 174 -23.44 -4.73 -38.03
N ARG C 175 -22.85 -4.17 -36.94
CA ARG C 175 -22.16 -2.88 -36.98
C ARG C 175 -20.94 -3.00 -37.95
N LEU C 176 -20.21 -4.14 -37.87
CA LEU C 176 -19.04 -4.46 -38.69
C LEU C 176 -19.34 -4.44 -40.17
N VAL C 177 -20.48 -5.00 -40.59
CA VAL C 177 -20.84 -5.02 -42.01
C VAL C 177 -21.71 -3.82 -42.43
N GLY C 178 -21.68 -2.72 -41.67
CA GLY C 178 -22.41 -1.51 -42.01
C GLY C 178 -23.92 -1.54 -41.89
N MET C 179 -24.50 -2.57 -41.27
CA MET C 179 -25.95 -2.64 -41.06
C MET C 179 -26.27 -2.08 -39.68
N ASN C 180 -25.99 -0.78 -39.50
CA ASN C 180 -26.19 -0.09 -38.24
C ASN C 180 -27.65 0.07 -37.82
N GLU C 181 -28.60 0.17 -38.78
CA GLU C 181 -30.01 0.26 -38.41
C GLU C 181 -30.45 -1.08 -37.83
N MET C 182 -30.08 -2.18 -38.50
CA MET C 182 -30.33 -3.55 -38.09
C MET C 182 -29.71 -3.80 -36.71
N ALA C 183 -28.45 -3.37 -36.52
CA ALA C 183 -27.75 -3.55 -35.25
C ALA C 183 -28.49 -2.86 -34.12
N ASP C 184 -28.98 -1.62 -34.37
CA ASP C 184 -29.73 -0.84 -33.39
C ASP C 184 -31.02 -1.55 -33.03
N ASN C 185 -31.76 -2.06 -34.05
CA ASN C 185 -33.03 -2.77 -33.86
C ASN C 185 -32.84 -4.04 -33.07
N LEU C 186 -31.74 -4.77 -33.34
CA LEU C 186 -31.40 -6.00 -32.65
C LEU C 186 -31.06 -5.70 -31.20
N GLU C 187 -30.21 -4.68 -30.95
CA GLU C 187 -29.79 -4.27 -29.61
C GLU C 187 -30.98 -3.86 -28.75
N ASN C 188 -31.95 -3.17 -29.36
CA ASN C 188 -33.18 -2.75 -28.70
C ASN C 188 -33.94 -4.01 -28.20
N LEU C 189 -34.15 -4.99 -29.09
CA LEU C 189 -34.83 -6.24 -28.74
C LEU C 189 -34.03 -7.09 -27.75
N CYS C 190 -32.71 -6.94 -27.71
CA CYS C 190 -31.87 -7.64 -26.75
C CYS C 190 -32.12 -7.05 -25.36
N TYR C 191 -32.24 -5.74 -25.24
CA TYR C 191 -32.53 -5.11 -23.95
C TYR C 191 -33.92 -5.50 -23.45
N GLN C 192 -34.89 -5.63 -24.37
CA GLN C 192 -36.26 -6.02 -24.08
C GLN C 192 -36.35 -7.42 -23.49
N ASN C 193 -35.42 -8.32 -23.86
CA ASN C 193 -35.44 -9.69 -23.34
C ASN C 193 -34.36 -9.99 -22.29
N LEU C 194 -33.40 -9.09 -22.08
CA LEU C 194 -32.36 -9.30 -21.06
C LEU C 194 -32.66 -8.56 -19.75
N ASP C 195 -33.51 -7.52 -19.80
CA ASP C 195 -33.90 -6.73 -18.64
C ASP C 195 -35.22 -6.02 -18.95
N LEU C 196 -36.31 -6.81 -19.06
CA LEU C 196 -37.64 -6.32 -19.43
C LEU C 196 -38.13 -5.13 -18.59
N ASP C 197 -38.01 -5.18 -17.27
CA ASP C 197 -38.42 -4.07 -16.40
C ASP C 197 -37.69 -2.75 -16.69
N MET C 198 -36.32 -2.79 -16.66
CA MET C 198 -35.52 -1.61 -16.92
C MET C 198 -35.77 -1.10 -18.32
N PHE C 199 -36.00 -1.99 -19.30
CA PHE C 199 -36.29 -1.61 -20.67
C PHE C 199 -37.61 -0.85 -20.74
N ASP C 200 -38.66 -1.36 -20.08
CA ASP C 200 -39.97 -0.72 -20.08
C ASP C 200 -39.95 0.64 -19.40
N ASN C 201 -39.11 0.81 -18.37
CA ASN C 201 -39.02 2.08 -17.67
C ASN C 201 -38.34 3.14 -18.54
N VAL C 202 -37.27 2.77 -19.23
CA VAL C 202 -36.54 3.70 -20.10
C VAL C 202 -37.33 3.99 -21.37
N GLN C 203 -37.99 2.97 -21.93
CA GLN C 203 -38.78 3.10 -23.15
C GLN C 203 -39.99 4.02 -22.98
N ASN C 204 -40.58 4.03 -21.78
CA ASN C 204 -41.72 4.90 -21.47
C ASN C 204 -41.27 6.34 -21.30
N ALA C 205 -40.09 6.55 -20.71
CA ALA C 205 -39.54 7.89 -20.54
C ALA C 205 -39.14 8.45 -21.90
N LEU C 206 -38.57 7.60 -22.78
CA LEU C 206 -38.19 8.00 -24.13
C LEU C 206 -39.44 8.42 -24.92
N LEU C 207 -40.54 7.68 -24.76
CA LEU C 207 -41.81 7.95 -25.42
C LEU C 207 -42.47 9.22 -24.90
N GLN C 208 -42.49 9.42 -23.58
CA GLN C 208 -43.12 10.61 -22.99
C GLN C 208 -42.35 11.87 -23.33
N THR C 209 -41.02 11.79 -23.35
CA THR C 209 -40.18 12.94 -23.65
C THR C 209 -39.85 13.09 -25.14
N LYS C 210 -40.39 12.21 -26.01
CA LYS C 210 -40.13 12.23 -27.45
C LYS C 210 -40.50 13.56 -28.12
N PRO C 211 -41.75 14.10 -27.99
CA PRO C 211 -42.04 15.39 -28.64
C PRO C 211 -41.21 16.56 -28.12
N GLU C 212 -40.86 16.57 -26.83
CA GLU C 212 -40.03 17.64 -26.27
C GLU C 212 -38.59 17.53 -26.83
N ARG C 213 -38.09 16.29 -26.98
CA ARG C 213 -36.77 16.04 -27.53
C ARG C 213 -36.71 16.45 -29.01
N CYS C 214 -37.83 16.31 -29.77
CA CYS C 214 -37.91 16.72 -31.17
C CYS C 214 -37.76 18.23 -31.28
N LYS C 215 -38.45 18.95 -30.39
CA LYS C 215 -38.44 20.41 -30.30
C LYS C 215 -37.03 20.92 -30.05
N TYR C 216 -36.32 20.33 -29.06
CA TYR C 216 -34.97 20.78 -28.73
C TYR C 216 -33.92 20.32 -29.72
N GLN C 217 -34.15 19.20 -30.42
CA GLN C 217 -33.22 18.78 -31.48
C GLN C 217 -33.32 19.78 -32.64
N SER C 218 -34.55 20.26 -32.96
CA SER C 218 -34.80 21.27 -33.98
C SER C 218 -34.16 22.60 -33.60
N ILE C 219 -34.20 22.96 -32.32
CA ILE C 219 -33.60 24.17 -31.79
C ILE C 219 -32.09 24.09 -31.99
N TRP C 220 -31.47 22.96 -31.60
CA TRP C 220 -30.03 22.80 -31.70
C TRP C 220 -29.52 22.62 -33.13
N GLU C 221 -30.37 22.12 -34.04
CA GLU C 221 -29.99 22.03 -35.45
C GLU C 221 -29.84 23.45 -36.00
N GLN C 222 -30.75 24.37 -35.60
CA GLN C 222 -30.74 25.78 -35.97
C GLN C 222 -29.56 26.50 -35.30
N ASN C 223 -29.28 26.19 -34.02
CA ASN C 223 -28.16 26.79 -33.28
C ASN C 223 -26.81 26.42 -33.91
N LEU C 224 -26.70 25.20 -34.40
CA LEU C 224 -25.50 24.71 -35.06
C LEU C 224 -25.39 25.27 -36.49
N ALA C 225 -26.53 25.48 -37.17
CA ALA C 225 -26.55 26.08 -38.51
C ALA C 225 -26.05 27.52 -38.44
N GLU C 226 -26.47 28.26 -37.39
CA GLU C 226 -26.09 29.64 -37.09
C GLU C 226 -24.62 29.72 -36.75
N LEU C 227 -24.10 28.77 -35.96
CA LEU C 227 -22.70 28.75 -35.56
C LEU C 227 -21.80 28.57 -36.77
N LEU C 228 -22.16 27.67 -37.68
CA LEU C 228 -21.39 27.42 -38.90
C LEU C 228 -21.33 28.67 -39.76
N HIS C 229 -22.45 29.41 -39.85
CA HIS C 229 -22.55 30.65 -40.60
C HIS C 229 -21.70 31.78 -39.99
N ASN C 230 -21.71 31.90 -38.66
CA ASN C 230 -20.95 32.93 -37.94
C ASN C 230 -19.45 32.76 -38.10
N TYR C 231 -18.98 31.51 -38.11
CA TYR C 231 -17.56 31.24 -38.28
C TYR C 231 -17.15 31.01 -39.74
N HIS C 232 -18.04 31.33 -40.68
CA HIS C 232 -17.85 31.23 -42.13
C HIS C 232 -17.39 29.84 -42.59
N ILE C 233 -18.05 28.80 -42.05
CA ILE C 233 -17.78 27.40 -42.38
C ILE C 233 -18.93 26.86 -43.21
N GLN C 234 -18.62 26.36 -44.41
CA GLN C 234 -19.63 25.77 -45.28
C GLN C 234 -19.78 24.30 -44.86
N GLY C 235 -21.01 23.89 -44.58
CA GLY C 235 -21.27 22.51 -44.18
C GLY C 235 -22.73 22.13 -44.15
N ARG C 236 -22.98 20.82 -44.02
CA ARG C 236 -24.33 20.26 -43.94
C ARG C 236 -24.53 19.69 -42.55
N ILE C 237 -25.74 19.82 -41.99
CA ILE C 237 -26.04 19.30 -40.67
C ILE C 237 -27.14 18.27 -40.75
N LYS C 238 -26.90 17.09 -40.18
CA LYS C 238 -27.87 16.00 -40.21
C LYS C 238 -28.28 15.62 -38.83
N LYS C 239 -29.58 15.63 -38.57
CA LYS C 239 -30.11 15.22 -37.27
C LYS C 239 -29.96 13.71 -37.20
N LYS C 240 -29.38 13.21 -36.12
CA LYS C 240 -29.18 11.77 -35.97
C LYS C 240 -30.05 11.24 -34.85
N ASN C 241 -30.64 10.06 -35.05
CA ASN C 241 -31.48 9.45 -34.03
C ASN C 241 -30.59 8.97 -32.89
N ASN C 242 -31.03 9.24 -31.67
CA ASN C 242 -30.31 9.04 -30.42
C ASN C 242 -30.84 7.91 -29.53
N ASN C 243 -32.02 7.35 -29.87
CA ASN C 243 -32.75 6.36 -29.07
C ASN C 243 -31.94 5.18 -28.52
N ILE C 244 -31.09 4.52 -29.34
CA ILE C 244 -30.34 3.36 -28.83
C ILE C 244 -29.25 3.82 -27.88
N GLU C 245 -28.63 4.99 -28.13
CA GLU C 245 -27.58 5.49 -27.23
C GLU C 245 -28.14 5.88 -25.87
N LEU C 246 -29.35 6.44 -25.87
CA LEU C 246 -30.06 6.84 -24.65
C LEU C 246 -30.53 5.60 -23.88
N LEU C 247 -31.09 4.60 -24.60
CA LEU C 247 -31.57 3.38 -23.96
C LEU C 247 -30.39 2.63 -23.34
N ARG C 248 -29.31 2.46 -24.12
CA ARG C 248 -28.06 1.82 -23.70
C ARG C 248 -27.52 2.45 -22.41
N HIS C 249 -27.64 3.76 -22.27
CA HIS C 249 -27.16 4.47 -21.09
C HIS C 249 -28.10 4.34 -19.89
N PHE C 250 -29.38 4.70 -20.04
CA PHE C 250 -30.30 4.70 -18.92
C PHE C 250 -30.76 3.31 -18.45
N VAL C 251 -30.41 2.25 -19.19
CA VAL C 251 -30.70 0.88 -18.73
C VAL C 251 -29.71 0.50 -17.57
N LYS C 252 -28.50 1.12 -17.55
CA LYS C 252 -27.49 0.91 -16.52
C LYS C 252 -27.27 2.16 -15.62
N ASN C 253 -28.06 3.22 -15.78
CA ASN C 253 -27.92 4.45 -15.01
C ASN C 253 -29.26 4.96 -14.45
N GLU C 254 -29.20 5.77 -13.39
CA GLU C 254 -30.39 6.36 -12.77
C GLU C 254 -31.06 7.34 -13.75
N MET C 255 -32.40 7.33 -13.81
CA MET C 255 -33.13 8.19 -14.74
C MET C 255 -33.05 9.69 -14.41
N ASP C 256 -32.70 10.49 -15.42
CA ASP C 256 -32.60 11.94 -15.39
C ASP C 256 -33.39 12.41 -16.60
N LEU C 257 -34.66 12.77 -16.41
CA LEU C 257 -35.54 13.19 -17.49
C LEU C 257 -35.06 14.42 -18.25
N GLN C 258 -34.30 15.29 -17.60
CA GLN C 258 -33.77 16.48 -18.26
C GLN C 258 -32.63 16.08 -19.20
N GLU C 259 -31.76 15.17 -18.74
CA GLU C 259 -30.64 14.68 -19.55
C GLU C 259 -31.15 13.88 -20.75
N LEU C 260 -32.21 13.10 -20.56
CA LEU C 260 -32.84 12.30 -21.60
C LEU C 260 -33.53 13.18 -22.65
N THR C 261 -34.12 14.30 -22.23
CA THR C 261 -34.81 15.22 -23.14
C THR C 261 -33.81 16.10 -23.90
N HIS C 262 -32.74 16.52 -23.23
CA HIS C 262 -31.80 17.45 -23.85
C HIS C 262 -30.49 16.84 -24.30
N SER C 263 -30.52 15.59 -24.75
CA SER C 263 -29.34 14.95 -25.29
C SER C 263 -29.62 14.77 -26.78
N HIS C 264 -28.75 15.32 -27.67
CA HIS C 264 -28.97 15.21 -29.11
C HIS C 264 -27.72 14.82 -29.88
N ALA C 265 -27.89 14.15 -31.04
CA ALA C 265 -26.76 13.74 -31.85
C ALA C 265 -26.89 14.30 -33.26
N PHE C 266 -25.76 14.75 -33.84
CA PHE C 266 -25.72 15.32 -35.18
C PHE C 266 -24.50 14.87 -35.95
N GLU C 267 -24.62 14.88 -37.28
CA GLU C 267 -23.53 14.56 -38.20
C GLU C 267 -23.27 15.84 -38.99
N ILE C 268 -22.02 16.32 -38.99
CA ILE C 268 -21.69 17.54 -39.73
C ILE C 268 -20.74 17.25 -40.89
N VAL C 269 -21.21 17.47 -42.13
CA VAL C 269 -20.41 17.17 -43.31
C VAL C 269 -19.77 18.42 -43.87
N LEU C 270 -18.45 18.57 -43.67
CA LEU C 270 -17.72 19.74 -44.14
C LEU C 270 -16.98 19.51 -45.46
N GLN C 271 -16.40 20.55 -46.03
CA GLN C 271 -15.75 20.46 -47.34
C GLN C 271 -14.29 20.05 -47.27
N SER C 272 -13.58 20.45 -46.21
CA SER C 272 -12.15 20.13 -46.10
C SER C 272 -11.72 19.80 -44.66
N ILE C 273 -10.51 19.25 -44.48
CA ILE C 273 -10.00 18.93 -43.15
C ILE C 273 -9.73 20.20 -42.35
N ALA C 274 -9.29 21.28 -43.01
CA ALA C 274 -9.06 22.56 -42.36
C ALA C 274 -10.35 23.10 -41.73
N ASP C 275 -11.49 22.91 -42.44
CA ASP C 275 -12.81 23.30 -41.99
C ASP C 275 -13.24 22.48 -40.78
N CYS C 276 -12.83 21.20 -40.70
CA CYS C 276 -13.14 20.30 -39.59
C CYS C 276 -12.48 20.79 -38.33
N ASP C 277 -11.19 21.15 -38.44
CA ASP C 277 -10.44 21.64 -37.30
C ASP C 277 -10.91 23.03 -36.87
N ARG C 278 -11.33 23.88 -37.84
CA ARG C 278 -11.87 25.20 -37.59
C ARG C 278 -13.18 25.07 -36.83
N LEU C 279 -14.05 24.13 -37.23
CA LEU C 279 -15.31 23.91 -36.53
C LEU C 279 -15.07 23.42 -35.11
N VAL C 280 -14.08 22.55 -34.91
CA VAL C 280 -13.74 22.06 -33.57
C VAL C 280 -13.29 23.21 -32.69
N ALA C 281 -12.45 24.11 -33.23
CA ALA C 281 -11.97 25.27 -32.50
C ALA C 281 -13.13 26.21 -32.14
N ALA C 282 -14.06 26.42 -33.08
CA ALA C 282 -15.23 27.27 -32.86
C ALA C 282 -16.14 26.68 -31.78
N LEU C 283 -16.37 25.36 -31.81
CA LEU C 283 -17.21 24.68 -30.84
C LEU C 283 -16.62 24.77 -29.45
N LYS C 284 -15.28 24.71 -29.33
CA LYS C 284 -14.61 24.82 -28.04
C LYS C 284 -14.88 26.17 -27.37
N GLU C 285 -14.94 27.23 -28.19
CA GLU C 285 -15.20 28.58 -27.70
C GLU C 285 -16.58 28.71 -27.08
N ASN C 286 -17.60 28.07 -27.68
CA ASN C 286 -18.98 28.20 -27.22
C ASN C 286 -19.46 27.10 -26.27
N PHE C 287 -18.74 25.99 -26.18
CA PHE C 287 -19.19 24.87 -25.35
C PHE C 287 -18.09 24.29 -24.47
N GLN C 288 -18.49 23.50 -23.48
CA GLN C 288 -17.58 22.78 -22.62
C GLN C 288 -17.39 21.41 -23.28
N VAL C 289 -16.14 20.98 -23.51
CA VAL C 289 -15.86 19.70 -24.15
C VAL C 289 -15.86 18.52 -23.17
N ILE C 290 -16.80 17.58 -23.35
CA ILE C 290 -16.91 16.38 -22.53
C ILE C 290 -15.95 15.29 -23.02
N GLN C 291 -15.95 15.04 -24.33
CA GLN C 291 -15.10 14.00 -24.92
C GLN C 291 -14.68 14.38 -26.34
N TYR C 292 -13.45 14.01 -26.75
CA TYR C 292 -12.95 14.34 -28.07
C TYR C 292 -12.09 13.21 -28.58
N GLN C 293 -12.34 12.77 -29.82
CA GLN C 293 -11.59 11.70 -30.45
C GLN C 293 -11.21 12.12 -31.86
N ASP C 294 -9.92 12.08 -32.18
CA ASP C 294 -9.43 12.48 -33.50
C ASP C 294 -9.18 11.25 -34.39
N HIS C 295 -10.18 10.87 -35.19
CA HIS C 295 -10.02 9.76 -36.11
C HIS C 295 -9.59 10.20 -37.52
N ILE C 296 -9.13 11.47 -37.68
CA ILE C 296 -8.59 11.97 -38.95
C ILE C 296 -7.08 11.72 -38.95
N ARG C 297 -6.39 12.15 -37.88
CA ARG C 297 -4.96 11.93 -37.73
C ARG C 297 -4.68 10.46 -37.37
N ARG C 298 -5.56 9.85 -36.55
CA ARG C 298 -5.48 8.42 -36.23
C ARG C 298 -6.76 7.71 -36.73
N PRO C 299 -6.81 7.32 -38.02
CA PRO C 299 -8.02 6.68 -38.55
C PRO C 299 -8.38 5.36 -37.92
N LEU C 300 -9.66 5.05 -37.89
CA LEU C 300 -10.15 3.81 -37.32
C LEU C 300 -9.76 2.62 -38.19
N PRO C 301 -9.68 1.38 -37.62
CA PRO C 301 -9.42 0.20 -38.47
C PRO C 301 -10.51 0.09 -39.55
N GLY C 302 -10.09 -0.08 -40.79
CA GLY C 302 -11.02 -0.04 -41.92
C GLY C 302 -10.77 1.19 -42.78
N GLY C 303 -10.33 2.27 -42.12
CA GLY C 303 -9.97 3.53 -42.74
C GLY C 303 -10.86 4.70 -42.40
N ASN C 304 -11.96 4.46 -41.65
CA ASN C 304 -12.93 5.52 -41.35
C ASN C 304 -12.36 6.73 -40.62
N GLN C 305 -12.55 7.90 -41.19
CA GLN C 305 -12.07 9.14 -40.62
C GLN C 305 -13.22 10.03 -40.22
N SER C 306 -13.03 10.75 -39.13
CA SER C 306 -14.01 11.67 -38.56
C SER C 306 -13.41 12.35 -37.31
N LEU C 307 -14.18 13.25 -36.70
CA LEU C 307 -13.80 13.92 -35.48
C LEU C 307 -15.01 13.80 -34.60
N MET C 308 -14.88 13.10 -33.47
CA MET C 308 -16.02 12.92 -32.58
C MET C 308 -15.90 13.72 -31.34
N ILE C 309 -16.73 14.75 -31.21
CA ILE C 309 -16.69 15.63 -30.06
C ILE C 309 -18.06 15.68 -29.33
N LYS C 310 -18.04 15.46 -28.03
CA LYS C 310 -19.24 15.51 -27.19
C LYS C 310 -19.16 16.83 -26.42
N LEU C 311 -20.20 17.67 -26.53
CA LEU C 311 -20.21 19.00 -25.95
C LEU C 311 -21.33 19.21 -24.94
N LYS C 312 -21.12 20.12 -23.98
CA LYS C 312 -22.09 20.45 -22.95
C LYS C 312 -22.31 21.95 -22.95
N GLY C 313 -23.52 22.31 -23.36
CA GLY C 313 -23.92 23.72 -23.41
C GLY C 313 -25.23 23.86 -22.67
N GLU C 314 -25.24 24.58 -21.55
CA GLU C 314 -26.44 24.66 -20.70
C GLU C 314 -26.83 23.25 -20.25
N LYS C 315 -28.10 22.89 -20.36
CA LYS C 315 -28.59 21.56 -19.94
C LYS C 315 -28.57 20.61 -21.13
N THR C 316 -28.00 21.04 -22.25
CA THR C 316 -27.94 20.26 -23.49
C THR C 316 -26.61 19.55 -23.69
N THR C 317 -26.67 18.27 -24.08
CA THR C 317 -25.50 17.48 -24.40
C THR C 317 -25.58 17.20 -25.89
N LEU C 318 -24.51 17.49 -26.64
CA LEU C 318 -24.49 17.26 -28.08
C LEU C 318 -23.40 16.28 -28.50
N SER C 319 -23.75 15.26 -29.28
CA SER C 319 -22.77 14.30 -29.78
C SER C 319 -22.63 14.57 -31.26
N LEU C 320 -21.48 15.12 -31.67
CA LEU C 320 -21.26 15.48 -33.06
C LEU C 320 -20.16 14.64 -33.72
N THR C 321 -20.39 14.18 -34.96
CA THR C 321 -19.36 13.50 -35.74
C THR C 321 -19.10 14.42 -36.93
N ILE C 322 -17.91 14.95 -37.03
CA ILE C 322 -17.53 15.90 -38.08
C ILE C 322 -16.61 15.22 -39.07
N GLN C 323 -16.99 15.21 -40.35
CA GLN C 323 -16.16 14.60 -41.39
C GLN C 323 -16.29 15.33 -42.71
N THR C 324 -15.29 15.20 -43.58
CA THR C 324 -15.32 15.84 -44.89
C THR C 324 -16.27 15.08 -45.84
N GLU C 325 -16.63 15.71 -46.97
CA GLU C 325 -17.46 15.08 -47.97
C GLU C 325 -16.77 13.82 -48.55
N LEU C 326 -15.41 13.82 -48.64
CA LEU C 326 -14.63 12.68 -49.13
C LEU C 326 -14.64 11.55 -48.12
N MET C 327 -14.52 11.89 -46.82
CA MET C 327 -14.53 10.89 -45.75
C MET C 327 -15.85 10.14 -45.73
N ARG C 328 -16.96 10.87 -45.90
CA ARG C 328 -18.29 10.32 -45.93
C ARG C 328 -18.47 9.39 -47.11
N LYS C 329 -17.90 9.73 -48.28
CA LYS C 329 -17.98 8.89 -49.46
C LYS C 329 -17.10 7.63 -49.32
N ALA C 330 -15.89 7.76 -48.74
CA ALA C 330 -15.00 6.63 -48.55
C ALA C 330 -15.60 5.61 -47.59
N ALA C 331 -16.30 6.07 -46.55
CA ALA C 331 -16.97 5.23 -45.56
C ALA C 331 -18.07 4.35 -46.18
N ARG C 332 -18.62 4.75 -47.33
CA ARG C 332 -19.65 3.96 -48.02
C ARG C 332 -19.07 2.86 -48.89
N PHE C 333 -17.72 2.71 -48.93
CA PHE C 333 -17.11 1.70 -49.76
C PHE C 333 -17.21 0.35 -49.09
N GLY C 334 -16.89 0.29 -47.81
CA GLY C 334 -16.95 -0.98 -47.08
C GLY C 334 -18.32 -1.48 -46.68
N VAL C 335 -19.28 -0.56 -46.47
CA VAL C 335 -20.64 -0.88 -46.04
C VAL C 335 -21.33 -1.87 -47.02
N VAL C 336 -21.64 -3.06 -46.48
CA VAL C 336 -22.26 -4.19 -47.17
C VAL C 336 -23.63 -3.83 -47.78
N LEU C 337 -24.40 -2.94 -47.13
CA LEU C 337 -25.67 -2.48 -47.71
C LEU C 337 -25.56 -1.25 -48.62
N GLY C 338 -24.34 -0.95 -49.09
CA GLY C 338 -24.09 0.19 -49.96
C GLY C 338 -24.28 -0.11 -51.43
N GLU C 339 -23.73 0.77 -52.29
CA GLU C 339 -23.83 0.61 -53.73
C GLU C 339 -23.05 -0.61 -54.22
N ASN C 340 -21.90 -0.86 -53.59
CA ASN C 340 -21.07 -1.99 -53.95
C ASN C 340 -21.69 -3.34 -53.48
N ALA C 341 -21.44 -4.43 -54.25
CA ALA C 341 -21.96 -5.75 -53.91
C ALA C 341 -21.39 -6.23 -52.57
N PRO C 342 -22.23 -6.81 -51.69
CA PRO C 342 -21.73 -7.25 -50.37
C PRO C 342 -20.42 -8.04 -50.34
N GLN C 343 -20.21 -8.90 -51.34
CA GLN C 343 -19.03 -9.76 -51.52
C GLN C 343 -17.72 -8.96 -51.65
N THR C 344 -17.82 -7.78 -52.28
CA THR C 344 -16.72 -6.84 -52.49
C THR C 344 -16.24 -6.15 -51.15
N CYS C 345 -17.08 -6.24 -50.11
CA CYS C 345 -16.72 -5.72 -48.80
C CYS C 345 -15.90 -6.73 -48.00
N ARG C 346 -15.40 -7.84 -48.60
CA ARG C 346 -14.58 -8.81 -47.88
C ARG C 346 -13.34 -8.16 -47.35
N SER C 347 -12.71 -7.26 -48.12
CA SER C 347 -11.51 -6.56 -47.67
C SER C 347 -11.83 -5.52 -46.61
N ALA C 348 -12.95 -4.85 -46.74
CA ALA C 348 -13.38 -3.83 -45.81
C ALA C 348 -13.67 -4.44 -44.44
N ILE C 349 -14.46 -5.55 -44.37
CA ILE C 349 -14.84 -6.20 -43.13
C ILE C 349 -13.58 -6.73 -42.47
N GLN C 350 -12.70 -7.38 -43.25
CA GLN C 350 -11.44 -7.92 -42.70
C GLN C 350 -10.54 -6.85 -42.16
N ALA C 351 -10.42 -5.69 -42.83
CA ALA C 351 -9.58 -4.60 -42.33
C ALA C 351 -10.17 -4.00 -41.05
N SER C 352 -11.50 -3.90 -40.98
CA SER C 352 -12.19 -3.31 -39.84
C SER C 352 -12.43 -4.27 -38.69
N MET C 353 -12.02 -5.56 -38.80
CA MET C 353 -12.30 -6.51 -37.72
C MET C 353 -11.52 -6.20 -36.43
N GLN C 354 -10.51 -5.32 -36.46
CA GLN C 354 -9.84 -4.90 -35.22
C GLN C 354 -10.79 -4.09 -34.30
N ASN C 355 -11.90 -3.54 -34.86
CA ASN C 355 -12.91 -2.78 -34.13
C ASN C 355 -13.71 -3.66 -33.12
N LEU C 356 -13.56 -5.00 -33.18
CA LEU C 356 -14.23 -5.92 -32.26
C LEU C 356 -13.39 -6.00 -30.97
N ASN C 357 -14.01 -5.71 -29.80
CA ASN C 357 -13.31 -5.63 -28.49
C ASN C 357 -13.43 -6.88 -27.55
N THR C 358 -13.10 -8.12 -28.05
CA THR C 358 -13.11 -9.37 -27.25
C THR C 358 -12.36 -10.52 -28.00
N THR C 368 -8.76 -12.01 -29.15
CA THR C 368 -7.90 -11.16 -29.97
C THR C 368 -8.01 -11.53 -31.46
N PHE C 369 -8.42 -10.53 -32.27
CA PHE C 369 -8.61 -10.69 -33.72
C PHE C 369 -7.38 -10.24 -34.55
N ASN C 370 -6.17 -10.60 -34.08
CA ASN C 370 -4.94 -10.25 -34.78
C ASN C 370 -4.38 -11.45 -35.56
N ASP C 371 -4.09 -12.59 -34.88
CA ASP C 371 -3.58 -13.79 -35.57
C ASP C 371 -4.72 -14.73 -36.01
N LEU C 372 -5.75 -14.18 -36.69
CA LEU C 372 -6.88 -14.97 -37.12
C LEU C 372 -6.79 -15.51 -38.55
N LEU C 373 -5.76 -15.11 -39.35
CA LEU C 373 -5.62 -15.53 -40.75
C LEU C 373 -5.64 -17.04 -40.97
N ASP C 374 -4.93 -17.78 -40.11
CA ASP C 374 -4.88 -19.24 -40.20
C ASP C 374 -6.27 -19.82 -39.96
N TYR C 375 -6.97 -19.30 -38.95
CA TYR C 375 -8.32 -19.72 -38.64
C TYR C 375 -9.30 -19.41 -39.80
N LEU C 376 -9.33 -18.15 -40.28
CA LEU C 376 -10.24 -17.71 -41.34
C LEU C 376 -10.17 -18.53 -42.62
N HIS C 377 -8.96 -18.93 -43.05
CA HIS C 377 -8.82 -19.67 -44.32
C HIS C 377 -8.99 -21.18 -44.20
N GLN C 378 -9.07 -21.71 -42.97
CA GLN C 378 -9.22 -23.15 -42.72
C GLN C 378 -10.42 -23.41 -41.85
N GLU C 379 -11.47 -23.99 -42.45
CA GLU C 379 -12.74 -24.34 -41.80
C GLU C 379 -12.55 -25.56 -40.90
N LYS C 380 -13.13 -25.43 -39.71
CA LYS C 380 -13.07 -26.43 -38.67
C LYS C 380 -14.38 -27.21 -38.55
N ILE C 381 -14.42 -28.26 -37.72
CA ILE C 381 -15.64 -29.00 -37.47
C ILE C 381 -16.04 -28.80 -36.01
N TRP C 382 -17.35 -28.69 -35.75
CA TRP C 382 -17.85 -28.47 -34.42
C TRP C 382 -18.57 -29.70 -33.90
N VAL C 383 -17.84 -30.55 -33.17
CA VAL C 383 -18.41 -31.76 -32.56
C VAL C 383 -18.61 -31.54 -31.06
N TYR C 384 -19.51 -32.32 -30.45
CA TYR C 384 -19.86 -32.12 -29.06
C TYR C 384 -19.71 -33.33 -28.15
N THR C 385 -19.49 -33.09 -26.87
CA THR C 385 -19.48 -34.17 -25.87
C THR C 385 -20.99 -34.44 -25.54
N PRO C 386 -21.28 -35.54 -24.86
CA PRO C 386 -22.69 -35.82 -24.51
C PRO C 386 -23.31 -34.81 -23.53
N HIS C 387 -22.47 -34.01 -22.85
CA HIS C 387 -22.91 -32.94 -21.95
C HIS C 387 -23.21 -31.62 -22.71
N GLY C 388 -22.88 -31.56 -24.00
CA GLY C 388 -23.06 -30.37 -24.83
C GLY C 388 -21.79 -29.59 -25.07
N GLN C 389 -20.65 -30.03 -24.49
CA GLN C 389 -19.38 -29.32 -24.61
C GLN C 389 -18.85 -29.28 -26.02
N LEU C 390 -18.54 -28.08 -26.50
CA LEU C 390 -18.01 -27.92 -27.84
C LEU C 390 -16.51 -28.28 -27.98
N HIS C 391 -16.17 -29.01 -29.06
CA HIS C 391 -14.82 -29.34 -29.44
C HIS C 391 -14.63 -28.92 -30.90
N GLU C 392 -13.75 -27.95 -31.12
CA GLU C 392 -13.44 -27.43 -32.46
C GLU C 392 -12.25 -28.18 -33.00
N LEU C 393 -12.44 -29.02 -34.01
CA LEU C 393 -11.36 -29.86 -34.53
C LEU C 393 -11.05 -29.57 -36.01
N PRO C 394 -9.83 -29.88 -36.50
CA PRO C 394 -9.54 -29.68 -37.92
C PRO C 394 -10.41 -30.57 -38.80
N GLN C 395 -10.63 -30.19 -40.06
CA GLN C 395 -11.42 -30.98 -40.98
C GLN C 395 -10.68 -32.28 -41.28
N GLY C 396 -11.38 -33.42 -41.10
CA GLY C 396 -10.77 -34.74 -41.25
C GLY C 396 -10.40 -35.41 -39.93
N ALA C 397 -10.68 -34.75 -38.80
CA ALA C 397 -10.37 -35.29 -37.49
C ALA C 397 -11.17 -36.54 -37.23
N THR C 398 -10.55 -37.55 -36.64
CA THR C 398 -11.21 -38.80 -36.32
C THR C 398 -11.73 -38.84 -34.86
N VAL C 399 -12.38 -39.95 -34.41
CA VAL C 399 -12.82 -40.11 -33.04
C VAL C 399 -11.62 -39.97 -32.07
N VAL C 400 -10.42 -40.47 -32.47
CA VAL C 400 -9.20 -40.38 -31.66
C VAL C 400 -8.76 -38.94 -31.45
N ASP C 401 -8.87 -38.11 -32.48
CA ASP C 401 -8.54 -36.69 -32.35
C ASP C 401 -9.45 -36.00 -31.35
N PHE C 402 -10.75 -36.37 -31.34
CA PHE C 402 -11.71 -35.85 -30.39
C PHE C 402 -11.35 -36.27 -28.98
N ALA C 403 -11.04 -37.56 -28.79
CA ALA C 403 -10.68 -38.11 -27.49
C ALA C 403 -9.48 -37.38 -26.89
N TYR C 404 -8.43 -37.14 -27.67
CA TYR C 404 -7.26 -36.42 -27.18
C TYR C 404 -7.56 -34.97 -26.90
N SER C 405 -8.43 -34.34 -27.71
CA SER C 405 -8.86 -32.95 -27.52
C SER C 405 -9.57 -32.80 -26.17
N ALA C 406 -10.41 -33.78 -25.82
CA ALA C 406 -11.11 -33.77 -24.56
C ALA C 406 -10.12 -33.88 -23.40
N SER C 407 -9.16 -34.83 -23.46
CA SER C 407 -8.12 -35.02 -22.45
C SER C 407 -7.14 -36.13 -22.85
N LEU C 408 -5.92 -36.12 -22.27
CA LEU C 408 -4.93 -37.17 -22.53
C LEU C 408 -5.45 -38.49 -22.01
N PHE C 409 -6.16 -38.50 -20.87
CA PHE C 409 -6.71 -39.74 -20.33
C PHE C 409 -7.67 -40.40 -21.34
N LEU C 410 -8.63 -39.62 -21.90
CA LEU C 410 -9.60 -40.12 -22.84
C LEU C 410 -8.93 -40.68 -24.07
N GLY C 411 -7.94 -39.97 -24.59
CA GLY C 411 -7.21 -40.41 -25.77
C GLY C 411 -6.42 -41.67 -25.53
N ASN C 412 -5.52 -41.66 -24.54
CA ASN C 412 -4.68 -42.82 -24.21
C ASN C 412 -5.49 -44.04 -23.85
N HIS C 413 -6.61 -43.83 -23.16
CA HIS C 413 -7.44 -44.93 -22.69
C HIS C 413 -8.66 -45.26 -23.57
N ALA C 414 -8.77 -44.63 -24.75
CA ALA C 414 -9.87 -44.88 -25.66
C ALA C 414 -9.83 -46.28 -26.23
N VAL C 415 -10.99 -46.93 -26.25
CA VAL C 415 -11.17 -48.25 -26.86
C VAL C 415 -12.25 -48.28 -27.97
N GLY C 416 -13.15 -47.30 -27.92
CA GLY C 416 -14.21 -47.13 -28.88
C GLY C 416 -14.94 -45.83 -28.66
N ALA C 417 -16.07 -45.66 -29.33
CA ALA C 417 -16.88 -44.45 -29.21
C ALA C 417 -18.32 -44.70 -29.67
N LYS C 418 -19.23 -43.83 -29.24
CA LYS C 418 -20.61 -43.84 -29.70
C LYS C 418 -20.82 -42.46 -30.33
N VAL C 419 -20.93 -42.42 -31.65
CA VAL C 419 -21.16 -41.18 -32.37
C VAL C 419 -22.64 -41.13 -32.65
N ASP C 420 -23.34 -40.18 -32.00
CA ASP C 420 -24.78 -39.98 -32.14
C ASP C 420 -25.55 -41.23 -31.71
N GLY C 421 -25.11 -41.83 -30.61
CA GLY C 421 -25.74 -43.02 -30.04
C GLY C 421 -25.32 -44.34 -30.66
N GLU C 422 -24.68 -44.29 -31.82
CA GLU C 422 -24.28 -45.49 -32.53
C GLU C 422 -22.80 -45.82 -32.35
N ILE C 423 -22.49 -47.08 -32.07
CA ILE C 423 -21.10 -47.53 -31.92
C ILE C 423 -20.32 -47.32 -33.22
N LYS C 424 -19.18 -46.64 -33.14
CA LYS C 424 -18.33 -46.38 -34.30
C LYS C 424 -16.87 -46.67 -33.93
N PRO C 425 -16.04 -47.17 -34.86
CA PRO C 425 -14.63 -47.41 -34.54
C PRO C 425 -13.84 -46.12 -34.31
N LEU C 426 -12.69 -46.23 -33.65
CA LEU C 426 -11.84 -45.09 -33.31
C LEU C 426 -11.34 -44.30 -34.53
N SER C 427 -11.29 -44.94 -35.71
CA SER C 427 -10.83 -44.31 -36.94
C SER C 427 -11.90 -43.48 -37.66
N THR C 428 -13.15 -43.46 -37.16
CA THR C 428 -14.24 -42.75 -37.80
C THR C 428 -13.99 -41.27 -37.94
N PRO C 429 -13.98 -40.75 -39.16
CA PRO C 429 -13.83 -39.29 -39.32
C PRO C 429 -15.11 -38.61 -38.85
N LEU C 430 -14.96 -37.47 -38.17
CA LEU C 430 -16.09 -36.75 -37.62
C LEU C 430 -16.67 -35.76 -38.58
N VAL C 431 -17.97 -35.44 -38.39
CA VAL C 431 -18.73 -34.49 -39.17
C VAL C 431 -19.31 -33.47 -38.18
N SER C 432 -19.39 -32.17 -38.55
CA SER C 432 -19.96 -31.17 -37.66
C SER C 432 -21.36 -31.52 -37.14
N GLY C 433 -21.60 -31.23 -35.86
CA GLY C 433 -22.88 -31.46 -35.22
C GLY C 433 -23.02 -32.77 -34.48
N GLN C 434 -22.06 -33.69 -34.67
CA GLN C 434 -22.09 -35.01 -34.03
C GLN C 434 -21.79 -34.97 -32.54
N VAL C 435 -22.38 -35.90 -31.79
CA VAL C 435 -22.15 -36.01 -30.36
C VAL C 435 -21.33 -37.28 -30.11
N ILE C 436 -20.12 -37.14 -29.59
CA ILE C 436 -19.23 -38.27 -29.41
C ILE C 436 -19.11 -38.66 -27.96
N GLU C 437 -19.25 -39.93 -27.67
CA GLU C 437 -19.06 -40.46 -26.32
C GLU C 437 -17.88 -41.39 -26.41
N ILE C 438 -16.72 -41.02 -25.87
CA ILE C 438 -15.55 -41.89 -25.90
C ILE C 438 -15.71 -42.98 -24.85
N ILE C 439 -15.51 -44.23 -25.24
CA ILE C 439 -15.60 -45.36 -24.34
C ILE C 439 -14.19 -45.73 -23.97
N THR C 440 -13.87 -45.73 -22.67
CA THR C 440 -12.51 -45.98 -22.23
C THR C 440 -12.35 -47.24 -21.37
N ASP C 441 -11.09 -47.65 -21.12
CA ASP C 441 -10.71 -48.78 -20.28
C ASP C 441 -9.45 -48.32 -19.54
N VAL C 442 -9.48 -48.29 -18.20
CA VAL C 442 -8.29 -47.84 -17.43
C VAL C 442 -7.06 -48.72 -17.63
N LEU C 443 -7.25 -49.95 -18.11
CA LEU C 443 -6.17 -50.90 -18.38
C LEU C 443 -5.63 -50.79 -19.81
N ALA C 444 -6.32 -50.06 -20.72
CA ALA C 444 -5.89 -49.96 -22.09
C ALA C 444 -4.71 -49.02 -22.33
N THR C 445 -3.93 -49.33 -23.36
CA THR C 445 -2.75 -48.60 -23.78
C THR C 445 -3.02 -48.06 -25.18
N PRO C 446 -2.61 -46.82 -25.49
CA PRO C 446 -2.88 -46.28 -26.83
C PRO C 446 -2.27 -47.13 -27.94
N ASN C 447 -3.05 -47.38 -28.98
CA ASN C 447 -2.63 -48.18 -30.12
C ASN C 447 -1.83 -47.31 -31.08
N PRO C 448 -0.56 -47.63 -31.32
CA PRO C 448 0.25 -46.83 -32.26
C PRO C 448 -0.30 -46.82 -33.68
N ASP C 449 -1.10 -47.84 -34.05
CA ASP C 449 -1.76 -47.90 -35.36
C ASP C 449 -2.66 -46.68 -35.62
N TRP C 450 -2.99 -45.89 -34.57
CA TRP C 450 -3.81 -44.69 -34.69
C TRP C 450 -3.08 -43.58 -35.47
N LEU C 451 -1.74 -43.55 -35.43
CA LEU C 451 -0.94 -42.56 -36.15
C LEU C 451 -1.25 -42.48 -37.64
N SER C 452 -1.74 -43.61 -38.21
CA SER C 452 -2.13 -43.74 -39.60
C SER C 452 -3.30 -42.86 -40.00
N PHE C 453 -4.25 -42.59 -39.07
CA PHE C 453 -5.42 -41.77 -39.42
C PHE C 453 -5.57 -40.44 -38.65
N ILE C 454 -4.77 -40.21 -37.61
CA ILE C 454 -4.87 -38.97 -36.82
C ILE C 454 -4.39 -37.73 -37.58
N ASN C 455 -4.96 -36.55 -37.29
CA ASN C 455 -4.57 -35.30 -37.96
C ASN C 455 -4.41 -34.11 -36.99
N THR C 456 -4.34 -34.37 -35.68
CA THR C 456 -4.11 -33.34 -34.65
C THR C 456 -2.75 -33.57 -33.98
N GLN C 457 -2.10 -32.47 -33.55
CA GLN C 457 -0.79 -32.59 -32.94
C GLN C 457 -0.85 -33.14 -31.53
N LYS C 458 -1.95 -32.91 -30.79
CA LYS C 458 -2.08 -33.44 -29.43
C LYS C 458 -2.10 -34.96 -29.46
N ALA C 459 -2.86 -35.53 -30.42
CA ALA C 459 -2.99 -36.96 -30.60
C ALA C 459 -1.68 -37.58 -31.11
N ARG C 460 -0.99 -36.88 -31.99
CA ARG C 460 0.25 -37.35 -32.58
C ARG C 460 1.36 -37.46 -31.56
N ARG C 461 1.61 -36.38 -30.83
CA ARG C 461 2.64 -36.27 -29.80
C ARG C 461 2.48 -37.34 -28.71
N ALA C 462 1.26 -37.57 -28.24
CA ALA C 462 1.01 -38.59 -27.21
C ALA C 462 1.19 -40.01 -27.75
N LEU C 463 0.93 -40.24 -29.05
CA LEU C 463 1.11 -41.54 -29.68
C LEU C 463 2.59 -41.85 -29.95
N GLN C 464 3.37 -40.81 -30.28
CA GLN C 464 4.80 -40.99 -30.53
C GLN C 464 5.56 -41.36 -29.27
N HIS C 465 5.12 -40.83 -28.11
CA HIS C 465 5.74 -41.10 -26.82
C HIS C 465 5.65 -42.59 -26.45
N VAL C 466 4.57 -43.26 -26.85
CA VAL C 466 4.38 -44.69 -26.58
C VAL C 466 5.20 -45.55 -27.57
N LEU C 467 5.29 -45.09 -28.84
CA LEU C 467 6.05 -45.82 -29.86
C LEU C 467 7.56 -45.75 -29.66
N LYS C 468 8.07 -44.66 -29.06
CA LYS C 468 9.50 -44.50 -28.81
C LYS C 468 10.11 -45.66 -28.02
N ASP C 469 9.33 -46.27 -27.12
CA ASP C 469 9.77 -47.40 -26.29
C ASP C 469 9.19 -48.74 -26.77
N GLN C 470 9.29 -48.98 -28.07
CA GLN C 470 8.84 -50.21 -28.72
C GLN C 470 9.89 -50.64 -29.76
N ASP C 471 9.98 -51.95 -30.06
CA ASP C 471 10.95 -52.53 -31.02
C ASP C 471 11.06 -51.71 -32.31
N ILE C 472 12.29 -51.50 -32.83
CA ILE C 472 12.44 -50.74 -34.09
C ILE C 472 11.67 -51.38 -35.26
N GLU C 473 11.39 -52.70 -35.16
CA GLU C 473 10.63 -53.42 -36.18
C GLU C 473 9.16 -52.98 -36.15
N GLU C 474 8.61 -52.75 -34.94
CA GLU C 474 7.26 -52.28 -34.70
C GLU C 474 7.08 -50.83 -35.15
N GLN C 475 8.13 -50.01 -34.99
CA GLN C 475 8.11 -48.60 -35.41
C GLN C 475 8.08 -48.51 -36.93
N ARG C 476 8.87 -49.35 -37.61
CA ARG C 476 8.91 -49.39 -39.06
C ARG C 476 7.59 -49.85 -39.68
N LEU C 477 6.87 -50.73 -38.99
CA LEU C 477 5.58 -51.20 -39.47
C LEU C 477 4.56 -50.08 -39.36
N VAL C 478 4.49 -49.39 -38.21
CA VAL C 478 3.56 -48.28 -38.01
C VAL C 478 3.79 -47.16 -39.03
N GLY C 479 5.05 -46.82 -39.25
CA GLY C 479 5.41 -45.79 -40.22
C GLY C 479 5.01 -46.11 -41.64
N ALA C 480 5.10 -47.40 -42.02
CA ALA C 480 4.70 -47.84 -43.35
C ALA C 480 3.19 -47.97 -43.48
N GLN C 481 2.51 -48.37 -42.39
CA GLN C 481 1.05 -48.47 -42.36
C GLN C 481 0.42 -47.11 -42.43
N ALA C 482 1.00 -46.12 -41.73
CA ALA C 482 0.56 -44.75 -41.71
C ALA C 482 0.79 -44.13 -43.08
N LEU C 483 1.92 -44.40 -43.72
CA LEU C 483 2.21 -43.88 -45.05
C LEU C 483 1.21 -44.45 -46.08
N SER C 484 0.82 -45.72 -45.94
CA SER C 484 -0.17 -46.33 -46.83
C SER C 484 -1.57 -45.75 -46.62
N ARG C 485 -1.91 -45.49 -45.34
CA ARG C 485 -3.19 -44.92 -45.02
C ARG C 485 -3.28 -43.49 -45.54
N ALA C 486 -2.19 -42.71 -45.40
CA ALA C 486 -2.13 -41.33 -45.88
C ALA C 486 -2.16 -41.25 -47.40
N LEU C 487 -1.75 -42.35 -48.10
CA LEU C 487 -1.79 -42.48 -49.56
C LEU C 487 -3.23 -42.70 -50.08
N LYS C 488 -4.17 -43.14 -49.21
CA LYS C 488 -5.57 -43.27 -49.60
C LYS C 488 -6.22 -41.88 -49.96
N LEU C 489 -5.53 -40.75 -49.61
CA LEU C 489 -5.90 -39.37 -49.95
C LEU C 489 -5.84 -39.11 -51.45
N PHE C 490 -5.04 -39.89 -52.20
CA PHE C 490 -4.91 -39.78 -53.65
C PHE C 490 -5.32 -41.08 -54.37
N ASN C 491 -6.10 -41.97 -53.70
CA ASN C 491 -6.57 -43.25 -54.19
C ASN C 491 -5.41 -44.16 -54.63
N ARG C 492 -4.39 -44.27 -53.76
CA ARG C 492 -3.21 -45.08 -54.02
C ARG C 492 -2.74 -45.87 -52.78
N SER C 493 -1.91 -46.89 -52.99
CA SER C 493 -1.36 -47.75 -51.94
C SER C 493 0.19 -47.67 -51.91
N ILE C 494 0.85 -48.38 -50.98
CA ILE C 494 2.32 -48.35 -50.91
C ILE C 494 2.99 -49.10 -52.08
N ASN C 495 2.24 -49.96 -52.79
CA ASN C 495 2.76 -50.66 -53.97
C ASN C 495 2.69 -49.77 -55.24
N ASP C 496 1.79 -48.76 -55.28
CA ASP C 496 1.70 -47.83 -56.41
C ASP C 496 2.98 -46.97 -56.59
N LEU C 497 3.94 -47.07 -55.64
CA LEU C 497 5.19 -46.34 -55.70
C LEU C 497 6.22 -47.02 -56.60
N SER C 498 6.73 -46.27 -57.57
CA SER C 498 7.78 -46.71 -58.47
C SER C 498 9.12 -46.52 -57.75
N ASP C 499 10.21 -47.14 -58.23
CA ASP C 499 11.54 -46.98 -57.66
C ASP C 499 11.98 -45.51 -57.71
N ALA C 500 11.56 -44.78 -58.78
CA ALA C 500 11.83 -43.37 -58.98
C ALA C 500 11.19 -42.52 -57.87
N ASP C 501 10.00 -42.93 -57.39
CA ASP C 501 9.28 -42.24 -56.33
C ASP C 501 10.00 -42.40 -54.99
N TRP C 502 10.56 -43.60 -54.73
CA TRP C 502 11.31 -43.91 -53.51
C TRP C 502 12.65 -43.21 -53.48
N LEU C 503 13.33 -43.15 -54.63
CA LEU C 503 14.63 -42.47 -54.74
C LEU C 503 14.53 -40.96 -54.48
N ASP C 504 13.37 -40.36 -54.81
CA ASP C 504 13.13 -38.94 -54.56
C ASP C 504 12.92 -38.74 -53.05
N LEU C 505 12.14 -39.63 -52.42
CA LEU C 505 11.86 -39.57 -50.99
C LEU C 505 13.12 -39.69 -50.14
N LEU C 506 14.03 -40.64 -50.47
CA LEU C 506 15.25 -40.83 -49.70
C LEU C 506 16.23 -39.65 -49.84
N GLN C 507 16.25 -39.03 -51.03
CA GLN C 507 17.11 -37.88 -51.26
C GLN C 507 16.51 -36.65 -50.53
N TRP C 508 15.17 -36.50 -50.54
CA TRP C 508 14.52 -35.37 -49.87
C TRP C 508 14.83 -35.33 -48.37
N ARG C 509 14.54 -36.41 -47.64
CA ARG C 509 14.79 -36.44 -46.19
C ARG C 509 16.24 -36.74 -45.81
N HIS C 510 17.18 -36.78 -46.79
CA HIS C 510 18.60 -37.06 -46.57
C HIS C 510 18.81 -38.34 -45.76
N ILE C 511 18.12 -39.41 -46.19
CA ILE C 511 18.13 -40.72 -45.56
C ILE C 511 18.54 -41.82 -46.55
N ASP C 512 18.96 -42.99 -46.03
CA ASP C 512 19.44 -44.06 -46.88
C ASP C 512 18.46 -45.17 -47.22
N ASN C 513 17.70 -45.68 -46.23
CA ASN C 513 16.80 -46.81 -46.47
C ASN C 513 15.31 -46.49 -46.26
N LYS C 514 14.42 -47.35 -46.82
CA LYS C 514 12.96 -47.23 -46.72
C LYS C 514 12.54 -47.32 -45.26
N ASP C 515 13.17 -48.22 -44.48
CA ASP C 515 12.86 -48.40 -43.06
C ASP C 515 13.14 -47.15 -42.24
N ALA C 516 14.15 -46.37 -42.62
CA ALA C 516 14.47 -45.14 -41.92
C ALA C 516 13.45 -44.01 -42.19
N LEU C 517 12.77 -44.05 -43.35
CA LEU C 517 11.70 -43.10 -43.67
C LEU C 517 10.47 -43.43 -42.81
N PHE C 518 10.19 -44.73 -42.62
CA PHE C 518 9.09 -45.24 -41.83
C PHE C 518 9.25 -44.86 -40.36
N GLU C 519 10.48 -44.95 -39.82
CA GLU C 519 10.72 -44.54 -38.42
C GLU C 519 10.70 -43.01 -38.26
N GLN C 520 10.89 -42.25 -39.35
CA GLN C 520 10.76 -40.79 -39.34
C GLN C 520 9.27 -40.41 -39.24
N ILE C 521 8.38 -41.22 -39.84
CA ILE C 521 6.94 -41.01 -39.78
C ILE C 521 6.40 -41.44 -38.42
N ALA C 522 6.86 -42.59 -37.92
CA ALA C 522 6.36 -43.14 -36.66
C ALA C 522 6.85 -42.46 -35.38
N VAL C 523 8.15 -42.18 -35.27
CA VAL C 523 8.70 -41.61 -34.04
C VAL C 523 9.22 -40.16 -34.25
N GLY C 524 9.64 -39.84 -35.48
CA GLY C 524 10.14 -38.52 -35.82
C GLY C 524 9.04 -37.53 -36.15
N ASP C 525 9.41 -36.31 -36.55
CA ASP C 525 8.43 -35.27 -36.85
C ASP C 525 8.03 -35.16 -38.32
N LEU C 526 8.19 -36.25 -39.09
CA LEU C 526 7.80 -36.28 -40.50
C LEU C 526 6.35 -36.75 -40.59
N LEU C 527 5.44 -35.88 -41.09
CA LEU C 527 4.01 -36.20 -41.19
C LEU C 527 3.72 -37.10 -42.37
N PRO C 528 2.96 -38.20 -42.20
CA PRO C 528 2.64 -39.06 -43.37
C PRO C 528 1.78 -38.38 -44.41
N GLN C 529 0.91 -37.48 -43.98
CA GLN C 529 0.08 -36.73 -44.92
C GLN C 529 0.96 -35.87 -45.85
N LEU C 530 2.09 -35.36 -45.34
CA LEU C 530 3.03 -34.58 -46.14
C LEU C 530 3.91 -35.44 -47.04
N VAL C 531 4.13 -36.72 -46.70
CA VAL C 531 4.90 -37.62 -47.57
C VAL C 531 4.07 -37.99 -48.82
N ALA C 532 2.75 -38.11 -48.67
CA ALA C 532 1.85 -38.37 -49.78
C ALA C 532 1.65 -37.08 -50.60
N ASN C 533 1.60 -35.93 -49.93
CA ASN C 533 1.41 -34.63 -50.58
C ASN C 533 2.69 -34.09 -51.27
N HIS C 534 3.86 -34.68 -50.98
CA HIS C 534 5.13 -34.32 -51.64
C HIS C 534 5.28 -35.12 -52.95
N LEU C 535 4.85 -36.40 -52.93
CA LEU C 535 4.89 -37.28 -54.08
C LEU C 535 3.82 -36.89 -55.10
N PHE C 536 2.61 -36.59 -54.64
CA PHE C 536 1.51 -36.26 -55.53
C PHE C 536 1.08 -34.79 -55.40
N ALA C 537 1.46 -33.97 -56.39
CA ALA C 537 1.14 -32.54 -56.42
C ALA C 537 -0.28 -32.30 -56.91
N SER C 547 -11.64 -31.03 -50.97
CA SER C 547 -11.58 -29.61 -51.33
C SER C 547 -11.35 -28.68 -50.08
N ASP C 548 -11.54 -27.34 -50.24
CA ASP C 548 -11.40 -26.32 -49.19
C ASP C 548 -9.96 -26.08 -48.70
N ARG C 549 -8.94 -26.53 -49.47
CA ARG C 549 -7.53 -26.28 -49.13
C ARG C 549 -6.90 -25.31 -50.14
N LEU C 550 -6.36 -24.17 -49.64
CA LEU C 550 -5.78 -23.11 -50.47
C LEU C 550 -4.47 -23.49 -51.12
N ILE C 551 -3.60 -24.15 -50.36
CA ILE C 551 -2.28 -24.53 -50.84
C ILE C 551 -2.29 -25.98 -51.28
N GLN C 552 -1.82 -26.27 -52.50
CA GLN C 552 -1.75 -27.63 -53.05
C GLN C 552 -0.66 -28.41 -52.33
N GLY C 553 -1.06 -29.50 -51.71
CA GLY C 553 -0.15 -30.33 -50.94
C GLY C 553 -0.34 -30.16 -49.44
N THR C 554 -1.52 -29.69 -49.02
CA THR C 554 -1.85 -29.47 -47.60
C THR C 554 -3.20 -30.06 -47.23
N GLU C 555 -3.78 -30.96 -48.05
CA GLU C 555 -5.09 -31.54 -47.73
C GLU C 555 -4.95 -32.50 -46.54
N GLY C 556 -5.86 -32.39 -45.57
CA GLY C 556 -5.82 -33.22 -44.37
C GLY C 556 -4.86 -32.73 -43.30
N ILE C 557 -4.02 -31.73 -43.63
CA ILE C 557 -3.06 -31.10 -42.72
C ILE C 557 -3.34 -29.59 -42.65
N ASP C 558 -3.50 -29.05 -41.42
CA ASP C 558 -3.73 -27.62 -41.25
C ASP C 558 -2.37 -26.92 -41.20
N VAL C 559 -2.29 -25.76 -41.86
CA VAL C 559 -1.05 -25.00 -41.98
C VAL C 559 -1.13 -23.59 -41.36
N LYS C 560 0.04 -23.00 -41.08
CA LYS C 560 0.16 -21.66 -40.53
C LYS C 560 0.92 -20.72 -41.47
N TYR C 561 0.62 -19.42 -41.47
CA TYR C 561 1.34 -18.44 -42.28
C TYR C 561 2.43 -17.84 -41.39
N ALA C 562 3.68 -17.74 -41.90
CA ALA C 562 4.78 -17.21 -41.11
C ALA C 562 4.66 -15.70 -40.93
N HIS C 563 4.78 -15.19 -39.69
CA HIS C 563 4.67 -13.75 -39.41
C HIS C 563 5.89 -12.93 -39.84
N CYS C 564 6.98 -13.61 -40.24
CA CYS C 564 8.21 -12.97 -40.67
C CYS C 564 8.10 -12.41 -42.08
N CYS C 565 7.39 -13.12 -42.96
CA CYS C 565 7.26 -12.78 -44.38
C CYS C 565 5.82 -12.55 -44.82
N ASN C 566 4.84 -13.10 -44.06
CA ASN C 566 3.41 -12.98 -44.34
C ASN C 566 3.04 -13.27 -45.79
N PRO C 567 3.10 -14.55 -46.19
CA PRO C 567 2.73 -14.90 -47.57
C PRO C 567 1.25 -14.63 -47.88
N ILE C 568 1.00 -14.11 -49.08
CA ILE C 568 -0.29 -13.75 -49.64
C ILE C 568 -0.62 -14.72 -50.81
N LEU C 569 -1.91 -14.94 -51.12
CA LEU C 569 -2.32 -15.82 -52.22
C LEU C 569 -1.71 -15.34 -53.54
N GLY C 570 -1.01 -16.21 -54.25
CA GLY C 570 -0.32 -15.83 -55.47
C GLY C 570 1.18 -15.72 -55.32
N ASP C 571 1.67 -15.52 -54.09
CA ASP C 571 3.11 -15.42 -53.80
C ASP C 571 3.74 -16.78 -53.95
N PRO C 572 4.95 -16.87 -54.55
CA PRO C 572 5.66 -18.16 -54.59
C PRO C 572 6.01 -18.53 -53.16
N ILE C 573 5.56 -19.71 -52.72
CA ILE C 573 5.73 -20.11 -51.32
C ILE C 573 6.55 -21.38 -51.15
N GLN C 574 6.98 -21.64 -49.92
CA GLN C 574 7.69 -22.83 -49.56
C GLN C 574 7.38 -23.11 -48.10
N GLY C 575 7.08 -24.35 -47.77
CA GLY C 575 6.73 -24.73 -46.42
C GLY C 575 7.90 -25.24 -45.59
N HIS C 576 7.75 -25.13 -44.27
CA HIS C 576 8.76 -25.58 -43.33
C HIS C 576 8.09 -26.50 -42.32
N LEU C 577 8.41 -27.80 -42.40
CA LEU C 577 7.90 -28.81 -41.49
C LEU C 577 8.46 -28.61 -40.11
N THR C 578 7.61 -28.30 -39.15
CA THR C 578 8.02 -28.18 -37.75
C THR C 578 7.15 -29.11 -36.85
N ARG C 579 7.42 -29.16 -35.52
CA ARG C 579 6.62 -29.93 -34.57
C ARG C 579 5.20 -29.31 -34.45
N ARG C 580 5.09 -27.97 -34.54
CA ARG C 580 3.82 -27.24 -34.50
C ARG C 580 3.04 -27.31 -35.85
N GLY C 581 3.48 -28.15 -36.80
CA GLY C 581 2.83 -28.26 -38.10
C GLY C 581 3.62 -27.64 -39.25
N LEU C 582 2.96 -27.43 -40.39
CA LEU C 582 3.60 -26.85 -41.57
C LEU C 582 3.51 -25.33 -41.55
N ILE C 583 4.65 -24.64 -41.64
CA ILE C 583 4.68 -23.18 -41.64
C ILE C 583 4.96 -22.67 -43.05
N VAL C 584 4.01 -21.98 -43.64
CA VAL C 584 4.12 -21.44 -44.99
C VAL C 584 4.86 -20.11 -45.01
N HIS C 585 5.95 -20.06 -45.77
CA HIS C 585 6.81 -18.88 -45.90
C HIS C 585 6.94 -18.45 -47.35
N ARG C 586 7.26 -17.17 -47.60
CA ARG C 586 7.53 -16.73 -48.95
C ARG C 586 8.90 -17.31 -49.37
N ILE C 587 9.03 -17.76 -50.63
CA ILE C 587 10.21 -18.41 -51.17
C ILE C 587 11.57 -17.79 -50.76
N ARG C 588 11.64 -16.44 -50.66
CA ARG C 588 12.92 -15.81 -50.30
C ARG C 588 12.92 -15.13 -48.94
N CYS C 589 12.18 -15.71 -47.98
CA CYS C 589 12.19 -15.19 -46.62
C CYS C 589 13.51 -15.55 -46.01
N HIS C 590 14.16 -14.60 -45.32
CA HIS C 590 15.45 -14.87 -44.70
C HIS C 590 15.37 -15.94 -43.61
N ASN C 591 14.21 -16.06 -42.94
CA ASN C 591 14.03 -17.11 -41.93
C ASN C 591 13.92 -18.46 -42.63
N LEU C 592 13.22 -18.53 -43.76
CA LEU C 592 13.06 -19.78 -44.51
C LEU C 592 14.40 -20.26 -45.06
N LEU C 593 15.15 -19.37 -45.70
CA LEU C 593 16.43 -19.72 -46.29
C LEU C 593 17.48 -20.12 -45.25
N HIS C 594 17.34 -19.62 -44.00
CA HIS C 594 18.23 -19.99 -42.91
C HIS C 594 17.95 -21.44 -42.49
N GLU C 595 16.67 -21.81 -42.36
CA GLU C 595 16.28 -23.17 -42.00
C GLU C 595 16.45 -24.14 -43.17
N GLN C 596 16.45 -23.65 -44.42
CA GLN C 596 16.69 -24.52 -45.57
C GLN C 596 18.18 -24.87 -45.65
N HIS C 597 19.07 -23.96 -45.25
CA HIS C 597 20.50 -24.20 -45.28
C HIS C 597 20.94 -25.15 -44.14
N LEU C 598 20.26 -25.08 -42.98
CA LEU C 598 20.55 -25.97 -41.87
C LEU C 598 19.87 -27.33 -42.03
N HIS C 599 18.59 -27.34 -42.44
CA HIS C 599 17.85 -28.59 -42.60
C HIS C 599 17.02 -28.60 -43.88
N PRO C 600 17.63 -28.91 -45.03
CA PRO C 600 16.87 -28.92 -46.29
C PRO C 600 15.80 -29.99 -46.37
N GLU C 601 15.91 -31.02 -45.53
CA GLU C 601 14.94 -32.12 -45.44
C GLU C 601 13.60 -31.66 -44.88
N ASN C 602 13.60 -30.58 -44.06
CA ASN C 602 12.38 -30.03 -43.47
C ASN C 602 11.73 -28.94 -44.33
N ILE C 603 12.18 -28.77 -45.59
CA ILE C 603 11.63 -27.75 -46.47
C ILE C 603 10.86 -28.43 -47.59
N MET C 604 9.58 -28.12 -47.69
CA MET C 604 8.71 -28.72 -48.68
C MET C 604 8.23 -27.65 -49.65
N PRO C 605 8.44 -27.85 -50.97
CA PRO C 605 7.95 -26.85 -51.93
C PRO C 605 6.43 -26.83 -51.93
N LEU C 606 5.87 -25.63 -51.96
CA LEU C 606 4.43 -25.44 -51.92
C LEU C 606 3.98 -24.59 -53.10
N GLN C 607 2.72 -24.78 -53.53
CA GLN C 607 2.13 -24.03 -54.63
C GLN C 607 0.68 -23.73 -54.28
N TRP C 608 0.17 -22.51 -54.55
CA TRP C 608 -1.25 -22.22 -54.31
C TRP C 608 -2.07 -23.01 -55.35
N LYS C 609 -3.25 -23.56 -54.96
CA LYS C 609 -4.07 -24.34 -55.92
C LYS C 609 -4.54 -23.49 -57.09
N ALA C 610 -4.96 -22.27 -56.80
CA ALA C 610 -5.38 -21.31 -57.84
C ALA C 610 -4.90 -19.92 -57.46
N ASP C 611 -4.55 -19.11 -58.47
CA ASP C 611 -4.11 -17.74 -58.20
C ASP C 611 -5.31 -16.82 -58.00
N ASP C 612 -6.52 -17.18 -58.48
CA ASP C 612 -7.70 -16.33 -58.29
C ASP C 612 -8.80 -17.03 -57.48
N VAL C 613 -8.76 -16.88 -56.15
CA VAL C 613 -9.74 -17.44 -55.21
C VAL C 613 -10.41 -16.22 -54.59
N ASP C 614 -11.73 -16.07 -54.76
CA ASP C 614 -12.40 -14.87 -54.30
C ASP C 614 -12.82 -14.85 -52.85
N ASP C 615 -12.92 -16.01 -52.17
CA ASP C 615 -13.41 -16.00 -50.80
C ASP C 615 -12.34 -15.76 -49.71
N VAL C 616 -11.09 -15.51 -50.10
CA VAL C 616 -10.03 -15.25 -49.10
C VAL C 616 -9.42 -13.88 -49.26
N ARG C 617 -8.98 -13.28 -48.14
CA ARG C 617 -8.27 -11.99 -48.13
C ARG C 617 -7.09 -12.12 -47.19
N PHE C 618 -6.04 -11.37 -47.48
CA PHE C 618 -4.80 -11.34 -46.71
C PHE C 618 -4.38 -9.87 -46.47
N THR C 619 -3.37 -9.62 -45.61
CA THR C 619 -2.90 -8.26 -45.40
C THR C 619 -1.53 -8.04 -46.05
N ALA C 620 -1.41 -6.99 -46.86
CA ALA C 620 -0.16 -6.60 -47.52
C ALA C 620 0.41 -5.40 -46.78
N TYR C 621 1.74 -5.30 -46.71
CA TYR C 621 2.39 -4.21 -46.00
C TYR C 621 3.14 -3.32 -46.97
N LEU C 622 2.76 -2.03 -47.07
CA LEU C 622 3.38 -1.13 -48.03
C LEU C 622 4.11 0.02 -47.39
N ALA C 623 5.20 0.44 -48.03
CA ALA C 623 5.98 1.60 -47.63
C ALA C 623 6.01 2.54 -48.85
N ILE C 624 5.24 3.62 -48.82
CA ILE C 624 5.22 4.59 -49.89
C ILE C 624 6.30 5.64 -49.58
N TYR C 625 7.30 5.81 -50.45
CA TYR C 625 8.43 6.70 -50.23
C TYR C 625 8.08 8.16 -50.50
N MET C 626 7.20 8.71 -49.67
CA MET C 626 6.77 10.11 -49.77
C MET C 626 6.02 10.52 -48.52
N ALA C 627 6.13 11.79 -48.16
CA ALA C 627 5.41 12.34 -47.02
C ALA C 627 4.03 12.76 -47.50
N MET C 628 2.99 12.41 -46.74
CA MET C 628 1.62 12.78 -47.10
C MET C 628 0.98 13.64 -46.02
N ASN C 629 0.34 14.75 -46.42
CA ASN C 629 -0.35 15.61 -45.46
C ASN C 629 -1.74 15.03 -45.12
N ASP C 630 -2.51 15.67 -44.23
CA ASP C 630 -3.84 15.20 -43.86
C ASP C 630 -4.75 14.86 -45.06
N GLU C 631 -4.85 15.77 -46.05
CA GLU C 631 -5.69 15.53 -47.22
C GLU C 631 -5.15 14.41 -48.11
N GLN C 632 -3.81 14.27 -48.20
CA GLN C 632 -3.21 13.23 -49.03
C GLN C 632 -3.41 11.85 -48.43
N VAL C 633 -3.38 11.74 -47.09
CA VAL C 633 -3.62 10.47 -46.41
C VAL C 633 -5.10 10.10 -46.57
N SER C 634 -6.01 11.08 -46.43
CA SER C 634 -7.47 10.92 -46.59
C SER C 634 -7.81 10.44 -48.02
N ASP C 635 -7.10 10.97 -49.01
CA ASP C 635 -7.27 10.59 -50.40
C ASP C 635 -6.70 9.18 -50.63
N LEU C 636 -5.59 8.82 -49.96
CA LEU C 636 -4.99 7.49 -50.07
C LEU C 636 -5.93 6.42 -49.54
N ILE C 637 -6.63 6.72 -48.43
CA ILE C 637 -7.58 5.76 -47.86
C ILE C 637 -8.74 5.56 -48.85
N TYR C 638 -9.24 6.66 -49.43
CA TYR C 638 -10.30 6.69 -50.43
C TYR C 638 -9.91 5.86 -51.67
N GLN C 639 -8.70 6.06 -52.20
CA GLN C 639 -8.23 5.36 -53.39
C GLN C 639 -8.10 3.87 -53.14
N CYS C 640 -7.64 3.48 -51.94
CA CYS C 640 -7.51 2.08 -51.55
C CYS C 640 -8.90 1.44 -51.47
N ARG C 641 -9.81 2.05 -50.70
CA ARG C 641 -11.16 1.56 -50.52
C ARG C 641 -11.95 1.48 -51.83
N LYS C 642 -11.78 2.45 -52.72
CA LYS C 642 -12.42 2.49 -54.04
C LYS C 642 -11.97 1.32 -54.96
N ASN C 643 -10.79 0.75 -54.66
CA ASN C 643 -10.23 -0.39 -55.36
C ASN C 643 -10.41 -1.70 -54.60
N ASN C 644 -11.48 -1.80 -53.77
CA ASN C 644 -11.84 -2.99 -52.99
C ASN C 644 -10.72 -3.55 -52.13
N ALA C 645 -9.93 -2.67 -51.54
CA ALA C 645 -8.84 -3.05 -50.67
C ALA C 645 -9.06 -2.30 -49.37
N GLY C 646 -9.14 -3.03 -48.26
CA GLY C 646 -9.43 -2.44 -46.96
C GLY C 646 -8.21 -1.77 -46.39
N VAL C 647 -8.41 -0.68 -45.65
CA VAL C 647 -7.29 0.02 -45.05
C VAL C 647 -7.24 -0.36 -43.59
N GLU C 648 -6.39 -1.31 -43.27
CA GLU C 648 -6.22 -1.79 -41.91
C GLU C 648 -5.57 -0.71 -41.05
N MET C 649 -4.57 -0.01 -41.60
CA MET C 649 -3.88 1.02 -40.86
C MET C 649 -3.06 1.91 -41.79
N VAL C 650 -2.98 3.21 -41.46
CA VAL C 650 -2.18 4.17 -42.21
C VAL C 650 -1.41 5.07 -41.24
N HIS C 651 -0.16 5.37 -41.55
CA HIS C 651 0.65 6.25 -40.72
C HIS C 651 1.66 6.96 -41.59
N SER C 652 1.81 8.28 -41.38
CA SER C 652 2.72 9.06 -42.19
C SER C 652 3.83 9.79 -41.43
N ASN C 653 5.07 9.31 -41.58
CA ASN C 653 6.26 9.97 -41.02
C ASN C 653 6.67 11.04 -42.06
N GLU C 654 7.55 11.99 -41.71
CA GLU C 654 7.97 13.02 -42.68
C GLU C 654 8.79 12.47 -43.86
N GLN C 655 9.10 11.18 -43.87
CA GLN C 655 9.89 10.58 -44.93
C GLN C 655 9.10 9.51 -45.71
N ARG C 656 8.29 8.69 -45.02
CA ARG C 656 7.53 7.61 -45.66
C ARG C 656 6.08 7.56 -45.15
N THR C 657 5.21 6.89 -45.93
CA THR C 657 3.81 6.67 -45.57
C THR C 657 3.58 5.17 -45.59
N PHE C 658 3.26 4.58 -44.45
CA PHE C 658 3.03 3.15 -44.36
C PHE C 658 1.56 2.85 -44.40
N VAL C 659 1.18 1.81 -45.14
CA VAL C 659 -0.22 1.43 -45.25
C VAL C 659 -0.35 -0.09 -45.21
N ASN C 660 -1.11 -0.61 -44.23
CA ASN C 660 -1.39 -2.03 -44.10
C ASN C 660 -2.72 -2.18 -44.80
N ILE C 661 -2.75 -2.93 -45.89
CA ILE C 661 -3.92 -3.03 -46.72
C ILE C 661 -4.40 -4.47 -46.90
N VAL C 662 -5.69 -4.70 -46.69
CA VAL C 662 -6.28 -6.03 -46.86
C VAL C 662 -6.62 -6.19 -48.33
N VAL C 663 -5.93 -7.09 -48.98
CA VAL C 663 -6.04 -7.33 -50.40
C VAL C 663 -6.21 -8.84 -50.67
N ASN C 664 -7.00 -9.19 -51.70
CA ASN C 664 -7.30 -10.58 -52.09
C ASN C 664 -6.05 -11.44 -52.41
N ASN C 665 -5.18 -10.97 -53.29
CA ASN C 665 -4.02 -11.75 -53.74
C ASN C 665 -2.89 -10.85 -54.27
N ARG C 666 -1.79 -11.44 -54.75
CA ARG C 666 -0.63 -10.73 -55.30
C ARG C 666 -1.01 -9.93 -56.58
N LYS C 667 -2.02 -10.38 -57.34
CA LYS C 667 -2.50 -9.65 -58.52
C LYS C 667 -3.22 -8.36 -58.09
N HIS C 668 -4.00 -8.44 -56.99
CA HIS C 668 -4.74 -7.31 -56.43
C HIS C 668 -3.79 -6.27 -55.88
N ILE C 669 -2.76 -6.68 -55.12
CA ILE C 669 -1.81 -5.72 -54.57
C ILE C 669 -1.02 -5.04 -55.70
N ALA C 670 -0.72 -5.76 -56.80
CA ALA C 670 -0.04 -5.18 -57.96
C ALA C 670 -0.91 -4.07 -58.57
N LYS C 671 -2.23 -4.32 -58.68
CA LYS C 671 -3.15 -3.31 -59.22
C LYS C 671 -3.26 -2.09 -58.29
N VAL C 672 -3.33 -2.31 -56.98
CA VAL C 672 -3.41 -1.22 -56.01
C VAL C 672 -2.14 -0.37 -56.08
N ILE C 673 -0.96 -0.99 -56.09
CA ILE C 673 0.31 -0.27 -56.18
C ILE C 673 0.40 0.56 -57.48
N ARG C 674 0.02 -0.05 -58.60
CA ARG C 674 0.07 0.58 -59.91
C ARG C 674 -0.88 1.78 -59.96
N ASP C 675 -2.09 1.64 -59.40
CA ASP C 675 -3.07 2.72 -59.39
C ASP C 675 -2.67 3.82 -58.43
N LEU C 676 -2.04 3.48 -57.30
CA LEU C 676 -1.58 4.47 -56.32
C LEU C 676 -0.39 5.24 -56.85
N ARG C 677 0.51 4.58 -57.60
CA ARG C 677 1.69 5.21 -58.19
C ARG C 677 1.30 6.26 -59.22
N MET C 678 0.47 5.92 -60.23
CA MET C 678 0.08 6.94 -61.21
C MET C 678 -0.80 8.03 -60.60
N HIS C 679 -1.49 7.75 -59.50
CA HIS C 679 -2.30 8.77 -58.83
C HIS C 679 -1.43 9.77 -58.06
N TYR C 680 -0.30 9.33 -57.50
CA TYR C 680 0.55 10.16 -56.67
C TYR C 680 1.80 10.74 -57.33
N GLY C 681 1.93 10.57 -58.64
CA GLY C 681 3.07 11.13 -59.36
C GLY C 681 4.29 10.23 -59.32
N PHE C 682 4.03 8.93 -59.42
CA PHE C 682 4.97 7.82 -59.42
C PHE C 682 6.02 7.82 -58.30
N PRO C 683 5.57 7.82 -57.02
CA PRO C 683 6.55 7.67 -55.94
C PRO C 683 6.99 6.21 -55.82
N ARG C 684 8.11 5.96 -55.16
CA ARG C 684 8.62 4.60 -54.98
C ARG C 684 7.76 3.89 -53.95
N ILE C 685 7.19 2.73 -54.31
CA ILE C 685 6.36 1.97 -53.35
C ILE C 685 7.00 0.62 -53.20
N GLU C 686 7.41 0.27 -51.97
CA GLU C 686 8.00 -1.04 -51.71
C GLU C 686 7.06 -1.90 -50.85
N ARG C 687 6.99 -3.20 -51.13
CA ARG C 687 6.16 -4.12 -50.34
C ARG C 687 7.04 -4.79 -49.29
N LEU C 688 6.70 -4.60 -48.01
CA LEU C 688 7.44 -5.15 -46.88
C LEU C 688 7.07 -6.63 -46.58
N ASP C 689 7.95 -7.35 -45.90
CA ASP C 689 7.69 -8.73 -45.52
C ASP C 689 6.75 -8.78 -44.30
N ALA C 690 6.94 -7.84 -43.37
CA ALA C 690 6.12 -7.71 -42.19
C ALA C 690 5.89 -6.22 -41.91
N PRO C 691 4.90 -5.84 -41.07
CA PRO C 691 4.69 -4.42 -40.77
C PRO C 691 5.91 -3.74 -40.20
N ALA C 692 6.21 -2.51 -40.65
CA ALA C 692 7.38 -1.75 -40.21
C ALA C 692 7.29 -1.45 -38.72
N PRO C 693 8.44 -1.36 -38.01
CA PRO C 693 8.36 -1.15 -36.55
C PRO C 693 7.86 0.23 -36.14
N GLN C 694 7.94 1.25 -37.03
CA GLN C 694 7.49 2.62 -36.71
C GLN C 694 6.09 2.68 -36.08
N MET C 695 5.12 2.00 -36.71
CA MET C 695 3.76 1.88 -36.20
C MET C 695 3.44 0.39 -36.22
N GLU C 696 3.03 -0.19 -35.07
CA GLU C 696 2.73 -1.61 -34.99
C GLU C 696 1.67 -2.08 -36.00
N MET D 1 0.60 -25.94 48.56
CA MET D 1 -0.42 -25.08 49.17
C MET D 1 -0.19 -23.61 48.79
N PRO D 2 -1.26 -22.79 48.68
CA PRO D 2 -1.08 -21.38 48.29
C PRO D 2 -0.55 -20.51 49.43
N GLY D 3 -1.03 -20.77 50.64
CA GLY D 3 -0.57 -20.05 51.82
C GLY D 3 0.82 -20.49 52.26
N GLU D 4 1.20 -21.75 51.93
CA GLU D 4 2.52 -22.31 52.25
C GLU D 4 3.63 -21.66 51.40
N GLU D 5 3.30 -21.24 50.17
CA GLU D 5 4.21 -20.54 49.24
C GLU D 5 4.56 -19.16 49.80
N VAL D 6 3.57 -18.48 50.38
CA VAL D 6 3.77 -17.16 50.96
C VAL D 6 4.69 -17.25 52.19
N SER D 7 4.37 -18.13 53.15
CA SER D 7 5.17 -18.27 54.36
C SER D 7 6.61 -18.68 54.09
N GLN D 8 6.86 -19.50 53.04
CA GLN D 8 8.26 -19.87 52.73
C GLN D 8 9.02 -18.74 52.00
N ALA D 9 8.30 -17.80 51.36
CA ALA D 9 8.90 -16.64 50.71
C ALA D 9 9.20 -15.57 51.76
N LYS D 10 8.29 -15.39 52.74
CA LYS D 10 8.47 -14.48 53.86
C LYS D 10 9.64 -14.95 54.74
N GLN D 11 9.79 -16.28 54.93
CA GLN D 11 10.87 -16.85 55.70
C GLN D 11 12.23 -16.63 55.03
N GLN D 12 12.28 -16.66 53.68
CA GLN D 12 13.54 -16.40 52.96
C GLN D 12 13.96 -14.93 53.03
N LEU D 13 12.99 -14.02 53.21
CA LEU D 13 13.26 -12.59 53.42
C LEU D 13 13.80 -12.41 54.85
N LYS D 14 13.21 -13.12 55.83
CA LYS D 14 13.65 -13.05 57.23
C LYS D 14 15.11 -13.45 57.36
N LEU D 15 15.54 -14.49 56.63
CA LEU D 15 16.94 -14.93 56.68
C LEU D 15 17.89 -13.83 56.22
N ILE D 16 17.45 -13.01 55.26
CA ILE D 16 18.28 -11.93 54.72
C ILE D 16 18.34 -10.73 55.66
N ILE D 17 17.22 -10.41 56.32
CA ILE D 17 17.15 -9.22 57.17
C ILE D 17 17.61 -9.47 58.62
N ASP D 18 17.54 -10.72 59.11
CA ASP D 18 18.01 -11.07 60.45
C ASP D 18 19.46 -10.63 60.77
N PRO D 19 20.44 -10.84 59.87
CA PRO D 19 21.82 -10.42 60.19
C PRO D 19 22.09 -8.94 60.34
N TYR D 20 21.54 -8.08 59.47
CA TYR D 20 21.88 -6.66 59.50
C TYR D 20 20.82 -5.73 60.12
N LEU D 21 19.58 -6.18 60.30
CA LEU D 21 18.57 -5.32 60.92
C LEU D 21 18.37 -5.66 62.39
N SER D 22 17.94 -4.67 63.18
CA SER D 22 17.65 -4.91 64.60
C SER D 22 16.42 -5.84 64.74
N VAL D 23 16.11 -6.27 65.98
CA VAL D 23 14.97 -7.15 66.20
C VAL D 23 13.67 -6.40 65.95
N SER D 24 13.60 -5.11 66.35
CA SER D 24 12.43 -4.27 66.15
C SER D 24 12.24 -3.97 64.67
N GLU D 25 13.32 -3.65 63.96
CA GLU D 25 13.30 -3.35 62.53
C GLU D 25 12.85 -4.56 61.69
N VAL D 26 13.30 -5.78 62.07
CA VAL D 26 12.90 -7.01 61.38
C VAL D 26 11.39 -7.24 61.60
N GLU D 27 10.87 -6.95 62.81
CA GLU D 27 9.46 -7.11 63.10
C GLU D 27 8.59 -6.14 62.30
N LYS D 28 9.08 -4.90 62.09
CA LYS D 28 8.38 -3.90 61.29
C LYS D 28 8.33 -4.33 59.82
N VAL D 29 9.44 -4.86 59.29
CA VAL D 29 9.49 -5.31 57.90
C VAL D 29 8.59 -6.53 57.72
N LEU D 30 8.60 -7.45 58.68
CA LEU D 30 7.74 -8.64 58.59
C LEU D 30 6.25 -8.31 58.81
N ALA D 31 5.95 -7.22 59.53
CA ALA D 31 4.57 -6.75 59.72
C ALA D 31 4.04 -6.18 58.40
N ALA D 32 4.91 -5.47 57.64
CA ALA D 32 4.56 -4.95 56.31
C ALA D 32 4.30 -6.09 55.34
N CYS D 33 5.00 -7.22 55.50
CA CYS D 33 4.79 -8.40 54.66
C CYS D 33 3.41 -9.02 54.95
N ASP D 34 3.00 -9.03 56.23
CA ASP D 34 1.71 -9.58 56.63
C ASP D 34 0.56 -8.68 56.15
N PHE D 35 0.77 -7.36 56.19
CA PHE D 35 -0.25 -6.41 55.73
C PHE D 35 -0.38 -6.44 54.20
N GLY D 36 0.73 -6.61 53.51
CA GLY D 36 0.74 -6.73 52.06
C GLY D 36 0.08 -8.02 51.62
N ASP D 37 0.25 -9.09 52.41
CA ASP D 37 -0.39 -10.40 52.19
C ASP D 37 -1.91 -10.25 52.36
N LEU D 38 -2.35 -9.44 53.32
CA LEU D 38 -3.75 -9.17 53.60
C LEU D 38 -4.39 -8.33 52.49
N ALA D 39 -3.71 -7.27 52.04
CA ALA D 39 -4.22 -6.40 50.98
C ALA D 39 -4.37 -7.14 49.63
N HIS D 40 -3.40 -7.99 49.28
CA HIS D 40 -3.44 -8.78 48.04
C HIS D 40 -3.88 -10.24 48.34
N THR D 41 -4.94 -10.41 49.15
CA THR D 41 -5.38 -11.76 49.54
C THR D 41 -5.73 -12.70 48.36
N GLY D 42 -6.76 -12.42 47.56
CA GLY D 42 -7.15 -13.30 46.47
C GLY D 42 -6.51 -13.01 45.13
N ILE D 43 -5.61 -12.01 45.08
CA ILE D 43 -4.94 -11.66 43.82
C ILE D 43 -3.97 -12.77 43.44
N THR D 44 -4.08 -13.33 42.22
CA THR D 44 -3.26 -14.46 41.79
C THR D 44 -2.32 -14.18 40.59
N ARG D 45 -1.80 -12.95 40.46
CA ARG D 45 -0.85 -12.64 39.38
C ARG D 45 -1.39 -13.03 37.97
N LYS D 46 -0.58 -13.71 37.14
CA LYS D 46 -0.91 -14.20 35.81
C LYS D 46 -0.42 -15.66 35.63
N SER D 47 0.64 -16.05 36.37
CA SER D 47 1.14 -17.43 36.36
C SER D 47 0.59 -18.25 37.57
N GLY D 48 -0.57 -17.85 38.11
CA GLY D 48 -1.24 -18.51 39.23
C GLY D 48 -0.82 -18.05 40.62
N GLU D 49 0.52 -17.89 40.82
CA GLU D 49 1.21 -17.45 42.03
C GLU D 49 0.50 -16.32 42.78
N PRO D 50 0.41 -16.39 44.12
CA PRO D 50 -0.24 -15.29 44.86
C PRO D 50 0.47 -13.95 44.62
N TYR D 51 -0.29 -12.83 44.56
CA TYR D 51 0.31 -11.54 44.22
C TYR D 51 1.42 -11.07 45.15
N ILE D 52 1.30 -11.30 46.47
CA ILE D 52 2.32 -10.87 47.44
C ILE D 52 3.70 -11.46 47.19
N LEU D 53 3.79 -12.58 46.44
CA LEU D 53 5.08 -13.17 46.12
C LEU D 53 5.96 -12.22 45.31
N HIS D 54 5.34 -11.34 44.49
CA HIS D 54 6.06 -10.32 43.73
C HIS D 54 6.67 -9.28 44.67
N PRO D 55 5.91 -8.49 45.47
CA PRO D 55 6.56 -7.53 46.39
C PRO D 55 7.54 -8.19 47.37
N ILE D 56 7.33 -9.46 47.73
CA ILE D 56 8.26 -10.17 48.61
C ILE D 56 9.57 -10.38 47.87
N ALA D 57 9.51 -10.88 46.62
CA ALA D 57 10.71 -11.12 45.81
C ALA D 57 11.48 -9.82 45.58
N VAL D 58 10.74 -8.70 45.42
CA VAL D 58 11.32 -7.38 45.21
C VAL D 58 12.03 -6.94 46.50
N SER D 59 11.37 -7.14 47.66
CA SER D 59 11.96 -6.80 48.95
C SER D 59 13.17 -7.64 49.28
N CYS D 60 13.28 -8.86 48.72
CA CYS D 60 14.43 -9.75 48.89
C CYS D 60 15.62 -9.23 48.10
N ILE D 61 15.38 -8.68 46.91
CA ILE D 61 16.42 -8.09 46.06
C ILE D 61 17.06 -6.94 46.81
N LEU D 62 16.21 -6.06 47.39
CA LEU D 62 16.63 -4.89 48.17
C LEU D 62 17.30 -5.29 49.49
N ALA D 63 16.78 -6.31 50.19
CA ALA D 63 17.39 -6.77 51.45
C ALA D 63 18.80 -7.35 51.20
N ASN D 64 19.02 -7.97 50.02
CA ASN D 64 20.32 -8.47 49.61
C ASN D 64 21.32 -7.31 49.32
N MET D 65 20.80 -6.11 49.05
CA MET D 65 21.63 -4.92 48.88
C MET D 65 21.83 -4.17 50.22
N ARG D 66 21.40 -4.76 51.36
CA ARG D 66 21.44 -4.23 52.72
C ARG D 66 20.81 -2.86 52.81
N LEU D 67 19.61 -2.70 52.23
CA LEU D 67 18.87 -1.44 52.26
C LEU D 67 18.06 -1.30 53.57
N ASP D 68 17.77 -0.04 53.98
CA ASP D 68 17.07 0.31 55.22
C ASP D 68 15.65 -0.29 55.35
N PRO D 69 15.09 -0.38 56.58
CA PRO D 69 13.76 -0.96 56.74
C PRO D 69 12.63 -0.26 56.00
N GLU D 70 12.70 1.09 55.85
CA GLU D 70 11.66 1.82 55.14
C GLU D 70 11.61 1.40 53.68
N THR D 71 12.78 1.17 53.05
CA THR D 71 12.88 0.75 51.66
C THR D 71 12.23 -0.62 51.50
N LEU D 72 12.48 -1.55 52.45
CA LEU D 72 11.93 -2.89 52.40
C LEU D 72 10.42 -2.89 52.62
N MET D 73 9.94 -2.04 53.53
CA MET D 73 8.52 -1.93 53.82
C MET D 73 7.78 -1.33 52.63
N ALA D 74 8.34 -0.27 52.02
CA ALA D 74 7.74 0.34 50.84
C ALA D 74 7.69 -0.61 49.66
N ALA D 75 8.67 -1.52 49.54
CA ALA D 75 8.71 -2.51 48.46
C ALA D 75 7.61 -3.54 48.62
N LEU D 76 7.34 -3.95 49.86
CA LEU D 76 6.30 -4.92 50.18
C LEU D 76 4.89 -4.36 50.00
N LEU D 77 4.74 -3.03 50.06
CA LEU D 77 3.44 -2.38 49.96
C LEU D 77 3.31 -1.43 48.75
N HIS D 78 4.24 -1.46 47.79
CA HIS D 78 4.22 -0.49 46.67
C HIS D 78 3.00 -0.63 45.76
N ASP D 79 2.36 -1.81 45.75
CA ASP D 79 1.20 -2.07 44.91
C ASP D 79 -0.12 -2.12 45.68
N VAL D 80 -0.14 -1.77 46.99
CA VAL D 80 -1.40 -1.82 47.75
C VAL D 80 -2.20 -0.50 47.65
N ILE D 81 -1.57 0.60 47.21
CA ILE D 81 -2.26 1.88 47.06
C ILE D 81 -3.13 1.89 45.79
N GLU D 82 -2.57 1.42 44.66
CA GLU D 82 -3.25 1.45 43.37
C GLU D 82 -4.05 0.17 43.03
N ASP D 83 -3.52 -1.01 43.36
CA ASP D 83 -4.19 -2.27 43.04
C ASP D 83 -5.17 -2.76 44.12
N THR D 84 -5.13 -2.18 45.34
CA THR D 84 -6.03 -2.62 46.42
C THR D 84 -6.84 -1.43 47.01
N GLN D 85 -7.87 -1.74 47.84
CA GLN D 85 -8.76 -0.77 48.49
C GLN D 85 -8.05 0.14 49.47
N TYR D 86 -6.91 -0.29 50.06
CA TYR D 86 -6.17 0.51 51.04
C TYR D 86 -5.55 1.77 50.40
N THR D 87 -5.57 2.88 51.14
CA THR D 87 -5.11 4.18 50.65
C THR D 87 -3.77 4.63 51.29
N LYS D 88 -3.23 5.82 50.92
CA LYS D 88 -2.00 6.36 51.50
C LYS D 88 -2.20 6.64 52.99
N ASP D 89 -3.40 7.14 53.38
CA ASP D 89 -3.75 7.43 54.77
C ASP D 89 -3.69 6.15 55.62
N ASP D 90 -4.10 5.01 55.06
CA ASP D 90 -4.07 3.73 55.76
C ASP D 90 -2.63 3.28 56.03
N ILE D 91 -1.68 3.55 55.10
CA ILE D 91 -0.27 3.20 55.22
C ILE D 91 0.49 4.16 56.16
N ILE D 92 0.16 5.45 56.08
CA ILE D 92 0.76 6.44 56.96
C ILE D 92 0.37 6.18 58.43
N GLU D 93 -0.72 5.41 58.67
CA GLU D 93 -1.25 5.04 59.97
C GLU D 93 -0.45 3.87 60.60
N ARG D 94 -0.20 2.81 59.82
CA ARG D 94 0.47 1.60 60.31
C ARG D 94 1.98 1.61 60.19
N PHE D 95 2.53 2.34 59.21
CA PHE D 95 3.97 2.27 58.97
C PHE D 95 4.71 3.60 58.91
N GLY D 96 4.00 4.71 59.07
CA GLY D 96 4.65 6.02 59.09
C GLY D 96 4.65 6.80 57.79
N GLN D 97 5.07 8.05 57.91
CA GLN D 97 5.12 8.99 56.80
C GLN D 97 6.17 8.63 55.77
N THR D 98 7.36 8.19 56.23
CA THR D 98 8.45 7.87 55.31
C THR D 98 8.11 6.77 54.33
N VAL D 99 7.59 5.63 54.79
CA VAL D 99 7.26 4.53 53.86
C VAL D 99 6.06 4.89 52.97
N ALA D 100 5.15 5.75 53.45
CA ALA D 100 4.03 6.20 52.61
C ALA D 100 4.54 7.06 51.44
N GLU D 101 5.51 7.95 51.69
CA GLU D 101 6.10 8.78 50.64
C GLU D 101 6.84 7.93 49.63
N LEU D 102 7.55 6.88 50.11
CA LEU D 102 8.28 5.97 49.25
C LEU D 102 7.30 5.18 48.38
N VAL D 103 6.20 4.66 48.96
CA VAL D 103 5.20 3.92 48.18
C VAL D 103 4.57 4.84 47.12
N ASP D 104 4.26 6.07 47.54
CA ASP D 104 3.68 7.11 46.67
C ASP D 104 4.62 7.40 45.48
N GLY D 105 5.90 7.66 45.78
CA GLY D 105 6.92 7.93 44.78
C GLY D 105 7.08 6.84 43.75
N VAL D 106 7.15 5.59 44.19
CA VAL D 106 7.29 4.43 43.30
C VAL D 106 6.08 4.30 42.39
N THR D 107 4.88 4.53 42.97
CA THR D 107 3.60 4.46 42.25
C THR D 107 3.58 5.48 41.11
N LYS D 108 4.10 6.69 41.37
CA LYS D 108 4.16 7.75 40.37
C LYS D 108 5.04 7.42 39.16
N LEU D 109 6.01 6.49 39.29
CA LEU D 109 6.86 6.12 38.16
C LEU D 109 6.28 5.03 37.26
N SER D 110 5.08 4.52 37.58
CA SER D 110 4.44 3.48 36.77
C SER D 110 3.94 3.98 35.37
N GLN D 111 4.19 3.16 34.33
CA GLN D 111 3.76 3.46 32.96
C GLN D 111 2.49 2.65 32.70
N SER D 112 1.36 3.33 32.43
CA SER D 112 0.04 2.72 32.37
C SER D 112 -0.34 1.87 31.15
N SER D 113 0.52 1.73 30.10
CA SER D 113 0.22 0.88 28.92
C SER D 113 -0.85 1.48 27.97
N ASP D 114 -2.01 1.88 28.51
CA ASP D 114 -3.02 2.57 27.72
C ASP D 114 -2.72 4.10 27.62
N LYS D 115 -1.62 4.58 28.27
CA LYS D 115 -1.19 5.97 28.24
C LYS D 115 0.06 6.15 27.35
N GLU D 116 0.31 7.40 26.91
CA GLU D 116 1.44 7.70 26.02
C GLU D 116 2.79 7.38 26.65
N TYR D 117 3.70 6.78 25.87
CA TYR D 117 5.06 6.56 26.35
C TYR D 117 5.93 7.64 25.72
N ASN D 118 6.28 8.65 26.51
CA ASN D 118 7.16 9.71 26.05
C ASN D 118 8.50 9.51 26.73
N LYS D 119 9.55 9.14 25.97
CA LYS D 119 10.84 8.86 26.57
C LYS D 119 11.43 10.04 27.33
N ALA D 120 11.39 11.23 26.74
CA ALA D 120 11.97 12.41 27.37
C ALA D 120 11.23 12.81 28.63
N ALA D 121 9.90 12.71 28.62
CA ALA D 121 9.10 13.07 29.79
C ALA D 121 9.35 12.10 30.92
N SER D 122 9.40 10.77 30.61
CA SER D 122 9.67 9.71 31.60
C SER D 122 11.05 9.89 32.20
N PHE D 123 12.06 10.19 31.37
CA PHE D 123 13.43 10.43 31.84
C PHE D 123 13.48 11.56 32.86
N ARG D 124 12.83 12.69 32.54
CA ARG D 124 12.75 13.86 33.39
C ARG D 124 12.05 13.56 34.72
N LYS D 125 10.90 12.85 34.67
CA LYS D 125 10.12 12.49 35.85
C LYS D 125 10.86 11.54 36.77
N ILE D 126 11.57 10.56 36.18
CA ILE D 126 12.34 9.58 36.92
C ILE D 126 13.56 10.23 37.55
N LEU D 127 14.23 11.13 36.82
CA LEU D 127 15.37 11.86 37.37
C LEU D 127 14.94 12.74 38.54
N GLN D 128 13.79 13.38 38.42
CA GLN D 128 13.25 14.24 39.46
C GLN D 128 12.90 13.40 40.71
N ALA D 129 12.28 12.23 40.53
CA ALA D 129 11.92 11.34 41.64
C ALA D 129 13.18 10.76 42.31
N THR D 130 14.24 10.48 41.51
CA THR D 130 15.51 9.95 41.96
C THR D 130 16.17 10.95 42.89
N LEU D 131 16.23 12.23 42.48
CA LEU D 131 16.87 13.24 43.33
C LEU D 131 16.00 13.62 44.52
N GLN D 132 14.68 13.48 44.42
CA GLN D 132 13.78 13.74 45.53
C GLN D 132 14.05 12.77 46.66
N ASP D 133 14.26 11.47 46.31
CA ASP D 133 14.63 10.39 47.23
C ASP D 133 15.15 9.23 46.41
N PRO D 134 16.49 9.00 46.39
CA PRO D 134 17.04 7.91 45.57
C PRO D 134 16.48 6.53 45.88
N ARG D 135 15.93 6.30 47.09
CA ARG D 135 15.37 5.00 47.43
C ARG D 135 14.20 4.60 46.53
N VAL D 136 13.46 5.58 46.04
CA VAL D 136 12.33 5.40 45.14
C VAL D 136 12.77 4.71 43.84
N ILE D 137 13.87 5.16 43.23
CA ILE D 137 14.35 4.57 41.99
C ILE D 137 14.94 3.19 42.25
N ILE D 138 15.53 2.95 43.43
CA ILE D 138 16.06 1.62 43.74
C ILE D 138 14.93 0.60 43.86
N ILE D 139 13.80 0.98 44.51
CA ILE D 139 12.63 0.10 44.64
C ILE D 139 12.04 -0.16 43.25
N LYS D 140 11.94 0.89 42.43
CA LYS D 140 11.40 0.78 41.08
C LYS D 140 12.26 -0.09 40.16
N LEU D 141 13.59 -0.03 40.32
CA LEU D 141 14.49 -0.84 39.52
C LEU D 141 14.35 -2.30 39.90
N ALA D 142 14.23 -2.60 41.20
CA ALA D 142 14.06 -3.96 41.73
C ALA D 142 12.70 -4.52 41.27
N ASP D 143 11.66 -3.66 41.29
CA ASP D 143 10.32 -4.03 40.84
C ASP D 143 10.37 -4.38 39.36
N ARG D 144 10.96 -3.49 38.53
CA ARG D 144 11.07 -3.73 37.10
C ARG D 144 11.89 -4.97 36.81
N TYR D 145 12.95 -5.21 37.59
CA TYR D 145 13.76 -6.41 37.41
C TYR D 145 12.96 -7.68 37.63
N HIS D 146 12.18 -7.75 38.71
CA HIS D 146 11.37 -8.93 38.98
C HIS D 146 10.33 -9.15 37.87
N ASN D 147 9.74 -8.06 37.36
CA ASN D 147 8.77 -8.11 36.28
C ASN D 147 9.43 -8.67 35.01
N MET D 148 10.66 -8.23 34.69
CA MET D 148 11.38 -8.69 33.50
C MET D 148 11.65 -10.20 33.52
N THR D 149 11.90 -10.77 34.71
CA THR D 149 12.15 -12.21 34.83
C THR D 149 10.88 -13.05 34.62
N THR D 150 9.72 -12.48 34.94
CA THR D 150 8.43 -13.15 34.78
C THR D 150 7.64 -12.55 33.60
N LEU D 151 8.35 -12.08 32.55
CA LEU D 151 7.70 -11.46 31.37
C LEU D 151 7.19 -12.48 30.34
N GLY D 152 7.23 -13.77 30.68
CA GLY D 152 6.78 -14.85 29.81
C GLY D 152 5.27 -14.89 29.68
N ALA D 153 4.55 -14.65 30.78
CA ALA D 153 3.09 -14.69 30.77
C ALA D 153 2.51 -13.33 30.33
N LEU D 154 3.10 -12.74 29.27
CA LEU D 154 2.66 -11.43 28.79
C LEU D 154 2.31 -11.37 27.30
N ARG D 155 1.47 -10.40 26.91
CA ARG D 155 1.09 -10.20 25.50
C ARG D 155 2.29 -9.60 24.76
N PRO D 156 2.56 -10.03 23.50
CA PRO D 156 3.74 -9.51 22.79
C PRO D 156 3.81 -8.00 22.61
N ASP D 157 2.67 -7.30 22.52
CA ASP D 157 2.66 -5.84 22.39
C ASP D 157 3.09 -5.12 23.69
N LYS D 158 2.93 -5.80 24.85
CA LYS D 158 3.35 -5.28 26.15
C LYS D 158 4.78 -5.77 26.46
N ARG D 159 5.05 -7.04 26.19
CA ARG D 159 6.36 -7.67 26.33
C ARG D 159 7.48 -6.90 25.55
N ALA D 160 7.08 -6.04 24.59
CA ALA D 160 8.00 -5.23 23.78
C ALA D 160 8.09 -3.79 24.30
N ARG D 161 6.98 -3.21 24.77
CA ARG D 161 6.97 -1.82 25.29
C ARG D 161 7.58 -1.73 26.69
N ILE D 162 7.42 -2.80 27.49
CA ILE D 162 8.01 -2.87 28.82
C ILE D 162 9.54 -3.03 28.66
N ALA D 163 9.98 -3.89 27.73
CA ALA D 163 11.40 -4.10 27.44
C ALA D 163 12.03 -2.86 26.83
N GLN D 164 11.28 -2.09 26.04
CA GLN D 164 11.79 -0.86 25.44
C GLN D 164 11.93 0.26 26.49
N GLU D 165 10.91 0.46 27.37
CA GLU D 165 11.01 1.48 28.43
C GLU D 165 12.16 1.13 29.37
N THR D 166 12.31 -0.16 29.69
CA THR D 166 13.36 -0.63 30.59
C THR D 166 14.71 -0.37 29.98
N PHE D 167 14.88 -0.69 28.71
CA PHE D 167 16.13 -0.47 28.01
C PHE D 167 16.46 1.03 27.83
N ASP D 168 15.45 1.86 27.52
CA ASP D 168 15.64 3.27 27.27
C ASP D 168 15.92 4.07 28.52
N ILE D 169 15.24 3.75 29.63
CA ILE D 169 15.38 4.55 30.84
C ILE D 169 15.93 3.78 32.05
N PHE D 170 15.39 2.59 32.34
CA PHE D 170 15.80 1.85 33.53
C PHE D 170 17.24 1.40 33.48
N VAL D 171 17.73 0.91 32.35
CA VAL D 171 19.13 0.49 32.22
C VAL D 171 20.06 1.72 32.42
N PRO D 172 19.89 2.87 31.72
CA PRO D 172 20.74 4.04 32.01
C PRO D 172 20.63 4.55 33.45
N MET D 173 19.41 4.51 34.02
CA MET D 173 19.15 4.97 35.39
C MET D 173 19.87 4.12 36.41
N ALA D 174 19.90 2.80 36.19
CA ALA D 174 20.58 1.88 37.10
C ALA D 174 22.06 2.15 37.10
N ARG D 175 22.67 2.44 35.95
CA ARG D 175 24.09 2.74 35.88
C ARG D 175 24.41 4.03 36.60
N LEU D 176 23.52 5.03 36.51
CA LEU D 176 23.70 6.33 37.17
C LEU D 176 23.73 6.17 38.69
N VAL D 177 22.76 5.44 39.28
CA VAL D 177 22.73 5.21 40.71
C VAL D 177 23.90 4.37 41.20
N GLY D 178 24.49 3.56 40.33
CA GLY D 178 25.64 2.75 40.70
C GLY D 178 25.31 1.28 40.82
N MET D 179 24.15 0.89 40.29
CA MET D 179 23.69 -0.48 40.31
C MET D 179 24.00 -1.10 38.96
N ASN D 180 25.29 -1.24 38.65
CA ASN D 180 25.76 -1.77 37.38
C ASN D 180 25.49 -3.26 37.18
N GLU D 181 25.41 -4.06 38.27
CA GLU D 181 25.08 -5.47 38.12
C GLU D 181 23.61 -5.59 37.70
N MET D 182 22.73 -4.83 38.38
CA MET D 182 21.31 -4.74 38.10
C MET D 182 21.10 -4.26 36.67
N ALA D 183 21.83 -3.20 36.24
CA ALA D 183 21.72 -2.66 34.90
C ALA D 183 22.06 -3.71 33.85
N ASP D 184 23.12 -4.49 34.09
CA ASP D 184 23.55 -5.56 33.18
C ASP D 184 22.47 -6.64 33.09
N ASN D 185 21.91 -7.05 34.25
CA ASN D 185 20.86 -8.07 34.31
C ASN D 185 19.60 -7.61 33.59
N LEU D 186 19.25 -6.32 33.73
CA LEU D 186 18.08 -5.74 33.07
C LEU D 186 18.31 -5.70 31.57
N GLU D 187 19.50 -5.24 31.12
CA GLU D 187 19.85 -5.15 29.70
C GLU D 187 19.82 -6.50 29.03
N ASN D 188 20.27 -7.55 29.73
CA ASN D 188 20.25 -8.93 29.25
C ASN D 188 18.81 -9.34 28.97
N LEU D 189 17.90 -9.13 29.95
CA LEU D 189 16.48 -9.44 29.80
C LEU D 189 15.78 -8.59 28.75
N CYS D 190 16.29 -7.38 28.49
CA CYS D 190 15.76 -6.50 27.46
C CYS D 190 16.08 -7.09 26.10
N TYR D 191 17.30 -7.61 25.90
CA TYR D 191 17.68 -8.23 24.63
C TYR D 191 16.87 -9.51 24.40
N GLN D 192 16.57 -10.26 25.46
CA GLN D 192 15.79 -11.50 25.43
C GLN D 192 14.36 -11.26 24.96
N ASN D 193 13.80 -10.07 25.24
CA ASN D 193 12.43 -9.76 24.84
C ASN D 193 12.32 -8.79 23.65
N LEU D 194 13.42 -8.15 23.24
CA LEU D 194 13.39 -7.25 22.09
C LEU D 194 13.86 -7.92 20.79
N ASP D 195 14.62 -9.02 20.89
CA ASP D 195 15.15 -9.77 19.75
C ASP D 195 15.49 -11.18 20.23
N LEU D 196 14.46 -11.98 20.58
CA LEU D 196 14.62 -13.34 21.09
C LEU D 196 15.51 -14.25 20.23
N ASP D 197 15.34 -14.20 18.89
CA ASP D 197 16.15 -15.01 17.96
C ASP D 197 17.63 -14.66 18.01
N MET D 198 18.00 -13.38 17.88
CA MET D 198 19.39 -12.95 17.95
C MET D 198 19.98 -13.17 19.33
N PHE D 199 19.17 -13.03 20.38
CA PHE D 199 19.61 -13.24 21.75
C PHE D 199 19.99 -14.71 21.96
N ASP D 200 19.14 -15.63 21.50
CA ASP D 200 19.39 -17.06 21.65
C ASP D 200 20.61 -17.52 20.85
N ASN D 201 20.89 -16.88 19.71
CA ASN D 201 22.04 -17.25 18.89
C ASN D 201 23.34 -16.83 19.58
N VAL D 202 23.37 -15.63 20.15
CA VAL D 202 24.56 -15.12 20.82
C VAL D 202 24.75 -15.81 22.17
N GLN D 203 23.66 -16.06 22.89
CA GLN D 203 23.71 -16.70 24.21
C GLN D 203 24.19 -18.15 24.14
N ASN D 204 23.92 -18.85 23.02
CA ASN D 204 24.37 -20.22 22.82
C ASN D 204 25.85 -20.27 22.45
N ALA D 205 26.33 -19.28 21.69
CA ALA D 205 27.74 -19.18 21.35
C ALA D 205 28.54 -18.81 22.61
N LEU D 206 27.99 -17.94 23.46
CA LEU D 206 28.62 -17.56 24.73
C LEU D 206 28.73 -18.78 25.63
N LEU D 207 27.68 -19.61 25.68
CA LEU D 207 27.64 -20.83 26.50
C LEU D 207 28.59 -21.90 25.98
N GLN D 208 28.64 -22.13 24.65
CA GLN D 208 29.53 -23.15 24.09
C GLN D 208 30.99 -22.80 24.25
N THR D 209 31.32 -21.52 24.05
CA THR D 209 32.70 -21.06 24.17
C THR D 209 33.11 -20.67 25.60
N LYS D 210 32.17 -20.73 26.58
CA LYS D 210 32.41 -20.34 27.97
C LYS D 210 33.65 -21.01 28.60
N PRO D 211 33.79 -22.36 28.61
CA PRO D 211 35.00 -22.95 29.20
C PRO D 211 36.29 -22.57 28.50
N GLU D 212 36.27 -22.39 27.17
CA GLU D 212 37.47 -21.98 26.44
C GLU D 212 37.82 -20.52 26.77
N ARG D 213 36.81 -19.67 26.94
CA ARG D 213 37.00 -18.28 27.30
C ARG D 213 37.54 -18.15 28.74
N CYS D 214 37.17 -19.09 29.65
CA CYS D 214 37.67 -19.11 31.03
C CYS D 214 39.17 -19.39 31.01
N LYS D 215 39.58 -20.37 30.20
CA LYS D 215 40.96 -20.81 30.02
C LYS D 215 41.82 -19.65 29.53
N TYR D 216 41.36 -18.92 28.50
CA TYR D 216 42.14 -17.83 27.94
C TYR D 216 42.09 -16.56 28.79
N GLN D 217 41.03 -16.36 29.58
CA GLN D 217 41.00 -15.23 30.51
C GLN D 217 42.05 -15.46 31.62
N SER D 218 42.17 -16.73 32.07
CA SER D 218 43.16 -17.14 33.07
C SER D 218 44.58 -16.98 32.54
N ILE D 219 44.78 -17.30 31.24
CA ILE D 219 46.06 -17.16 30.55
C ILE D 219 46.43 -15.68 30.51
N TRP D 220 45.49 -14.81 30.10
CA TRP D 220 45.76 -13.39 29.99
C TRP D 220 45.88 -12.68 31.30
N GLU D 221 45.27 -13.20 32.38
CA GLU D 221 45.45 -12.63 33.71
C GLU D 221 46.91 -12.83 34.13
N GLN D 222 47.48 -14.03 33.85
CA GLN D 222 48.87 -14.36 34.11
C GLN D 222 49.82 -13.58 33.20
N ASN D 223 49.47 -13.41 31.91
CA ASN D 223 50.27 -12.64 30.96
C ASN D 223 50.38 -11.18 31.37
N LEU D 224 49.29 -10.63 31.90
CA LEU D 224 49.23 -9.25 32.37
C LEU D 224 49.97 -9.12 33.71
N ALA D 225 49.92 -10.15 34.57
CA ALA D 225 50.64 -10.13 35.84
C ALA D 225 52.15 -10.11 35.60
N GLU D 226 52.61 -10.90 34.58
CA GLU D 226 54.00 -10.98 34.16
C GLU D 226 54.45 -9.67 33.54
N LEU D 227 53.60 -9.03 32.71
CA LEU D 227 53.93 -7.78 32.04
C LEU D 227 54.15 -6.68 33.09
N LEU D 228 53.28 -6.61 34.10
CA LEU D 228 53.41 -5.63 35.17
C LEU D 228 54.73 -5.81 35.92
N HIS D 229 55.13 -7.06 36.17
CA HIS D 229 56.37 -7.41 36.85
C HIS D 229 57.60 -7.03 36.02
N ASN D 230 57.56 -7.28 34.70
CA ASN D 230 58.68 -7.00 33.80
C ASN D 230 58.95 -5.51 33.71
N TYR D 231 57.89 -4.69 33.70
CA TYR D 231 58.05 -3.24 33.62
C TYR D 231 58.14 -2.56 35.00
N HIS D 232 58.30 -3.35 36.08
CA HIS D 232 58.41 -2.94 37.47
C HIS D 232 57.28 -2.03 37.93
N ILE D 233 56.03 -2.42 37.57
CA ILE D 233 54.82 -1.70 37.94
C ILE D 233 54.08 -2.49 39.00
N GLN D 234 53.83 -1.88 40.16
CA GLN D 234 53.10 -2.52 41.23
C GLN D 234 51.62 -2.32 40.97
N GLY D 235 50.86 -3.40 40.94
CA GLY D 235 49.43 -3.30 40.71
C GLY D 235 48.63 -4.57 40.96
N ARG D 236 47.31 -4.43 40.97
CA ARG D 236 46.38 -5.54 41.17
C ARG D 236 45.61 -5.76 39.88
N ILE D 237 45.32 -7.01 39.54
CA ILE D 237 44.58 -7.33 38.32
C ILE D 237 43.29 -8.05 38.67
N LYS D 238 42.17 -7.53 38.17
CA LYS D 238 40.86 -8.12 38.44
C LYS D 238 40.22 -8.59 37.17
N LYS D 239 39.84 -9.87 37.12
CA LYS D 239 39.14 -10.43 35.96
C LYS D 239 37.76 -9.86 35.98
N LYS D 240 37.32 -9.30 34.86
CA LYS D 240 35.99 -8.72 34.78
C LYS D 240 35.10 -9.53 33.87
N ASN D 241 33.84 -9.72 34.26
CA ASN D 241 32.91 -10.47 33.44
C ASN D 241 32.57 -9.61 32.21
N ASN D 242 32.57 -10.26 31.06
CA ASN D 242 32.44 -9.68 29.73
C ASN D 242 31.12 -9.94 29.02
N ASN D 243 30.28 -10.84 29.56
CA ASN D 243 29.04 -11.32 28.95
C ASN D 243 28.10 -10.26 28.37
N ILE D 244 27.80 -9.16 29.10
CA ILE D 244 26.89 -8.15 28.56
C ILE D 244 27.55 -7.37 27.42
N GLU D 245 28.87 -7.11 27.51
CA GLU D 245 29.56 -6.38 26.44
C GLU D 245 29.62 -7.19 25.17
N LEU D 246 29.81 -8.52 25.30
CA LEU D 246 29.86 -9.44 24.18
C LEU D 246 28.47 -9.59 23.56
N LEU D 247 27.42 -9.74 24.40
CA LEU D 247 26.05 -9.88 23.93
C LEU D 247 25.62 -8.60 23.20
N ARG D 248 25.87 -7.45 23.81
CA ARG D 248 25.57 -6.12 23.26
C ARG D 248 26.19 -5.94 21.88
N HIS D 249 27.40 -6.47 21.68
CA HIS D 249 28.10 -6.37 20.42
C HIS D 249 27.60 -7.35 19.37
N PHE D 250 27.57 -8.66 19.67
CA PHE D 250 27.19 -9.65 18.69
C PHE D 250 25.68 -9.71 18.38
N VAL D 251 24.84 -8.99 19.14
CA VAL D 251 23.41 -8.90 18.81
C VAL D 251 23.22 -7.98 17.56
N LYS D 252 24.15 -7.03 17.32
CA LYS D 252 24.14 -6.12 16.18
C LYS D 252 25.31 -6.37 15.18
N ASN D 253 26.11 -7.43 15.40
CA ASN D 253 27.25 -7.73 14.53
C ASN D 253 27.30 -9.20 14.12
N GLU D 254 28.01 -9.48 13.01
CA GLU D 254 28.23 -10.82 12.46
C GLU D 254 28.98 -11.67 13.49
N MET D 255 28.58 -12.93 13.70
CA MET D 255 29.25 -13.80 14.67
C MET D 255 30.66 -14.23 14.24
N ASP D 256 31.63 -14.03 15.15
CA ASP D 256 33.03 -14.39 15.00
C ASP D 256 33.37 -15.16 16.28
N LEU D 257 33.31 -16.50 16.23
CA LEU D 257 33.55 -17.35 17.39
C LEU D 257 34.94 -17.20 18.00
N GLN D 258 35.93 -16.84 17.18
CA GLN D 258 37.29 -16.63 17.69
C GLN D 258 37.34 -15.34 18.48
N GLU D 259 36.71 -14.28 17.97
CA GLU D 259 36.65 -12.98 18.65
C GLU D 259 35.87 -13.10 19.95
N LEU D 260 34.80 -13.90 19.94
CA LEU D 260 33.96 -14.15 21.10
C LEU D 260 34.73 -14.90 22.19
N THR D 261 35.54 -15.88 21.82
CA THR D 261 36.30 -16.70 22.74
C THR D 261 37.51 -15.96 23.30
N HIS D 262 38.16 -15.14 22.47
CA HIS D 262 39.38 -14.47 22.88
C HIS D 262 39.22 -13.00 23.19
N SER D 263 38.05 -12.61 23.70
CA SER D 263 37.80 -11.22 24.11
C SER D 263 37.72 -11.23 25.62
N HIS D 264 38.57 -10.46 26.30
CA HIS D 264 38.57 -10.45 27.77
C HIS D 264 38.63 -9.06 28.34
N ALA D 265 38.09 -8.87 29.55
CA ALA D 265 38.08 -7.57 30.18
C ALA D 265 38.74 -7.67 31.55
N PHE D 266 39.55 -6.66 31.89
CA PHE D 266 40.25 -6.61 33.16
C PHE D 266 40.23 -5.21 33.75
N GLU D 267 40.37 -5.14 35.07
CA GLU D 267 40.48 -3.89 35.81
C GLU D 267 41.88 -3.91 36.44
N ILE D 268 42.70 -2.88 36.20
CA ILE D 268 44.05 -2.84 36.77
C ILE D 268 44.17 -1.69 37.76
N VAL D 269 44.39 -2.03 39.04
CA VAL D 269 44.49 -1.00 40.07
C VAL D 269 45.95 -0.70 40.43
N LEU D 270 46.43 0.47 39.99
CA LEU D 270 47.81 0.88 40.22
C LEU D 270 47.96 1.84 41.41
N GLN D 271 49.21 2.16 41.78
CA GLN D 271 49.47 3.00 42.95
C GLN D 271 49.47 4.50 42.65
N SER D 272 49.93 4.89 41.45
CA SER D 272 50.02 6.31 41.10
C SER D 272 49.65 6.60 39.64
N ILE D 273 49.43 7.89 39.28
CA ILE D 273 49.10 8.24 37.91
C ILE D 273 50.27 7.98 36.97
N ALA D 274 51.50 8.19 37.45
CA ALA D 274 52.70 7.93 36.65
C ALA D 274 52.77 6.44 36.26
N ASP D 275 52.36 5.55 37.17
CA ASP D 275 52.29 4.10 36.94
C ASP D 275 51.24 3.76 35.89
N CYS D 276 50.12 4.51 35.86
CA CYS D 276 49.05 4.30 34.89
C CYS D 276 49.55 4.61 33.50
N ASP D 277 50.24 5.74 33.34
CA ASP D 277 50.79 6.15 32.04
C ASP D 277 51.93 5.24 31.61
N ARG D 278 52.73 4.74 32.59
CA ARG D 278 53.81 3.79 32.36
C ARG D 278 53.24 2.49 31.83
N LEU D 279 52.13 2.01 32.42
CA LEU D 279 51.49 0.78 31.98
C LEU D 279 50.92 0.95 30.58
N VAL D 280 50.34 2.11 30.28
CA VAL D 280 49.81 2.39 28.94
C VAL D 280 50.94 2.35 27.90
N ALA D 281 52.09 2.95 28.25
CA ALA D 281 53.25 2.95 27.35
C ALA D 281 53.76 1.54 27.14
N ALA D 282 53.81 0.72 28.19
CA ALA D 282 54.25 -0.68 28.12
C ALA D 282 53.30 -1.50 27.25
N LEU D 283 51.98 -1.29 27.39
CA LEU D 283 50.94 -1.97 26.63
C LEU D 283 50.98 -1.61 25.15
N LYS D 284 51.41 -0.39 24.81
CA LYS D 284 51.54 0.03 23.42
C LYS D 284 52.67 -0.73 22.73
N GLU D 285 53.77 -1.00 23.46
CA GLU D 285 54.93 -1.70 22.94
C GLU D 285 54.58 -3.14 22.53
N ASN D 286 53.76 -3.82 23.34
CA ASN D 286 53.44 -5.22 23.09
C ASN D 286 52.14 -5.49 22.34
N PHE D 287 51.26 -4.48 22.20
CA PHE D 287 49.98 -4.68 21.54
C PHE D 287 49.64 -3.58 20.54
N GLN D 288 48.65 -3.84 19.68
CA GLN D 288 48.13 -2.88 18.74
C GLN D 288 46.96 -2.19 19.46
N VAL D 289 46.94 -0.85 19.52
CA VAL D 289 45.87 -0.14 20.22
C VAL D 289 44.61 0.07 19.36
N ILE D 290 43.49 -0.52 19.76
CA ILE D 290 42.22 -0.38 19.06
C ILE D 290 41.52 0.92 19.48
N GLN D 291 41.43 1.17 20.79
CA GLN D 291 40.73 2.35 21.30
C GLN D 291 41.39 2.83 22.59
N TYR D 292 41.42 4.15 22.81
CA TYR D 292 42.03 4.72 24.00
C TYR D 292 41.23 5.95 24.45
N GLN D 293 40.91 6.01 25.74
CA GLN D 293 40.16 7.11 26.31
C GLN D 293 40.85 7.54 27.59
N ASP D 294 41.23 8.82 27.68
CA ASP D 294 41.91 9.34 28.86
C ASP D 294 40.94 10.07 29.79
N HIS D 295 40.41 9.33 30.78
CA HIS D 295 39.51 9.95 31.75
C HIS D 295 40.24 10.41 33.03
N ILE D 296 41.58 10.50 32.99
CA ILE D 296 42.36 11.03 34.10
C ILE D 296 42.53 12.53 33.86
N ARG D 297 43.02 12.90 32.66
CA ARG D 297 43.20 14.30 32.30
C ARG D 297 41.83 14.95 32.04
N ARG D 298 40.90 14.21 31.42
CA ARG D 298 39.53 14.67 31.17
C ARG D 298 38.54 13.73 31.92
N PRO D 299 38.31 13.98 33.22
CA PRO D 299 37.43 13.10 34.00
C PRO D 299 35.98 13.07 33.53
N LEU D 300 35.32 11.95 33.76
CA LEU D 300 33.91 11.78 33.41
C LEU D 300 33.01 12.64 34.30
N PRO D 301 31.80 13.01 33.85
CA PRO D 301 30.88 13.76 34.74
C PRO D 301 30.60 12.93 35.98
N GLY D 302 30.72 13.56 37.14
CA GLY D 302 30.62 12.86 38.42
C GLY D 302 31.98 12.82 39.10
N GLY D 303 33.05 12.79 38.30
CA GLY D 303 34.43 12.81 38.76
C GLY D 303 35.22 11.54 38.53
N ASN D 304 34.60 10.53 37.91
CA ASN D 304 35.27 9.25 37.71
C ASN D 304 36.48 9.32 36.82
N GLN D 305 37.63 8.85 37.33
CA GLN D 305 38.86 8.86 36.58
C GLN D 305 39.30 7.46 36.25
N SER D 306 39.80 7.29 35.03
CA SER D 306 40.21 6.00 34.51
C SER D 306 41.00 6.15 33.20
N LEU D 307 41.68 5.10 32.78
CA LEU D 307 42.33 5.07 31.46
C LEU D 307 41.77 3.85 30.81
N MET D 308 41.00 4.01 29.73
CA MET D 308 40.39 2.87 29.08
C MET D 308 41.04 2.57 27.77
N ILE D 309 41.76 1.46 27.72
CA ILE D 309 42.47 1.09 26.51
C ILE D 309 42.07 -0.31 26.03
N LYS D 310 41.70 -0.43 24.75
CA LYS D 310 41.33 -1.68 24.13
C LYS D 310 42.50 -2.12 23.26
N LEU D 311 43.06 -3.31 23.54
CA LEU D 311 44.24 -3.83 22.83
C LEU D 311 43.93 -5.03 21.94
N LYS D 312 44.78 -5.27 20.94
CA LYS D 312 44.65 -6.38 20.01
C LYS D 312 46.02 -6.94 19.70
N GLY D 313 46.12 -8.24 19.74
CA GLY D 313 47.35 -8.93 19.38
C GLY D 313 46.90 -10.31 19.04
N GLU D 314 47.24 -10.82 17.83
CA GLU D 314 46.81 -12.13 17.33
C GLU D 314 45.24 -12.21 17.41
N LYS D 315 44.61 -13.22 18.07
CA LYS D 315 43.16 -13.26 18.20
C LYS D 315 42.62 -12.59 19.49
N THR D 316 43.53 -12.26 20.44
CA THR D 316 43.09 -11.71 21.73
C THR D 316 42.81 -10.22 21.73
N THR D 317 41.61 -9.85 22.21
CA THR D 317 41.19 -8.48 22.40
C THR D 317 41.07 -8.28 23.89
N LEU D 318 41.73 -7.24 24.44
CA LEU D 318 41.67 -6.99 25.86
C LEU D 318 41.07 -5.62 26.13
N SER D 319 40.07 -5.53 27.03
CA SER D 319 39.48 -4.26 27.42
C SER D 319 39.95 -3.99 28.83
N LEU D 320 40.86 -3.03 28.99
CA LEU D 320 41.42 -2.75 30.30
C LEU D 320 41.01 -1.37 30.80
N THR D 321 40.63 -1.28 32.09
CA THR D 321 40.37 0.00 32.72
C THR D 321 41.47 0.14 33.78
N ILE D 322 42.34 1.13 33.62
CA ILE D 322 43.47 1.34 34.51
C ILE D 322 43.21 2.55 35.37
N GLN D 323 43.28 2.39 36.69
CA GLN D 323 43.06 3.51 37.60
C GLN D 323 43.86 3.34 38.88
N THR D 324 44.13 4.45 39.55
CA THR D 324 44.88 4.42 40.81
C THR D 324 44.00 3.90 41.96
N GLU D 325 44.61 3.52 43.08
CA GLU D 325 43.92 3.10 44.28
C GLU D 325 42.95 4.23 44.76
N LEU D 326 43.38 5.51 44.61
CA LEU D 326 42.60 6.68 44.99
C LEU D 326 41.40 6.88 44.08
N MET D 327 41.58 6.70 42.78
CA MET D 327 40.49 6.83 41.82
C MET D 327 39.40 5.79 42.09
N ARG D 328 39.81 4.57 42.41
CA ARG D 328 38.89 3.49 42.69
C ARG D 328 38.11 3.78 43.96
N LYS D 329 38.75 4.38 44.97
CA LYS D 329 38.09 4.71 46.22
C LYS D 329 37.15 5.91 46.05
N ALA D 330 37.54 6.90 45.24
CA ALA D 330 36.71 8.09 44.99
C ALA D 330 35.42 7.71 44.27
N ALA D 331 35.51 6.75 43.32
CA ALA D 331 34.38 6.24 42.55
C ALA D 331 33.31 5.56 43.44
N ARG D 332 33.69 5.11 44.64
CA ARG D 332 32.73 4.50 45.57
C ARG D 332 31.98 5.53 46.42
N PHE D 333 32.26 6.82 46.23
CA PHE D 333 31.53 7.89 46.93
C PHE D 333 30.44 8.28 45.91
N GLY D 334 29.16 8.14 46.27
CA GLY D 334 28.08 8.46 45.33
C GLY D 334 27.45 7.27 44.62
N VAL D 335 28.11 6.11 44.75
CA VAL D 335 27.59 4.85 44.23
C VAL D 335 26.54 4.34 45.25
N VAL D 336 25.26 4.71 45.00
CA VAL D 336 24.05 4.30 45.74
C VAL D 336 24.04 2.76 45.85
N LEU D 337 23.43 2.21 46.90
CA LEU D 337 23.42 0.75 47.12
C LEU D 337 24.87 0.25 47.27
N GLY D 338 25.62 0.97 48.09
CA GLY D 338 27.03 0.75 48.37
C GLY D 338 27.42 1.18 49.78
N GLU D 339 28.65 1.74 49.94
CA GLU D 339 29.20 2.13 51.25
C GLU D 339 28.45 3.27 51.97
N ASN D 340 27.89 4.20 51.19
CA ASN D 340 27.16 5.35 51.73
C ASN D 340 25.65 5.20 51.57
N ALA D 341 24.87 5.96 52.38
CA ALA D 341 23.40 5.95 52.26
C ALA D 341 23.03 6.53 50.87
N PRO D 342 22.03 5.97 50.16
CA PRO D 342 21.71 6.46 48.80
C PRO D 342 21.33 7.96 48.72
N GLN D 343 20.67 8.47 49.77
CA GLN D 343 20.24 9.86 49.87
C GLN D 343 21.40 10.87 49.91
N THR D 344 22.54 10.48 50.51
CA THR D 344 23.79 11.29 50.54
C THR D 344 24.46 11.32 49.11
N CYS D 345 24.06 10.35 48.24
CA CYS D 345 24.47 10.23 46.84
C CYS D 345 23.67 11.20 45.94
N ARG D 346 22.76 12.06 46.46
CA ARG D 346 22.03 13.00 45.63
C ARG D 346 22.95 13.94 44.85
N SER D 347 24.04 14.40 45.49
CA SER D 347 25.00 15.26 44.82
C SER D 347 25.77 14.50 43.75
N ALA D 348 26.05 13.21 43.97
CA ALA D 348 26.78 12.41 43.00
C ALA D 348 25.89 12.02 41.82
N ILE D 349 24.61 11.71 42.06
CA ILE D 349 23.70 11.39 40.98
C ILE D 349 23.44 12.64 40.18
N GLN D 350 23.26 13.80 40.85
CA GLN D 350 23.05 15.06 40.16
C GLN D 350 24.31 15.55 39.40
N ALA D 351 25.52 15.24 39.89
CA ALA D 351 26.74 15.61 39.17
C ALA D 351 26.95 14.72 37.94
N SER D 352 26.60 13.43 38.07
CA SER D 352 26.80 12.43 37.03
C SER D 352 25.77 12.44 35.94
N MET D 353 24.62 13.09 36.13
CA MET D 353 23.54 13.03 35.14
C MET D 353 23.92 13.54 33.74
N GLN D 354 25.08 14.20 33.57
CA GLN D 354 25.54 14.57 32.22
C GLN D 354 25.92 13.31 31.38
N ASN D 355 26.11 12.15 32.04
CA ASN D 355 26.44 10.86 31.40
C ASN D 355 25.25 10.27 30.58
N LEU D 356 24.04 10.86 30.72
CA LEU D 356 22.85 10.40 30.00
C LEU D 356 22.74 11.17 28.67
N ASN D 357 23.55 10.77 27.68
CA ASN D 357 23.56 11.42 26.36
C ASN D 357 22.76 10.63 25.29
N THR D 358 21.49 10.29 25.61
CA THR D 358 20.59 9.54 24.73
C THR D 358 20.24 10.35 23.44
N LEU D 359 19.47 9.75 22.48
CA LEU D 359 19.07 10.43 21.25
C LEU D 359 18.33 11.77 21.54
N ILE D 360 17.61 11.83 22.68
CA ILE D 360 16.92 13.04 23.14
C ILE D 360 17.65 13.56 24.39
N ASP D 361 18.27 14.76 24.29
CA ASP D 361 19.03 15.40 25.38
C ASP D 361 18.26 15.42 26.70
N THR D 368 22.01 16.86 30.63
CA THR D 368 20.64 16.61 30.19
C THR D 368 20.11 17.85 29.42
N PHE D 369 19.85 18.98 30.13
CA PHE D 369 19.43 20.23 29.50
C PHE D 369 19.86 21.46 30.35
N ASN D 370 19.81 22.67 29.76
CA ASN D 370 20.22 23.90 30.42
C ASN D 370 19.28 24.30 31.58
N ASP D 371 17.97 23.96 31.45
CA ASP D 371 16.97 24.33 32.46
C ASP D 371 16.44 23.14 33.29
N LEU D 372 17.29 22.14 33.50
CA LEU D 372 16.93 20.97 34.31
C LEU D 372 16.86 21.31 35.77
N LEU D 373 17.73 22.20 36.33
CA LEU D 373 17.59 22.62 37.72
C LEU D 373 16.16 23.16 38.05
N ASP D 374 15.61 23.98 37.15
CA ASP D 374 14.29 24.53 37.29
C ASP D 374 13.26 23.39 37.32
N TYR D 375 13.40 22.39 36.42
CA TYR D 375 12.53 21.22 36.40
C TYR D 375 12.64 20.36 37.68
N LEU D 376 13.87 19.98 38.08
CA LEU D 376 14.10 19.12 39.24
C LEU D 376 13.49 19.63 40.54
N HIS D 377 13.48 20.97 40.73
CA HIS D 377 12.96 21.62 41.92
C HIS D 377 11.46 21.95 41.87
N GLN D 378 10.88 22.01 40.67
CA GLN D 378 9.46 22.30 40.49
C GLN D 378 8.70 20.98 40.33
N GLU D 379 7.87 20.64 41.33
CA GLU D 379 7.04 19.42 41.32
C GLU D 379 5.93 19.51 40.24
N LYS D 380 5.84 18.47 39.37
CA LYS D 380 4.88 18.41 38.28
C LYS D 380 3.81 17.32 38.46
N ILE D 381 2.71 17.45 37.73
CA ILE D 381 1.66 16.46 37.72
C ILE D 381 1.48 15.94 36.29
N TRP D 382 1.19 14.65 36.17
CA TRP D 382 1.03 14.03 34.87
C TRP D 382 -0.39 13.63 34.61
N VAL D 383 -1.13 14.50 33.94
CA VAL D 383 -2.51 14.23 33.58
C VAL D 383 -2.61 13.88 32.09
N TYR D 384 -3.68 13.19 31.70
CA TYR D 384 -3.82 12.72 30.33
C TYR D 384 -5.07 13.14 29.61
N THR D 385 -4.97 13.19 28.30
CA THR D 385 -6.05 13.47 27.35
C THR D 385 -6.81 12.12 27.20
N PRO D 386 -8.11 12.11 26.83
CA PRO D 386 -8.82 10.84 26.67
C PRO D 386 -8.20 9.89 25.62
N HIS D 387 -7.32 10.41 24.75
CA HIS D 387 -6.55 9.65 23.76
C HIS D 387 -5.28 9.00 24.34
N GLY D 388 -4.90 9.38 25.57
CA GLY D 388 -3.70 8.90 26.23
C GLY D 388 -2.56 9.90 26.23
N GLN D 389 -2.75 11.07 25.60
CA GLN D 389 -1.72 12.09 25.49
C GLN D 389 -1.32 12.70 26.82
N LEU D 390 -0.03 12.72 27.10
CA LEU D 390 0.48 13.28 28.35
C LEU D 390 0.54 14.81 28.37
N HIS D 391 0.08 15.40 29.49
CA HIS D 391 0.15 16.82 29.78
C HIS D 391 0.86 16.99 31.13
N GLU D 392 2.05 17.60 31.11
CA GLU D 392 2.84 17.84 32.31
C GLU D 392 2.51 19.23 32.81
N LEU D 393 1.84 19.32 33.96
CA LEU D 393 1.39 20.60 34.50
C LEU D 393 1.99 20.92 35.85
N PRO D 394 2.07 22.19 36.25
CA PRO D 394 2.59 22.51 37.59
C PRO D 394 1.68 21.94 38.70
N GLN D 395 2.25 21.66 39.88
CA GLN D 395 1.47 21.23 41.02
C GLN D 395 0.40 22.30 41.39
N GLY D 396 -0.85 21.88 41.49
CA GLY D 396 -1.94 22.80 41.79
C GLY D 396 -2.71 23.28 40.57
N ALA D 397 -2.36 22.76 39.37
CA ALA D 397 -3.05 23.13 38.14
C ALA D 397 -4.48 22.66 38.18
N THR D 398 -5.39 23.49 37.70
CA THR D 398 -6.81 23.18 37.66
C THR D 398 -7.24 22.61 36.29
N VAL D 399 -8.53 22.24 36.10
CA VAL D 399 -9.04 21.77 34.81
C VAL D 399 -8.80 22.84 33.71
N VAL D 400 -8.91 24.14 34.06
CA VAL D 400 -8.69 25.23 33.12
C VAL D 400 -7.24 25.26 32.63
N ASP D 401 -6.27 25.01 33.53
CA ASP D 401 -4.86 24.96 33.14
C ASP D 401 -4.61 23.84 32.14
N PHE D 402 -5.28 22.68 32.34
CA PHE D 402 -5.19 21.55 31.42
C PHE D 402 -5.75 21.94 30.06
N ALA D 403 -6.94 22.56 30.04
CA ALA D 403 -7.61 22.97 28.82
C ALA D 403 -6.72 23.88 27.97
N TYR D 404 -6.09 24.88 28.60
CA TYR D 404 -5.20 25.78 27.87
C TYR D 404 -3.94 25.08 27.40
N SER D 405 -3.43 24.13 28.19
CA SER D 405 -2.24 23.34 27.84
C SER D 405 -2.51 22.52 26.58
N ALA D 406 -3.72 21.95 26.47
CA ALA D 406 -4.12 21.18 25.31
C ALA D 406 -4.20 22.11 24.06
N SER D 407 -4.86 23.28 24.19
CA SER D 407 -4.96 24.27 23.11
C SER D 407 -5.70 25.54 23.59
N LEU D 408 -5.47 26.68 22.89
CA LEU D 408 -6.18 27.92 23.19
C LEU D 408 -7.67 27.75 22.94
N PHE D 409 -8.05 27.00 21.89
CA PHE D 409 -9.45 26.74 21.61
C PHE D 409 -10.16 26.10 22.81
N LEU D 410 -9.56 25.00 23.34
CA LEU D 410 -10.11 24.25 24.46
C LEU D 410 -10.27 25.12 25.68
N GLY D 411 -9.24 25.91 25.98
CA GLY D 411 -9.26 26.80 27.12
C GLY D 411 -10.29 27.89 27.01
N ASN D 412 -10.25 28.67 25.92
CA ASN D 412 -11.18 29.77 25.69
C ASN D 412 -12.63 29.34 25.65
N HIS D 413 -12.91 28.20 25.03
CA HIS D 413 -14.29 27.72 24.91
C HIS D 413 -14.70 26.70 25.97
N ALA D 414 -13.86 26.44 26.99
CA ALA D 414 -14.22 25.49 28.05
C ALA D 414 -15.43 25.94 28.84
N VAL D 415 -16.35 25.00 29.08
CA VAL D 415 -17.54 25.21 29.90
C VAL D 415 -17.65 24.21 31.09
N GLY D 416 -16.98 23.07 30.96
CA GLY D 416 -16.93 22.04 31.98
C GLY D 416 -15.89 21.01 31.63
N ALA D 417 -15.84 19.92 32.40
CA ALA D 417 -14.89 18.85 32.17
C ALA D 417 -15.34 17.54 32.83
N LYS D 418 -14.80 16.42 32.36
CA LYS D 418 -15.03 15.12 32.94
C LYS D 418 -13.66 14.60 33.36
N VAL D 419 -13.43 14.53 34.67
CA VAL D 419 -12.17 14.03 35.19
C VAL D 419 -12.42 12.60 35.60
N ASP D 420 -11.78 11.66 34.87
CA ASP D 420 -11.93 10.23 35.06
C ASP D 420 -13.36 9.76 34.88
N GLY D 421 -14.00 10.31 33.85
CA GLY D 421 -15.38 9.97 33.51
C GLY D 421 -16.43 10.72 34.30
N GLU D 422 -16.04 11.37 35.41
CA GLU D 422 -16.99 12.08 36.25
C GLU D 422 -16.99 13.58 36.02
N ILE D 423 -18.16 14.20 35.93
CA ILE D 423 -18.28 15.64 35.74
C ILE D 423 -17.66 16.41 36.92
N LYS D 424 -16.76 17.34 36.64
CA LYS D 424 -16.11 18.16 37.67
C LYS D 424 -16.09 19.63 37.21
N PRO D 425 -16.18 20.61 38.13
CA PRO D 425 -16.13 22.02 37.71
C PRO D 425 -14.77 22.45 37.20
N LEU D 426 -14.72 23.55 36.42
CA LEU D 426 -13.50 24.07 35.82
C LEU D 426 -12.38 24.41 36.83
N SER D 427 -12.75 24.69 38.09
CA SER D 427 -11.81 25.04 39.15
C SER D 427 -11.15 23.83 39.84
N THR D 428 -11.54 22.60 39.46
CA THR D 428 -11.02 21.40 40.09
C THR D 428 -9.53 21.25 39.95
N PRO D 429 -8.79 21.20 41.06
CA PRO D 429 -7.34 20.96 40.97
C PRO D 429 -7.10 19.52 40.52
N LEU D 430 -6.12 19.33 39.65
CA LEU D 430 -5.81 18.01 39.11
C LEU D 430 -4.80 17.28 39.96
N VAL D 431 -4.84 15.95 39.91
CA VAL D 431 -3.88 15.08 40.55
C VAL D 431 -3.35 14.12 39.48
N SER D 432 -2.07 13.70 39.62
CA SER D 432 -1.43 12.84 38.64
C SER D 432 -2.20 11.57 38.33
N GLY D 433 -2.20 11.19 37.06
CA GLY D 433 -2.85 9.97 36.58
C GLY D 433 -4.27 10.14 36.07
N GLN D 434 -4.86 11.32 36.31
CA GLN D 434 -6.23 11.60 35.90
C GLN D 434 -6.40 11.82 34.39
N VAL D 435 -7.57 11.50 33.86
CA VAL D 435 -7.87 11.69 32.45
C VAL D 435 -8.90 12.82 32.35
N ILE D 436 -8.54 13.92 31.67
CA ILE D 436 -9.42 15.08 31.58
C ILE D 436 -10.03 15.21 30.20
N GLU D 437 -11.36 15.33 30.16
CA GLU D 437 -12.07 15.57 28.91
C GLU D 437 -12.69 16.94 29.04
N ILE D 438 -12.16 17.94 28.33
CA ILE D 438 -12.73 19.28 28.39
C ILE D 438 -13.99 19.34 27.54
N ILE D 439 -15.07 19.87 28.10
CA ILE D 439 -16.32 20.02 27.38
C ILE D 439 -16.40 21.48 26.95
N THR D 440 -16.55 21.72 25.65
CA THR D 440 -16.53 23.08 25.13
C THR D 440 -17.86 23.50 24.47
N ASP D 441 -17.99 24.80 24.16
CA ASP D 441 -19.12 25.40 23.48
C ASP D 441 -18.50 26.45 22.55
N VAL D 442 -18.73 26.36 21.22
CA VAL D 442 -18.13 27.32 20.28
C VAL D 442 -18.62 28.76 20.49
N LEU D 443 -19.74 28.93 21.22
CA LEU D 443 -20.30 30.24 21.54
C LEU D 443 -19.78 30.81 22.87
N ALA D 444 -19.06 30.00 23.66
CA ALA D 444 -18.54 30.41 24.97
C ALA D 444 -17.37 31.37 24.93
N THR D 445 -17.30 32.21 25.96
CA THR D 445 -16.24 33.19 26.15
C THR D 445 -15.52 32.85 27.43
N PRO D 446 -14.18 32.93 27.48
CA PRO D 446 -13.48 32.59 28.72
C PRO D 446 -13.88 33.49 29.88
N ASN D 447 -14.13 32.89 31.04
CA ASN D 447 -14.55 33.59 32.24
C ASN D 447 -13.34 34.18 32.94
N PRO D 448 -13.26 35.52 33.07
CA PRO D 448 -12.10 36.13 33.76
C PRO D 448 -11.96 35.72 35.22
N ASP D 449 -13.06 35.27 35.84
CA ASP D 449 -13.04 34.77 37.22
C ASP D 449 -12.11 33.55 37.38
N TRP D 450 -11.66 32.92 36.25
CA TRP D 450 -10.74 31.80 36.27
C TRP D 450 -9.36 32.24 36.77
N LEU D 451 -8.96 33.51 36.56
CA LEU D 451 -7.68 34.05 37.03
C LEU D 451 -7.43 33.86 38.53
N SER D 452 -8.51 33.72 39.30
CA SER D 452 -8.48 33.52 40.74
C SER D 452 -7.90 32.14 41.12
N PHE D 453 -8.07 31.09 40.26
CA PHE D 453 -7.57 29.75 40.60
C PHE D 453 -6.48 29.18 39.67
N ILE D 454 -6.24 29.83 38.52
CA ILE D 454 -5.23 29.39 37.55
C ILE D 454 -3.81 29.51 38.08
N ASN D 455 -2.90 28.64 37.63
CA ASN D 455 -1.49 28.71 38.01
C ASN D 455 -0.51 28.51 36.82
N THR D 456 -1.01 28.56 35.56
CA THR D 456 -0.12 28.44 34.39
C THR D 456 -0.12 29.73 33.60
N GLN D 457 1.01 30.02 32.96
CA GLN D 457 1.14 31.25 32.21
C GLN D 457 0.35 31.25 30.91
N LYS D 458 0.14 30.09 30.27
CA LYS D 458 -0.62 30.03 29.02
C LYS D 458 -2.07 30.45 29.27
N ALA D 459 -2.67 29.92 30.35
CA ALA D 459 -4.05 30.23 30.71
C ALA D 459 -4.18 31.68 31.17
N ARG D 460 -3.19 32.15 31.93
CA ARG D 460 -3.17 33.51 32.46
C ARG D 460 -3.12 34.54 31.35
N ARG D 461 -2.18 34.37 30.38
CA ARG D 461 -2.00 35.27 29.25
C ARG D 461 -3.25 35.31 28.37
N ALA D 462 -3.89 34.14 28.17
CA ALA D 462 -5.09 34.06 27.36
C ALA D 462 -6.30 34.68 28.04
N LEU D 463 -6.36 34.63 29.38
CA LEU D 463 -7.44 35.23 30.16
C LEU D 463 -7.27 36.73 30.23
N GLN D 464 -6.03 37.21 30.31
CA GLN D 464 -5.74 38.65 30.37
C GLN D 464 -6.01 39.32 29.03
N HIS D 465 -5.87 38.59 27.91
CA HIS D 465 -6.15 39.14 26.59
C HIS D 465 -7.62 39.54 26.48
N VAL D 466 -8.53 38.77 27.10
CA VAL D 466 -9.96 39.09 27.05
C VAL D 466 -10.34 40.10 28.14
N LEU D 467 -9.64 40.08 29.28
CA LEU D 467 -9.87 40.98 30.40
C LEU D 467 -9.35 42.41 30.11
N LYS D 468 -8.34 42.57 29.21
CA LYS D 468 -7.80 43.87 28.80
C LYS D 468 -8.88 44.68 28.06
N ASP D 469 -9.76 44.01 27.30
CA ASP D 469 -10.83 44.66 26.54
C ASP D 469 -12.04 45.05 27.40
N GLN D 470 -12.23 44.41 28.56
CA GLN D 470 -13.37 44.68 29.44
C GLN D 470 -13.28 46.04 30.16
N ASP D 471 -14.37 46.46 30.82
CA ASP D 471 -14.44 47.74 31.52
C ASP D 471 -13.42 47.81 32.66
N ILE D 472 -12.79 48.99 32.85
CA ILE D 472 -11.76 49.20 33.87
C ILE D 472 -12.27 48.86 35.28
N GLU D 473 -13.59 48.98 35.52
CA GLU D 473 -14.21 48.65 36.80
C GLU D 473 -14.20 47.13 37.01
N GLU D 474 -14.43 46.35 35.95
CA GLU D 474 -14.41 44.88 35.99
C GLU D 474 -12.99 44.35 36.16
N GLN D 475 -12.01 45.02 35.52
CA GLN D 475 -10.60 44.66 35.64
C GLN D 475 -10.17 44.73 37.13
N ARG D 476 -10.62 45.78 37.83
CA ARG D 476 -10.33 45.97 39.24
C ARG D 476 -11.06 44.94 40.14
N LEU D 477 -12.24 44.47 39.71
CA LEU D 477 -12.99 43.50 40.48
C LEU D 477 -12.31 42.14 40.43
N VAL D 478 -11.90 41.69 39.23
CA VAL D 478 -11.22 40.40 39.07
C VAL D 478 -9.89 40.39 39.83
N GLY D 479 -9.17 41.50 39.80
CA GLY D 479 -7.91 41.65 40.52
C GLY D 479 -8.06 41.58 42.03
N ALA D 480 -9.15 42.13 42.56
CA ALA D 480 -9.45 42.08 43.99
C ALA D 480 -9.93 40.68 44.38
N GLN D 481 -10.72 40.01 43.52
CA GLN D 481 -11.21 38.64 43.76
C GLN D 481 -10.05 37.64 43.78
N ALA D 482 -9.07 37.85 42.89
CA ALA D 482 -7.90 37.00 42.81
C ALA D 482 -6.99 37.23 44.02
N LEU D 483 -6.88 38.49 44.49
CA LEU D 483 -6.08 38.87 45.64
C LEU D 483 -6.73 38.36 46.93
N SER D 484 -8.06 38.39 47.02
CA SER D 484 -8.76 37.92 48.21
C SER D 484 -8.62 36.41 48.36
N ARG D 485 -8.63 35.68 47.22
CA ARG D 485 -8.47 34.23 47.16
C ARG D 485 -7.06 33.84 47.59
N ALA D 486 -6.05 34.59 47.16
CA ALA D 486 -4.65 34.34 47.49
C ALA D 486 -4.33 34.61 48.97
N LEU D 487 -5.06 35.53 49.60
CA LEU D 487 -4.88 35.84 51.00
C LEU D 487 -5.49 34.77 51.94
N LYS D 488 -6.46 33.97 51.43
CA LYS D 488 -7.12 32.91 52.22
C LYS D 488 -6.15 31.86 52.77
N LEU D 489 -4.97 31.72 52.14
CA LEU D 489 -3.94 30.77 52.52
C LEU D 489 -3.34 31.11 53.89
N PHE D 490 -3.26 32.39 54.23
CA PHE D 490 -2.69 32.84 55.50
C PHE D 490 -3.74 33.25 56.54
N ASN D 491 -5.00 32.75 56.38
CA ASN D 491 -6.14 33.05 57.26
C ASN D 491 -6.58 34.51 57.20
N ARG D 492 -6.33 35.19 56.07
CA ARG D 492 -6.64 36.62 55.94
C ARG D 492 -7.60 36.95 54.79
N SER D 493 -8.31 38.08 54.90
CA SER D 493 -9.22 38.61 53.89
C SER D 493 -8.66 39.96 53.39
N ILE D 494 -9.16 40.47 52.25
CA ILE D 494 -8.70 41.78 51.74
C ILE D 494 -8.92 42.91 52.78
N ASN D 495 -9.87 42.71 53.71
CA ASN D 495 -10.22 43.65 54.76
C ASN D 495 -9.25 43.60 55.96
N ASP D 496 -8.57 42.46 56.15
CA ASP D 496 -7.58 42.29 57.21
C ASP D 496 -6.26 43.07 56.97
N LEU D 497 -6.15 43.74 55.82
CA LEU D 497 -4.97 44.51 55.48
C LEU D 497 -5.03 45.87 56.15
N SER D 498 -4.01 46.20 56.93
CA SER D 498 -3.94 47.51 57.59
C SER D 498 -3.50 48.59 56.59
N ASP D 499 -3.53 49.87 56.99
CA ASP D 499 -3.06 50.95 56.11
C ASP D 499 -1.55 50.79 55.85
N ALA D 500 -0.78 50.32 56.85
CA ALA D 500 0.65 50.08 56.74
C ALA D 500 0.97 48.98 55.73
N ASP D 501 0.11 47.94 55.67
CA ASP D 501 0.27 46.83 54.73
C ASP D 501 0.05 47.33 53.30
N TRP D 502 -0.94 48.19 53.09
CA TRP D 502 -1.24 48.76 51.78
C TRP D 502 -0.14 49.71 51.33
N LEU D 503 0.42 50.50 52.26
CA LEU D 503 1.50 51.43 51.96
C LEU D 503 2.77 50.71 51.52
N ASP D 504 3.01 49.50 52.04
CA ASP D 504 4.16 48.70 51.66
C ASP D 504 3.93 48.16 50.24
N LEU D 505 2.72 47.68 49.95
CA LEU D 505 2.37 47.13 48.66
C LEU D 505 2.56 48.12 47.51
N LEU D 506 2.06 49.34 47.68
CA LEU D 506 2.13 50.41 46.66
C LEU D 506 3.56 50.87 46.45
N GLN D 507 4.35 50.95 47.52
CA GLN D 507 5.75 51.34 47.39
C GLN D 507 6.53 50.23 46.69
N TRP D 508 6.24 48.97 47.05
CA TRP D 508 6.86 47.77 46.50
C TRP D 508 6.70 47.68 44.98
N ARG D 509 5.52 47.99 44.45
CA ARG D 509 5.29 47.93 43.01
C ARG D 509 5.40 49.28 42.29
N HIS D 510 5.81 50.35 43.01
CA HIS D 510 5.95 51.71 42.51
C HIS D 510 4.66 52.23 41.87
N ILE D 511 3.52 51.95 42.53
CA ILE D 511 2.20 52.36 42.07
C ILE D 511 1.53 53.35 43.05
N ASP D 512 0.47 54.06 42.60
CA ASP D 512 -0.19 55.12 43.35
C ASP D 512 -1.47 54.76 44.11
N ASN D 513 -2.34 53.94 43.55
CA ASN D 513 -3.62 53.60 44.20
C ASN D 513 -3.89 52.10 44.32
N LYS D 514 -4.86 51.70 45.19
CA LYS D 514 -5.27 50.30 45.41
C LYS D 514 -5.83 49.71 44.13
N ASP D 515 -6.62 50.49 43.37
CA ASP D 515 -7.21 50.04 42.12
C ASP D 515 -6.15 49.68 41.07
N ALA D 516 -5.01 50.39 41.08
CA ALA D 516 -3.93 50.11 40.15
C ALA D 516 -3.17 48.82 40.48
N LEU D 517 -3.19 48.41 41.77
CA LEU D 517 -2.59 47.13 42.21
C LEU D 517 -3.48 46.00 41.69
N PHE D 518 -4.81 46.16 41.75
CA PHE D 518 -5.78 45.20 41.21
C PHE D 518 -5.63 45.09 39.69
N GLU D 519 -5.31 46.19 39.02
CA GLU D 519 -5.07 46.27 37.58
C GLU D 519 -3.83 45.47 37.21
N GLN D 520 -2.81 45.47 38.08
CA GLN D 520 -1.58 44.70 37.86
C GLN D 520 -1.79 43.21 38.09
N ILE D 521 -2.74 42.83 38.97
CA ILE D 521 -3.03 41.43 39.20
C ILE D 521 -3.87 40.89 38.05
N ALA D 522 -4.90 41.64 37.64
CA ALA D 522 -5.80 41.21 36.59
C ALA D 522 -5.26 41.31 35.16
N VAL D 523 -4.63 42.43 34.80
CA VAL D 523 -4.17 42.66 33.43
C VAL D 523 -2.63 42.68 33.32
N GLY D 524 -1.97 43.12 34.37
CA GLY D 524 -0.51 43.21 34.38
C GLY D 524 0.16 41.88 34.67
N ASP D 525 1.47 41.94 35.01
CA ASP D 525 2.32 40.79 35.27
C ASP D 525 2.47 40.42 36.75
N LEU D 526 1.67 41.02 37.63
CA LEU D 526 1.79 40.75 39.07
C LEU D 526 0.92 39.57 39.49
N LEU D 527 1.53 38.54 40.07
CA LEU D 527 0.76 37.37 40.48
C LEU D 527 0.26 37.51 41.91
N PRO D 528 -1.04 37.22 42.13
CA PRO D 528 -1.64 37.41 43.46
C PRO D 528 -0.99 36.67 44.62
N GLN D 529 -0.30 35.55 44.36
CA GLN D 529 0.37 34.80 45.42
C GLN D 529 1.63 35.54 45.92
N LEU D 530 2.30 36.30 45.03
CA LEU D 530 3.49 37.09 45.36
C LEU D 530 3.13 38.20 46.35
N VAL D 531 1.95 38.83 46.15
CA VAL D 531 1.41 39.90 47.00
C VAL D 531 1.10 39.35 48.39
N ALA D 532 0.36 38.24 48.47
CA ALA D 532 0.00 37.59 49.74
C ALA D 532 1.23 37.15 50.52
N ASN D 533 2.27 36.71 49.81
CA ASN D 533 3.51 36.28 50.43
C ASN D 533 4.30 37.48 50.94
N HIS D 534 4.45 38.53 50.11
CA HIS D 534 5.22 39.74 50.45
C HIS D 534 4.87 40.31 51.83
N LEU D 535 3.61 40.24 52.23
CA LEU D 535 3.19 40.78 53.51
C LEU D 535 3.08 39.73 54.60
N PHE D 536 2.58 38.53 54.24
CA PHE D 536 2.33 37.50 55.23
C PHE D 536 3.28 36.28 55.20
N ALA D 537 4.58 36.48 54.95
CA ALA D 537 5.54 35.37 54.97
C ALA D 537 5.88 34.95 56.42
N ASN D 538 5.79 35.90 57.38
CA ASN D 538 6.02 35.69 58.82
C ASN D 538 4.69 35.34 59.49
N ASP D 539 4.67 34.30 60.37
CA ASP D 539 3.46 33.76 61.02
C ASP D 539 2.54 33.23 59.93
N LYS D 540 3.12 32.48 58.97
CA LYS D 540 2.43 31.97 57.79
C LYS D 540 1.96 30.52 57.88
N HIS D 541 1.04 30.13 56.97
CA HIS D 541 0.54 28.77 56.82
C HIS D 541 0.99 28.30 55.44
N PRO D 542 2.23 27.79 55.33
CA PRO D 542 2.73 27.38 54.01
C PRO D 542 2.36 25.96 53.60
N ARG D 543 2.08 25.07 54.58
CA ARG D 543 1.79 23.64 54.38
C ARG D 543 2.96 22.97 53.61
N ALA D 544 4.21 23.43 53.87
CA ALA D 544 5.47 23.04 53.20
C ALA D 544 5.44 23.29 51.66
N GLU D 545 4.33 23.89 51.15
CA GLU D 545 4.00 24.14 49.75
C GLU D 545 4.09 22.84 48.92
N ASN D 546 3.72 21.69 49.57
CA ASN D 546 3.73 20.30 49.09
C ASN D 546 5.15 19.83 48.75
N SER D 547 6.11 20.05 49.70
CA SER D 547 7.56 19.78 49.53
C SER D 547 8.08 20.37 48.20
N ASP D 548 7.48 21.50 47.80
CA ASP D 548 7.67 22.29 46.59
C ASP D 548 7.69 23.79 47.00
N ARG D 549 7.95 24.67 46.04
CA ARG D 549 8.06 26.11 46.22
C ARG D 549 9.18 26.41 47.18
N LEU D 550 10.39 26.10 46.69
CA LEU D 550 11.67 26.32 47.35
C LEU D 550 11.86 27.80 47.69
N ILE D 551 11.30 28.70 46.84
CA ILE D 551 11.28 30.13 47.07
C ILE D 551 9.83 30.44 47.43
N GLN D 552 9.62 31.02 48.60
CA GLN D 552 8.28 31.32 49.08
C GLN D 552 7.45 32.20 48.14
N GLY D 553 6.20 31.79 47.92
CA GLY D 553 5.21 32.54 47.14
C GLY D 553 5.30 32.44 45.63
N THR D 554 5.99 31.42 45.11
CA THR D 554 6.15 31.29 43.66
C THR D 554 5.25 30.25 42.99
N GLU D 555 4.09 29.95 43.60
CA GLU D 555 3.16 28.93 43.14
C GLU D 555 2.70 29.07 41.68
N GLY D 556 2.31 30.28 41.28
CA GLY D 556 1.81 30.49 39.94
C GLY D 556 2.79 30.99 38.89
N ILE D 557 4.09 31.03 39.23
CA ILE D 557 5.11 31.51 38.29
C ILE D 557 6.10 30.46 37.86
N ASP D 558 6.59 30.63 36.63
CA ASP D 558 7.63 29.80 36.06
C ASP D 558 8.92 30.34 36.72
N VAL D 559 9.37 29.66 37.78
CA VAL D 559 10.57 30.07 38.50
C VAL D 559 11.79 29.58 37.77
N LYS D 560 12.63 30.51 37.32
CA LYS D 560 13.82 30.16 36.59
C LYS D 560 15.04 30.76 37.27
N TYR D 561 16.05 29.94 37.58
CA TYR D 561 17.27 30.44 38.19
C TYR D 561 18.07 31.16 37.11
N ALA D 562 18.58 32.37 37.39
CA ALA D 562 19.35 33.15 36.40
C ALA D 562 20.70 32.52 36.13
N HIS D 563 21.06 32.36 34.86
CA HIS D 563 22.33 31.77 34.47
C HIS D 563 23.54 32.70 34.63
N CYS D 564 23.30 33.99 34.90
CA CYS D 564 24.37 34.96 35.07
C CYS D 564 25.03 34.86 36.43
N CYS D 565 24.25 34.55 37.48
CA CYS D 565 24.71 34.48 38.86
C CYS D 565 24.51 33.12 39.52
N ASN D 566 23.60 32.31 38.98
CA ASN D 566 23.28 30.96 39.47
C ASN D 566 23.07 30.90 40.98
N PRO D 567 21.94 31.40 41.48
CA PRO D 567 21.68 31.34 42.91
C PRO D 567 21.51 29.91 43.45
N ILE D 568 22.06 29.67 44.64
CA ILE D 568 22.07 28.40 45.37
C ILE D 568 21.22 28.56 46.66
N LEU D 569 20.66 27.48 47.21
CA LEU D 569 19.88 27.53 48.44
C LEU D 569 20.71 28.14 49.59
N GLY D 570 20.20 29.20 50.24
CA GLY D 570 20.93 29.86 51.30
C GLY D 570 21.51 31.21 50.89
N ASP D 571 21.72 31.43 49.59
CA ASP D 571 22.25 32.70 49.08
C ASP D 571 21.19 33.76 49.25
N PRO D 572 21.58 35.01 49.61
CA PRO D 572 20.59 36.10 49.64
C PRO D 572 20.14 36.33 48.20
N ILE D 573 18.83 36.22 47.95
CA ILE D 573 18.31 36.28 46.60
C ILE D 573 17.32 37.42 46.35
N GLN D 574 17.14 37.78 45.07
CA GLN D 574 16.22 38.81 44.65
C GLN D 574 15.65 38.39 43.29
N GLY D 575 14.35 38.51 43.14
CA GLY D 575 13.68 38.12 41.91
C GLY D 575 13.44 39.24 40.95
N HIS D 576 13.27 38.89 39.67
CA HIS D 576 12.98 39.86 38.63
C HIS D 576 11.73 39.37 37.89
N LEU D 577 10.57 39.97 38.18
CA LEU D 577 9.28 39.55 37.61
C LEU D 577 9.09 39.96 36.15
N THR D 578 9.33 39.02 35.23
CA THR D 578 9.20 39.27 33.79
C THR D 578 7.87 38.66 33.29
N ARG D 579 7.52 38.88 32.02
CA ARG D 579 6.28 38.32 31.46
C ARG D 579 6.33 36.79 31.37
N ARG D 580 7.54 36.20 31.18
CA ARG D 580 7.73 34.75 31.12
C ARG D 580 7.64 34.07 32.51
N GLY D 581 7.89 34.84 33.57
CA GLY D 581 7.89 34.35 34.94
C GLY D 581 8.90 35.06 35.83
N LEU D 582 9.14 34.51 37.03
CA LEU D 582 10.06 35.11 37.97
C LEU D 582 11.47 34.59 37.78
N ILE D 583 12.45 35.48 37.58
CA ILE D 583 13.84 35.08 37.38
C ILE D 583 14.62 35.35 38.65
N VAL D 584 15.12 34.29 39.31
CA VAL D 584 15.85 34.35 40.58
C VAL D 584 17.30 34.75 40.37
N HIS D 585 17.73 35.86 40.96
CA HIS D 585 19.11 36.30 40.84
C HIS D 585 19.75 36.43 42.23
N ARG D 586 21.09 36.40 42.31
CA ARG D 586 21.77 36.69 43.58
C ARG D 586 21.69 38.23 43.81
N ILE D 587 21.52 38.69 45.07
CA ILE D 587 21.33 40.12 45.37
C ILE D 587 22.37 41.06 44.76
N ARG D 588 23.63 40.62 44.60
CA ARG D 588 24.66 41.48 44.05
C ARG D 588 25.05 41.16 42.60
N CYS D 589 24.08 40.67 41.81
CA CYS D 589 24.35 40.35 40.41
C CYS D 589 24.44 41.63 39.59
N HIS D 590 25.27 41.63 38.53
CA HIS D 590 25.43 42.80 37.69
C HIS D 590 24.30 42.93 36.66
N ASN D 591 23.68 41.82 36.26
CA ASN D 591 22.52 41.89 35.35
C ASN D 591 21.30 42.38 36.13
N LEU D 592 21.13 41.93 37.39
CA LEU D 592 20.04 42.37 38.27
C LEU D 592 20.20 43.90 38.53
N LEU D 593 21.47 44.38 38.65
CA LEU D 593 21.89 45.79 38.86
C LEU D 593 21.37 46.69 37.74
N HIS D 594 21.52 46.25 36.47
CA HIS D 594 21.06 47.05 35.32
C HIS D 594 19.54 47.10 35.25
N GLU D 595 18.86 45.94 35.43
CA GLU D 595 17.39 45.91 35.43
C GLU D 595 16.81 46.65 36.63
N GLN D 596 17.56 46.74 37.74
CA GLN D 596 17.15 47.47 38.92
C GLN D 596 17.21 48.95 38.61
N HIS D 597 18.30 49.43 37.98
CA HIS D 597 18.44 50.85 37.63
C HIS D 597 17.30 51.29 36.72
N LEU D 598 16.94 50.44 35.75
CA LEU D 598 15.90 50.76 34.79
C LEU D 598 14.50 50.62 35.35
N HIS D 599 14.20 49.49 36.02
CA HIS D 599 12.85 49.24 36.51
C HIS D 599 12.87 48.62 37.91
N PRO D 600 13.01 49.46 38.95
CA PRO D 600 13.02 48.91 40.33
C PRO D 600 11.69 48.31 40.76
N GLU D 601 10.60 48.66 40.09
CA GLU D 601 9.26 48.12 40.36
C GLU D 601 9.15 46.64 39.99
N ASN D 602 9.97 46.16 39.04
CA ASN D 602 9.97 44.76 38.63
C ASN D 602 10.96 43.89 39.44
N ILE D 603 11.52 44.43 40.54
CA ILE D 603 12.46 43.70 41.36
C ILE D 603 11.83 43.40 42.72
N MET D 604 11.67 42.14 43.03
CA MET D 604 11.03 41.71 44.24
C MET D 604 12.01 41.02 45.16
N PRO D 605 12.13 41.44 46.42
CA PRO D 605 13.05 40.73 47.34
C PRO D 605 12.52 39.32 47.62
N LEU D 606 13.41 38.32 47.65
CA LEU D 606 12.99 36.92 47.83
C LEU D 606 13.59 36.17 49.02
N GLN D 607 12.83 35.18 49.51
CA GLN D 607 13.19 34.32 50.63
C GLN D 607 13.03 32.83 50.27
N TRP D 608 14.04 32.00 50.61
CA TRP D 608 14.02 30.56 50.42
C TRP D 608 13.18 29.94 51.56
N LYS D 609 12.29 28.99 51.24
CA LYS D 609 11.38 28.31 52.16
C LYS D 609 12.07 27.78 53.44
N ALA D 610 13.35 27.33 53.36
CA ALA D 610 14.10 26.84 54.51
C ALA D 610 15.62 26.97 54.29
N ASP D 611 16.41 26.98 55.37
CA ASP D 611 17.86 27.08 55.28
C ASP D 611 18.48 25.72 54.84
N ASP D 612 17.88 24.60 55.31
CA ASP D 612 18.36 23.24 54.99
C ASP D 612 17.23 22.35 54.43
N VAL D 613 17.13 22.24 53.09
CA VAL D 613 16.17 21.38 52.38
C VAL D 613 17.00 20.19 51.86
N ASP D 614 16.69 18.96 52.30
CA ASP D 614 17.49 17.80 51.95
C ASP D 614 17.31 17.27 50.53
N ASP D 615 16.12 17.40 49.95
CA ASP D 615 15.84 16.83 48.63
C ASP D 615 16.32 17.68 47.43
N VAL D 616 17.03 18.80 47.67
CA VAL D 616 17.50 19.65 46.56
C VAL D 616 19.02 19.76 46.50
N ARG D 617 19.55 19.92 45.28
CA ARG D 617 20.99 20.12 45.05
C ARG D 617 21.18 21.16 43.95
N PHE D 618 22.25 21.93 44.03
CA PHE D 618 22.58 22.98 43.06
C PHE D 618 24.04 22.87 42.63
N THR D 619 24.46 23.61 41.59
CA THR D 619 25.87 23.60 41.17
C THR D 619 26.58 24.91 41.55
N ALA D 620 27.71 24.80 42.23
CA ALA D 620 28.57 25.90 42.62
C ALA D 620 29.78 25.94 41.70
N TYR D 621 30.28 27.13 41.39
CA TYR D 621 31.41 27.28 40.48
C TYR D 621 32.61 27.82 41.24
N LEU D 622 33.71 27.06 41.27
CA LEU D 622 34.88 27.47 42.05
C LEU D 622 36.11 27.72 41.22
N ALA D 623 36.91 28.71 41.64
CA ALA D 623 38.17 29.04 41.01
C ALA D 623 39.24 28.96 42.09
N ILE D 624 40.05 27.91 42.06
CA ILE D 624 41.12 27.73 43.05
C ILE D 624 42.36 28.39 42.47
N TYR D 625 42.88 29.39 43.15
CA TYR D 625 44.02 30.17 42.70
C TYR D 625 45.34 29.42 42.92
N MET D 626 45.57 28.38 42.13
CA MET D 626 46.78 27.56 42.15
C MET D 626 46.78 26.56 40.99
N ALA D 627 47.96 26.23 40.47
CA ALA D 627 48.07 25.26 39.39
C ALA D 627 48.14 23.87 40.06
N MET D 628 47.39 22.90 39.55
CA MET D 628 47.37 21.55 40.11
C MET D 628 47.83 20.54 39.11
N ASN D 629 48.74 19.63 39.52
CA ASN D 629 49.21 18.57 38.65
C ASN D 629 48.19 17.42 38.61
N ASP D 630 48.45 16.35 37.82
CA ASP D 630 47.54 15.22 37.73
C ASP D 630 47.11 14.63 39.08
N GLU D 631 48.07 14.39 39.99
CA GLU D 631 47.78 13.82 41.31
C GLU D 631 47.00 14.81 42.19
N GLN D 632 47.27 16.12 42.05
CA GLN D 632 46.58 17.14 42.83
C GLN D 632 45.13 17.31 42.38
N VAL D 633 44.86 17.18 41.08
CA VAL D 633 43.50 17.26 40.55
C VAL D 633 42.71 16.02 40.99
N SER D 634 43.35 14.83 40.94
CA SER D 634 42.77 13.57 41.36
C SER D 634 42.40 13.59 42.85
N ASP D 635 43.25 14.21 43.66
CA ASP D 635 43.03 14.34 45.09
C ASP D 635 41.91 15.35 45.35
N LEU D 636 41.81 16.42 44.52
CA LEU D 636 40.76 17.43 44.63
C LEU D 636 39.38 16.81 44.36
N ILE D 637 39.29 15.91 43.37
CA ILE D 637 38.03 15.24 43.07
C ILE D 637 37.63 14.36 44.26
N TYR D 638 38.60 13.61 44.81
CA TYR D 638 38.43 12.76 45.98
C TYR D 638 37.94 13.56 47.20
N GLN D 639 38.58 14.71 47.48
CA GLN D 639 38.23 15.52 48.64
C GLN D 639 36.83 16.06 48.52
N CYS D 640 36.41 16.46 47.30
CA CYS D 640 35.06 16.97 47.03
C CYS D 640 34.04 15.85 47.25
N ARG D 641 34.23 14.71 46.60
CA ARG D 641 33.34 13.56 46.71
C ARG D 641 33.22 13.01 48.11
N LYS D 642 34.34 12.99 48.87
CA LYS D 642 34.37 12.55 50.27
C LYS D 642 33.49 13.46 51.19
N ASN D 643 33.28 14.71 50.77
CA ASN D 643 32.48 15.68 51.47
C ASN D 643 31.07 15.82 50.91
N ASN D 644 30.53 14.73 50.30
CA ASN D 644 29.18 14.66 49.72
C ASN D 644 28.88 15.79 48.74
N ALA D 645 29.86 16.16 47.93
CA ALA D 645 29.70 17.19 46.91
C ALA D 645 30.14 16.55 45.60
N GLY D 646 29.25 16.47 44.62
CA GLY D 646 29.56 15.83 43.35
C GLY D 646 30.47 16.67 42.48
N VAL D 647 31.32 16.03 41.68
CA VAL D 647 32.22 16.76 40.82
C VAL D 647 31.68 16.73 39.43
N GLU D 648 31.00 17.80 39.04
CA GLU D 648 30.42 17.91 37.72
C GLU D 648 31.52 18.03 36.66
N MET D 649 32.57 18.82 36.95
CA MET D 649 33.65 19.04 36.00
C MET D 649 34.87 19.68 36.67
N VAL D 650 36.07 19.34 36.18
CA VAL D 650 37.33 19.92 36.68
C VAL D 650 38.25 20.26 35.49
N HIS D 651 38.97 21.38 35.56
CA HIS D 651 39.92 21.78 34.53
C HIS D 651 41.03 22.61 35.16
N SER D 652 42.29 22.33 34.81
CA SER D 652 43.42 23.06 35.37
C SER D 652 44.38 23.63 34.33
N ASN D 653 44.65 24.93 34.44
CA ASN D 653 45.60 25.60 33.57
C ASN D 653 46.89 25.96 34.35
N GLU D 654 47.72 26.89 33.86
CA GLU D 654 48.97 27.24 34.54
C GLU D 654 48.77 28.20 35.74
N GLN D 655 47.60 28.84 35.84
CA GLN D 655 47.35 29.81 36.89
C GLN D 655 46.24 29.41 37.84
N ARG D 656 45.19 28.74 37.36
CA ARG D 656 44.05 28.40 38.22
C ARG D 656 43.45 27.01 37.95
N THR D 657 42.70 26.50 38.92
CA THR D 657 42.01 25.22 38.82
C THR D 657 40.53 25.46 39.01
N PHE D 658 39.72 25.17 38.00
CA PHE D 658 38.28 25.38 38.10
C PHE D 658 37.55 24.08 38.39
N VAL D 659 36.56 24.13 39.28
CA VAL D 659 35.79 22.96 39.64
C VAL D 659 34.31 23.31 39.78
N ASN D 660 33.46 22.64 38.99
CA ASN D 660 32.00 22.80 39.04
C ASN D 660 31.55 21.70 39.98
N ILE D 661 30.98 22.06 41.11
CA ILE D 661 30.65 21.11 42.15
C ILE D 661 29.17 21.16 42.54
N VAL D 662 28.53 19.98 42.63
CA VAL D 662 27.14 19.88 43.04
C VAL D 662 27.08 19.81 44.54
N VAL D 663 26.47 20.80 45.15
CA VAL D 663 26.39 20.94 46.58
C VAL D 663 24.93 21.10 47.05
N ASN D 664 24.67 21.05 48.37
CA ASN D 664 23.28 21.16 48.87
C ASN D 664 22.85 22.61 49.06
N ASN D 665 23.71 23.44 49.67
CA ASN D 665 23.40 24.84 49.95
C ASN D 665 24.68 25.69 50.14
N ARG D 666 24.52 26.98 50.46
CA ARG D 666 25.62 27.91 50.71
C ARG D 666 26.46 27.51 51.94
N LYS D 667 25.84 26.84 52.93
CA LYS D 667 26.57 26.35 54.11
C LYS D 667 27.50 25.22 53.71
N HIS D 668 27.04 24.34 52.80
CA HIS D 668 27.80 23.20 52.30
C HIS D 668 28.99 23.67 51.47
N ILE D 669 28.80 24.66 50.57
CA ILE D 669 29.91 25.16 49.77
C ILE D 669 30.96 25.85 50.65
N ALA D 670 30.53 26.52 51.74
CA ALA D 670 31.45 27.14 52.69
C ALA D 670 32.32 26.07 53.36
N LYS D 671 31.72 24.92 53.74
CA LYS D 671 32.46 23.81 54.35
C LYS D 671 33.43 23.19 53.35
N VAL D 672 33.01 23.01 52.08
CA VAL D 672 33.88 22.45 51.06
C VAL D 672 35.10 23.36 50.83
N ILE D 673 34.87 24.66 50.69
CA ILE D 673 35.95 25.61 50.49
C ILE D 673 36.94 25.63 51.68
N ARG D 674 36.41 25.63 52.89
CA ARG D 674 37.21 25.63 54.11
C ARG D 674 38.06 24.36 54.23
N ASP D 675 37.47 23.19 53.90
CA ASP D 675 38.18 21.91 53.93
C ASP D 675 39.21 21.81 52.82
N LEU D 676 38.92 22.37 51.65
CA LEU D 676 39.86 22.35 50.52
C LEU D 676 41.03 23.27 50.79
N ARG D 677 40.78 24.43 51.43
CA ARG D 677 41.82 25.39 51.75
C ARG D 677 42.85 24.80 52.72
N MET D 678 42.43 24.27 53.89
CA MET D 678 43.41 23.70 54.81
C MET D 678 44.09 22.45 54.26
N HIS D 679 43.47 21.77 53.31
CA HIS D 679 44.08 20.60 52.68
C HIS D 679 45.17 21.00 51.68
N TYR D 680 45.01 22.14 51.01
CA TYR D 680 45.94 22.56 49.96
C TYR D 680 46.96 23.64 50.36
N GLY D 681 47.05 23.96 51.64
CA GLY D 681 48.01 24.95 52.11
C GLY D 681 47.52 26.37 51.96
N PHE D 682 46.23 26.55 52.23
CA PHE D 682 45.47 27.78 52.19
C PHE D 682 45.61 28.64 50.92
N PRO D 683 45.30 28.08 49.73
CA PRO D 683 45.30 28.92 48.52
C PRO D 683 44.02 29.76 48.46
N ARG D 684 44.01 30.81 47.63
CA ARG D 684 42.84 31.66 47.49
C ARG D 684 41.78 30.89 46.70
N ILE D 685 40.56 30.75 47.25
CA ILE D 685 39.48 30.08 46.52
C ILE D 685 38.34 31.04 46.40
N GLU D 686 37.93 31.33 45.17
CA GLU D 686 36.82 32.24 44.95
C GLU D 686 35.64 31.52 44.32
N ARG D 687 34.43 31.92 44.71
CA ARG D 687 33.22 31.33 44.14
C ARG D 687 32.72 32.23 43.03
N LEU D 688 32.64 31.70 41.81
CA LEU D 688 32.21 32.42 40.63
C LEU D 688 30.68 32.52 40.52
N ASP D 689 30.20 33.52 39.79
CA ASP D 689 28.76 33.68 39.59
C ASP D 689 28.28 32.66 38.54
N ALA D 690 29.09 32.43 37.51
CA ALA D 690 28.79 31.48 36.45
C ALA D 690 30.08 30.74 36.06
N PRO D 691 29.97 29.59 35.38
CA PRO D 691 31.19 28.87 34.98
C PRO D 691 32.08 29.70 34.06
N ALA D 692 33.41 29.51 34.16
CA ALA D 692 34.35 30.11 33.20
C ALA D 692 34.02 29.58 31.74
N PRO D 693 34.34 30.28 30.64
CA PRO D 693 33.95 29.79 29.29
C PRO D 693 34.14 28.29 29.00
N GLN D 694 35.31 27.70 29.33
CA GLN D 694 35.67 26.28 29.14
C GLN D 694 34.74 25.36 29.96
N MET D 695 34.49 25.74 31.21
CA MET D 695 33.58 24.96 32.09
C MET D 695 32.14 25.12 31.61
MN MN E . -28.76 34.44 2.86
ZN ZN F . 15.38 35.98 -3.04
PB G4P G . -28.54 28.66 12.12
O1B G4P G . -27.42 27.82 12.66
O2B G4P G . -28.72 28.58 10.63
O3B G4P G . -29.82 28.56 12.90
O3A G4P G . -28.09 30.18 12.37
PA G4P G . -26.77 30.81 11.68
O1A G4P G . -26.17 31.79 12.66
O2A G4P G . -25.91 29.69 11.14
O5' G4P G . -27.31 31.64 10.42
C5' G4P G . -28.51 32.42 10.44
C4' G4P G . -29.33 32.05 9.21
O4' G4P G . -30.72 32.18 9.50
C3' G4P G . -29.05 32.93 8.00
O3' G4P G . -28.31 32.21 7.02
C2' G4P G . -30.42 33.35 7.50
O2' G4P G . -30.59 33.16 6.10
C1' G4P G . -31.39 32.48 8.27
N9 G4P G . -32.70 33.15 8.49
C8 G4P G . -33.87 32.53 8.28
N7 G4P G . -34.92 33.35 8.54
C5 G4P G . -34.41 34.53 8.93
C6 G4P G . -34.98 35.84 9.34
O6 G4P G . -36.21 36.00 9.39
N1 G4P G . -34.13 36.81 9.66
C2 G4P G . -32.80 36.64 9.61
N2 G4P G . -32.01 37.68 9.95
N3 G4P G . -32.22 35.48 9.24
C4 G4P G . -32.95 34.40 8.89
PC G4P G . -27.31 32.95 6.01
O1C G4P G . -28.10 33.86 5.09
O2C G4P G . -26.42 31.93 5.36
O3C G4P G . -26.42 33.85 7.00
PD G4P G . -25.20 33.22 7.82
O1D G4P G . -25.45 31.74 7.96
O2D G4P G . -24.00 33.58 6.97
O3D G4P G . -25.26 33.96 9.14
CAC FLC H . -21.51 67.29 -6.59
CA FLC H . -20.62 66.13 -6.17
CB FLC H . -19.26 66.06 -6.88
CBC FLC H . -18.23 65.51 -5.88
CG FLC H . -19.37 65.09 -8.07
CGC FLC H . -18.20 65.03 -9.03
OA1 FLC H . -21.32 68.39 -6.04
OA2 FLC H . -22.38 67.08 -7.46
OB1 FLC H . -18.53 64.42 -5.33
OB2 FLC H . -17.15 66.11 -5.78
OG1 FLC H . -18.16 64.05 -9.82
OG2 FLC H . -17.35 65.96 -9.02
OHB FLC H . -18.84 67.34 -7.36
C1 GOL I . 15.10 40.14 -14.46
O1 GOL I . 15.08 39.24 -13.36
C2 GOL I . 15.82 39.53 -15.64
O2 GOL I . 15.44 40.20 -16.84
C3 GOL I . 17.32 39.62 -15.48
O3 GOL I . 17.96 38.52 -16.11
CL CL J . 21.58 54.47 -5.92
MN MN K . -3.49 -56.45 1.53
ZN ZN L . 13.85 -13.92 -0.57
PB G4P M . -10.05 -56.83 -7.87
O1B G4P M . -11.17 -56.51 -6.91
O2B G4P M . -9.12 -57.91 -7.38
O3B G4P M . -10.50 -56.99 -9.29
O3A G4P M . -9.15 -55.50 -7.92
PA G4P M . -8.82 -54.60 -6.62
O1A G4P M . -7.57 -53.80 -6.92
O2A G4P M . -10.08 -53.88 -6.21
O5' G4P M . -8.46 -55.69 -5.50
C5' G4P M . -7.13 -56.21 -5.37
C4' G4P M . -7.03 -56.86 -4.01
O4' G4P M . -7.15 -58.29 -4.11
C3' G4P M . -5.69 -56.62 -3.33
O3' G4P M . -5.82 -55.57 -2.37
C2' G4P M . -5.32 -57.95 -2.71
O2' G4P M . -4.98 -57.84 -1.32
C1' G4P M . -6.56 -58.82 -2.92
N9 G4P M . -6.30 -60.29 -3.04
C8 G4P M . -7.14 -61.21 -2.56
N7 G4P M . -6.70 -62.47 -2.78
C5 G4P M . -5.54 -62.36 -3.42
C6 G4P M . -4.54 -63.32 -3.95
O6 G4P M . -4.71 -64.55 -3.83
N1 G4P M . -3.47 -62.83 -4.54
C2 G4P M . -3.26 -61.52 -4.68
N2 G4P M . -2.14 -61.11 -5.30
N3 G4P M . -4.12 -60.58 -4.22
C4 G4P M . -5.26 -60.93 -3.59
PC G4P M . -4.94 -54.23 -2.47
O1C G4P M . -4.52 -53.86 -1.07
O2C G4P M . -5.68 -53.23 -3.30
O3C G4P M . -3.64 -54.73 -3.26
PD G4P M . -3.23 -54.13 -4.69
O1D G4P M . -2.03 -54.96 -5.06
O2D G4P M . -2.95 -52.68 -4.41
O3D G4P M . -4.40 -54.38 -5.60
C1 GOL N . 1.27 -32.33 13.23
O1 GOL N . 1.35 -33.21 12.13
C2 GOL N . 2.52 -31.47 13.32
O2 GOL N . 3.67 -32.33 13.36
C3 GOL N . 2.49 -30.60 14.55
O3 GOL N . 1.50 -29.61 14.45
MN MN O . -34.81 -19.71 -39.07
ZN ZN P . 9.18 -16.24 -43.37
PB G4P Q . -36.14 -25.76 -28.90
O1B G4P Q . -36.56 -26.83 -29.88
O2B G4P Q . -36.10 -26.23 -27.47
O3B G4P Q . -36.85 -24.45 -29.05
O3A G4P Q . -34.60 -25.48 -29.23
PA G4P Q . -34.12 -24.83 -30.63
O1A G4P Q . -32.61 -24.75 -30.65
O2A G4P Q . -34.81 -25.60 -31.74
O5' G4P Q . -34.72 -23.34 -30.47
C5' G4P Q . -34.65 -22.31 -31.46
C4' G4P Q . -35.41 -22.75 -32.70
O4' G4P Q . -36.81 -22.51 -32.59
C3' G4P Q . -34.95 -22.01 -33.93
O3' G4P Q . -34.13 -22.90 -34.67
C2' G4P Q . -36.20 -21.61 -34.66
O2' G4P Q . -36.17 -22.01 -36.03
C1' G4P Q . -37.31 -22.33 -33.91
N9 G4P Q . -38.60 -21.59 -33.88
C8 G4P Q . -39.76 -22.06 -34.35
N7 G4P Q . -40.77 -21.18 -34.18
C5 G4P Q . -40.24 -20.09 -33.58
C6 G4P Q . -40.75 -18.79 -33.11
O6 G4P Q . -41.96 -18.49 -33.25
N1 G4P Q . -39.89 -17.95 -32.54
C2 G4P Q . -38.59 -18.26 -32.40
N2 G4P Q . -37.78 -17.35 -31.81
N3 G4P Q . -38.06 -19.43 -32.79
C4 G4P Q . -38.81 -20.38 -33.38
PC G4P Q . -32.55 -22.65 -34.83
O1C G4P Q . -32.09 -23.49 -35.99
O2C G4P Q . -31.91 -22.85 -33.48
O3C G4P Q . -32.47 -21.10 -35.29
PD G4P Q . -31.79 -19.93 -34.43
O1D G4P Q . -30.35 -20.35 -34.27
O2D G4P Q . -31.96 -18.73 -35.32
O3D G4P Q . -32.58 -19.86 -33.16
CAC FLC R . -26.53 12.07 -47.60
CA FLC R . -27.24 12.23 -48.93
CB FLC R . -26.41 12.39 -50.20
CBC FLC R . -25.91 13.85 -50.25
CG FLC R . -25.23 11.40 -50.14
CGC FLC R . -25.39 10.05 -50.82
OA1 FLC R . -26.69 10.99 -46.99
OA2 FLC R . -25.83 13.01 -47.20
OB1 FLC R . -24.70 14.00 -50.52
OB2 FLC R . -26.69 14.80 -50.37
OG1 FLC R . -24.38 9.58 -51.41
OG2 FLC R . -26.49 9.46 -50.73
OHB FLC R . -27.45 12.08 -51.13
C1 GOL S . 11.62 7.86 -38.40
O1 GOL S . 10.50 7.74 -39.27
C2 GOL S . 12.52 8.98 -38.86
O2 GOL S . 11.81 10.23 -38.80
C3 GOL S . 13.76 9.05 -37.99
O3 GOL S . 14.57 7.90 -38.15
C1 GOL T . -18.21 34.37 -34.41
O1 GOL T . -19.40 35.15 -34.11
C2 GOL T . -17.21 35.25 -35.12
O2 GOL T . -16.97 34.75 -36.46
C3 GOL T . -15.90 35.40 -34.37
O3 GOL T . -15.28 36.64 -34.71
MG MG U . -37.70 -28.58 -29.99
CL CL V . -3.74 -31.28 -51.13
MN MN W . 4.71 -3.33 40.50
ZN ZN X . 22.11 37.48 37.91
PB G4P Y . -2.31 -4.12 31.49
O1B G4P Y . -1.86 -5.51 31.85
O2B G4P Y . -3.45 -4.09 30.52
O3B G4P Y . -1.19 -3.17 31.15
O3A G4P Y . -2.93 -3.52 32.85
PA G4P Y . -2.02 -2.97 34.07
O1A G4P Y . -2.94 -2.76 35.24
O2A G4P Y . -1.17 -1.82 33.59
O5' G4P Y . -1.06 -4.22 34.42
C5' G4P Y . 0.35 -4.06 34.47
C4' G4P Y . 0.86 -4.53 35.82
O4' G4P Y . 0.66 -5.94 35.98
C3' G4P Y . 2.35 -4.29 35.98
O3' G4P Y . 2.57 -3.41 37.09
C2' G4P Y . 2.93 -5.66 36.25
O2' G4P Y . 3.94 -5.63 37.27
C1' G4P Y . 1.75 -6.49 36.70
N9 G4P Y . 1.87 -7.97 36.52
C8 G4P Y . 0.92 -8.81 36.95
N7 G4P Y . 1.24 -10.10 36.69
C5 G4P Y . 2.42 -10.10 36.07
C6 G4P Y . 3.32 -11.14 35.52
O6 G4P Y . 3.02 -12.35 35.58
N1 G4P Y . 4.46 -10.75 34.95
C2 G4P Y . 4.80 -9.46 34.87
N2 G4P Y . 5.97 -9.14 34.28
N3 G4P Y . 4.03 -8.46 35.35
C4 G4P Y . 2.84 -8.70 35.96
PC G4P Y . 3.16 -1.93 36.89
O1C G4P Y . 2.82 -1.48 35.49
O2C G4P Y . 2.71 -1.13 38.08
O3C G4P Y . 4.74 -2.12 36.98
PD G4P Y . 5.68 -1.90 35.69
O1D G4P Y . 5.49 -0.44 35.34
O2D G4P Y . 5.16 -2.89 34.67
O3D G4P Y . 7.05 -2.24 36.21
MG MG Z . 0.44 -1.56 31.88
CL CL AA . 38.27 -3.95 45.62
#